data_5C2V
#
_entry.id   5C2V
#
_cell.length_a   464.540
_cell.length_b   464.540
_cell.length_c   145.750
_cell.angle_alpha   90.00
_cell.angle_beta   90.00
_cell.angle_gamma   120.00
#
_symmetry.space_group_name_H-M   'H 3 2'
#
loop_
_entity.id
_entity.type
_entity.pdbx_description
1 polymer 'HYDRAZINE SYNTHASE ALPHA SUBUNIT'
2 polymer 'HYDRAZINE SYNTHASE BETA SUBUNIT'
3 polymer 'HYDRAZINE SYNTHASE GAMMA SUBUNIT'
4 non-polymer 'CHLORIDE ION'
5 non-polymer 'CALCIUM ION'
6 non-polymer 'ZINC ION'
7 non-polymer 'HEME C'
8 non-polymer 'TRIMETHYL GLYCINE'
9 non-polymer 'MAGNESIUM ION'
10 water water
#
loop_
_entity_poly.entity_id
_entity_poly.type
_entity_poly.pdbx_seq_one_letter_code
_entity_poly.pdbx_strand_id
1 'polypeptide(L)'
;EPVMTGGPVQGKALWTDYSGMSKEVQGPVSQILFTQSPRTAKGDPYQNYPHYIPEGSRIVLFDLNTKELKVLTNDFATAF
DPCTYWDGKKFAFAGVHKKGGGCQIWEMNIDGSGLRQMTDLKGTCRSPIYYAAGSIEEGEGRIIWRDRYFEGDWKEHGMV
EKTGMIIFSGSPEGVMDEFHNPYAYNLYRLDTQGGKIIQRITGHVLSGIEFPHLNTTIDQITYNLSSNFDPWLTPDGNIL
FSSVQANGSRAGGEGRVMICVDNWDGAYPRPIYGNCDGEIGGTSGRSQAKITFGDRKIVYVESPYMNWGVGQLAAVSWDA
PFNKTYEKLTGKDGGLYRSPYPLPDDRMLVSYAERGDFGIYWFNFSKCAAGDKVYDDPNWNDHQPAPVYVKYKPRWINTF
TAGKNFGVTVVTYQPFDQVKVEGYPHSWGTWICFDTTLSDQPVGPYPHQKAKNVSHGDIKAVRIIQGYQCVEPDSTRFRV
GAGAHLLGGERSSSNSGTAFQQRGIIGYQYVESDGSTVTSQLSDVPYYMQILDDKGMSVQTALTWAYLRPYHGRICSGCH
YGSYRGRAFKNIHAKALYNWWYDDRSHYDSPFAFRYLKFDNDGNYKGVKHGEDVVVPSDIYYGGPSGTTSQPVEGLTLDK
QRTVDFRRDIQPILDAKCAMCHDSNNPPNLGGGLELVSVDGIAAYSRAYNSLLEPQRGKDPNIGGKYVNPSAAINSLLVW
RLYEAELSANAPREKIFPIEGRLLHNKFLTQDERYAIVEWIDLGAQWDNIPGPDFYPGYLVK
;
A,D
2 'polypeptide(L)'
;GYIQGTHVKTDLPGPFHITMSPDGSTLFISNQSGHSVTFVDARTQKVTGEVAVRVQPEASAVTPDGAFLYVCNAESDSVS
VVDIQRKQEIKEIKVGDWPSGIKISPDGKTAYVACSGCMWNAIDVIDTGRMEKVRSIYTSDYGPRMVEISPDGKTLVAIL
DTVGSINRSVDFIDIASGRVVENRVIHESSNLRDVVYTPDGKYIAVTHQTPKNWLPVCEAENGQVFTNNVTIIETKAGGK
VARLPLDDLNNYDGNPYGMAMDPKGKYLYIGVRGMHRVTILDMDKVLGLVRSSTQEELDYLRDDLGLVRDYLVARVPTGL
GPSSVCLSPDGKFCYAANYFSNNVTVIRTAVD
;
B,E
3 'polypeptide(L)'
;GQPRVISTIQTGATWEPLGREEPLTVPEVHFRVKHSPFKSELVRYGQFQFNDAAWSLQGSYSCASCHYERGQTTGLIWDL
GDEGWGSWKNTKYIRGGRYLPPFRHEGFTGHPDEIVGATSSLDRVCGRDPGFVFRSENFSPMRLEALICYIRALEFTGSP
FRNADGSLTEAQKRGQKIFEDPKVGCLECHPGDPMDPRALFSDAQTHDVGTGRVGVNGFRSTPGKVFNISALEAGEDPYG
VESNTPIIGLDLVKEFDTPTLRDIYASGTYFHDGGARTLMDTINNTVNDKDMHGRTSHLKQQELQDLVEYLKAL
;
C,F
#
# COMPACT_ATOMS: atom_id res chain seq x y z
N GLU A 1 -39.22 19.15 8.30
CA GLU A 1 -38.20 20.17 8.09
C GLU A 1 -37.58 20.05 6.70
N PRO A 2 -37.20 21.18 6.10
CA PRO A 2 -36.48 21.12 4.82
C PRO A 2 -35.05 20.62 5.02
N VAL A 3 -34.56 19.80 4.10
CA VAL A 3 -33.21 19.27 4.19
C VAL A 3 -32.42 19.52 2.92
N MET A 4 -32.80 18.83 1.85
CA MET A 4 -32.12 18.97 0.57
C MET A 4 -32.53 20.26 -0.14
N THR A 5 -33.77 20.68 0.10
CA THR A 5 -34.33 21.85 -0.57
C THR A 5 -35.37 22.54 0.31
N GLY A 6 -35.70 23.78 -0.03
CA GLY A 6 -36.73 24.51 0.68
C GLY A 6 -38.11 23.93 0.43
N GLY A 7 -39.03 24.16 1.36
CA GLY A 7 -40.38 23.65 1.22
C GLY A 7 -41.42 24.71 0.91
N PRO A 8 -42.71 24.33 0.99
CA PRO A 8 -43.84 25.23 0.74
C PRO A 8 -43.98 26.31 1.81
N VAL A 9 -43.71 25.94 3.06
CA VAL A 9 -43.79 26.88 4.18
C VAL A 9 -42.49 26.82 4.97
N GLN A 10 -42.21 27.85 5.76
CA GLN A 10 -41.03 27.87 6.61
C GLN A 10 -41.13 26.76 7.66
N GLY A 11 -40.11 25.91 7.71
CA GLY A 11 -40.10 24.80 8.64
C GLY A 11 -40.76 23.54 8.08
N LYS A 12 -41.24 23.64 6.85
CA LYS A 12 -41.89 22.50 6.20
C LYS A 12 -41.12 22.07 4.96
N ALA A 13 -41.30 20.82 4.56
CA ALA A 13 -40.53 20.25 3.45
C ALA A 13 -41.38 19.96 2.22
N LEU A 14 -40.74 20.04 1.05
CA LEU A 14 -41.39 19.69 -0.20
C LEU A 14 -41.46 18.17 -0.32
N TRP A 15 -42.47 17.67 -1.04
CA TRP A 15 -42.63 16.23 -1.20
C TRP A 15 -41.50 15.61 -2.02
N THR A 16 -40.76 16.47 -2.71
CA THR A 16 -39.61 16.04 -3.49
C THR A 16 -38.39 15.79 -2.60
N ASP A 17 -38.45 16.28 -1.37
CA ASP A 17 -37.33 16.13 -0.45
C ASP A 17 -37.55 14.86 0.36
N TYR A 18 -36.73 13.85 0.10
CA TYR A 18 -36.91 12.54 0.72
C TYR A 18 -36.56 12.59 2.20
N SER A 19 -35.43 13.21 2.52
CA SER A 19 -34.95 13.30 3.89
C SER A 19 -35.94 14.06 4.77
N GLY A 20 -36.35 15.24 4.29
CA GLY A 20 -37.27 16.09 5.03
C GLY A 20 -38.63 15.45 5.25
N MET A 21 -39.21 14.90 4.19
CA MET A 21 -40.49 14.22 4.30
C MET A 21 -40.37 13.01 5.22
N SER A 22 -39.20 12.38 5.22
CA SER A 22 -38.95 11.28 6.14
C SER A 22 -38.95 11.78 7.58
N LYS A 23 -38.42 12.98 7.77
CA LYS A 23 -38.44 13.61 9.10
C LYS A 23 -39.88 13.91 9.54
N GLU A 24 -40.69 14.41 8.61
CA GLU A 24 -42.05 14.82 8.95
C GLU A 24 -43.01 13.64 9.12
N VAL A 25 -42.73 12.54 8.43
CA VAL A 25 -43.65 11.39 8.43
C VAL A 25 -43.26 10.30 9.43
N GLN A 26 -42.12 10.46 10.10
CA GLN A 26 -41.62 9.41 10.99
C GLN A 26 -42.60 9.04 12.09
N GLY A 27 -42.84 9.95 13.02
CA GLY A 27 -43.71 9.69 14.15
C GLY A 27 -42.92 9.13 15.32
N PRO A 28 -43.58 9.01 16.49
CA PRO A 28 -42.95 8.49 17.70
C PRO A 28 -42.59 7.01 17.57
N VAL A 29 -41.41 6.64 18.06
CA VAL A 29 -40.98 5.24 18.03
C VAL A 29 -41.25 4.58 19.39
N SER A 30 -42.03 3.51 19.35
CA SER A 30 -42.39 2.75 20.55
C SER A 30 -41.74 1.38 20.51
N GLN A 31 -42.08 0.60 19.49
CA GLN A 31 -41.61 -0.76 19.35
C GLN A 31 -40.49 -0.89 18.32
N ILE A 32 -39.59 -1.83 18.54
CA ILE A 32 -38.51 -2.12 17.58
C ILE A 32 -38.42 -3.61 17.28
N LEU A 33 -37.97 -3.93 16.07
CA LEU A 33 -37.70 -5.32 15.69
C LEU A 33 -36.19 -5.55 15.65
N PHE A 34 -35.75 -6.69 16.16
CA PHE A 34 -34.32 -7.03 16.01
C PHE A 34 -34.05 -8.52 16.11
N THR A 35 -32.86 -8.90 15.65
CA THR A 35 -32.45 -10.30 15.60
C THR A 35 -31.63 -10.72 16.82
N GLN A 36 -32.04 -11.83 17.42
CA GLN A 36 -31.26 -12.45 18.50
C GLN A 36 -30.60 -13.71 17.96
N SER A 37 -29.28 -13.79 18.10
CA SER A 37 -28.55 -14.92 17.56
C SER A 37 -27.85 -15.71 18.68
N PRO A 38 -27.81 -17.04 18.54
CA PRO A 38 -27.08 -17.87 19.50
C PRO A 38 -25.63 -17.45 19.52
N ARG A 39 -24.97 -17.48 20.67
CA ARG A 39 -23.60 -17.03 20.66
C ARG A 39 -22.72 -18.25 20.46
N THR A 40 -22.27 -18.38 19.22
CA THR A 40 -21.47 -19.52 18.76
C THR A 40 -20.83 -19.09 17.44
N ALA A 41 -19.80 -19.80 17.01
CA ALA A 41 -19.27 -19.57 15.67
C ALA A 41 -20.29 -19.98 14.61
N LYS A 42 -21.06 -21.02 14.92
CA LYS A 42 -22.12 -21.49 14.03
C LYS A 42 -23.40 -20.67 14.20
N GLY A 43 -23.56 -20.05 15.37
CA GLY A 43 -24.76 -19.30 15.67
C GLY A 43 -24.69 -17.86 15.19
N ASP A 44 -23.46 -17.33 15.10
CA ASP A 44 -23.24 -15.97 14.63
C ASP A 44 -22.02 -15.96 13.70
N PRO A 45 -22.17 -16.54 12.50
CA PRO A 45 -21.04 -16.70 11.58
C PRO A 45 -20.72 -15.42 10.81
N TYR A 46 -20.41 -14.35 11.52
CA TYR A 46 -20.13 -13.06 10.87
C TYR A 46 -18.78 -13.07 10.17
N GLN A 47 -17.98 -14.12 10.37
CA GLN A 47 -16.70 -14.23 9.69
C GLN A 47 -16.88 -14.76 8.27
N ASN A 48 -18.06 -15.32 8.00
CA ASN A 48 -18.38 -15.83 6.67
C ASN A 48 -19.21 -14.85 5.81
N TYR A 49 -19.43 -13.65 6.35
CA TYR A 49 -20.17 -12.59 5.65
C TYR A 49 -19.61 -12.36 4.24
N PRO A 50 -20.47 -12.06 3.26
CA PRO A 50 -21.93 -11.90 3.22
C PRO A 50 -22.73 -13.18 3.44
N HIS A 51 -22.08 -14.34 3.40
CA HIS A 51 -22.85 -15.55 3.50
C HIS A 51 -23.03 -15.76 4.99
N TYR A 52 -24.24 -15.42 5.44
CA TYR A 52 -24.54 -15.33 6.85
C TYR A 52 -25.87 -16.02 7.06
N ILE A 53 -25.82 -17.16 7.74
CA ILE A 53 -27.02 -17.92 8.03
C ILE A 53 -26.92 -18.32 9.48
N PRO A 54 -27.23 -17.37 10.37
CA PRO A 54 -27.05 -17.53 11.82
C PRO A 54 -28.00 -18.58 12.37
N GLU A 55 -27.68 -19.85 12.11
CA GLU A 55 -28.56 -20.97 12.43
C GLU A 55 -28.96 -20.96 13.90
N GLY A 56 -30.26 -20.97 14.14
CA GLY A 56 -30.80 -20.92 15.49
C GLY A 56 -31.26 -19.55 15.94
N SER A 57 -31.06 -18.55 15.08
CA SER A 57 -31.45 -17.17 15.40
C SER A 57 -32.95 -16.95 15.29
N ARG A 58 -33.43 -15.89 15.95
CA ARG A 58 -34.84 -15.55 15.91
C ARG A 58 -35.05 -14.04 15.78
N ILE A 59 -36.23 -13.65 15.30
CA ILE A 59 -36.59 -12.25 15.20
C ILE A 59 -37.61 -11.88 16.28
N VAL A 60 -37.32 -10.81 17.03
CA VAL A 60 -38.18 -10.43 18.14
C VAL A 60 -38.63 -8.98 18.07
N LEU A 61 -39.80 -8.74 18.67
CA LEU A 61 -40.36 -7.40 18.81
C LEU A 61 -40.30 -6.94 20.26
N PHE A 62 -39.71 -5.76 20.49
CA PHE A 62 -39.50 -5.25 21.82
C PHE A 62 -40.17 -3.88 22.01
N ASP A 63 -40.79 -3.69 23.16
CA ASP A 63 -41.45 -2.44 23.48
C ASP A 63 -40.55 -1.58 24.36
N LEU A 64 -40.26 -0.36 23.91
CA LEU A 64 -39.34 0.54 24.60
C LEU A 64 -39.94 1.09 25.90
N ASN A 65 -41.22 0.83 26.11
CA ASN A 65 -41.95 1.38 27.24
C ASN A 65 -42.37 0.31 28.24
N THR A 66 -43.20 -0.62 27.80
CA THR A 66 -43.67 -1.71 28.65
C THR A 66 -42.60 -2.77 28.90
N LYS A 67 -41.52 -2.69 28.12
CA LYS A 67 -40.36 -3.59 28.25
C LYS A 67 -40.73 -5.06 28.03
N GLU A 68 -41.80 -5.30 27.28
CA GLU A 68 -42.24 -6.67 27.01
C GLU A 68 -41.74 -7.15 25.65
N LEU A 69 -41.20 -8.36 25.61
CA LEU A 69 -40.59 -8.90 24.41
C LEU A 69 -41.39 -10.07 23.85
N LYS A 70 -41.59 -10.09 22.53
CA LYS A 70 -42.34 -11.17 21.89
C LYS A 70 -41.57 -11.79 20.73
N VAL A 71 -41.57 -13.12 20.67
CA VAL A 71 -40.89 -13.85 19.61
C VAL A 71 -41.84 -14.17 18.47
N LEU A 72 -41.62 -13.55 17.32
CA LEU A 72 -42.52 -13.71 16.17
C LEU A 72 -42.20 -14.88 15.26
N THR A 73 -40.97 -15.39 15.35
CA THR A 73 -40.46 -16.39 14.41
C THR A 73 -40.50 -17.85 14.88
N ASN A 74 -41.16 -18.12 15.99
CA ASN A 74 -41.12 -19.44 16.65
C ASN A 74 -41.31 -20.65 15.72
N ASP A 75 -41.99 -20.44 14.59
CA ASP A 75 -42.18 -21.51 13.62
C ASP A 75 -41.00 -21.67 12.67
N PHE A 76 -40.00 -20.80 12.81
CA PHE A 76 -38.82 -20.84 11.94
C PHE A 76 -37.60 -21.43 12.64
N ALA A 77 -36.87 -22.26 11.93
CA ALA A 77 -35.62 -22.81 12.43
C ALA A 77 -34.58 -21.70 12.55
N THR A 78 -34.55 -20.82 11.54
CA THR A 78 -33.65 -19.67 11.57
C THR A 78 -34.33 -18.45 10.96
N ALA A 79 -34.15 -17.29 11.58
CA ALA A 79 -34.71 -16.05 11.05
C ALA A 79 -33.81 -14.86 11.34
N PHE A 80 -33.70 -13.97 10.36
CA PHE A 80 -32.83 -12.80 10.45
C PHE A 80 -33.11 -11.80 9.34
N ASP A 81 -32.34 -10.72 9.33
CA ASP A 81 -32.50 -9.62 8.36
C ASP A 81 -33.90 -9.04 8.29
N PRO A 82 -34.41 -8.48 9.42
CA PRO A 82 -35.73 -7.86 9.35
C PRO A 82 -35.73 -6.51 8.64
N CYS A 83 -36.74 -6.26 7.81
CA CYS A 83 -36.95 -4.94 7.22
C CYS A 83 -38.43 -4.61 7.20
N THR A 84 -38.80 -3.49 7.82
CA THR A 84 -40.21 -3.12 7.94
C THR A 84 -40.77 -2.52 6.65
N TYR A 85 -42.08 -2.64 6.47
CA TYR A 85 -42.77 -2.05 5.34
C TYR A 85 -42.92 -0.55 5.56
N TRP A 86 -43.52 0.14 4.60
CA TRP A 86 -43.67 1.59 4.67
C TRP A 86 -44.58 2.02 5.81
N ASP A 87 -45.69 1.30 5.97
CA ASP A 87 -46.66 1.62 7.01
C ASP A 87 -46.19 1.15 8.38
N GLY A 88 -45.28 0.18 8.39
CA GLY A 88 -44.75 -0.35 9.63
C GLY A 88 -45.64 -1.43 10.24
N LYS A 89 -46.66 -1.84 9.50
CA LYS A 89 -47.59 -2.87 9.97
C LYS A 89 -47.15 -4.28 9.56
N LYS A 90 -46.16 -4.36 8.68
CA LYS A 90 -45.64 -5.66 8.25
C LYS A 90 -44.15 -5.52 7.90
N PHE A 91 -43.46 -6.66 7.82
CA PHE A 91 -42.04 -6.63 7.53
C PHE A 91 -41.58 -7.90 6.80
N ALA A 92 -40.49 -7.76 6.05
CA ALA A 92 -39.91 -8.89 5.32
C ALA A 92 -38.57 -9.29 5.93
N PHE A 93 -38.24 -10.57 5.82
CA PHE A 93 -36.99 -11.07 6.39
C PHE A 93 -36.49 -12.29 5.62
N ALA A 94 -35.33 -12.79 6.04
CA ALA A 94 -34.75 -13.99 5.47
C ALA A 94 -34.69 -15.08 6.53
N GLY A 95 -34.84 -16.33 6.11
CA GLY A 95 -34.75 -17.42 7.06
C GLY A 95 -35.21 -18.77 6.55
N VAL A 96 -34.93 -19.81 7.32
CA VAL A 96 -35.35 -21.17 6.97
C VAL A 96 -36.34 -21.71 7.98
N HIS A 97 -37.45 -22.22 7.46
CA HIS A 97 -38.54 -22.76 8.26
C HIS A 97 -38.20 -24.15 8.80
N LYS A 98 -38.87 -24.56 9.87
CA LYS A 98 -38.67 -25.88 10.45
C LYS A 98 -39.12 -26.99 9.50
N LYS A 99 -40.04 -26.66 8.59
CA LYS A 99 -40.52 -27.60 7.60
C LYS A 99 -39.49 -27.82 6.50
N GLY A 100 -38.45 -26.99 6.49
CA GLY A 100 -37.42 -27.07 5.47
C GLY A 100 -37.65 -26.08 4.34
N GLY A 101 -37.00 -26.33 3.21
CA GLY A 101 -37.13 -25.45 2.05
C GLY A 101 -35.91 -24.60 1.80
N GLY A 102 -35.03 -24.52 2.79
CA GLY A 102 -33.81 -23.72 2.68
C GLY A 102 -34.00 -22.30 3.16
N CYS A 103 -32.95 -21.51 3.10
CA CYS A 103 -33.03 -20.11 3.52
C CYS A 103 -33.69 -19.30 2.42
N GLN A 104 -34.84 -18.70 2.73
CA GLN A 104 -35.64 -18.01 1.73
C GLN A 104 -36.12 -16.65 2.25
N ILE A 105 -36.85 -15.94 1.40
CA ILE A 105 -37.42 -14.65 1.77
C ILE A 105 -38.88 -14.81 2.18
N TRP A 106 -39.21 -14.27 3.35
CA TRP A 106 -40.57 -14.33 3.88
C TRP A 106 -41.04 -12.94 4.24
N GLU A 107 -42.35 -12.79 4.45
CA GLU A 107 -42.88 -11.55 5.02
C GLU A 107 -44.03 -11.87 5.97
N MET A 108 -44.19 -11.04 7.00
CA MET A 108 -45.18 -11.30 8.04
C MET A 108 -45.65 -9.98 8.66
N ASN A 109 -46.88 -9.97 9.15
CA ASN A 109 -47.42 -8.79 9.82
C ASN A 109 -46.72 -8.56 11.15
N ILE A 110 -46.78 -7.32 11.63
CA ILE A 110 -46.05 -6.92 12.84
C ILE A 110 -46.60 -7.61 14.09
N ASP A 111 -47.84 -8.09 14.02
CA ASP A 111 -48.45 -8.76 15.17
C ASP A 111 -48.09 -10.24 15.21
N GLY A 112 -47.52 -10.75 14.12
CA GLY A 112 -47.10 -12.13 14.04
C GLY A 112 -47.99 -13.04 13.21
N SER A 113 -49.01 -12.46 12.58
CA SER A 113 -49.90 -13.25 11.72
C SER A 113 -49.60 -12.98 10.25
N GLY A 114 -50.31 -13.69 9.37
CA GLY A 114 -50.18 -13.47 7.94
C GLY A 114 -48.80 -13.74 7.36
N LEU A 115 -48.28 -14.95 7.57
CA LEU A 115 -46.98 -15.32 7.03
C LEU A 115 -47.07 -15.70 5.55
N ARG A 116 -46.10 -15.23 4.76
CA ARG A 116 -46.07 -15.54 3.33
C ARG A 116 -44.65 -15.79 2.83
N GLN A 117 -44.49 -16.82 2.00
CA GLN A 117 -43.19 -17.16 1.43
C GLN A 117 -42.98 -16.49 0.08
N MET A 118 -42.02 -15.59 0.00
CA MET A 118 -41.78 -14.82 -1.21
C MET A 118 -40.83 -15.47 -2.22
N THR A 119 -40.06 -16.46 -1.78
CA THR A 119 -39.04 -17.07 -2.65
C THR A 119 -38.93 -18.57 -2.48
N ASP A 120 -38.94 -19.29 -3.60
CA ASP A 120 -38.47 -20.67 -3.61
C ASP A 120 -37.32 -20.77 -4.60
N LEU A 121 -36.10 -20.89 -4.09
CA LEU A 121 -34.91 -20.80 -4.94
C LEU A 121 -33.97 -21.94 -4.62
N LYS A 122 -33.19 -22.37 -5.61
CA LYS A 122 -32.15 -23.33 -5.29
C LYS A 122 -30.94 -22.49 -4.98
N GLY A 123 -30.64 -22.39 -3.69
CA GLY A 123 -29.64 -21.45 -3.22
C GLY A 123 -30.06 -20.84 -1.89
N THR A 124 -29.39 -19.77 -1.50
CA THR A 124 -29.71 -19.08 -0.25
C THR A 124 -30.06 -17.60 -0.48
N CYS A 125 -31.10 -17.13 0.21
CA CYS A 125 -31.58 -15.76 0.07
C CYS A 125 -31.36 -14.94 1.34
N ARG A 126 -31.17 -13.64 1.17
CA ARG A 126 -30.80 -12.76 2.27
C ARG A 126 -31.21 -11.30 2.08
N SER A 127 -31.41 -10.63 3.21
CA SER A 127 -31.57 -9.17 3.30
C SER A 127 -32.55 -8.55 2.29
N PRO A 128 -33.84 -8.86 2.44
CA PRO A 128 -34.85 -8.25 1.58
C PRO A 128 -35.20 -6.81 1.98
N ILE A 129 -35.49 -5.97 1.00
CA ILE A 129 -36.01 -4.63 1.25
C ILE A 129 -37.16 -4.35 0.30
N TYR A 130 -38.01 -3.39 0.65
CA TYR A 130 -39.12 -3.03 -0.21
C TYR A 130 -38.77 -1.84 -1.09
N TYR A 131 -39.07 -1.95 -2.37
CA TYR A 131 -38.90 -0.84 -3.29
C TYR A 131 -40.24 -0.56 -3.93
N ALA A 132 -40.81 0.61 -3.70
CA ALA A 132 -42.16 0.82 -4.18
C ALA A 132 -42.08 1.35 -5.60
N ALA A 133 -42.42 0.49 -6.54
CA ALA A 133 -42.32 0.78 -7.96
C ALA A 133 -43.70 0.75 -8.58
N GLY A 134 -44.19 1.92 -8.95
CA GLY A 134 -45.56 2.04 -9.43
C GLY A 134 -46.55 2.06 -8.27
N SER A 135 -46.07 1.85 -7.05
CA SER A 135 -46.92 2.05 -5.89
C SER A 135 -46.42 3.14 -4.96
N ILE A 136 -46.93 4.37 -5.10
CA ILE A 136 -46.69 5.40 -4.09
C ILE A 136 -47.82 5.47 -3.05
N GLU A 137 -49.05 5.38 -3.54
CA GLU A 137 -50.23 5.47 -2.69
C GLU A 137 -50.90 4.11 -2.57
N GLU A 138 -51.48 3.84 -1.41
CA GLU A 138 -52.16 2.57 -1.17
C GLU A 138 -53.40 2.42 -2.03
N GLY A 139 -53.54 1.27 -2.67
CA GLY A 139 -54.72 0.99 -3.48
C GLY A 139 -54.44 0.08 -4.65
N GLU A 140 -55.33 0.10 -5.64
CA GLU A 140 -55.14 -0.66 -6.87
C GLU A 140 -54.78 0.27 -8.02
N GLY A 141 -53.73 -0.09 -8.76
CA GLY A 141 -53.38 0.61 -9.98
C GLY A 141 -53.94 -0.12 -11.19
N ARG A 142 -54.03 0.56 -12.32
CA ARG A 142 -54.60 -0.05 -13.52
C ARG A 142 -53.52 -0.50 -14.50
N ILE A 143 -53.78 -1.61 -15.18
CA ILE A 143 -52.85 -2.16 -16.17
C ILE A 143 -53.30 -1.78 -17.58
N ILE A 144 -52.40 -1.20 -18.35
CA ILE A 144 -52.69 -0.72 -19.69
C ILE A 144 -51.63 -1.17 -20.69
N TRP A 145 -52.05 -1.62 -21.87
CA TRP A 145 -51.07 -1.88 -22.92
C TRP A 145 -51.60 -1.65 -24.32
N ARG A 146 -50.72 -1.81 -25.31
CA ARG A 146 -51.04 -1.56 -26.72
C ARG A 146 -51.46 -2.86 -27.42
N ASP A 147 -52.35 -2.73 -28.40
CA ASP A 147 -53.10 -3.84 -28.99
C ASP A 147 -52.33 -4.66 -30.03
N ARG A 148 -51.06 -4.35 -30.24
CA ARG A 148 -50.22 -5.23 -31.06
C ARG A 148 -50.63 -5.18 -32.53
N GLU A 151 -51.42 -3.11 -35.12
CA GLU A 151 -51.12 -1.76 -34.67
C GLU A 151 -52.39 -1.05 -34.21
N GLY A 152 -52.77 -1.25 -32.95
CA GLY A 152 -53.99 -0.69 -32.40
C GLY A 152 -53.79 0.44 -31.42
N ASP A 153 -54.78 0.64 -30.55
CA ASP A 153 -54.75 1.70 -29.55
C ASP A 153 -54.22 1.19 -28.22
N TRP A 154 -54.15 2.08 -27.24
CA TRP A 154 -53.78 1.71 -25.88
C TRP A 154 -55.04 1.48 -25.05
N LYS A 155 -55.18 0.29 -24.46
CA LYS A 155 -56.36 0.02 -23.66
C LYS A 155 -56.05 -0.55 -22.27
N GLU A 156 -57.06 -0.45 -21.41
CA GLU A 156 -57.02 -0.92 -20.05
C GLU A 156 -57.32 -2.41 -19.97
N HIS A 157 -56.47 -3.17 -19.30
CA HIS A 157 -56.83 -4.53 -18.94
C HIS A 157 -56.54 -4.76 -17.46
N GLY A 158 -57.60 -4.92 -16.67
CA GLY A 158 -57.48 -5.28 -15.26
C GLY A 158 -56.85 -4.27 -14.31
N MET A 159 -56.74 -4.69 -13.05
CA MET A 159 -56.13 -3.90 -11.98
C MET A 159 -55.14 -4.75 -11.18
N VAL A 160 -54.33 -4.10 -10.36
CA VAL A 160 -53.43 -4.83 -9.47
C VAL A 160 -53.25 -4.07 -8.15
N GLU A 161 -53.24 -4.81 -7.04
CA GLU A 161 -52.97 -4.21 -5.73
C GLU A 161 -51.54 -3.71 -5.73
N LYS A 162 -51.34 -2.47 -5.29
CA LYS A 162 -50.01 -1.92 -5.39
C LYS A 162 -49.24 -2.17 -4.09
N THR A 163 -48.42 -3.23 -4.10
CA THR A 163 -47.53 -3.55 -3.00
C THR A 163 -46.05 -3.27 -3.31
N GLY A 164 -45.78 -2.87 -4.55
CA GLY A 164 -44.41 -2.63 -4.99
C GLY A 164 -43.61 -3.90 -5.23
N MET A 165 -42.28 -3.77 -5.12
CA MET A 165 -41.35 -4.85 -5.36
C MET A 165 -40.46 -5.13 -4.15
N ILE A 166 -39.63 -6.17 -4.27
CA ILE A 166 -38.69 -6.53 -3.20
C ILE A 166 -37.29 -6.79 -3.75
N ILE A 167 -36.33 -5.99 -3.31
CA ILE A 167 -34.94 -6.18 -3.71
C ILE A 167 -34.19 -7.01 -2.66
N PHE A 168 -33.58 -8.12 -3.07
CA PHE A 168 -32.85 -8.93 -2.12
C PHE A 168 -31.54 -9.46 -2.68
N SER A 169 -30.68 -9.97 -1.80
CA SER A 169 -29.40 -10.53 -2.24
C SER A 169 -29.43 -12.05 -2.12
N GLY A 170 -29.01 -12.76 -3.16
CA GLY A 170 -29.09 -14.21 -3.12
C GLY A 170 -28.01 -14.92 -3.90
N SER A 171 -27.75 -16.18 -3.54
CA SER A 171 -26.70 -16.95 -4.17
C SER A 171 -27.22 -18.31 -4.63
N PRO A 172 -26.76 -18.77 -5.81
CA PRO A 172 -27.14 -20.07 -6.35
C PRO A 172 -26.44 -21.24 -5.65
N GLU A 173 -26.66 -22.45 -6.14
CA GLU A 173 -26.13 -23.64 -5.50
C GLU A 173 -24.91 -24.20 -6.24
N GLY A 174 -23.88 -24.55 -5.48
CA GLY A 174 -22.70 -25.19 -6.03
C GLY A 174 -21.85 -24.31 -6.92
N VAL A 175 -21.61 -23.07 -6.47
CA VAL A 175 -20.78 -22.15 -7.22
C VAL A 175 -19.68 -21.58 -6.33
N MET A 176 -18.64 -21.02 -6.97
CA MET A 176 -17.52 -20.43 -6.24
C MET A 176 -17.26 -19.01 -6.71
N ASP A 177 -16.95 -18.13 -5.77
CA ASP A 177 -16.57 -16.76 -6.10
C ASP A 177 -15.08 -16.70 -6.45
N GLU A 178 -14.55 -15.49 -6.56
CA GLU A 178 -13.17 -15.30 -6.96
C GLU A 178 -12.18 -15.57 -5.82
N PHE A 179 -12.70 -15.74 -4.61
CA PHE A 179 -11.90 -16.19 -3.47
C PHE A 179 -12.04 -17.69 -3.22
N HIS A 180 -12.79 -18.36 -4.10
CA HIS A 180 -13.08 -19.78 -3.99
C HIS A 180 -13.94 -20.12 -2.77
N ASN A 181 -14.71 -19.14 -2.29
CA ASN A 181 -15.72 -19.41 -1.28
C ASN A 181 -16.93 -20.06 -1.95
N PRO A 182 -17.63 -20.95 -1.24
CA PRO A 182 -18.72 -21.66 -1.92
C PRO A 182 -20.03 -20.86 -1.96
N TYR A 183 -19.94 -19.59 -2.34
CA TYR A 183 -21.13 -18.78 -2.57
C TYR A 183 -20.82 -17.62 -3.53
N ALA A 184 -21.79 -17.26 -4.36
CA ALA A 184 -21.70 -16.04 -5.14
C ALA A 184 -23.02 -15.30 -5.07
N TYR A 185 -23.02 -14.12 -4.44
CA TYR A 185 -24.26 -13.39 -4.21
C TYR A 185 -24.49 -12.31 -5.26
N ASN A 186 -25.76 -12.11 -5.61
CA ASN A 186 -26.15 -11.06 -6.54
C ASN A 186 -27.54 -10.55 -6.21
N LEU A 187 -27.85 -9.36 -6.71
CA LEU A 187 -29.12 -8.71 -6.39
C LEU A 187 -30.25 -9.14 -7.33
N TYR A 188 -31.42 -9.35 -6.74
CA TYR A 188 -32.62 -9.73 -7.48
C TYR A 188 -33.76 -8.78 -7.16
N ARG A 189 -34.56 -8.47 -8.18
CA ARG A 189 -35.82 -7.76 -7.97
C ARG A 189 -36.97 -8.76 -8.02
N LEU A 190 -37.96 -8.54 -7.16
CA LEU A 190 -39.04 -9.50 -6.95
C LEU A 190 -40.39 -8.82 -7.09
N ASP A 191 -41.24 -9.41 -7.92
CA ASP A 191 -42.61 -8.93 -8.08
C ASP A 191 -43.50 -9.58 -7.03
N THR A 192 -44.08 -8.76 -6.16
CA THR A 192 -44.89 -9.26 -5.06
C THR A 192 -46.24 -9.78 -5.53
N GLN A 193 -46.70 -9.29 -6.68
CA GLN A 193 -48.01 -9.67 -7.21
C GLN A 193 -47.96 -10.77 -8.27
N GLY A 194 -46.77 -11.32 -8.52
CA GLY A 194 -46.64 -12.42 -9.46
C GLY A 194 -46.41 -11.98 -10.90
N GLY A 195 -45.81 -10.80 -11.06
CA GLY A 195 -45.46 -10.30 -12.37
C GLY A 195 -46.35 -9.17 -12.84
N LYS A 196 -47.44 -8.92 -12.12
CA LYS A 196 -48.42 -7.96 -12.57
C LYS A 196 -48.09 -6.52 -12.17
N ILE A 197 -47.14 -6.35 -11.26
CA ILE A 197 -46.61 -5.02 -10.96
C ILE A 197 -45.79 -4.55 -12.15
N ILE A 198 -44.89 -5.43 -12.59
CA ILE A 198 -44.08 -5.19 -13.77
C ILE A 198 -44.99 -5.07 -15.00
N GLN A 199 -46.13 -5.75 -14.97
CA GLN A 199 -47.10 -5.64 -16.05
C GLN A 199 -47.79 -4.28 -16.02
N ARG A 200 -47.99 -3.74 -14.82
CA ARG A 200 -48.57 -2.43 -14.65
C ARG A 200 -47.62 -1.33 -15.14
N ILE A 201 -46.33 -1.49 -14.83
CA ILE A 201 -45.32 -0.51 -15.18
C ILE A 201 -44.93 -0.55 -16.65
N THR A 202 -44.74 -1.77 -17.16
CA THR A 202 -44.25 -2.04 -18.51
C THR A 202 -45.40 -2.34 -19.47
N GLY A 203 -46.23 -3.31 -19.10
CA GLY A 203 -47.22 -3.87 -20.01
C GLY A 203 -46.93 -5.32 -20.34
N HIS A 204 -45.89 -5.86 -19.71
CA HIS A 204 -45.63 -7.29 -19.75
C HIS A 204 -45.21 -7.79 -18.36
N VAL A 205 -45.57 -9.02 -18.04
CA VAL A 205 -45.18 -9.60 -16.75
C VAL A 205 -43.67 -9.76 -16.68
N LEU A 206 -43.14 -9.81 -15.46
CA LEU A 206 -41.71 -9.91 -15.24
C LEU A 206 -41.14 -11.20 -15.84
N SER A 207 -40.04 -11.07 -16.57
CA SER A 207 -39.34 -12.23 -17.10
C SER A 207 -38.15 -12.55 -16.20
N GLY A 208 -37.92 -13.84 -15.98
CA GLY A 208 -37.02 -14.28 -14.94
C GLY A 208 -37.45 -15.67 -14.49
N ILE A 209 -37.17 -16.01 -13.24
CA ILE A 209 -37.67 -17.26 -12.69
C ILE A 209 -39.01 -17.03 -11.98
N GLU A 210 -40.03 -17.77 -12.40
CA GLU A 210 -41.38 -17.63 -11.84
C GLU A 210 -41.64 -18.61 -10.70
N PHE A 211 -42.29 -18.13 -9.66
CA PHE A 211 -42.77 -18.96 -8.56
C PHE A 211 -44.28 -18.84 -8.48
N PRO A 212 -44.99 -19.62 -9.31
CA PRO A 212 -46.46 -19.56 -9.43
C PRO A 212 -47.17 -20.04 -8.15
N HIS A 213 -46.52 -20.93 -7.41
CA HIS A 213 -47.11 -21.44 -6.17
C HIS A 213 -47.10 -20.37 -5.08
N LEU A 214 -46.11 -19.49 -5.14
CA LEU A 214 -46.03 -18.37 -4.20
C LEU A 214 -46.58 -17.08 -4.78
N ASN A 215 -47.00 -17.12 -6.04
CA ASN A 215 -47.45 -15.94 -6.78
C ASN A 215 -46.39 -14.84 -6.77
N THR A 216 -45.15 -15.20 -7.10
CA THR A 216 -44.06 -14.24 -7.19
C THR A 216 -43.22 -14.49 -8.45
N THR A 217 -42.38 -13.53 -8.80
CA THR A 217 -41.43 -13.70 -9.89
C THR A 217 -40.13 -12.95 -9.59
N ILE A 218 -38.98 -13.54 -9.89
CA ILE A 218 -37.72 -12.89 -9.62
C ILE A 218 -36.90 -12.66 -10.90
N ASP A 219 -36.10 -11.60 -10.86
CA ASP A 219 -35.22 -11.24 -11.98
C ASP A 219 -33.86 -10.78 -11.45
N GLN A 220 -32.78 -11.31 -12.02
CA GLN A 220 -31.44 -10.97 -11.55
C GLN A 220 -30.97 -9.65 -12.15
N ILE A 221 -30.77 -8.65 -11.30
CA ILE A 221 -30.38 -7.32 -11.75
C ILE A 221 -28.87 -7.02 -11.68
N THR A 222 -28.09 -7.87 -11.03
CA THR A 222 -26.64 -7.66 -10.91
C THR A 222 -25.88 -8.93 -11.23
N TYR A 223 -24.95 -8.84 -12.17
CA TYR A 223 -24.22 -10.00 -12.68
C TYR A 223 -22.77 -10.22 -12.18
N ASN A 224 -22.32 -9.43 -11.20
CA ASN A 224 -20.98 -9.56 -10.64
C ASN A 224 -20.61 -11.00 -10.27
N LEU A 225 -19.38 -11.39 -10.60
CA LEU A 225 -18.90 -12.75 -10.33
C LEU A 225 -18.62 -12.98 -8.85
N SER A 226 -18.42 -11.89 -8.12
CA SER A 226 -18.33 -11.97 -6.66
C SER A 226 -19.63 -11.46 -6.05
N SER A 227 -19.68 -11.40 -4.72
CA SER A 227 -20.92 -11.12 -4.01
C SER A 227 -21.31 -9.64 -3.96
N ASN A 228 -22.57 -9.37 -4.29
CA ASN A 228 -23.19 -8.08 -4.03
C ASN A 228 -24.25 -8.26 -2.95
N PHE A 229 -24.13 -7.51 -1.86
CA PHE A 229 -24.94 -7.78 -0.67
C PHE A 229 -25.37 -6.52 0.09
N ASP A 230 -26.32 -6.71 1.00
CA ASP A 230 -26.85 -5.66 1.87
C ASP A 230 -27.37 -4.45 1.09
N PRO A 231 -28.47 -4.63 0.34
CA PRO A 231 -29.06 -3.52 -0.40
C PRO A 231 -29.85 -2.57 0.49
N TRP A 232 -29.87 -1.29 0.13
CA TRP A 232 -30.64 -0.30 0.87
C TRP A 232 -31.15 0.78 -0.10
N LEU A 233 -31.71 1.85 0.44
CA LEU A 233 -32.35 2.87 -0.38
C LEU A 233 -31.57 4.19 -0.39
N THR A 234 -31.41 4.76 -1.58
CA THR A 234 -30.82 6.08 -1.75
C THR A 234 -31.90 7.15 -1.66
N PRO A 235 -31.52 8.40 -1.34
CA PRO A 235 -32.52 9.47 -1.30
C PRO A 235 -33.15 9.77 -2.66
N ASP A 236 -32.44 9.46 -3.75
CA ASP A 236 -32.94 9.75 -5.10
C ASP A 236 -33.67 8.55 -5.73
N GLY A 237 -33.87 7.49 -4.95
CA GLY A 237 -34.66 6.37 -5.41
C GLY A 237 -33.92 5.23 -6.09
N ASN A 238 -32.65 5.07 -5.77
CA ASN A 238 -31.87 3.95 -6.29
C ASN A 238 -31.49 2.99 -5.18
N ILE A 239 -30.78 1.92 -5.54
CA ILE A 239 -30.39 0.89 -4.57
C ILE A 239 -28.92 1.01 -4.16
N LEU A 240 -28.71 1.22 -2.86
CA LEU A 240 -27.37 1.29 -2.30
C LEU A 240 -26.95 -0.07 -1.72
N PHE A 241 -25.76 -0.52 -2.06
CA PHE A 241 -25.29 -1.82 -1.58
C PHE A 241 -23.77 -1.95 -1.57
N SER A 242 -23.30 -3.11 -1.11
CA SER A 242 -21.88 -3.42 -1.07
C SER A 242 -21.51 -4.42 -2.14
N SER A 243 -20.43 -4.15 -2.86
CA SER A 243 -20.00 -5.01 -3.95
C SER A 243 -18.56 -5.45 -3.76
N VAL A 244 -18.29 -6.73 -4.01
CA VAL A 244 -16.95 -7.24 -3.89
C VAL A 244 -16.24 -7.17 -5.24
N GLN A 245 -15.25 -6.31 -5.35
CA GLN A 245 -14.47 -6.26 -6.59
C GLN A 245 -13.17 -7.01 -6.35
N ALA A 246 -13.17 -8.26 -6.82
CA ALA A 246 -12.04 -9.17 -6.70
C ALA A 246 -11.27 -9.42 -8.01
N ASN A 247 -11.67 -8.78 -9.10
CA ASN A 247 -11.27 -9.25 -10.43
C ASN A 247 -9.76 -9.41 -10.58
N GLY A 248 -9.35 -10.63 -10.91
CA GLY A 248 -7.95 -10.97 -11.08
C GLY A 248 -7.02 -10.57 -9.93
N SER A 249 -5.92 -9.92 -10.31
CA SER A 249 -4.86 -9.55 -9.39
C SER A 249 -5.02 -8.14 -8.82
N ARG A 250 -6.16 -7.51 -9.09
CA ARG A 250 -6.38 -6.10 -8.75
C ARG A 250 -6.30 -5.85 -7.24
N ALA A 251 -6.00 -4.61 -6.88
CA ALA A 251 -5.89 -4.17 -5.49
C ALA A 251 -4.90 -5.01 -4.69
N GLY A 252 -3.71 -5.18 -5.25
CA GLY A 252 -2.66 -5.96 -4.59
C GLY A 252 -3.00 -7.43 -4.48
N GLY A 253 -3.79 -7.94 -5.42
CA GLY A 253 -4.18 -9.33 -5.42
C GLY A 253 -5.16 -9.65 -4.31
N GLU A 254 -5.65 -8.61 -3.65
CA GLU A 254 -6.58 -8.76 -2.54
C GLU A 254 -8.00 -8.50 -3.02
N GLY A 255 -8.24 -7.28 -3.50
CA GLY A 255 -9.57 -6.88 -3.93
C GLY A 255 -10.15 -5.94 -2.89
N ARG A 256 -11.28 -5.33 -3.19
CA ARG A 256 -11.88 -4.40 -2.24
C ARG A 256 -13.39 -4.58 -2.15
N VAL A 257 -13.96 -4.27 -0.99
CA VAL A 257 -15.40 -4.25 -0.84
C VAL A 257 -15.88 -2.81 -0.87
N MET A 258 -16.57 -2.44 -1.95
CA MET A 258 -16.93 -1.05 -2.19
C MET A 258 -18.39 -0.77 -1.91
N ILE A 259 -18.67 0.45 -1.47
CA ILE A 259 -20.03 0.94 -1.38
C ILE A 259 -20.41 1.54 -2.73
N CYS A 260 -21.48 1.03 -3.33
CA CYS A 260 -21.91 1.49 -4.65
C CYS A 260 -23.43 1.48 -4.80
N VAL A 261 -23.93 2.14 -5.84
CA VAL A 261 -25.36 2.15 -6.11
C VAL A 261 -25.68 1.63 -7.50
N ASP A 262 -26.94 1.25 -7.69
CA ASP A 262 -27.43 0.79 -8.99
C ASP A 262 -28.93 0.98 -9.06
N ASN A 263 -29.48 0.98 -10.28
CA ASN A 263 -30.94 1.05 -10.44
C ASN A 263 -31.57 -0.26 -9.99
N TRP A 264 -32.87 -0.22 -9.69
CA TRP A 264 -33.55 -1.41 -9.18
C TRP A 264 -33.66 -2.50 -10.25
N ASP A 265 -33.46 -2.13 -11.50
CA ASP A 265 -33.36 -3.12 -12.58
C ASP A 265 -31.90 -3.43 -12.93
N GLY A 266 -30.97 -2.72 -12.28
CA GLY A 266 -29.55 -2.94 -12.51
C GLY A 266 -29.04 -2.35 -13.81
N ALA A 267 -29.65 -1.25 -14.25
CA ALA A 267 -29.31 -0.63 -15.52
C ALA A 267 -28.08 0.28 -15.45
N TYR A 268 -27.77 0.79 -14.26
CA TYR A 268 -26.70 1.79 -14.13
C TYR A 268 -25.87 1.66 -12.86
N PRO A 269 -25.05 0.61 -12.75
CA PRO A 269 -24.17 0.49 -11.59
C PRO A 269 -23.04 1.52 -11.59
N ARG A 270 -22.82 2.17 -10.46
CA ARG A 270 -21.73 3.14 -10.34
C ARG A 270 -21.15 3.13 -8.93
N PRO A 271 -19.83 3.37 -8.81
CA PRO A 271 -19.15 3.39 -7.51
C PRO A 271 -19.49 4.62 -6.67
N ILE A 272 -19.61 4.42 -5.36
CA ILE A 272 -19.78 5.54 -4.44
C ILE A 272 -18.48 5.79 -3.68
N TYR A 273 -18.04 4.82 -2.89
CA TYR A 273 -16.77 4.95 -2.19
C TYR A 273 -16.09 3.61 -1.90
N GLY A 274 -14.76 3.60 -1.93
CA GLY A 274 -13.99 2.46 -1.45
C GLY A 274 -13.27 1.59 -2.47
N ASN A 275 -13.60 1.69 -3.75
CA ASN A 275 -12.98 0.82 -4.75
C ASN A 275 -11.73 1.38 -5.43
N CYS A 276 -11.47 2.67 -5.25
CA CYS A 276 -10.43 3.34 -6.03
C CYS A 276 -9.17 3.64 -5.22
N ASP A 277 -8.02 3.61 -5.89
CA ASP A 277 -6.75 3.90 -5.25
C ASP A 277 -6.72 5.30 -4.63
N GLY A 278 -6.10 5.41 -3.47
CA GLY A 278 -6.01 6.68 -2.79
C GLY A 278 -7.12 6.90 -1.79
N GLU A 279 -8.12 6.02 -1.80
CA GLU A 279 -9.24 6.14 -0.89
C GLU A 279 -8.93 5.43 0.44
N ILE A 280 -9.86 5.52 1.38
CA ILE A 280 -9.57 5.12 2.76
C ILE A 280 -10.24 3.79 3.14
N GLY A 281 -9.52 3.00 3.94
CA GLY A 281 -10.03 1.73 4.42
C GLY A 281 -9.34 0.51 3.85
N GLY A 282 -8.61 0.68 2.74
CA GLY A 282 -7.81 -0.41 2.20
C GLY A 282 -8.61 -1.66 1.91
N THR A 283 -8.21 -2.76 2.55
CA THR A 283 -8.87 -4.05 2.40
C THR A 283 -9.99 -4.29 3.41
N SER A 284 -10.31 -3.27 4.21
CA SER A 284 -11.39 -3.39 5.19
C SER A 284 -12.72 -3.76 4.53
N GLY A 285 -13.48 -4.62 5.20
CA GLY A 285 -14.81 -4.97 4.72
C GLY A 285 -15.79 -3.83 4.96
N ARG A 286 -16.64 -3.54 3.99
CA ARG A 286 -17.64 -2.49 4.15
C ARG A 286 -19.03 -3.08 3.96
N SER A 287 -19.82 -3.08 5.04
CA SER A 287 -21.13 -3.72 4.98
C SER A 287 -22.21 -2.95 5.74
N GLN A 288 -23.47 -3.33 5.51
CA GLN A 288 -24.61 -2.81 6.25
C GLN A 288 -24.73 -1.29 6.19
N ALA A 289 -24.53 -0.73 5.00
CA ALA A 289 -24.53 0.72 4.83
C ALA A 289 -25.94 1.31 4.83
N LYS A 290 -26.11 2.43 5.53
CA LYS A 290 -27.36 3.17 5.53
C LYS A 290 -27.07 4.67 5.53
N ILE A 291 -28.09 5.48 5.26
CA ILE A 291 -27.90 6.92 5.09
C ILE A 291 -28.68 7.74 6.11
N THR A 292 -28.02 8.73 6.71
CA THR A 292 -28.66 9.59 7.70
C THR A 292 -29.54 10.65 7.03
N PHE A 293 -30.62 11.02 7.70
CA PHE A 293 -31.59 11.96 7.16
C PHE A 293 -31.25 13.43 7.37
N GLY A 294 -30.68 13.77 8.53
CA GLY A 294 -30.28 15.15 8.81
C GLY A 294 -29.10 15.73 8.04
N ASP A 295 -27.91 15.12 8.17
CA ASP A 295 -26.73 15.60 7.48
C ASP A 295 -26.42 14.80 6.22
N ARG A 296 -27.27 13.82 5.92
CA ARG A 296 -27.10 12.94 4.77
C ARG A 296 -25.75 12.23 4.77
N LYS A 297 -25.53 11.39 5.78
CA LYS A 297 -24.28 10.65 5.87
C LYS A 297 -24.50 9.17 5.56
N ILE A 298 -23.67 8.64 4.67
CA ILE A 298 -23.63 7.20 4.48
C ILE A 298 -22.84 6.62 5.63
N VAL A 299 -23.50 5.78 6.43
CA VAL A 299 -22.88 5.19 7.60
C VAL A 299 -22.81 3.69 7.41
N TYR A 300 -21.62 3.13 7.54
CA TYR A 300 -21.44 1.71 7.26
C TYR A 300 -20.53 1.04 8.28
N VAL A 301 -20.65 -0.27 8.38
CA VAL A 301 -19.76 -1.07 9.20
C VAL A 301 -18.46 -1.30 8.45
N GLU A 302 -17.37 -0.81 9.04
CA GLU A 302 -16.05 -1.06 8.51
C GLU A 302 -15.38 -2.12 9.38
N SER A 303 -15.29 -3.32 8.84
CA SER A 303 -14.65 -4.45 9.52
C SER A 303 -13.18 -4.53 9.14
N PRO A 304 -12.33 -4.94 10.10
CA PRO A 304 -10.89 -5.08 9.84
C PRO A 304 -10.60 -6.20 8.85
N TYR A 305 -11.46 -7.20 8.82
CA TYR A 305 -11.34 -8.30 7.86
C TYR A 305 -12.43 -8.19 6.81
N MET A 306 -12.10 -8.52 5.56
CA MET A 306 -13.00 -8.30 4.44
C MET A 306 -14.28 -9.15 4.52
N ASN A 307 -14.18 -10.30 5.18
CA ASN A 307 -15.33 -11.19 5.34
C ASN A 307 -16.08 -11.03 6.66
N TRP A 308 -15.67 -10.07 7.48
CA TRP A 308 -16.32 -9.85 8.77
C TRP A 308 -17.50 -8.90 8.71
N GLY A 309 -18.54 -9.20 9.50
CA GLY A 309 -19.74 -8.38 9.55
C GLY A 309 -19.79 -7.50 10.78
N VAL A 310 -18.81 -7.66 11.67
CA VAL A 310 -18.68 -6.82 12.84
C VAL A 310 -17.38 -6.02 12.74
N GLY A 311 -17.34 -4.88 13.41
CA GLY A 311 -16.24 -3.96 13.25
C GLY A 311 -16.56 -2.59 13.81
N GLN A 312 -15.91 -1.57 13.25
CA GLN A 312 -16.17 -0.20 13.63
C GLN A 312 -17.25 0.43 12.75
N LEU A 313 -17.60 1.68 13.02
CA LEU A 313 -18.55 2.40 12.18
C LEU A 313 -17.88 3.60 11.52
N ALA A 314 -18.06 3.73 10.21
CA ALA A 314 -17.46 4.84 9.47
C ALA A 314 -18.53 5.57 8.64
N ALA A 315 -18.21 6.78 8.21
CA ALA A 315 -19.19 7.59 7.49
C ALA A 315 -18.57 8.46 6.40
N VAL A 316 -19.26 8.58 5.27
CA VAL A 316 -18.88 9.52 4.21
C VAL A 316 -20.13 10.24 3.71
N SER A 317 -19.98 11.50 3.31
CA SER A 317 -21.13 12.27 2.82
C SER A 317 -21.75 11.64 1.59
N TRP A 318 -23.08 11.51 1.59
CA TRP A 318 -23.78 10.95 0.44
C TRP A 318 -23.72 11.88 -0.76
N ASP A 319 -23.92 13.17 -0.51
CA ASP A 319 -23.87 14.16 -1.57
C ASP A 319 -22.47 14.26 -2.17
N ALA A 320 -21.45 14.13 -1.31
CA ALA A 320 -20.07 14.18 -1.76
C ALA A 320 -19.25 13.06 -1.12
N PRO A 321 -19.26 11.87 -1.74
CA PRO A 321 -18.55 10.70 -1.22
C PRO A 321 -17.06 10.72 -1.59
N PHE A 322 -16.30 11.56 -0.89
CA PHE A 322 -14.87 11.66 -1.14
C PHE A 322 -14.08 11.58 0.18
N ASN A 323 -12.76 11.63 0.07
CA ASN A 323 -11.90 11.50 1.25
C ASN A 323 -12.11 12.63 2.26
N LYS A 324 -12.40 13.82 1.75
CA LYS A 324 -12.56 15.00 2.60
C LYS A 324 -13.72 14.85 3.58
N THR A 325 -14.73 14.08 3.19
CA THR A 325 -15.89 13.87 4.04
C THR A 325 -15.85 12.58 4.85
N TYR A 326 -14.76 11.81 4.72
CA TYR A 326 -14.65 10.54 5.45
C TYR A 326 -14.51 10.79 6.95
N GLU A 327 -15.27 10.02 7.72
CA GLU A 327 -15.21 10.07 9.17
C GLU A 327 -15.14 8.67 9.75
N LYS A 328 -14.42 8.51 10.86
CA LYS A 328 -14.54 7.28 11.61
C LYS A 328 -15.43 7.61 12.80
N LEU A 329 -16.69 7.18 12.73
CA LEU A 329 -17.66 7.49 13.77
C LEU A 329 -17.25 6.88 15.10
N THR A 330 -17.37 5.57 15.21
CA THR A 330 -16.75 4.83 16.29
C THR A 330 -15.79 3.78 15.70
N GLY A 331 -14.51 4.10 15.82
CA GLY A 331 -14.16 5.20 16.70
C GLY A 331 -13.91 4.78 18.12
N LYS A 332 -12.83 4.01 18.31
CA LYS A 332 -12.13 3.59 19.59
C LYS A 332 -12.92 2.77 20.61
N ASP A 333 -13.02 3.20 21.87
CA ASP A 333 -13.04 2.24 22.95
C ASP A 333 -14.31 1.40 23.24
N GLY A 334 -14.10 0.13 23.60
CA GLY A 334 -12.98 -0.65 23.12
C GLY A 334 -13.53 -1.76 22.22
N GLY A 335 -14.86 -1.78 22.11
CA GLY A 335 -15.58 -2.90 21.54
C GLY A 335 -15.98 -2.92 20.07
N LEU A 336 -16.93 -3.78 19.76
CA LEU A 336 -17.33 -3.99 18.37
C LEU A 336 -18.72 -3.44 18.08
N TYR A 337 -18.91 -2.96 16.85
CA TYR A 337 -20.18 -2.40 16.42
C TYR A 337 -20.71 -3.12 15.19
N ARG A 338 -22.03 -3.19 15.06
CA ARG A 338 -22.65 -3.80 13.89
C ARG A 338 -24.08 -3.30 13.68
N SER A 339 -24.56 -3.43 12.45
CA SER A 339 -25.94 -3.13 12.08
C SER A 339 -26.48 -1.78 12.55
N PRO A 340 -25.87 -0.67 12.07
CA PRO A 340 -26.38 0.65 12.47
C PRO A 340 -27.67 1.02 11.74
N TYR A 341 -28.59 1.71 12.44
CA TYR A 341 -29.84 2.13 11.83
C TYR A 341 -30.19 3.59 12.15
N PRO A 342 -29.77 4.53 11.28
CA PRO A 342 -30.12 5.94 11.45
C PRO A 342 -31.62 6.21 11.39
N LEU A 343 -32.14 6.94 12.38
CA LEU A 343 -33.54 7.38 12.36
C LEU A 343 -33.68 8.75 11.71
N PRO A 344 -34.87 9.03 11.13
CA PRO A 344 -35.15 10.34 10.53
C PRO A 344 -35.03 11.52 11.49
N ASP A 345 -35.14 11.26 12.79
CA ASP A 345 -35.06 12.33 13.79
C ASP A 345 -33.62 12.56 14.22
N ASP A 346 -32.70 11.91 13.50
CA ASP A 346 -31.24 12.05 13.64
C ASP A 346 -30.65 11.17 14.74
N ARG A 347 -31.50 10.44 15.45
CA ARG A 347 -30.99 9.45 16.39
C ARG A 347 -30.48 8.25 15.62
N MET A 348 -29.88 7.30 16.32
CA MET A 348 -29.38 6.09 15.67
C MET A 348 -29.40 4.89 16.62
N LEU A 349 -29.71 3.73 16.07
CA LEU A 349 -29.68 2.49 16.83
C LEU A 349 -28.54 1.61 16.34
N VAL A 350 -27.65 1.22 17.25
CA VAL A 350 -26.51 0.38 16.89
C VAL A 350 -26.49 -0.90 17.71
N SER A 351 -25.83 -1.93 17.19
CA SER A 351 -25.60 -3.15 17.97
C SER A 351 -24.17 -3.14 18.48
N TYR A 352 -24.03 -3.05 19.79
CA TYR A 352 -22.72 -2.84 20.40
C TYR A 352 -22.33 -3.92 21.39
N ALA A 353 -21.07 -4.34 21.30
CA ALA A 353 -20.50 -5.28 22.27
C ALA A 353 -19.29 -4.61 22.94
N GLU A 354 -19.41 -4.34 24.24
CA GLU A 354 -18.32 -3.70 24.97
C GLU A 354 -17.20 -4.70 25.17
N ARG A 355 -17.43 -5.72 25.97
CA ARG A 355 -16.60 -6.90 25.86
C ARG A 355 -17.46 -8.04 25.35
N GLY A 356 -17.30 -8.32 24.06
CA GLY A 356 -17.75 -9.57 23.49
C GLY A 356 -19.21 -9.91 23.31
N ASP A 357 -20.16 -9.15 23.85
CA ASP A 357 -21.54 -9.58 23.56
C ASP A 357 -22.47 -8.40 23.25
N PHE A 358 -23.12 -8.53 22.11
CA PHE A 358 -23.81 -7.44 21.46
C PHE A 358 -25.19 -7.18 22.05
N GLY A 359 -25.61 -5.92 22.02
CA GLY A 359 -26.94 -5.53 22.43
C GLY A 359 -27.40 -4.31 21.65
N ILE A 360 -28.67 -3.97 21.82
CA ILE A 360 -29.21 -2.80 21.15
C ILE A 360 -28.96 -1.55 22.00
N TYR A 361 -28.31 -0.56 21.41
CA TYR A 361 -27.97 0.66 22.12
C TYR A 361 -28.25 1.89 21.28
N TRP A 362 -28.72 2.95 21.93
CA TRP A 362 -28.79 4.24 21.29
C TRP A 362 -27.36 4.72 21.07
N PHE A 363 -27.11 5.39 19.95
CA PHE A 363 -25.75 5.86 19.67
C PHE A 363 -25.56 7.28 20.17
N ASN A 364 -24.36 7.60 20.63
CA ASN A 364 -24.09 8.98 21.03
C ASN A 364 -23.01 9.61 20.17
N PHE A 365 -23.42 10.62 19.41
CA PHE A 365 -22.56 11.30 18.46
C PHE A 365 -21.60 12.28 19.14
N SER A 366 -22.01 12.79 20.29
CA SER A 366 -21.15 13.71 21.05
C SER A 366 -19.98 12.96 21.66
N LYS A 367 -20.27 11.77 22.18
CA LYS A 367 -19.24 10.95 22.84
C LYS A 367 -18.61 9.94 21.88
N CYS A 368 -19.06 9.93 20.63
CA CYS A 368 -18.52 9.07 19.58
C CYS A 368 -18.54 7.59 19.96
N ALA A 369 -19.57 7.18 20.69
CA ALA A 369 -19.69 5.79 21.11
C ALA A 369 -21.14 5.43 21.43
N ALA A 370 -21.34 4.22 21.95
CA ALA A 370 -22.67 3.77 22.31
C ALA A 370 -23.21 4.54 23.51
N GLY A 371 -24.48 4.92 23.43
CA GLY A 371 -25.14 5.65 24.49
C GLY A 371 -25.90 4.73 25.42
N ASP A 372 -27.04 5.22 25.93
CA ASP A 372 -27.88 4.46 26.83
C ASP A 372 -28.34 3.13 26.23
N LYS A 373 -28.55 2.14 27.09
CA LYS A 373 -28.91 0.79 26.67
C LYS A 373 -30.40 0.68 26.35
N VAL A 374 -30.71 -0.06 25.27
CA VAL A 374 -32.09 -0.37 24.94
C VAL A 374 -32.45 -1.75 25.50
N TYR A 375 -31.89 -2.80 24.91
CA TYR A 375 -32.10 -4.15 25.42
C TYR A 375 -30.86 -5.02 25.23
N ASP A 376 -30.46 -5.74 26.27
CA ASP A 376 -29.50 -6.82 26.11
C ASP A 376 -29.83 -8.04 26.95
N ASP A 377 -29.96 -9.17 26.28
CA ASP A 377 -29.95 -10.46 26.94
C ASP A 377 -28.50 -10.93 26.93
N PRO A 378 -28.02 -11.48 28.07
CA PRO A 378 -26.68 -12.06 28.12
C PRO A 378 -26.56 -13.37 27.33
N ASN A 379 -27.65 -14.10 27.20
CA ASN A 379 -27.64 -15.39 26.54
C ASN A 379 -27.78 -15.28 25.03
N TRP A 380 -28.07 -14.08 24.55
CA TRP A 380 -28.23 -13.85 23.11
C TRP A 380 -27.34 -12.72 22.61
N ASN A 381 -26.94 -12.82 21.36
CA ASN A 381 -26.28 -11.72 20.68
C ASN A 381 -27.34 -10.89 19.96
N ASP A 382 -27.54 -9.67 20.45
CA ASP A 382 -28.62 -8.82 19.98
C ASP A 382 -28.15 -7.84 18.92
N HIS A 383 -28.62 -8.01 17.69
CA HIS A 383 -28.18 -7.16 16.59
C HIS A 383 -29.30 -6.91 15.58
N GLN A 384 -28.96 -6.18 14.52
CA GLN A 384 -29.91 -5.79 13.48
C GLN A 384 -31.16 -5.09 14.01
N PRO A 385 -30.99 -3.96 14.71
CA PRO A 385 -32.18 -3.24 15.18
C PRO A 385 -33.00 -2.65 14.03
N ALA A 386 -34.31 -2.88 14.04
CA ALA A 386 -35.19 -2.36 13.00
C ALA A 386 -36.42 -1.72 13.65
N PRO A 387 -36.32 -0.42 13.94
CA PRO A 387 -37.39 0.32 14.64
C PRO A 387 -38.68 0.39 13.84
N VAL A 388 -39.80 0.46 14.54
CA VAL A 388 -41.10 0.56 13.89
C VAL A 388 -41.51 2.02 13.72
N TYR A 389 -41.60 2.46 12.47
CA TYR A 389 -42.04 3.82 12.16
C TYR A 389 -42.51 3.89 10.72
N VAL A 390 -42.95 5.06 10.28
CA VAL A 390 -43.48 5.23 8.94
C VAL A 390 -42.37 5.65 7.96
N LYS A 391 -42.15 4.83 6.94
CA LYS A 391 -41.11 5.09 5.95
C LYS A 391 -41.67 5.83 4.73
N TYR A 392 -41.04 6.94 4.38
CA TYR A 392 -41.40 7.69 3.18
C TYR A 392 -40.85 6.98 1.94
N LYS A 393 -41.70 6.77 0.95
CA LYS A 393 -41.30 6.06 -0.25
C LYS A 393 -40.41 6.91 -1.15
N PRO A 394 -39.20 6.42 -1.45
CA PRO A 394 -38.35 7.10 -2.43
C PRO A 394 -38.93 6.97 -3.84
N ARG A 395 -38.59 7.90 -4.72
CA ARG A 395 -39.13 7.89 -6.07
C ARG A 395 -38.70 6.65 -6.84
N TRP A 396 -39.62 6.09 -7.62
CA TRP A 396 -39.31 4.91 -8.41
C TRP A 396 -38.96 5.30 -9.85
N ILE A 397 -37.87 4.72 -10.35
CA ILE A 397 -37.33 5.09 -11.65
C ILE A 397 -37.88 4.18 -12.76
N ASN A 398 -38.12 4.78 -13.92
CA ASN A 398 -38.63 4.03 -15.07
C ASN A 398 -37.68 2.92 -15.51
N THR A 399 -38.25 1.75 -15.78
CA THR A 399 -37.46 0.60 -16.20
C THR A 399 -37.71 0.25 -17.67
N PHE A 400 -36.64 0.10 -18.42
CA PHE A 400 -36.73 -0.23 -19.84
C PHE A 400 -36.54 -1.73 -20.12
N THR A 401 -36.43 -2.53 -19.07
CA THR A 401 -36.41 -3.98 -19.23
C THR A 401 -37.50 -4.68 -18.42
N ALA A 402 -38.10 -5.69 -19.03
CA ALA A 402 -39.13 -6.51 -18.39
C ALA A 402 -38.50 -7.72 -17.68
N GLY A 403 -37.18 -7.72 -17.59
CA GLY A 403 -36.45 -8.88 -17.10
C GLY A 403 -35.79 -9.68 -18.20
N LYS A 404 -35.49 -10.95 -17.91
CA LYS A 404 -34.67 -11.79 -18.78
C LYS A 404 -35.15 -11.79 -20.23
N ASN A 405 -34.21 -11.51 -21.14
CA ASN A 405 -34.44 -11.50 -22.59
C ASN A 405 -35.39 -10.39 -23.06
N PHE A 406 -35.95 -9.64 -22.13
CA PHE A 406 -36.99 -8.66 -22.46
C PHE A 406 -36.51 -7.21 -22.41
N GLY A 407 -36.63 -6.52 -23.56
CA GLY A 407 -36.38 -5.09 -23.61
C GLY A 407 -37.67 -4.31 -23.72
N VAL A 408 -37.59 -2.99 -23.59
CA VAL A 408 -38.74 -2.12 -23.82
C VAL A 408 -38.32 -0.94 -24.70
N THR A 409 -38.92 -0.84 -25.89
CA THR A 409 -38.50 0.14 -26.89
C THR A 409 -38.61 1.58 -26.40
N VAL A 410 -37.77 2.45 -26.94
CA VAL A 410 -37.76 3.86 -26.55
C VAL A 410 -38.77 4.66 -27.36
N VAL A 411 -39.33 4.05 -28.40
CA VAL A 411 -40.30 4.74 -29.25
C VAL A 411 -41.73 4.53 -28.77
N THR A 412 -42.20 3.29 -28.86
CA THR A 412 -43.58 2.98 -28.50
C THR A 412 -43.71 2.53 -27.04
N TYR A 413 -42.57 2.28 -26.40
CA TYR A 413 -42.51 1.65 -25.08
C TYR A 413 -43.32 0.35 -25.09
N GLN A 414 -42.92 -0.58 -25.94
CA GLN A 414 -43.54 -1.90 -26.02
C GLN A 414 -42.53 -3.00 -25.71
N PRO A 415 -42.80 -3.79 -24.65
CA PRO A 415 -41.96 -4.92 -24.27
C PRO A 415 -41.76 -5.92 -25.41
N PHE A 416 -40.54 -6.43 -25.56
CA PHE A 416 -40.24 -7.41 -26.59
C PHE A 416 -39.20 -8.42 -26.14
N ASP A 417 -39.39 -9.67 -26.55
CA ASP A 417 -38.46 -10.75 -26.25
C ASP A 417 -37.43 -10.85 -27.37
N GLN A 418 -36.16 -10.64 -27.01
CA GLN A 418 -35.08 -10.67 -28.00
C GLN A 418 -34.80 -12.08 -28.51
N VAL A 419 -35.11 -13.08 -27.69
CA VAL A 419 -34.78 -14.47 -28.02
C VAL A 419 -35.97 -15.23 -28.60
N LYS A 420 -37.00 -15.43 -27.79
CA LYS A 420 -38.17 -16.22 -28.19
C LYS A 420 -38.87 -15.68 -29.42
N VAL A 421 -38.91 -14.35 -29.55
CA VAL A 421 -39.66 -13.71 -30.63
C VAL A 421 -38.74 -13.23 -31.77
N GLU A 422 -37.85 -12.29 -31.45
CA GLU A 422 -36.99 -11.67 -32.45
C GLU A 422 -35.99 -12.66 -33.08
N GLY A 423 -35.71 -13.74 -32.38
CA GLY A 423 -34.90 -14.81 -32.95
C GLY A 423 -33.41 -14.74 -32.67
N TYR A 424 -33.00 -13.83 -31.78
CA TYR A 424 -31.60 -13.74 -31.39
C TYR A 424 -31.22 -14.90 -30.48
N PRO A 425 -29.99 -15.41 -30.63
CA PRO A 425 -29.51 -16.52 -29.79
C PRO A 425 -29.43 -16.16 -28.31
N HIS A 426 -29.24 -14.87 -28.02
CA HIS A 426 -29.09 -14.42 -26.64
C HIS A 426 -29.44 -12.94 -26.49
N SER A 427 -29.70 -12.51 -25.27
CA SER A 427 -29.94 -11.11 -24.97
C SER A 427 -28.72 -10.27 -25.33
N TRP A 428 -28.93 -9.11 -25.92
CA TRP A 428 -27.80 -8.27 -26.31
C TRP A 428 -28.03 -6.77 -26.10
N GLY A 429 -27.08 -6.12 -25.43
CA GLY A 429 -27.08 -4.68 -25.26
C GLY A 429 -25.98 -4.00 -26.06
N THR A 430 -25.74 -2.72 -25.76
CA THR A 430 -24.65 -1.97 -26.36
C THR A 430 -23.89 -1.12 -25.34
N TRP A 431 -22.66 -0.74 -25.66
CA TRP A 431 -21.97 0.26 -24.85
C TRP A 431 -21.04 1.13 -25.70
N ILE A 432 -20.82 2.36 -25.22
CA ILE A 432 -20.02 3.33 -25.94
C ILE A 432 -19.13 4.16 -25.01
N CYS A 433 -17.86 4.27 -25.39
CA CYS A 433 -16.90 5.12 -24.70
C CYS A 433 -16.48 6.25 -25.63
N PHE A 434 -16.59 7.48 -25.16
CA PHE A 434 -16.34 8.63 -26.01
C PHE A 434 -14.85 8.89 -26.23
N ASP A 435 -14.04 8.65 -25.20
CA ASP A 435 -12.59 8.66 -25.38
C ASP A 435 -11.96 7.49 -24.63
N THR A 436 -11.33 6.56 -25.35
CA THR A 436 -10.70 5.42 -24.69
C THR A 436 -9.30 5.78 -24.18
N THR A 437 -8.75 6.87 -24.69
CA THR A 437 -7.43 7.32 -24.30
C THR A 437 -7.48 8.22 -23.07
N LEU A 438 -8.69 8.65 -22.72
CA LEU A 438 -8.88 9.58 -21.61
C LEU A 438 -8.98 8.84 -20.28
N SER A 439 -8.03 9.11 -19.38
CA SER A 439 -7.94 8.38 -18.12
C SER A 439 -7.34 9.22 -17.00
N ASP A 440 -7.65 8.86 -15.76
CA ASP A 440 -7.04 9.51 -14.60
C ASP A 440 -5.83 8.72 -14.11
N GLN A 441 -5.58 7.58 -14.74
CA GLN A 441 -4.51 6.69 -14.33
C GLN A 441 -3.18 7.05 -14.96
N PRO A 442 -2.08 6.91 -14.20
CA PRO A 442 -0.75 7.24 -14.70
C PRO A 442 -0.13 6.08 -15.47
N VAL A 443 1.07 6.28 -16.00
CA VAL A 443 1.83 5.18 -16.60
C VAL A 443 2.45 4.35 -15.49
N GLY A 444 2.18 3.04 -15.50
CA GLY A 444 2.68 2.17 -14.46
C GLY A 444 2.64 0.69 -14.81
N PRO A 445 3.35 -0.12 -14.01
CA PRO A 445 3.51 -1.57 -14.20
C PRO A 445 2.24 -2.37 -13.92
N TYR A 446 1.32 -1.81 -13.14
CA TYR A 446 0.11 -2.53 -12.75
C TYR A 446 -0.93 -2.55 -13.89
N PRO A 447 -1.66 -3.67 -14.03
CA PRO A 447 -2.55 -3.92 -15.17
C PRO A 447 -3.67 -2.89 -15.34
N HIS A 448 -4.08 -2.23 -14.25
CA HIS A 448 -5.15 -1.24 -14.35
C HIS A 448 -4.59 0.13 -14.76
N GLN A 449 -3.28 0.21 -14.92
CA GLN A 449 -2.64 1.44 -15.34
C GLN A 449 -2.23 1.38 -16.80
N LYS A 450 -1.67 2.48 -17.31
CA LYS A 450 -1.21 2.51 -18.69
C LYS A 450 0.23 2.00 -18.80
N ALA A 451 0.44 1.05 -19.71
CA ALA A 451 1.78 0.52 -19.93
C ALA A 451 2.64 1.52 -20.69
N LYS A 452 1.97 2.41 -21.42
CA LYS A 452 2.65 3.48 -22.15
C LYS A 452 1.68 4.62 -22.43
N ASN A 453 2.22 5.79 -22.75
CA ASN A 453 1.40 6.92 -23.17
C ASN A 453 0.68 6.63 -24.48
N VAL A 454 -0.61 6.92 -24.52
CA VAL A 454 -1.39 6.74 -25.74
C VAL A 454 -2.24 7.98 -26.04
N SER A 455 -2.23 8.38 -27.31
CA SER A 455 -3.04 9.52 -27.75
C SER A 455 -4.11 9.04 -28.74
N HIS A 456 -4.90 9.99 -29.24
CA HIS A 456 -5.91 9.67 -30.24
C HIS A 456 -5.25 9.07 -31.49
N GLY A 457 -5.72 7.89 -31.88
CA GLY A 457 -5.16 7.19 -33.01
C GLY A 457 -4.20 6.08 -32.63
N ASP A 458 -3.67 6.15 -31.42
CA ASP A 458 -2.76 5.11 -30.92
C ASP A 458 -3.52 3.88 -30.49
N ILE A 459 -4.77 4.06 -30.07
CA ILE A 459 -5.61 2.94 -29.70
C ILE A 459 -6.42 2.50 -30.90
N LYS A 460 -6.07 1.34 -31.45
CA LYS A 460 -6.69 0.84 -32.66
C LYS A 460 -8.01 0.13 -32.40
N ALA A 461 -8.04 -0.68 -31.35
CA ALA A 461 -9.23 -1.49 -31.06
C ALA A 461 -9.36 -1.78 -29.57
N VAL A 462 -10.35 -2.59 -29.24
CA VAL A 462 -10.58 -3.02 -27.86
C VAL A 462 -10.93 -4.50 -27.82
N ARG A 463 -10.40 -5.18 -26.81
CA ARG A 463 -10.73 -6.58 -26.56
C ARG A 463 -11.79 -6.66 -25.46
N ILE A 464 -12.86 -7.39 -25.73
CA ILE A 464 -13.95 -7.57 -24.78
C ILE A 464 -13.98 -9.01 -24.30
N ILE A 465 -13.88 -9.16 -22.97
CA ILE A 465 -13.70 -10.44 -22.32
C ILE A 465 -14.88 -10.79 -21.41
N GLN A 466 -15.33 -12.04 -21.45
CA GLN A 466 -16.38 -12.51 -20.54
C GLN A 466 -15.80 -13.44 -19.49
N GLY A 467 -16.13 -13.18 -18.22
CA GLY A 467 -15.69 -14.03 -17.14
C GLY A 467 -16.58 -15.26 -17.00
N TYR A 468 -15.96 -16.39 -16.64
CA TYR A 468 -16.71 -17.62 -16.44
C TYR A 468 -16.74 -17.96 -14.96
N GLN A 469 -17.95 -18.18 -14.44
CA GLN A 469 -18.12 -18.59 -13.05
C GLN A 469 -17.34 -19.88 -12.81
N CYS A 470 -16.79 -20.03 -11.61
CA CYS A 470 -16.01 -21.22 -11.31
C CYS A 470 -16.94 -22.27 -10.75
N VAL A 471 -17.19 -23.30 -11.54
CA VAL A 471 -18.08 -24.38 -11.14
C VAL A 471 -17.37 -25.73 -11.29
N GLU A 472 -17.20 -26.41 -10.17
CA GLU A 472 -16.45 -27.65 -10.15
C GLU A 472 -17.17 -28.72 -9.35
N PRO A 473 -18.10 -29.44 -10.03
CA PRO A 473 -18.87 -30.51 -9.40
C PRO A 473 -18.00 -31.64 -8.88
N ASP A 474 -17.03 -32.06 -9.68
CA ASP A 474 -16.13 -33.14 -9.28
C ASP A 474 -15.06 -32.57 -8.35
N SER A 475 -15.01 -33.09 -7.13
CA SER A 475 -14.12 -32.55 -6.11
C SER A 475 -12.73 -33.17 -6.21
N THR A 476 -12.61 -34.26 -6.97
CA THR A 476 -11.34 -34.93 -7.18
C THR A 476 -10.50 -34.26 -8.26
N ARG A 477 -11.16 -33.54 -9.18
CA ARG A 477 -10.46 -32.93 -10.31
C ARG A 477 -10.12 -31.45 -10.12
N PHE A 478 -10.45 -30.89 -8.95
CA PHE A 478 -10.16 -29.48 -8.70
C PHE A 478 -9.50 -29.27 -7.33
N ARG A 479 -8.45 -28.45 -7.32
CA ARG A 479 -7.69 -28.18 -6.10
C ARG A 479 -7.31 -26.71 -5.98
N VAL A 480 -7.63 -26.10 -4.84
CA VAL A 480 -7.29 -24.71 -4.59
C VAL A 480 -5.88 -24.60 -3.99
N GLY A 481 -5.06 -23.72 -4.55
CA GLY A 481 -3.72 -23.50 -4.07
C GLY A 481 -2.69 -24.34 -4.80
N ALA A 482 -3.05 -24.83 -5.97
CA ALA A 482 -2.15 -25.64 -6.77
C ALA A 482 -0.99 -24.80 -7.33
N GLY A 483 -1.23 -23.50 -7.45
CA GLY A 483 -0.24 -22.58 -7.99
C GLY A 483 0.42 -21.67 -6.97
N ALA A 484 0.39 -22.04 -5.70
CA ALA A 484 0.91 -21.20 -4.61
C ALA A 484 2.37 -20.79 -4.82
N HIS A 485 3.12 -21.62 -5.55
CA HIS A 485 4.52 -21.31 -5.86
C HIS A 485 4.61 -20.33 -7.02
N LEU A 486 3.50 -20.18 -7.75
CA LEU A 486 3.44 -19.26 -8.87
C LEU A 486 2.90 -17.90 -8.45
N LEU A 487 2.57 -17.06 -9.43
CA LEU A 487 2.14 -15.69 -9.18
C LEU A 487 0.83 -15.60 -8.39
N GLY A 488 -0.04 -16.58 -8.58
CA GLY A 488 -1.37 -16.56 -7.99
C GLY A 488 -1.40 -16.59 -6.47
N GLY A 489 -0.48 -17.33 -5.87
CA GLY A 489 -0.42 -17.47 -4.43
C GLY A 489 -1.59 -18.27 -3.88
N GLU A 490 -2.27 -17.70 -2.89
CA GLU A 490 -3.38 -18.38 -2.23
C GLU A 490 -4.63 -18.43 -3.11
N ARG A 491 -4.73 -17.47 -4.04
CA ARG A 491 -5.90 -17.37 -4.91
C ARG A 491 -5.72 -18.17 -6.19
N SER A 492 -4.61 -18.88 -6.31
CA SER A 492 -4.38 -19.74 -7.46
C SER A 492 -5.21 -21.02 -7.33
N SER A 493 -5.15 -21.87 -8.35
CA SER A 493 -5.94 -23.10 -8.35
C SER A 493 -5.46 -24.06 -9.43
N SER A 494 -6.16 -25.17 -9.60
CA SER A 494 -5.86 -26.14 -10.64
C SER A 494 -6.08 -25.55 -12.02
N ASN A 495 -6.99 -24.58 -12.10
CA ASN A 495 -7.31 -23.92 -13.37
C ASN A 495 -6.31 -22.85 -13.77
N SER A 496 -5.72 -22.16 -12.80
CA SER A 496 -4.81 -21.06 -13.10
C SER A 496 -3.72 -20.88 -12.04
N GLY A 497 -2.54 -20.49 -12.50
CA GLY A 497 -1.44 -20.18 -11.61
C GLY A 497 -1.44 -18.71 -11.24
N THR A 498 -2.51 -18.01 -11.64
CA THR A 498 -2.67 -16.61 -11.33
C THR A 498 -3.96 -16.39 -10.53
N ALA A 499 -4.22 -15.14 -10.15
CA ALA A 499 -5.42 -14.80 -9.40
C ALA A 499 -6.61 -14.67 -10.34
N PHE A 500 -6.32 -14.72 -11.64
CA PHE A 500 -7.36 -14.63 -12.66
C PHE A 500 -8.06 -15.96 -12.87
N GLN A 501 -9.37 -15.97 -12.69
CA GLN A 501 -10.15 -17.18 -12.93
C GLN A 501 -10.43 -17.34 -14.42
N GLN A 502 -11.23 -18.35 -14.77
CA GLN A 502 -11.45 -18.71 -16.16
C GLN A 502 -12.19 -17.62 -16.94
N ARG A 503 -11.70 -17.31 -18.15
CA ARG A 503 -12.27 -16.26 -18.98
C ARG A 503 -12.32 -16.65 -20.45
N GLY A 504 -13.03 -15.86 -21.25
CA GLY A 504 -13.11 -16.06 -22.67
C GLY A 504 -13.29 -14.75 -23.40
N ILE A 505 -13.04 -14.74 -24.71
CA ILE A 505 -13.10 -13.51 -25.48
C ILE A 505 -14.47 -13.30 -26.10
N ILE A 506 -15.19 -12.27 -25.63
CA ILE A 506 -16.45 -11.89 -26.24
C ILE A 506 -16.17 -11.41 -27.66
N GLY A 507 -15.15 -10.57 -27.82
CA GLY A 507 -14.74 -10.19 -29.15
C GLY A 507 -14.02 -8.86 -29.26
N TYR A 508 -13.55 -8.55 -30.46
CA TYR A 508 -12.81 -7.31 -30.70
C TYR A 508 -13.68 -6.26 -31.38
N GLN A 509 -13.43 -5.00 -31.04
CA GLN A 509 -14.15 -3.90 -31.71
C GLN A 509 -13.21 -2.76 -32.05
N TYR A 510 -13.31 -2.23 -33.26
CA TYR A 510 -12.40 -1.17 -33.69
C TYR A 510 -12.67 0.15 -32.95
N VAL A 511 -11.64 0.98 -32.89
CA VAL A 511 -11.74 2.28 -32.23
C VAL A 511 -11.49 3.41 -33.24
N GLU A 512 -12.34 4.42 -33.22
CA GLU A 512 -12.22 5.54 -34.15
C GLU A 512 -10.98 6.37 -33.86
N SER A 513 -10.56 7.16 -34.84
CA SER A 513 -9.34 7.96 -34.74
C SER A 513 -9.40 9.02 -33.63
N ASP A 514 -10.60 9.29 -33.12
CA ASP A 514 -10.76 10.23 -32.02
C ASP A 514 -10.79 9.51 -30.68
N GLY A 515 -10.61 8.19 -30.71
CA GLY A 515 -10.53 7.40 -29.50
C GLY A 515 -11.86 6.81 -29.06
N SER A 516 -12.94 7.24 -29.70
CA SER A 516 -14.27 6.76 -29.36
C SER A 516 -14.54 5.36 -29.91
N THR A 517 -15.40 4.61 -29.23
CA THR A 517 -15.81 3.29 -29.69
C THR A 517 -17.21 2.96 -29.21
N VAL A 518 -17.91 2.15 -29.99
CA VAL A 518 -19.24 1.68 -29.61
C VAL A 518 -19.42 0.25 -30.12
N THR A 519 -20.10 -0.59 -29.34
CA THR A 519 -20.31 -1.96 -29.77
C THR A 519 -21.60 -2.57 -29.22
N SER A 520 -22.09 -3.58 -29.93
CA SER A 520 -23.18 -4.41 -29.45
C SER A 520 -22.62 -5.74 -28.99
N GLN A 521 -23.16 -6.27 -27.90
CA GLN A 521 -22.65 -7.51 -27.33
C GLN A 521 -23.67 -8.17 -26.43
N LEU A 522 -23.29 -9.30 -25.83
CA LEU A 522 -24.20 -10.09 -25.00
C LEU A 522 -24.68 -9.31 -23.77
N SER A 523 -25.85 -9.69 -23.28
CA SER A 523 -26.44 -9.05 -22.11
C SER A 523 -26.57 -10.04 -20.96
N ASP A 524 -26.65 -9.51 -19.74
CA ASP A 524 -26.80 -10.32 -18.53
C ASP A 524 -25.64 -11.30 -18.35
N VAL A 525 -24.44 -10.87 -18.75
CA VAL A 525 -23.23 -11.65 -18.52
C VAL A 525 -22.13 -10.72 -18.01
N PRO A 526 -21.31 -11.22 -17.07
CA PRO A 526 -20.18 -10.43 -16.55
C PRO A 526 -19.10 -10.23 -17.61
N TYR A 527 -18.62 -9.00 -17.77
CA TYR A 527 -17.63 -8.71 -18.79
C TYR A 527 -16.79 -7.48 -18.44
N TYR A 528 -15.65 -7.36 -19.12
CA TYR A 528 -14.85 -6.14 -19.06
C TYR A 528 -14.06 -5.97 -20.35
N MET A 529 -13.26 -4.92 -20.43
CA MET A 529 -12.60 -4.57 -21.68
C MET A 529 -11.14 -4.20 -21.51
N GLN A 530 -10.41 -4.18 -22.63
CA GLN A 530 -9.02 -3.75 -22.67
C GLN A 530 -8.78 -2.91 -23.93
N ILE A 531 -8.11 -1.77 -23.79
CA ILE A 531 -7.77 -0.95 -24.94
C ILE A 531 -6.50 -1.47 -25.59
N LEU A 532 -6.46 -1.47 -26.92
CA LEU A 532 -5.39 -2.13 -27.66
C LEU A 532 -4.61 -1.18 -28.56
N ASP A 533 -3.29 -1.37 -28.62
CA ASP A 533 -2.44 -0.59 -29.51
C ASP A 533 -2.39 -1.22 -30.90
N ASP A 534 -1.48 -0.74 -31.74
CA ASP A 534 -1.42 -1.19 -33.12
C ASP A 534 -0.84 -2.59 -33.26
N LYS A 535 -0.33 -3.16 -32.16
CA LYS A 535 0.07 -4.56 -32.15
C LYS A 535 -1.01 -5.45 -31.54
N GLY A 536 -2.10 -4.84 -31.09
CA GLY A 536 -3.21 -5.59 -30.54
C GLY A 536 -2.99 -6.07 -29.11
N MET A 537 -2.16 -5.35 -28.37
CA MET A 537 -1.88 -5.70 -26.99
C MET A 537 -2.58 -4.73 -26.04
N SER A 538 -2.96 -5.22 -24.86
CA SER A 538 -3.69 -4.38 -23.92
C SER A 538 -2.75 -3.37 -23.28
N VAL A 539 -3.05 -2.09 -23.49
CA VAL A 539 -2.31 -0.99 -22.88
C VAL A 539 -2.80 -0.79 -21.45
N GLN A 540 -4.12 -0.93 -21.28
CA GLN A 540 -4.75 -0.74 -19.99
C GLN A 540 -5.94 -1.67 -19.84
N THR A 541 -6.12 -2.23 -18.64
CA THR A 541 -7.20 -3.17 -18.39
C THR A 541 -8.21 -2.59 -17.41
N ALA A 542 -9.49 -2.76 -17.70
CA ALA A 542 -10.52 -2.39 -16.75
C ALA A 542 -10.84 -3.61 -15.91
N LEU A 543 -10.44 -3.59 -14.65
CA LEU A 543 -10.64 -4.75 -13.79
C LEU A 543 -11.84 -4.53 -12.90
N THR A 544 -12.91 -5.23 -13.26
CA THR A 544 -14.23 -5.08 -12.65
C THR A 544 -15.16 -5.96 -13.47
N TRP A 545 -16.39 -6.16 -13.01
CA TRP A 545 -17.35 -6.88 -13.83
C TRP A 545 -18.52 -6.01 -14.23
N ALA A 546 -18.53 -5.61 -15.50
CA ALA A 546 -19.63 -4.88 -16.09
C ALA A 546 -20.72 -5.83 -16.55
N TYR A 547 -21.95 -5.33 -16.65
CA TYR A 547 -23.05 -6.11 -17.21
C TYR A 547 -24.10 -5.21 -17.86
N LEU A 548 -24.74 -5.73 -18.90
CA LEU A 548 -25.78 -4.98 -19.60
C LEU A 548 -27.11 -5.73 -19.52
N ARG A 549 -28.16 -5.01 -19.14
CA ARG A 549 -29.51 -5.55 -19.25
C ARG A 549 -29.90 -5.57 -20.72
N PRO A 550 -30.84 -6.45 -21.11
CA PRO A 550 -31.26 -6.53 -22.51
C PRO A 550 -31.67 -5.19 -23.10
N TYR A 551 -31.19 -4.89 -24.31
CA TYR A 551 -31.56 -3.69 -25.07
C TYR A 551 -30.97 -2.40 -24.47
N HIS A 552 -30.28 -2.52 -23.34
CA HIS A 552 -29.70 -1.37 -22.67
C HIS A 552 -28.34 -0.94 -23.22
N GLY A 553 -28.20 0.36 -23.47
CA GLY A 553 -26.92 0.95 -23.79
C GLY A 553 -26.23 1.49 -22.54
N ARG A 554 -24.91 1.53 -22.54
CA ARG A 554 -24.17 2.13 -21.43
C ARG A 554 -23.08 3.08 -21.92
N ILE A 555 -23.10 4.31 -21.43
CA ILE A 555 -22.15 5.33 -21.89
C ILE A 555 -21.08 5.63 -20.86
N CYS A 556 -19.89 5.98 -21.33
CA CYS A 556 -18.85 6.50 -20.44
C CYS A 556 -17.95 7.49 -21.18
N SER A 557 -17.53 8.54 -20.47
CA SER A 557 -16.69 9.58 -21.08
C SER A 557 -15.32 9.06 -21.48
N GLY A 558 -14.74 8.23 -20.61
CA GLY A 558 -13.36 7.85 -20.74
C GLY A 558 -13.01 6.53 -20.10
N CYS A 559 -11.72 6.25 -20.00
CA CYS A 559 -11.28 5.01 -19.40
C CYS A 559 -10.89 5.31 -17.95
N HIS A 560 -11.76 4.93 -17.04
CA HIS A 560 -11.67 5.34 -15.63
C HIS A 560 -11.34 6.83 -15.48
N TYR A 561 -12.07 7.69 -16.20
CA TYR A 561 -11.79 9.13 -16.18
C TYR A 561 -12.49 9.87 -15.04
N GLY A 562 -13.47 9.24 -14.41
CA GLY A 562 -14.23 9.91 -13.37
C GLY A 562 -15.68 10.24 -13.73
N SER A 563 -16.07 9.99 -14.98
CA SER A 563 -17.45 10.25 -15.40
C SER A 563 -18.44 9.40 -14.63
N TYR A 564 -18.07 8.18 -14.27
CA TYR A 564 -18.90 7.38 -13.38
C TYR A 564 -18.46 7.42 -11.92
N ARG A 565 -17.45 8.20 -11.58
CA ARG A 565 -17.04 8.26 -10.18
C ARG A 565 -17.18 9.64 -9.51
N GLY A 566 -16.18 10.50 -9.70
CA GLY A 566 -16.19 11.80 -9.03
C GLY A 566 -16.28 13.04 -9.91
N ARG A 567 -16.43 12.84 -11.21
CA ARG A 567 -16.33 13.96 -12.14
C ARG A 567 -17.53 14.05 -13.07
N ALA A 568 -17.80 15.25 -13.55
CA ALA A 568 -18.88 15.47 -14.50
C ALA A 568 -18.50 14.91 -15.86
N PHE A 569 -19.49 14.52 -16.64
CA PHE A 569 -19.28 14.06 -18.00
C PHE A 569 -18.59 15.14 -18.82
N LYS A 570 -17.58 14.75 -19.59
CA LYS A 570 -16.88 15.69 -20.45
C LYS A 570 -17.66 15.89 -21.74
N ASN A 571 -17.74 17.13 -22.21
CA ASN A 571 -18.46 17.38 -23.45
C ASN A 571 -17.57 16.96 -24.61
N ILE A 572 -18.03 15.95 -25.35
CA ILE A 572 -17.24 15.35 -26.42
C ILE A 572 -18.13 15.07 -27.61
N HIS A 573 -17.67 15.47 -28.79
CA HIS A 573 -18.37 15.17 -30.01
C HIS A 573 -17.65 14.00 -30.66
N ALA A 574 -18.27 12.83 -30.62
CA ALA A 574 -17.57 11.59 -30.96
C ALA A 574 -18.12 10.95 -32.22
N LYS A 575 -17.23 10.33 -32.99
CA LYS A 575 -17.60 9.65 -34.22
C LYS A 575 -18.49 8.45 -33.94
N ALA A 576 -18.24 7.78 -32.82
CA ALA A 576 -18.96 6.56 -32.45
C ALA A 576 -20.45 6.83 -32.25
N LEU A 577 -20.78 8.05 -31.86
CA LEU A 577 -22.17 8.46 -31.64
C LEU A 577 -23.03 8.22 -32.89
N TYR A 578 -22.43 8.42 -34.06
CA TYR A 578 -23.16 8.28 -35.32
C TYR A 578 -23.14 6.83 -35.81
N ASN A 579 -22.35 5.99 -35.15
CA ASN A 579 -22.31 4.57 -35.49
C ASN A 579 -23.24 3.75 -34.60
N TRP A 580 -24.02 4.43 -33.75
CA TRP A 580 -24.81 3.75 -32.74
C TRP A 580 -26.19 3.31 -33.24
N TRP A 581 -27.13 4.26 -33.37
CA TRP A 581 -28.43 3.94 -33.96
C TRP A 581 -28.82 4.99 -35.02
N TYR A 582 -28.65 4.65 -36.29
CA TYR A 582 -29.10 5.52 -37.38
C TYR A 582 -30.32 5.07 -38.19
N ASP A 583 -30.86 3.88 -37.92
CA ASP A 583 -31.88 3.31 -38.81
C ASP A 583 -33.24 3.18 -38.11
N ASP A 584 -34.30 3.51 -38.85
CA ASP A 584 -35.66 3.49 -38.33
C ASP A 584 -36.12 2.09 -37.96
N ARG A 585 -35.64 1.10 -38.71
CA ARG A 585 -36.11 -0.27 -38.58
C ARG A 585 -35.32 -1.07 -37.54
N SER A 586 -34.41 -0.41 -36.85
CA SER A 586 -33.49 -1.11 -35.94
C SER A 586 -33.60 -0.65 -34.49
N HIS A 587 -33.29 -1.57 -33.57
CA HIS A 587 -33.08 -1.22 -32.17
C HIS A 587 -31.71 -0.56 -32.03
N TYR A 588 -30.70 -1.21 -32.59
CA TYR A 588 -29.33 -0.69 -32.62
C TYR A 588 -28.66 -1.01 -33.95
N ASP A 589 -27.96 -0.03 -34.51
CA ASP A 589 -27.19 -0.24 -35.73
C ASP A 589 -25.69 -0.45 -35.49
N SER A 590 -25.27 -0.47 -34.22
CA SER A 590 -23.86 -0.63 -33.89
C SER A 590 -23.34 -2.04 -34.23
N PRO A 591 -22.10 -2.12 -34.72
CA PRO A 591 -21.47 -3.42 -35.06
C PRO A 591 -21.28 -4.31 -33.84
N PHE A 592 -21.51 -5.61 -34.03
CA PHE A 592 -21.27 -6.59 -32.97
C PHE A 592 -19.78 -6.89 -32.87
N ALA A 593 -19.36 -7.39 -31.71
CA ALA A 593 -17.95 -7.70 -31.46
C ALA A 593 -17.44 -8.79 -32.41
N PHE A 594 -16.35 -8.51 -33.09
CA PHE A 594 -15.76 -9.44 -34.06
C PHE A 594 -14.97 -10.53 -33.36
N ARG A 595 -14.93 -11.70 -33.96
CA ARG A 595 -14.27 -12.85 -33.34
C ARG A 595 -12.75 -12.77 -33.40
N TYR A 596 -12.20 -12.25 -34.50
CA TYR A 596 -10.75 -12.16 -34.63
C TYR A 596 -10.25 -10.78 -35.03
N LEU A 597 -8.92 -10.67 -35.10
CA LEU A 597 -8.25 -9.50 -35.65
C LEU A 597 -7.39 -9.94 -36.83
N LYS A 598 -7.15 -9.02 -37.76
CA LYS A 598 -6.28 -9.30 -38.89
C LYS A 598 -5.12 -8.31 -38.95
N PHE A 599 -3.94 -8.83 -39.26
CA PHE A 599 -2.71 -8.04 -39.23
C PHE A 599 -2.02 -8.00 -40.60
N ASP A 600 -0.94 -7.25 -40.69
CA ASP A 600 -0.10 -7.21 -41.89
C ASP A 600 1.07 -8.18 -41.76
N ASN A 601 2.02 -8.05 -42.68
CA ASN A 601 3.26 -8.84 -42.65
C ASN A 601 3.99 -8.77 -41.31
N ASP A 602 4.19 -7.54 -40.81
CA ASP A 602 4.95 -7.31 -39.60
C ASP A 602 4.24 -7.84 -38.35
N GLY A 603 2.92 -7.90 -38.40
CA GLY A 603 2.13 -8.24 -37.22
C GLY A 603 1.48 -7.02 -36.58
N ASN A 604 1.47 -5.91 -37.30
CA ASN A 604 0.75 -4.71 -36.89
C ASN A 604 -0.74 -4.79 -37.22
N TYR A 605 -1.56 -4.13 -36.41
CA TYR A 605 -3.02 -4.13 -36.60
C TYR A 605 -3.43 -3.64 -37.98
N LYS A 606 -4.28 -4.42 -38.64
CA LYS A 606 -4.85 -4.04 -39.93
C LYS A 606 -6.34 -3.80 -39.75
N GLY A 607 -7.07 -4.83 -39.33
CA GLY A 607 -8.50 -4.69 -39.13
C GLY A 607 -9.13 -5.73 -38.20
N VAL A 608 -10.46 -5.76 -38.19
CA VAL A 608 -11.20 -6.76 -37.43
C VAL A 608 -11.76 -7.81 -38.39
N LYS A 609 -11.85 -9.05 -37.93
CA LYS A 609 -12.28 -10.14 -38.81
C LYS A 609 -13.42 -10.96 -38.22
N HIS A 610 -14.47 -11.13 -39.02
CA HIS A 610 -15.64 -11.91 -38.65
C HIS A 610 -15.32 -13.37 -38.37
N GLY A 611 -16.04 -13.94 -37.41
CA GLY A 611 -15.99 -15.38 -37.18
C GLY A 611 -17.15 -16.04 -37.89
N GLU A 612 -17.32 -17.34 -37.65
CA GLU A 612 -18.39 -18.10 -38.30
C GLU A 612 -19.65 -18.20 -37.44
N ASP A 613 -19.67 -17.44 -36.34
CA ASP A 613 -20.81 -17.40 -35.44
C ASP A 613 -21.89 -16.41 -35.91
N VAL A 614 -21.71 -15.82 -37.09
CA VAL A 614 -22.65 -14.83 -37.61
C VAL A 614 -24.01 -15.45 -37.95
N VAL A 615 -25.07 -14.87 -37.38
CA VAL A 615 -26.44 -15.32 -37.65
C VAL A 615 -27.26 -14.24 -38.34
N GLY A 627 -34.74 -8.87 -38.46
CA GLY A 627 -34.25 -7.67 -39.13
C GLY A 627 -34.36 -6.44 -38.26
N THR A 628 -34.10 -6.60 -36.97
CA THR A 628 -34.15 -5.50 -36.03
C THR A 628 -32.78 -4.85 -35.85
N THR A 629 -31.81 -5.31 -36.62
CA THR A 629 -30.50 -4.66 -36.66
C THR A 629 -29.91 -4.74 -38.07
N SER A 630 -29.17 -3.71 -38.45
CA SER A 630 -28.65 -3.61 -39.81
C SER A 630 -27.28 -4.25 -39.96
N GLN A 631 -26.74 -4.79 -38.86
CA GLN A 631 -25.40 -5.34 -38.86
C GLN A 631 -25.42 -6.84 -38.64
N PRO A 632 -24.40 -7.55 -39.18
CA PRO A 632 -24.30 -8.99 -38.96
C PRO A 632 -24.26 -9.33 -37.47
N VAL A 633 -25.11 -10.25 -37.04
CA VAL A 633 -25.17 -10.61 -35.63
C VAL A 633 -24.12 -11.67 -35.33
N GLU A 634 -23.16 -11.32 -34.47
CA GLU A 634 -22.04 -12.20 -34.20
C GLU A 634 -21.75 -12.30 -32.70
N GLY A 635 -21.38 -13.49 -32.26
CA GLY A 635 -20.93 -13.70 -30.89
C GLY A 635 -22.03 -13.76 -29.85
N LEU A 636 -23.23 -14.13 -30.27
CA LEU A 636 -24.32 -14.31 -29.31
C LEU A 636 -24.53 -15.76 -28.91
N THR A 637 -23.77 -16.67 -29.52
CA THR A 637 -23.90 -18.09 -29.21
C THR A 637 -22.87 -18.50 -28.17
N LEU A 638 -23.35 -18.85 -26.98
CA LEU A 638 -22.49 -19.15 -25.84
C LEU A 638 -21.59 -20.36 -26.08
N ASP A 639 -22.13 -21.38 -26.74
CA ASP A 639 -21.38 -22.60 -26.99
C ASP A 639 -20.21 -22.39 -27.97
N LYS A 640 -20.29 -21.34 -28.77
CA LYS A 640 -19.27 -21.05 -29.75
C LYS A 640 -18.24 -20.01 -29.30
N GLN A 641 -18.40 -19.51 -28.08
CA GLN A 641 -17.53 -18.43 -27.61
C GLN A 641 -16.08 -18.91 -27.44
N ARG A 642 -15.16 -18.18 -28.08
CA ARG A 642 -13.76 -18.58 -28.11
C ARG A 642 -12.99 -18.16 -26.87
N THR A 643 -12.05 -19.01 -26.45
CA THR A 643 -11.11 -18.67 -25.40
C THR A 643 -9.73 -19.20 -25.79
N VAL A 644 -8.74 -18.96 -24.94
CA VAL A 644 -7.40 -19.50 -25.18
C VAL A 644 -7.00 -20.41 -24.03
N ASP A 645 -6.89 -21.70 -24.33
CA ASP A 645 -6.49 -22.68 -23.33
C ASP A 645 -5.02 -23.06 -23.53
N PHE A 646 -4.28 -23.11 -22.44
CA PHE A 646 -2.84 -23.38 -22.50
C PHE A 646 -2.54 -24.76 -23.08
N ARG A 647 -3.34 -25.74 -22.67
CA ARG A 647 -3.13 -27.13 -23.07
C ARG A 647 -3.51 -27.37 -24.52
N ARG A 648 -4.64 -26.81 -24.94
CA ARG A 648 -5.19 -27.02 -26.27
C ARG A 648 -4.51 -26.15 -27.34
N ASP A 649 -4.13 -24.94 -26.96
CA ASP A 649 -3.69 -23.92 -27.91
C ASP A 649 -2.20 -23.62 -27.80
N ILE A 650 -1.76 -23.19 -26.62
CA ILE A 650 -0.39 -22.72 -26.42
C ILE A 650 0.63 -23.86 -26.44
N GLN A 651 0.51 -24.79 -25.50
CA GLN A 651 1.46 -25.90 -25.34
C GLN A 651 1.89 -26.61 -26.64
N PRO A 652 0.94 -26.90 -27.56
CA PRO A 652 1.38 -27.49 -28.83
C PRO A 652 2.40 -26.64 -29.59
N ILE A 653 2.22 -25.32 -29.55
CA ILE A 653 3.13 -24.39 -30.22
C ILE A 653 4.51 -24.46 -29.58
N LEU A 654 4.55 -24.54 -28.25
CA LEU A 654 5.80 -24.64 -27.52
C LEU A 654 6.50 -25.96 -27.80
N ASP A 655 5.73 -27.03 -27.91
CA ASP A 655 6.30 -28.33 -28.23
C ASP A 655 6.87 -28.34 -29.63
N ALA A 656 6.18 -27.69 -30.56
CA ALA A 656 6.64 -27.67 -31.95
C ALA A 656 7.88 -26.80 -32.15
N LYS A 657 7.78 -25.51 -31.83
CA LYS A 657 8.84 -24.56 -32.14
C LYS A 657 9.77 -24.13 -31.00
N CYS A 658 9.56 -24.66 -29.79
CA CYS A 658 10.30 -24.18 -28.63
C CYS A 658 11.06 -25.27 -27.88
N ALA A 659 10.33 -26.26 -27.38
CA ALA A 659 10.85 -27.28 -26.47
C ALA A 659 12.14 -27.94 -26.95
N MET A 660 12.32 -28.05 -28.25
CA MET A 660 13.55 -28.64 -28.81
C MET A 660 14.79 -27.91 -28.32
N CYS A 661 14.75 -26.58 -28.32
CA CYS A 661 15.90 -25.77 -27.97
C CYS A 661 15.94 -25.36 -26.49
N HIS A 662 14.84 -25.56 -25.79
CA HIS A 662 14.78 -25.20 -24.38
C HIS A 662 14.59 -26.40 -23.48
N ASP A 663 15.65 -26.74 -22.75
CA ASP A 663 15.63 -27.84 -21.80
C ASP A 663 16.14 -27.33 -20.46
N SER A 664 16.36 -28.25 -19.52
CA SER A 664 16.87 -27.90 -18.20
C SER A 664 18.11 -27.01 -18.25
N ASN A 665 18.95 -27.23 -19.26
CA ASN A 665 20.19 -26.46 -19.39
C ASN A 665 19.97 -25.05 -19.96
N ASN A 666 18.88 -24.87 -20.69
CA ASN A 666 18.57 -23.57 -21.28
C ASN A 666 17.22 -23.04 -20.84
N PRO A 667 17.17 -22.37 -19.69
CA PRO A 667 15.93 -21.83 -19.12
C PRO A 667 15.33 -20.72 -20.00
N PRO A 668 14.00 -20.60 -20.03
CA PRO A 668 13.04 -21.43 -19.28
C PRO A 668 12.90 -22.82 -19.88
N ASN A 669 12.52 -23.80 -19.06
CA ASN A 669 12.43 -25.18 -19.53
C ASN A 669 11.04 -25.46 -20.04
N LEU A 670 10.92 -25.59 -21.36
CA LEU A 670 9.64 -25.77 -22.02
C LEU A 670 9.33 -27.21 -22.41
N GLY A 671 10.24 -28.13 -22.11
CA GLY A 671 10.08 -29.51 -22.53
C GLY A 671 9.17 -30.34 -21.63
N GLY A 672 8.82 -31.54 -22.10
CA GLY A 672 8.02 -32.46 -21.30
C GLY A 672 6.58 -32.59 -21.77
N GLY A 673 6.17 -31.74 -22.70
CA GLY A 673 4.82 -31.78 -23.22
C GLY A 673 3.77 -31.40 -22.18
N LEU A 674 2.67 -32.16 -22.15
CA LEU A 674 1.57 -31.87 -21.25
C LEU A 674 1.66 -32.66 -19.94
N GLU A 675 2.74 -33.41 -19.78
CA GLU A 675 2.95 -34.20 -18.57
C GLU A 675 3.01 -33.30 -17.32
N LEU A 676 2.21 -33.64 -16.33
CA LEU A 676 2.10 -32.82 -15.12
C LEU A 676 3.37 -32.89 -14.26
N VAL A 677 3.63 -31.81 -13.54
CA VAL A 677 4.80 -31.74 -12.66
C VAL A 677 4.35 -31.57 -11.21
N SER A 678 4.93 -32.36 -10.31
CA SER A 678 4.56 -32.32 -8.91
C SER A 678 5.34 -31.26 -8.14
N VAL A 679 4.61 -30.29 -7.59
CA VAL A 679 5.21 -29.25 -6.75
C VAL A 679 4.53 -29.22 -5.39
N ASP A 680 5.34 -29.39 -4.34
CA ASP A 680 4.85 -29.46 -2.96
C ASP A 680 3.78 -30.53 -2.79
N GLY A 681 3.88 -31.60 -3.57
CA GLY A 681 2.93 -32.70 -3.50
C GLY A 681 1.64 -32.44 -4.26
N ILE A 682 1.69 -31.50 -5.21
CA ILE A 682 0.52 -31.19 -6.02
C ILE A 682 0.86 -31.15 -7.50
N ALA A 683 0.22 -32.04 -8.26
CA ALA A 683 0.43 -32.08 -9.71
C ALA A 683 -0.72 -31.40 -10.43
N ALA A 684 -0.42 -30.25 -11.03
CA ALA A 684 -1.42 -29.41 -11.66
C ALA A 684 -1.09 -29.11 -13.11
N TYR A 685 0.04 -28.44 -13.32
CA TYR A 685 0.40 -27.95 -14.64
C TYR A 685 1.59 -28.69 -15.23
N SER A 686 1.96 -28.33 -16.45
CA SER A 686 3.10 -28.93 -17.12
C SER A 686 4.39 -28.21 -16.75
N ARG A 687 5.49 -28.61 -17.37
CA ARG A 687 6.78 -28.00 -17.11
C ARG A 687 6.84 -26.58 -17.65
N ALA A 688 6.39 -26.41 -18.90
CA ALA A 688 6.42 -25.11 -19.57
C ALA A 688 5.60 -24.06 -18.81
N TYR A 689 4.43 -24.47 -18.33
CA TYR A 689 3.56 -23.58 -17.59
C TYR A 689 4.22 -23.11 -16.29
N ASN A 690 4.74 -24.05 -15.51
CA ASN A 690 5.43 -23.75 -14.27
C ASN A 690 6.62 -22.84 -14.50
N SER A 691 7.34 -23.08 -15.59
CA SER A 691 8.52 -22.28 -15.93
C SER A 691 8.14 -20.85 -16.28
N LEU A 692 7.15 -20.70 -17.15
CA LEU A 692 6.74 -19.38 -17.63
C LEU A 692 6.02 -18.56 -16.57
N LEU A 693 5.42 -19.24 -15.59
CA LEU A 693 4.68 -18.57 -14.53
C LEU A 693 5.52 -18.34 -13.27
N GLU A 694 6.80 -18.67 -13.32
CA GLU A 694 7.69 -18.51 -12.17
C GLU A 694 7.90 -17.04 -11.79
N PRO A 695 7.78 -16.74 -10.49
CA PRO A 695 7.99 -15.39 -9.95
C PRO A 695 9.43 -14.90 -10.08
N GLN A 696 9.62 -13.59 -9.91
CA GLN A 696 10.94 -12.98 -10.01
C GLN A 696 11.27 -12.21 -8.74
N ARG A 697 12.51 -12.33 -8.26
CA ARG A 697 12.92 -11.65 -7.04
C ARG A 697 12.86 -10.13 -7.20
N GLY A 698 12.18 -9.48 -6.27
CA GLY A 698 12.07 -8.03 -6.28
C GLY A 698 10.94 -7.52 -7.17
N LYS A 699 10.09 -8.42 -7.63
CA LYS A 699 8.95 -8.04 -8.45
C LYS A 699 7.64 -8.51 -7.83
N ASP A 700 6.70 -7.57 -7.69
CA ASP A 700 5.35 -7.87 -7.20
C ASP A 700 4.69 -8.90 -8.10
N PRO A 701 4.33 -10.07 -7.54
CA PRO A 701 3.66 -11.13 -8.30
C PRO A 701 2.38 -10.65 -8.98
N ASN A 702 1.74 -9.66 -8.38
CA ASN A 702 0.52 -9.08 -8.95
C ASN A 702 0.82 -8.35 -10.26
N ILE A 703 2.05 -7.87 -10.40
CA ILE A 703 2.52 -7.30 -11.66
C ILE A 703 2.84 -8.42 -12.65
N GLY A 704 3.61 -9.41 -12.18
CA GLY A 704 3.98 -10.53 -13.02
C GLY A 704 5.18 -11.31 -12.49
N GLY A 705 5.63 -12.28 -13.28
CA GLY A 705 6.78 -13.10 -12.95
C GLY A 705 7.99 -12.77 -13.80
N LYS A 706 8.87 -13.77 -13.96
CA LYS A 706 10.03 -13.61 -14.82
C LYS A 706 9.61 -13.35 -16.27
N TYR A 707 8.90 -14.31 -16.85
CA TYR A 707 8.52 -14.21 -18.27
C TYR A 707 7.08 -13.79 -18.56
N VAL A 708 6.24 -13.68 -17.54
CA VAL A 708 4.81 -13.43 -17.79
C VAL A 708 4.18 -12.44 -16.82
N ASN A 709 3.57 -11.40 -17.36
CA ASN A 709 2.76 -10.48 -16.58
C ASN A 709 1.27 -10.66 -16.92
N PRO A 710 0.52 -11.27 -16.00
CA PRO A 710 -0.91 -11.53 -16.22
C PRO A 710 -1.71 -10.26 -16.54
N SER A 711 -2.52 -10.35 -17.60
CA SER A 711 -3.34 -9.27 -18.11
C SER A 711 -2.55 -8.04 -18.55
N ALA A 712 -1.25 -8.20 -18.74
CA ALA A 712 -0.50 -7.30 -19.61
C ALA A 712 0.52 -8.11 -20.41
N ALA A 713 0.31 -8.24 -21.71
CA ALA A 713 1.24 -8.96 -22.55
C ALA A 713 2.40 -8.05 -22.93
N ILE A 714 2.08 -6.77 -23.06
CA ILE A 714 3.03 -5.75 -23.49
C ILE A 714 4.11 -5.53 -22.43
N ASN A 715 3.83 -5.91 -21.20
CA ASN A 715 4.80 -5.83 -20.11
C ASN A 715 5.57 -7.13 -19.90
N SER A 716 5.19 -8.19 -20.61
CA SER A 716 5.77 -9.50 -20.40
C SER A 716 7.10 -9.69 -21.13
N LEU A 717 8.09 -10.19 -20.42
CA LEU A 717 9.42 -10.43 -20.98
C LEU A 717 9.36 -11.38 -22.18
N LEU A 718 8.52 -12.40 -22.06
CA LEU A 718 8.33 -13.37 -23.14
C LEU A 718 7.92 -12.70 -24.44
N VAL A 719 6.93 -11.81 -24.34
CA VAL A 719 6.45 -11.06 -25.50
C VAL A 719 7.52 -10.08 -25.99
N TRP A 720 8.23 -9.48 -25.05
CA TRP A 720 9.34 -8.59 -25.37
C TRP A 720 10.38 -9.29 -26.25
N ARG A 721 10.64 -10.56 -25.95
CA ARG A 721 11.59 -11.34 -26.73
C ARG A 721 11.00 -11.85 -28.03
N LEU A 722 9.72 -12.21 -28.02
CA LEU A 722 9.08 -12.71 -29.23
C LEU A 722 8.95 -11.62 -30.29
N TYR A 723 8.83 -10.37 -29.85
CA TYR A 723 8.86 -9.25 -30.78
C TYR A 723 10.23 -8.57 -30.87
N GLU A 724 11.16 -9.00 -30.00
CA GLU A 724 12.50 -8.41 -29.94
C GLU A 724 12.51 -6.89 -29.96
N ALA A 725 11.71 -6.28 -29.10
CA ALA A 725 11.60 -4.82 -29.05
C ALA A 725 11.26 -4.35 -27.64
N GLU A 726 11.46 -3.06 -27.37
CA GLU A 726 11.06 -2.53 -26.08
C GLU A 726 9.63 -2.04 -26.27
N LEU A 727 8.69 -2.80 -25.73
CA LEU A 727 7.27 -2.61 -26.01
C LEU A 727 6.60 -1.56 -25.13
N SER A 728 7.00 -1.53 -23.86
CA SER A 728 6.35 -0.65 -22.91
C SER A 728 7.36 0.24 -22.19
N ALA A 729 6.85 1.09 -21.29
CA ALA A 729 7.69 1.96 -20.50
C ALA A 729 8.04 1.30 -19.17
N ASN A 730 7.56 0.07 -18.99
CA ASN A 730 7.90 -0.70 -17.81
C ASN A 730 8.83 -1.85 -18.17
N ALA A 731 10.09 -1.74 -17.74
CA ALA A 731 11.06 -2.80 -17.99
C ALA A 731 10.83 -3.97 -17.04
N PRO A 732 10.72 -5.18 -17.60
CA PRO A 732 10.49 -6.39 -16.78
C PRO A 732 11.63 -6.64 -15.79
N ARG A 733 12.86 -6.38 -16.20
CA ARG A 733 14.01 -6.51 -15.31
C ARG A 733 15.15 -5.60 -15.72
N GLU A 734 16.23 -5.60 -14.94
CA GLU A 734 17.34 -4.70 -15.17
C GLU A 734 18.10 -5.01 -16.45
N LYS A 735 18.30 -6.30 -16.71
CA LYS A 735 18.93 -6.72 -17.95
C LYS A 735 17.99 -7.61 -18.75
N ILE A 736 17.49 -7.08 -19.86
CA ILE A 736 16.52 -7.79 -20.69
C ILE A 736 17.22 -8.64 -21.74
N PHE A 737 17.94 -7.97 -22.64
CA PHE A 737 18.63 -8.66 -23.72
C PHE A 737 20.10 -8.86 -23.37
N PRO A 738 20.57 -10.11 -23.44
CA PRO A 738 21.98 -10.43 -23.16
C PRO A 738 22.91 -9.77 -24.16
N ILE A 739 24.12 -9.42 -23.72
CA ILE A 739 25.09 -8.74 -24.58
C ILE A 739 25.70 -9.71 -25.58
N GLU A 740 26.12 -10.88 -25.09
CA GLU A 740 26.70 -11.90 -25.96
C GLU A 740 25.89 -13.19 -25.90
N GLY A 741 25.86 -13.90 -27.02
CA GLY A 741 25.09 -15.14 -27.12
C GLY A 741 23.65 -14.89 -27.51
N ARG A 742 23.35 -13.65 -27.90
CA ARG A 742 22.01 -13.24 -28.26
C ARG A 742 21.48 -13.99 -29.50
N LEU A 743 20.23 -14.39 -29.44
CA LEU A 743 19.57 -15.04 -30.57
C LEU A 743 18.17 -14.46 -30.79
N LEU A 744 17.94 -13.91 -31.97
CA LEU A 744 16.66 -13.25 -32.27
C LEU A 744 15.51 -14.25 -32.37
N HIS A 745 14.46 -14.02 -31.58
CA HIS A 745 13.33 -14.93 -31.51
C HIS A 745 12.12 -14.52 -32.37
N ASN A 746 12.22 -13.38 -33.05
CA ASN A 746 11.05 -12.83 -33.73
C ASN A 746 10.62 -13.61 -34.97
N LYS A 747 11.51 -14.43 -35.51
CA LYS A 747 11.20 -15.20 -36.72
C LYS A 747 10.74 -16.63 -36.43
N PHE A 748 10.74 -17.01 -35.16
CA PHE A 748 10.43 -18.39 -34.78
C PHE A 748 8.95 -18.73 -34.95
N LEU A 749 8.09 -17.76 -34.71
CA LEU A 749 6.65 -17.99 -34.75
C LEU A 749 5.98 -17.18 -35.86
N THR A 750 4.81 -17.65 -36.30
CA THR A 750 3.98 -16.87 -37.19
C THR A 750 3.19 -15.87 -36.35
N GLN A 751 2.40 -15.02 -37.01
CA GLN A 751 1.64 -14.01 -36.28
C GLN A 751 0.50 -14.65 -35.49
N ASP A 752 -0.04 -15.73 -36.03
CA ASP A 752 -1.12 -16.47 -35.36
C ASP A 752 -0.69 -17.01 -34.00
N GLU A 753 0.43 -17.72 -33.99
CA GLU A 753 0.94 -18.34 -32.76
C GLU A 753 1.37 -17.28 -31.74
N ARG A 754 2.11 -16.28 -32.22
CA ARG A 754 2.61 -15.21 -31.37
C ARG A 754 1.45 -14.44 -30.71
N TYR A 755 0.48 -14.05 -31.53
CA TYR A 755 -0.68 -13.32 -31.00
C TYR A 755 -1.58 -14.24 -30.18
N ALA A 756 -1.44 -15.55 -30.38
CA ALA A 756 -2.15 -16.51 -29.54
C ALA A 756 -1.56 -16.45 -28.13
N ILE A 757 -0.23 -16.38 -28.07
CA ILE A 757 0.45 -16.21 -26.78
C ILE A 757 0.06 -14.86 -26.15
N VAL A 758 0.02 -13.82 -26.97
CA VAL A 758 -0.39 -12.49 -26.52
C VAL A 758 -1.79 -12.52 -25.89
N GLU A 759 -2.73 -13.14 -26.60
CA GLU A 759 -4.09 -13.30 -26.10
C GLU A 759 -4.12 -14.10 -24.80
N TRP A 760 -3.34 -15.18 -24.76
CA TRP A 760 -3.26 -16.02 -23.56
C TRP A 760 -2.83 -15.20 -22.34
N ILE A 761 -1.80 -14.38 -22.51
CA ILE A 761 -1.30 -13.58 -21.41
C ILE A 761 -2.29 -12.48 -21.01
N ASP A 762 -2.83 -11.78 -22.01
CA ASP A 762 -3.79 -10.70 -21.74
C ASP A 762 -5.07 -11.21 -21.08
N LEU A 763 -5.39 -12.49 -21.31
CA LEU A 763 -6.56 -13.10 -20.69
C LEU A 763 -6.32 -13.48 -19.23
N GLY A 764 -5.09 -13.29 -18.76
CA GLY A 764 -4.73 -13.66 -17.41
C GLY A 764 -3.84 -14.89 -17.30
N ALA A 765 -3.45 -15.43 -18.45
CA ALA A 765 -2.47 -16.52 -18.52
C ALA A 765 -2.88 -17.75 -17.71
N GLN A 766 -4.10 -18.22 -17.94
CA GLN A 766 -4.62 -19.38 -17.20
C GLN A 766 -4.06 -20.70 -17.73
N TRP A 767 -4.49 -21.79 -17.10
CA TRP A 767 -4.12 -23.14 -17.50
C TRP A 767 -5.36 -23.82 -18.06
N ASP A 768 -6.38 -23.97 -17.24
CA ASP A 768 -7.66 -24.51 -17.66
C ASP A 768 -8.66 -23.37 -17.87
N ASN A 769 -8.96 -23.05 -19.13
CA ASN A 769 -9.95 -22.03 -19.45
C ASN A 769 -11.31 -22.62 -19.81
N ILE A 770 -11.42 -23.94 -19.77
CA ILE A 770 -12.69 -24.62 -19.99
C ILE A 770 -13.30 -25.00 -18.64
N PRO A 771 -14.39 -24.33 -18.26
CA PRO A 771 -15.06 -24.51 -16.97
C PRO A 771 -15.49 -25.95 -16.73
N GLY A 772 -15.32 -26.43 -15.50
CA GLY A 772 -15.68 -27.78 -15.14
C GLY A 772 -14.66 -28.80 -15.61
N PRO A 773 -14.77 -30.04 -15.12
CA PRO A 773 -13.87 -31.12 -15.54
C PRO A 773 -13.97 -31.42 -17.03
N ASP A 774 -12.83 -31.49 -17.71
CA ASP A 774 -12.80 -31.80 -19.14
C ASP A 774 -11.79 -32.90 -19.43
N PHE A 775 -11.62 -33.21 -20.71
CA PHE A 775 -10.76 -34.31 -21.13
C PHE A 775 -9.28 -33.95 -21.13
N TYR A 776 -8.98 -32.66 -21.18
CA TYR A 776 -7.60 -32.19 -21.21
C TYR A 776 -6.90 -32.40 -19.87
N PRO A 777 -5.57 -32.64 -19.89
CA PRO A 777 -4.78 -32.94 -18.70
C PRO A 777 -4.96 -31.94 -17.56
N GLY A 778 -4.92 -32.44 -16.32
CA GLY A 778 -5.09 -31.59 -15.16
C GLY A 778 -5.04 -32.35 -13.85
N TYR A 779 -5.33 -31.65 -12.76
CA TYR A 779 -5.30 -32.22 -11.41
C TYR A 779 -6.26 -33.39 -11.25
N LEU A 780 -5.75 -34.49 -10.70
CA LEU A 780 -6.59 -35.64 -10.40
C LEU A 780 -6.10 -36.39 -9.17
N VAL A 781 -7.04 -36.82 -8.32
CA VAL A 781 -6.72 -37.60 -7.13
C VAL A 781 -7.81 -38.64 -6.86
N GLY B 1 -53.72 40.68 -12.04
CA GLY B 1 -52.50 40.60 -12.83
C GLY B 1 -52.42 39.31 -13.63
N TYR B 2 -51.57 39.31 -14.65
CA TYR B 2 -51.46 38.18 -15.55
C TYR B 2 -50.17 37.38 -15.34
N ILE B 3 -50.28 36.06 -15.47
CA ILE B 3 -49.11 35.20 -15.48
C ILE B 3 -48.33 35.46 -16.76
N GLN B 4 -47.01 35.56 -16.61
CA GLN B 4 -46.13 35.98 -17.69
C GLN B 4 -46.31 35.15 -18.97
N GLY B 5 -46.48 35.84 -20.10
CA GLY B 5 -46.65 35.18 -21.39
C GLY B 5 -48.04 34.64 -21.63
N THR B 6 -48.95 34.89 -20.69
CA THR B 6 -50.31 34.36 -20.76
C THR B 6 -51.37 35.45 -20.60
N HIS B 7 -52.60 35.12 -21.00
CA HIS B 7 -53.75 35.98 -20.78
C HIS B 7 -54.52 35.57 -19.52
N VAL B 8 -54.02 34.55 -18.83
CA VAL B 8 -54.65 34.07 -17.60
C VAL B 8 -54.35 35.00 -16.42
N LYS B 9 -55.40 35.36 -15.69
CA LYS B 9 -55.28 36.28 -14.56
C LYS B 9 -54.96 35.60 -13.23
N THR B 10 -54.15 36.26 -12.42
CA THR B 10 -53.85 35.79 -11.06
C THR B 10 -53.87 36.95 -10.07
N ASP B 11 -54.23 36.65 -8.83
CA ASP B 11 -54.27 37.67 -7.78
C ASP B 11 -52.92 37.77 -7.06
N LEU B 12 -52.01 36.87 -7.38
CA LEU B 12 -50.73 36.77 -6.70
C LEU B 12 -49.66 37.66 -7.33
N PRO B 13 -48.89 38.38 -6.49
CA PRO B 13 -47.84 39.30 -6.95
C PRO B 13 -46.67 38.63 -7.67
N GLY B 14 -46.22 37.49 -7.18
CA GLY B 14 -45.17 36.75 -7.88
C GLY B 14 -43.82 37.43 -7.93
N PRO B 15 -43.22 37.75 -6.77
CA PRO B 15 -42.02 38.59 -6.81
C PRO B 15 -40.89 38.01 -7.68
N PHE B 16 -40.45 38.80 -8.66
CA PHE B 16 -39.34 38.41 -9.52
C PHE B 16 -37.95 38.98 -9.16
N HIS B 17 -37.91 39.97 -8.28
CA HIS B 17 -36.66 40.69 -8.03
C HIS B 17 -36.70 41.41 -6.70
N ILE B 18 -35.54 41.73 -6.15
CA ILE B 18 -35.49 42.50 -4.91
C ILE B 18 -34.21 43.32 -4.81
N THR B 19 -34.31 44.48 -4.17
CA THR B 19 -33.15 45.33 -3.92
C THR B 19 -33.37 46.10 -2.62
N MET B 20 -32.39 46.92 -2.25
CA MET B 20 -32.45 47.62 -0.98
C MET B 20 -31.84 49.01 -1.09
N SER B 21 -32.42 49.96 -0.35
CA SER B 21 -31.89 51.32 -0.32
C SER B 21 -30.49 51.32 0.26
N PRO B 22 -29.62 52.22 -0.25
CA PRO B 22 -28.23 52.31 0.22
C PRO B 22 -28.11 52.63 1.71
N ASP B 23 -29.18 53.15 2.30
CA ASP B 23 -29.22 53.39 3.74
C ASP B 23 -29.79 52.16 4.47
N GLY B 24 -30.23 51.18 3.69
CA GLY B 24 -30.67 49.90 4.24
C GLY B 24 -31.98 49.90 5.00
N SER B 25 -32.78 50.95 4.86
CA SER B 25 -34.05 51.02 5.56
C SER B 25 -35.25 50.48 4.77
N THR B 26 -35.08 50.22 3.48
CA THR B 26 -36.22 49.86 2.64
C THR B 26 -35.90 48.82 1.56
N LEU B 27 -36.80 47.86 1.41
CA LEU B 27 -36.72 46.85 0.37
C LEU B 27 -37.76 47.11 -0.72
N PHE B 28 -37.35 46.96 -1.97
CA PHE B 28 -38.24 47.17 -3.12
C PHE B 28 -38.36 45.88 -3.92
N ILE B 29 -39.56 45.31 -3.91
CA ILE B 29 -39.79 44.05 -4.60
C ILE B 29 -40.56 44.25 -5.90
N SER B 30 -40.00 43.79 -7.01
CA SER B 30 -40.72 43.89 -8.28
C SER B 30 -41.65 42.69 -8.41
N ASN B 31 -42.95 42.96 -8.48
CA ASN B 31 -43.91 41.87 -8.63
C ASN B 31 -44.26 41.67 -10.08
N GLN B 32 -43.84 40.53 -10.63
CA GLN B 32 -43.99 40.27 -12.05
C GLN B 32 -45.45 40.06 -12.43
N SER B 33 -46.17 39.33 -11.60
CA SER B 33 -47.58 39.02 -11.86
C SER B 33 -48.50 40.08 -11.25
N GLY B 34 -47.93 40.99 -10.48
CA GLY B 34 -48.71 42.03 -9.84
C GLY B 34 -48.64 43.37 -10.55
N HIS B 35 -47.70 43.48 -11.49
CA HIS B 35 -47.50 44.70 -12.26
C HIS B 35 -47.29 45.91 -11.35
N SER B 36 -46.59 45.69 -10.25
CA SER B 36 -46.34 46.74 -9.26
C SER B 36 -45.06 46.45 -8.46
N VAL B 37 -44.75 47.34 -7.53
CA VAL B 37 -43.57 47.18 -6.67
C VAL B 37 -43.95 47.32 -5.20
N THR B 38 -43.59 46.31 -4.41
CA THR B 38 -43.90 46.30 -2.98
C THR B 38 -42.79 46.95 -2.16
N PHE B 39 -43.18 47.88 -1.28
CA PHE B 39 -42.24 48.53 -0.37
C PHE B 39 -42.28 47.84 0.99
N VAL B 40 -41.10 47.50 1.52
CA VAL B 40 -41.02 46.88 2.83
C VAL B 40 -40.05 47.61 3.75
N ASP B 41 -40.45 47.90 4.98
CA ASP B 41 -39.55 48.50 5.94
C ASP B 41 -38.63 47.43 6.52
N ALA B 42 -37.33 47.68 6.47
CA ALA B 42 -36.33 46.69 6.88
C ALA B 42 -36.41 46.35 8.36
N ARG B 43 -36.67 47.36 9.18
CA ARG B 43 -36.65 47.18 10.64
C ARG B 43 -37.91 46.49 11.15
N THR B 44 -39.08 46.87 10.63
CA THR B 44 -40.33 46.26 11.06
C THR B 44 -40.78 45.06 10.20
N GLN B 45 -40.10 44.84 9.08
CA GLN B 45 -40.49 43.80 8.11
C GLN B 45 -41.98 43.85 7.80
N LYS B 46 -42.46 45.05 7.49
CA LYS B 46 -43.88 45.31 7.28
C LYS B 46 -44.08 45.93 5.90
N VAL B 47 -45.18 45.60 5.24
CA VAL B 47 -45.43 46.19 3.92
C VAL B 47 -45.96 47.60 4.12
N THR B 48 -45.20 48.58 3.64
CA THR B 48 -45.56 49.97 3.84
C THR B 48 -46.29 50.57 2.64
N GLY B 49 -46.43 49.79 1.58
CA GLY B 49 -47.17 50.23 0.41
C GLY B 49 -46.90 49.40 -0.83
N GLU B 50 -47.75 49.60 -1.84
CA GLU B 50 -47.56 48.97 -3.15
C GLU B 50 -47.74 50.01 -4.25
N VAL B 51 -46.68 50.26 -5.01
CA VAL B 51 -46.70 51.29 -6.04
C VAL B 51 -46.92 50.70 -7.42
N ALA B 52 -47.95 51.16 -8.10
CA ALA B 52 -48.30 50.64 -9.42
C ALA B 52 -47.31 51.10 -10.50
N VAL B 53 -46.87 50.14 -11.31
CA VAL B 53 -46.01 50.42 -12.45
C VAL B 53 -46.61 49.78 -13.70
N ARG B 54 -45.87 49.82 -14.80
CA ARG B 54 -46.34 49.24 -16.06
C ARG B 54 -46.29 47.72 -16.01
N VAL B 55 -46.60 47.10 -17.15
CA VAL B 55 -46.75 45.64 -17.21
C VAL B 55 -45.46 44.86 -16.98
N GLN B 56 -45.53 43.90 -16.07
CA GLN B 56 -44.47 42.91 -15.83
C GLN B 56 -43.11 43.49 -15.44
N PRO B 57 -43.03 44.20 -14.30
CA PRO B 57 -41.68 44.61 -13.88
C PRO B 57 -40.79 43.43 -13.51
N GLU B 58 -39.63 43.29 -14.13
CA GLU B 58 -38.63 42.32 -13.64
C GLU B 58 -37.41 42.83 -12.88
N ALA B 59 -37.23 44.15 -12.76
CA ALA B 59 -36.03 44.68 -12.12
C ALA B 59 -36.20 46.10 -11.59
N SER B 60 -35.36 46.47 -10.63
CA SER B 60 -35.37 47.83 -10.07
C SER B 60 -34.01 48.24 -9.52
N ALA B 61 -33.72 49.54 -9.59
CA ALA B 61 -32.49 50.09 -9.03
C ALA B 61 -32.77 51.39 -8.28
N VAL B 62 -32.09 51.58 -7.16
CA VAL B 62 -32.30 52.76 -6.32
C VAL B 62 -31.19 53.78 -6.51
N THR B 63 -31.57 55.07 -6.54
CA THR B 63 -30.60 56.15 -6.60
C THR B 63 -29.79 56.21 -5.31
N PRO B 64 -28.53 56.66 -5.40
CA PRO B 64 -27.63 56.76 -4.24
C PRO B 64 -28.22 57.50 -3.05
N ASP B 65 -29.02 58.52 -3.30
CA ASP B 65 -29.68 59.27 -2.23
C ASP B 65 -30.90 58.52 -1.70
N GLY B 66 -31.52 57.72 -2.57
CA GLY B 66 -32.67 56.92 -2.20
C GLY B 66 -34.00 57.65 -2.31
N ALA B 67 -34.04 58.68 -3.15
CA ALA B 67 -35.28 59.41 -3.39
C ALA B 67 -36.07 58.87 -4.58
N PHE B 68 -35.48 57.96 -5.34
CA PHE B 68 -36.11 57.47 -6.56
C PHE B 68 -35.86 55.99 -6.81
N LEU B 69 -36.82 55.34 -7.48
CA LEU B 69 -36.69 53.93 -7.82
C LEU B 69 -36.96 53.71 -9.31
N TYR B 70 -35.95 53.26 -10.04
CA TYR B 70 -36.11 52.99 -11.47
C TYR B 70 -36.47 51.52 -11.70
N VAL B 71 -37.69 51.30 -12.17
CA VAL B 71 -38.21 49.94 -12.33
C VAL B 71 -38.22 49.53 -13.79
N CYS B 72 -37.84 48.28 -14.07
CA CYS B 72 -37.84 47.78 -15.44
C CYS B 72 -39.13 47.05 -15.76
N ASN B 73 -39.95 47.64 -16.64
CA ASN B 73 -41.16 46.98 -17.10
C ASN B 73 -40.86 46.25 -18.41
N ALA B 74 -40.87 44.92 -18.33
CA ALA B 74 -40.41 44.07 -19.42
C ALA B 74 -41.38 43.99 -20.59
N GLU B 75 -42.64 43.74 -20.28
CA GLU B 75 -43.66 43.59 -21.32
C GLU B 75 -43.98 44.93 -21.95
N SER B 76 -43.96 45.99 -21.14
CA SER B 76 -44.25 47.33 -21.62
C SER B 76 -43.08 47.89 -22.42
N ASP B 77 -41.97 47.16 -22.43
CA ASP B 77 -40.74 47.62 -23.09
C ASP B 77 -40.31 48.98 -22.54
N SER B 78 -40.49 49.20 -21.24
CA SER B 78 -40.26 50.53 -20.68
C SER B 78 -39.59 50.53 -19.30
N VAL B 79 -39.37 51.72 -18.78
CA VAL B 79 -38.79 51.92 -17.46
C VAL B 79 -39.57 52.98 -16.68
N SER B 80 -40.11 52.59 -15.55
CA SER B 80 -40.87 53.53 -14.71
C SER B 80 -39.96 54.24 -13.72
N VAL B 81 -40.23 55.52 -13.50
CA VAL B 81 -39.52 56.27 -12.46
C VAL B 81 -40.47 56.52 -11.29
N VAL B 82 -40.08 56.01 -10.12
CA VAL B 82 -40.96 56.06 -8.95
C VAL B 82 -40.42 56.99 -7.87
N ASP B 83 -41.28 57.86 -7.35
CA ASP B 83 -40.95 58.67 -6.20
C ASP B 83 -41.11 57.81 -4.95
N ILE B 84 -40.02 57.63 -4.21
CA ILE B 84 -40.01 56.70 -3.09
C ILE B 84 -40.81 57.22 -1.90
N GLN B 85 -40.69 58.53 -1.65
CA GLN B 85 -41.40 59.14 -0.53
C GLN B 85 -42.88 59.35 -0.84
N ARG B 86 -43.18 59.72 -2.09
CA ARG B 86 -44.56 59.94 -2.50
C ARG B 86 -45.27 58.62 -2.81
N LYS B 87 -44.51 57.57 -3.03
CA LYS B 87 -45.03 56.25 -3.39
C LYS B 87 -45.87 56.32 -4.67
N GLN B 88 -45.33 56.99 -5.68
CA GLN B 88 -46.06 57.22 -6.93
C GLN B 88 -45.10 57.24 -8.13
N GLU B 89 -45.54 56.70 -9.26
CA GLU B 89 -44.73 56.73 -10.47
C GLU B 89 -44.85 58.09 -11.16
N ILE B 90 -43.74 58.80 -11.27
CA ILE B 90 -43.76 60.13 -11.88
C ILE B 90 -43.45 60.20 -13.37
N LYS B 91 -42.92 59.12 -13.95
CA LYS B 91 -42.65 59.11 -15.39
C LYS B 91 -42.50 57.70 -15.96
N GLU B 92 -42.66 57.58 -17.27
CA GLU B 92 -42.35 56.35 -18.00
C GLU B 92 -41.44 56.65 -19.20
N ILE B 93 -40.22 56.13 -19.16
CA ILE B 93 -39.28 56.28 -20.26
C ILE B 93 -39.31 55.02 -21.12
N LYS B 94 -39.26 55.18 -22.44
CA LYS B 94 -39.34 54.02 -23.31
C LYS B 94 -37.97 53.57 -23.82
N VAL B 95 -37.73 52.26 -23.72
CA VAL B 95 -36.44 51.66 -24.00
C VAL B 95 -36.58 50.53 -25.02
N GLY B 96 -35.49 49.79 -25.24
CA GLY B 96 -35.51 48.67 -26.17
C GLY B 96 -36.28 47.49 -25.60
N ASP B 97 -36.15 46.33 -26.22
CA ASP B 97 -37.02 45.20 -25.88
C ASP B 97 -36.66 44.52 -24.58
N TRP B 98 -37.68 44.33 -23.75
CA TRP B 98 -37.58 43.60 -22.48
C TRP B 98 -36.43 44.07 -21.62
N PRO B 99 -36.56 45.26 -21.00
CA PRO B 99 -35.45 45.46 -20.06
C PRO B 99 -35.50 44.42 -18.94
N SER B 100 -34.41 43.69 -18.76
CA SER B 100 -34.34 42.71 -17.69
C SER B 100 -33.56 43.19 -16.46
N GLY B 101 -32.97 44.37 -16.57
CA GLY B 101 -32.16 44.89 -15.49
C GLY B 101 -31.73 46.33 -15.66
N ILE B 102 -31.46 46.99 -14.55
CA ILE B 102 -31.13 48.40 -14.54
C ILE B 102 -30.20 48.73 -13.37
N LYS B 103 -29.26 49.65 -13.57
CA LYS B 103 -28.39 50.07 -12.47
C LYS B 103 -27.98 51.53 -12.55
N ILE B 104 -27.90 52.18 -11.40
CA ILE B 104 -27.57 53.61 -11.34
C ILE B 104 -26.06 53.83 -11.17
N SER B 105 -25.53 54.81 -11.87
CA SER B 105 -24.12 55.17 -11.76
C SER B 105 -23.78 55.63 -10.35
N PRO B 106 -22.50 55.49 -9.93
CA PRO B 106 -22.06 55.91 -8.60
C PRO B 106 -22.40 57.37 -8.28
N ASP B 107 -22.27 58.25 -9.27
CA ASP B 107 -22.61 59.66 -9.07
C ASP B 107 -24.12 59.87 -9.10
N GLY B 108 -24.85 58.83 -9.51
CA GLY B 108 -26.30 58.88 -9.55
C GLY B 108 -26.85 59.71 -10.69
N LYS B 109 -25.97 60.08 -11.62
CA LYS B 109 -26.36 60.92 -12.74
C LYS B 109 -26.82 60.14 -13.96
N THR B 110 -26.63 58.82 -13.93
CA THR B 110 -26.94 58.00 -15.09
C THR B 110 -27.46 56.61 -14.70
N ALA B 111 -28.44 56.13 -15.45
CA ALA B 111 -28.98 54.78 -15.27
C ALA B 111 -28.75 53.96 -16.53
N TYR B 112 -28.34 52.72 -16.35
CA TYR B 112 -28.07 51.84 -17.49
C TYR B 112 -29.05 50.68 -17.50
N VAL B 113 -29.67 50.46 -18.66
CA VAL B 113 -30.74 49.48 -18.81
C VAL B 113 -30.40 48.41 -19.83
N ALA B 114 -30.35 47.15 -19.41
CA ALA B 114 -30.03 46.07 -20.33
C ALA B 114 -31.27 45.57 -21.05
N CYS B 115 -31.28 45.65 -22.38
CA CYS B 115 -32.44 45.18 -23.13
C CYS B 115 -32.25 43.73 -23.58
N SER B 116 -33.05 42.83 -23.01
CA SER B 116 -32.79 41.39 -23.08
C SER B 116 -33.50 40.66 -24.23
N GLY B 117 -34.20 41.40 -25.09
CA GLY B 117 -34.88 40.80 -26.22
C GLY B 117 -33.94 39.90 -27.00
N CYS B 118 -34.44 38.73 -27.38
CA CYS B 118 -33.60 37.68 -27.98
C CYS B 118 -32.85 38.14 -29.23
N MET B 119 -33.51 38.95 -30.05
CA MET B 119 -32.86 39.54 -31.22
C MET B 119 -32.34 40.95 -30.92
N TRP B 120 -32.48 41.39 -29.68
CA TRP B 120 -32.06 42.74 -29.31
C TRP B 120 -30.69 42.80 -28.64
N ASN B 121 -29.77 43.57 -29.21
CA ASN B 121 -28.57 43.92 -28.45
C ASN B 121 -28.57 45.42 -28.15
N ALA B 122 -28.86 45.77 -26.91
CA ALA B 122 -28.75 47.16 -26.46
C ALA B 122 -28.55 47.31 -24.97
N ILE B 123 -27.79 48.34 -24.59
CA ILE B 123 -27.86 48.88 -23.24
C ILE B 123 -28.23 50.36 -23.36
N ASP B 124 -29.45 50.71 -22.93
CA ASP B 124 -29.92 52.08 -23.07
C ASP B 124 -29.49 52.93 -21.87
N VAL B 125 -28.93 54.10 -22.16
CA VAL B 125 -28.50 55.01 -21.10
C VAL B 125 -29.58 56.06 -20.84
N ILE B 126 -29.73 56.43 -19.58
CA ILE B 126 -30.76 57.37 -19.16
C ILE B 126 -30.21 58.42 -18.22
N ASP B 127 -30.34 59.70 -18.59
CA ASP B 127 -29.94 60.78 -17.70
C ASP B 127 -30.98 60.96 -16.60
N THR B 128 -30.52 61.14 -15.36
CA THR B 128 -31.44 61.23 -14.24
C THR B 128 -32.09 62.62 -14.14
N GLY B 129 -31.37 63.64 -14.61
CA GLY B 129 -31.90 65.00 -14.60
C GLY B 129 -32.97 65.19 -15.64
N ARG B 130 -32.69 64.75 -16.85
CA ARG B 130 -33.65 64.87 -17.93
C ARG B 130 -34.75 63.84 -17.72
N MET B 131 -34.40 62.77 -16.99
CA MET B 131 -35.29 61.63 -16.79
C MET B 131 -35.69 61.09 -18.16
N GLU B 132 -34.68 60.82 -19.00
CA GLU B 132 -34.91 60.53 -20.43
C GLU B 132 -33.77 59.68 -20.97
N LYS B 133 -34.05 58.99 -22.07
CA LYS B 133 -33.13 58.04 -22.65
C LYS B 133 -32.22 58.76 -23.63
N VAL B 134 -30.93 58.83 -23.27
CA VAL B 134 -29.99 59.58 -24.09
C VAL B 134 -29.62 58.83 -25.37
N ARG B 135 -28.93 57.70 -25.24
CA ARG B 135 -28.55 56.92 -26.40
C ARG B 135 -28.54 55.42 -26.11
N SER B 136 -28.04 54.63 -27.06
CA SER B 136 -27.94 53.18 -26.85
C SER B 136 -26.52 52.68 -27.12
N ILE B 137 -26.05 51.78 -26.27
CA ILE B 137 -24.74 51.15 -26.45
C ILE B 137 -24.95 49.73 -26.97
N TYR B 138 -24.46 49.47 -28.19
CA TYR B 138 -24.66 48.18 -28.84
C TYR B 138 -23.64 47.16 -28.37
N THR B 139 -24.13 46.02 -27.86
CA THR B 139 -23.25 44.97 -27.35
C THR B 139 -22.68 44.13 -28.49
N SER B 140 -21.85 43.16 -28.12
CA SER B 140 -21.20 42.30 -29.11
C SER B 140 -22.14 41.22 -29.65
N ASP B 141 -23.12 40.83 -28.84
CA ASP B 141 -24.09 39.84 -29.27
C ASP B 141 -25.45 40.10 -28.62
N TYR B 142 -26.43 39.27 -28.97
CA TYR B 142 -27.81 39.49 -28.55
C TYR B 142 -28.11 39.11 -27.10
N GLY B 143 -29.17 39.72 -26.57
CA GLY B 143 -29.70 39.37 -25.26
C GLY B 143 -28.90 39.69 -24.01
N PRO B 144 -28.50 40.95 -23.82
CA PRO B 144 -27.91 41.22 -22.50
C PRO B 144 -28.96 41.00 -21.40
N ARG B 145 -28.62 40.18 -20.41
CA ARG B 145 -29.54 39.90 -19.31
C ARG B 145 -29.51 40.97 -18.23
N MET B 146 -28.31 41.37 -17.86
CA MET B 146 -28.08 42.26 -16.73
C MET B 146 -26.78 43.03 -16.94
N VAL B 147 -26.66 44.21 -16.34
CA VAL B 147 -25.38 44.90 -16.34
C VAL B 147 -24.85 45.00 -14.92
N GLU B 148 -23.64 45.51 -14.77
CA GLU B 148 -23.10 45.87 -13.45
C GLU B 148 -22.07 46.97 -13.60
N ILE B 149 -22.04 47.90 -12.65
CA ILE B 149 -21.06 48.99 -12.71
C ILE B 149 -19.97 48.81 -11.66
N SER B 150 -18.72 48.98 -12.10
CA SER B 150 -17.56 48.86 -11.22
C SER B 150 -17.57 49.95 -10.14
N PRO B 151 -16.93 49.68 -8.99
CA PRO B 151 -16.87 50.63 -7.87
C PRO B 151 -16.26 51.99 -8.26
N ASP B 152 -15.35 51.99 -9.21
CA ASP B 152 -14.76 53.25 -9.68
C ASP B 152 -15.65 53.90 -10.73
N GLY B 153 -16.64 53.15 -11.21
CA GLY B 153 -17.65 53.68 -12.11
C GLY B 153 -17.16 54.05 -13.49
N LYS B 154 -15.97 53.61 -13.86
CA LYS B 154 -15.45 53.86 -15.20
C LYS B 154 -15.67 52.70 -16.16
N THR B 155 -16.23 51.60 -15.66
CA THR B 155 -16.44 50.42 -16.50
C THR B 155 -17.79 49.75 -16.22
N LEU B 156 -18.37 49.18 -17.29
CA LEU B 156 -19.70 48.58 -17.22
C LEU B 156 -19.67 47.19 -17.85
N VAL B 157 -19.93 46.15 -17.06
CA VAL B 157 -19.94 44.80 -17.59
C VAL B 157 -21.37 44.37 -17.93
N ALA B 158 -21.53 43.63 -19.01
CA ALA B 158 -22.84 43.13 -19.40
C ALA B 158 -22.79 41.65 -19.78
N ILE B 159 -23.57 40.84 -19.07
CA ILE B 159 -23.69 39.44 -19.44
C ILE B 159 -24.59 39.31 -20.65
N LEU B 160 -24.06 38.69 -21.71
CA LEU B 160 -24.87 38.44 -22.89
C LEU B 160 -25.34 37.00 -22.86
N ASP B 161 -26.65 36.83 -22.67
CA ASP B 161 -27.23 35.52 -22.70
C ASP B 161 -27.85 35.39 -24.08
N THR B 162 -27.21 34.57 -24.91
CA THR B 162 -27.51 34.57 -26.32
C THR B 162 -28.13 33.26 -26.74
N VAL B 163 -29.38 33.33 -27.18
CA VAL B 163 -30.11 32.13 -27.58
C VAL B 163 -29.41 31.44 -28.73
N GLY B 164 -29.44 30.10 -28.71
CA GLY B 164 -28.81 29.31 -29.74
C GLY B 164 -27.30 29.35 -29.71
N SER B 165 -26.74 29.70 -28.55
CA SER B 165 -25.29 29.79 -28.42
C SER B 165 -24.74 28.95 -27.27
N ILE B 166 -23.73 28.14 -27.58
CA ILE B 166 -23.00 27.39 -26.58
C ILE B 166 -22.00 28.29 -25.87
N ASN B 167 -21.35 29.16 -26.64
CA ASN B 167 -20.39 30.08 -26.04
C ASN B 167 -21.05 31.43 -25.86
N ARG B 168 -21.30 31.76 -24.59
CA ARG B 168 -21.98 33.00 -24.25
C ARG B 168 -21.00 33.88 -23.49
N SER B 169 -21.04 35.18 -23.77
CA SER B 169 -19.95 36.04 -23.37
C SER B 169 -20.35 37.19 -22.44
N VAL B 170 -19.35 37.98 -22.07
CA VAL B 170 -19.53 39.16 -21.25
C VAL B 170 -18.81 40.34 -21.92
N ASP B 171 -19.52 41.44 -22.07
CA ASP B 171 -18.96 42.65 -22.68
C ASP B 171 -18.45 43.63 -21.64
N PHE B 172 -17.30 44.22 -21.93
CA PHE B 172 -16.73 45.28 -21.09
C PHE B 172 -16.88 46.62 -21.79
N ILE B 173 -17.51 47.56 -21.11
CA ILE B 173 -17.79 48.88 -21.67
C ILE B 173 -17.03 49.96 -20.93
N ASP B 174 -16.48 50.92 -21.67
CA ASP B 174 -15.87 52.09 -21.05
C ASP B 174 -16.91 53.18 -20.97
N ILE B 175 -17.30 53.52 -19.73
CA ILE B 175 -18.43 54.42 -19.50
C ILE B 175 -18.21 55.81 -20.11
N ALA B 176 -17.03 56.37 -19.90
CA ALA B 176 -16.71 57.67 -20.48
C ALA B 176 -16.72 57.59 -22.00
N SER B 177 -16.23 56.48 -22.54
CA SER B 177 -16.21 56.26 -23.99
C SER B 177 -17.56 55.83 -24.53
N GLY B 178 -18.22 54.91 -23.82
CA GLY B 178 -19.52 54.40 -24.23
C GLY B 178 -19.46 53.37 -25.34
N ARG B 179 -18.36 52.64 -25.42
CA ARG B 179 -18.17 51.62 -26.45
C ARG B 179 -17.57 50.34 -25.88
N VAL B 180 -17.59 49.26 -26.68
CA VAL B 180 -17.04 47.99 -26.22
C VAL B 180 -15.51 47.96 -26.35
N VAL B 181 -14.82 47.83 -25.22
CA VAL B 181 -13.38 47.62 -25.22
C VAL B 181 -12.98 46.16 -25.44
N GLU B 182 -13.69 45.23 -24.80
CA GLU B 182 -13.33 43.81 -24.85
C GLU B 182 -14.54 42.90 -24.66
N ASN B 183 -14.47 41.70 -25.24
CA ASN B 183 -15.50 40.69 -25.07
C ASN B 183 -14.90 39.36 -24.63
N ARG B 184 -15.32 38.86 -23.47
CA ARG B 184 -14.76 37.62 -22.95
C ARG B 184 -15.78 36.49 -22.92
N VAL B 185 -15.45 35.40 -23.60
CA VAL B 185 -16.38 34.28 -23.76
C VAL B 185 -16.27 33.27 -22.62
N ILE B 186 -17.41 32.91 -22.03
CA ILE B 186 -17.47 31.79 -21.11
C ILE B 186 -17.83 30.56 -21.92
N HIS B 187 -16.89 29.63 -22.04
CA HIS B 187 -17.08 28.48 -22.91
C HIS B 187 -18.02 27.46 -22.30
N GLU B 188 -18.88 26.89 -23.15
CA GLU B 188 -19.87 25.89 -22.74
C GLU B 188 -20.77 26.41 -21.63
N SER B 189 -21.39 27.56 -21.86
CA SER B 189 -22.30 28.15 -20.89
C SER B 189 -23.68 28.42 -21.47
N SER B 190 -24.68 28.46 -20.60
CA SER B 190 -26.03 28.83 -21.00
C SER B 190 -26.76 29.45 -19.82
N ASN B 191 -27.82 30.20 -20.09
CA ASN B 191 -28.65 30.79 -19.04
C ASN B 191 -27.89 31.67 -18.05
N LEU B 192 -27.21 32.71 -18.53
CA LEU B 192 -26.50 33.56 -17.58
C LEU B 192 -27.53 34.47 -16.94
N ARG B 193 -27.75 34.30 -15.64
CA ARG B 193 -28.77 35.07 -14.95
C ARG B 193 -28.34 36.33 -14.18
N ASP B 194 -27.05 36.48 -13.93
CA ASP B 194 -26.58 37.64 -13.15
C ASP B 194 -25.09 37.92 -13.31
N VAL B 195 -24.67 39.13 -12.97
CA VAL B 195 -23.25 39.45 -12.86
C VAL B 195 -23.01 40.42 -11.69
N VAL B 196 -22.02 40.12 -10.84
CA VAL B 196 -21.68 41.04 -9.75
C VAL B 196 -20.19 41.37 -9.72
N TYR B 197 -19.86 42.52 -9.11
CA TYR B 197 -18.48 42.95 -8.96
C TYR B 197 -18.00 42.79 -7.52
N THR B 198 -16.72 42.48 -7.36
CA THR B 198 -16.11 42.46 -6.04
C THR B 198 -15.82 43.90 -5.61
N PRO B 199 -15.90 44.17 -4.29
CA PRO B 199 -15.71 45.51 -3.74
C PRO B 199 -14.41 46.20 -4.18
N ASP B 200 -13.37 45.43 -4.46
CA ASP B 200 -12.12 46.00 -4.95
C ASP B 200 -12.11 46.10 -6.47
N GLY B 201 -13.10 45.49 -7.11
CA GLY B 201 -13.27 45.60 -8.55
C GLY B 201 -12.29 44.78 -9.39
N LYS B 202 -11.63 43.81 -8.76
CA LYS B 202 -10.67 42.98 -9.48
C LYS B 202 -11.28 41.71 -10.06
N TYR B 203 -12.54 41.43 -9.72
CA TYR B 203 -13.20 40.21 -10.18
C TYR B 203 -14.69 40.42 -10.43
N ILE B 204 -15.26 39.59 -11.29
CA ILE B 204 -16.71 39.54 -11.44
C ILE B 204 -17.22 38.10 -11.33
N ALA B 205 -18.37 37.93 -10.70
CA ALA B 205 -19.00 36.62 -10.59
C ALA B 205 -20.21 36.54 -11.52
N VAL B 206 -20.33 35.41 -12.21
CA VAL B 206 -21.45 35.17 -13.13
C VAL B 206 -22.04 33.78 -12.93
N THR B 207 -23.32 33.72 -12.57
CA THR B 207 -24.01 32.44 -12.41
C THR B 207 -24.55 31.94 -13.74
N HIS B 208 -24.35 30.64 -14.00
CA HIS B 208 -24.83 30.05 -15.25
C HIS B 208 -24.87 28.52 -15.18
N GLN B 209 -25.21 27.92 -16.31
CA GLN B 209 -25.22 26.46 -16.42
C GLN B 209 -24.29 25.97 -17.52
N THR B 210 -23.77 24.77 -17.35
CA THR B 210 -22.97 24.12 -18.38
C THR B 210 -23.70 22.91 -18.92
N PRO B 211 -24.22 23.03 -20.15
CA PRO B 211 -24.82 21.90 -20.86
C PRO B 211 -23.75 20.98 -21.43
N LYS B 212 -23.98 19.68 -21.50
CA LYS B 212 -23.21 18.93 -22.46
C LYS B 212 -24.20 18.66 -23.59
N ASN B 213 -24.04 19.41 -24.67
CA ASN B 213 -24.94 19.33 -25.82
C ASN B 213 -24.58 18.25 -26.81
N TRP B 214 -23.29 17.94 -26.89
CA TRP B 214 -22.76 17.03 -27.89
C TRP B 214 -22.86 15.58 -27.44
N LEU B 215 -23.48 15.37 -26.28
CA LEU B 215 -23.58 14.05 -25.71
C LEU B 215 -25.01 13.55 -25.75
N PRO B 216 -25.19 12.22 -25.84
CA PRO B 216 -26.52 11.61 -25.83
C PRO B 216 -27.23 11.91 -24.52
N VAL B 217 -28.56 12.00 -24.54
CA VAL B 217 -29.28 12.18 -23.30
C VAL B 217 -29.67 10.80 -22.81
N CYS B 218 -29.01 10.37 -21.73
CA CYS B 218 -29.09 8.99 -21.28
C CYS B 218 -29.43 8.89 -19.80
N GLU B 219 -28.53 9.39 -18.96
N GLU B 219 -28.53 9.38 -18.96
CA GLU B 219 -28.74 9.37 -17.52
CA GLU B 219 -28.78 9.36 -17.52
C GLU B 219 -28.78 10.78 -16.95
C GLU B 219 -28.77 10.78 -16.94
N ALA B 220 -29.11 10.89 -15.66
CA ALA B 220 -29.02 12.16 -14.96
C ALA B 220 -27.78 12.29 -14.08
N GLU B 221 -27.01 11.22 -13.98
CA GLU B 221 -25.91 11.17 -13.00
C GLU B 221 -24.66 11.89 -13.46
N ASN B 222 -23.88 12.38 -12.50
CA ASN B 222 -22.62 13.05 -12.75
C ASN B 222 -22.77 14.22 -13.73
N GLY B 223 -23.92 14.89 -13.68
CA GLY B 223 -24.20 16.03 -14.53
C GLY B 223 -23.98 15.77 -16.01
N GLN B 224 -24.53 14.65 -16.50
CA GLN B 224 -24.34 14.27 -17.89
C GLN B 224 -25.01 15.24 -18.85
N VAL B 225 -26.11 15.85 -18.42
CA VAL B 225 -26.85 16.79 -19.25
C VAL B 225 -26.50 18.22 -18.86
N PHE B 226 -26.86 18.59 -17.63
CA PHE B 226 -26.54 19.91 -17.11
C PHE B 226 -25.72 19.85 -15.83
N THR B 227 -24.74 20.74 -15.72
CA THR B 227 -24.11 21.04 -14.45
C THR B 227 -24.36 22.51 -14.15
N ASN B 228 -24.30 22.89 -12.88
CA ASN B 228 -24.55 24.28 -12.52
C ASN B 228 -23.31 24.95 -11.98
N ASN B 229 -22.99 26.12 -12.53
CA ASN B 229 -21.68 26.72 -12.28
C ASN B 229 -21.70 28.21 -11.99
N VAL B 230 -20.69 28.66 -11.24
CA VAL B 230 -20.42 30.08 -11.05
C VAL B 230 -19.03 30.37 -11.60
N THR B 231 -18.91 31.44 -12.37
CA THR B 231 -17.64 31.77 -13.02
C THR B 231 -17.07 33.08 -12.50
N ILE B 232 -15.80 33.03 -12.08
CA ILE B 232 -15.09 34.21 -11.63
C ILE B 232 -14.12 34.69 -12.70
N ILE B 233 -14.32 35.92 -13.16
CA ILE B 233 -13.47 36.51 -14.18
C ILE B 233 -12.60 37.64 -13.60
N GLU B 234 -11.30 37.57 -13.84
CA GLU B 234 -10.38 38.59 -13.37
C GLU B 234 -10.42 39.79 -14.31
N THR B 235 -10.75 40.95 -13.75
CA THR B 235 -11.03 42.14 -14.55
C THR B 235 -9.78 42.76 -15.17
N LYS B 236 -8.61 42.29 -14.78
CA LYS B 236 -7.36 42.79 -15.35
C LYS B 236 -7.24 42.31 -16.80
N ALA B 237 -6.43 43.00 -17.60
CA ALA B 237 -6.24 42.61 -19.00
C ALA B 237 -5.57 41.24 -19.10
N GLY B 238 -6.19 40.35 -19.85
CA GLY B 238 -5.69 38.99 -20.00
C GLY B 238 -5.96 38.14 -18.78
N GLY B 239 -6.88 38.58 -17.94
CA GLY B 239 -7.20 37.88 -16.70
C GLY B 239 -7.82 36.52 -16.92
N LYS B 240 -7.78 35.68 -15.89
CA LYS B 240 -8.31 34.33 -15.98
C LYS B 240 -9.83 34.30 -16.02
N VAL B 241 -10.37 33.32 -16.72
CA VAL B 241 -11.80 33.03 -16.65
C VAL B 241 -11.97 31.67 -15.97
N ALA B 242 -12.49 31.67 -14.75
CA ALA B 242 -12.54 30.45 -13.96
C ALA B 242 -13.96 29.93 -13.81
N ARG B 243 -14.25 28.82 -14.46
CA ARG B 243 -15.56 28.18 -14.34
C ARG B 243 -15.53 27.18 -13.19
N LEU B 244 -16.35 27.43 -12.17
CA LEU B 244 -16.32 26.61 -10.97
C LEU B 244 -17.68 25.96 -10.71
N PRO B 245 -17.66 24.72 -10.18
CA PRO B 245 -18.88 23.95 -9.92
C PRO B 245 -19.68 24.48 -8.74
N LEU B 246 -21.01 24.47 -8.85
CA LEU B 246 -21.88 24.65 -7.69
C LEU B 246 -22.44 23.35 -7.11
N ASP B 247 -22.12 22.22 -7.73
CA ASP B 247 -22.81 20.97 -7.43
C ASP B 247 -22.00 19.95 -6.63
N ASP B 248 -22.70 19.19 -5.79
CA ASP B 248 -22.14 17.97 -5.23
C ASP B 248 -22.32 16.86 -6.24
N LEU B 249 -21.84 15.66 -5.92
CA LEU B 249 -22.02 14.54 -6.83
C LEU B 249 -23.49 14.18 -6.94
N ASN B 250 -24.13 13.93 -5.81
CA ASN B 250 -25.56 13.62 -5.76
C ASN B 250 -26.47 14.80 -5.43
N ASN B 251 -25.89 15.99 -5.25
CA ASN B 251 -26.68 17.19 -4.94
C ASN B 251 -26.31 18.37 -5.83
N TYR B 252 -27.28 18.85 -6.61
CA TYR B 252 -27.03 19.91 -7.59
C TYR B 252 -27.82 21.16 -7.25
N ASP B 253 -27.34 22.33 -7.66
CA ASP B 253 -28.11 23.54 -7.46
C ASP B 253 -28.78 23.91 -8.78
N GLY B 254 -30.08 23.66 -8.89
CA GLY B 254 -30.78 23.89 -10.13
C GLY B 254 -30.94 25.34 -10.49
N ASN B 255 -30.49 25.72 -11.68
CA ASN B 255 -30.73 27.07 -12.21
C ASN B 255 -30.35 28.19 -11.23
N PRO B 256 -29.05 28.43 -11.02
CA PRO B 256 -28.65 29.55 -10.17
C PRO B 256 -29.02 30.88 -10.82
N TYR B 257 -29.59 31.82 -10.06
CA TYR B 257 -30.07 33.06 -10.67
C TYR B 257 -29.45 34.33 -10.11
N GLY B 258 -29.91 34.73 -8.93
CA GLY B 258 -29.55 36.01 -8.37
C GLY B 258 -28.29 35.95 -7.53
N MET B 259 -27.58 37.08 -7.48
CA MET B 259 -26.36 37.14 -6.69
C MET B 259 -26.26 38.39 -5.84
N ALA B 260 -25.71 38.22 -4.65
CA ALA B 260 -25.45 39.32 -3.74
C ALA B 260 -24.01 39.22 -3.22
N MET B 261 -23.25 40.29 -3.40
CA MET B 261 -21.85 40.33 -2.99
C MET B 261 -21.70 41.01 -1.62
N ASP B 262 -20.99 40.35 -0.71
CA ASP B 262 -20.70 40.92 0.60
C ASP B 262 -19.94 42.23 0.43
N PRO B 263 -20.33 43.26 1.21
CA PRO B 263 -19.72 44.59 1.11
C PRO B 263 -18.20 44.58 1.24
N LYS B 264 -17.66 43.68 2.07
CA LYS B 264 -16.22 43.56 2.22
C LYS B 264 -15.65 42.46 1.33
N GLY B 265 -16.50 41.81 0.56
CA GLY B 265 -16.08 40.78 -0.37
C GLY B 265 -15.76 39.45 0.30
N LYS B 266 -16.35 39.23 1.47
CA LYS B 266 -16.09 38.00 2.23
C LYS B 266 -16.88 36.81 1.70
N TYR B 267 -18.15 37.04 1.35
CA TYR B 267 -19.02 35.95 0.94
C TYR B 267 -19.75 36.23 -0.37
N LEU B 268 -20.16 35.17 -1.06
CA LEU B 268 -21.02 35.31 -2.23
C LEU B 268 -22.35 34.61 -1.98
N TYR B 269 -23.44 35.28 -2.34
CA TYR B 269 -24.78 34.74 -2.11
C TYR B 269 -25.47 34.46 -3.43
N ILE B 270 -25.95 33.23 -3.60
CA ILE B 270 -26.56 32.81 -4.86
C ILE B 270 -27.97 32.24 -4.68
N GLY B 271 -28.95 32.92 -5.24
CA GLY B 271 -30.29 32.39 -5.29
C GLY B 271 -30.33 31.18 -6.21
N VAL B 272 -30.78 30.05 -5.68
CA VAL B 272 -30.95 28.84 -6.47
C VAL B 272 -32.44 28.59 -6.61
N ARG B 273 -32.93 28.82 -7.83
CA ARG B 273 -34.35 28.91 -8.14
C ARG B 273 -35.00 27.55 -8.26
N GLY B 274 -34.30 26.63 -8.92
CA GLY B 274 -34.81 25.29 -9.12
C GLY B 274 -34.83 24.49 -7.82
N MET B 275 -33.79 24.65 -7.02
CA MET B 275 -33.66 23.92 -5.77
C MET B 275 -34.17 24.71 -4.57
N HIS B 276 -34.70 25.91 -4.81
CA HIS B 276 -35.33 26.71 -3.78
C HIS B 276 -34.44 26.96 -2.56
N ARG B 277 -33.21 27.42 -2.77
CA ARG B 277 -32.31 27.62 -1.64
C ARG B 277 -31.24 28.65 -1.93
N VAL B 278 -30.65 29.22 -0.88
CA VAL B 278 -29.58 30.20 -1.07
C VAL B 278 -28.22 29.58 -0.78
N THR B 279 -27.37 29.55 -1.79
CA THR B 279 -26.03 29.00 -1.65
C THR B 279 -25.04 30.10 -1.28
N ILE B 280 -24.41 29.96 -0.12
CA ILE B 280 -23.44 30.92 0.38
C ILE B 280 -22.02 30.35 0.30
N LEU B 281 -21.15 31.09 -0.38
CA LEU B 281 -19.78 30.65 -0.61
C LEU B 281 -18.76 31.59 0.04
N ASP B 282 -17.59 31.04 0.36
CA ASP B 282 -16.50 31.82 0.94
C ASP B 282 -15.63 32.36 -0.18
N MET B 283 -15.61 33.67 -0.33
CA MET B 283 -15.00 34.31 -1.50
C MET B 283 -13.47 34.37 -1.44
N ASP B 284 -12.91 34.29 -0.24
CA ASP B 284 -11.45 34.29 -0.11
C ASP B 284 -10.86 32.91 -0.39
N LYS B 285 -11.66 31.87 -0.19
CA LYS B 285 -11.27 30.53 -0.57
C LYS B 285 -11.44 30.36 -2.08
N VAL B 286 -12.49 30.95 -2.63
CA VAL B 286 -12.72 30.92 -4.07
C VAL B 286 -11.64 31.68 -4.82
N LEU B 287 -11.46 32.94 -4.46
CA LEU B 287 -10.45 33.79 -5.08
C LEU B 287 -9.05 33.27 -4.78
N GLY B 288 -8.88 32.68 -3.59
CA GLY B 288 -7.64 32.02 -3.26
C GLY B 288 -7.36 30.88 -4.21
N LEU B 289 -8.42 30.14 -4.55
CA LEU B 289 -8.31 29.04 -5.51
C LEU B 289 -7.98 29.56 -6.91
N VAL B 290 -8.57 30.71 -7.26
CA VAL B 290 -8.35 31.30 -8.58
C VAL B 290 -6.91 31.78 -8.73
N ARG B 291 -6.38 32.46 -7.71
CA ARG B 291 -5.04 33.02 -7.78
C ARG B 291 -3.97 31.93 -7.78
N SER B 292 -4.23 30.82 -7.09
CA SER B 292 -3.21 29.79 -6.92
C SER B 292 -3.29 28.67 -7.97
N SER B 293 -4.21 28.82 -8.93
CA SER B 293 -4.36 27.81 -9.97
C SER B 293 -4.16 28.40 -11.36
N THR B 294 -3.60 27.60 -12.26
CA THR B 294 -3.46 28.02 -13.65
C THR B 294 -4.81 27.87 -14.36
N GLN B 295 -4.87 28.23 -15.63
CA GLN B 295 -6.11 28.14 -16.39
C GLN B 295 -6.46 26.68 -16.66
N GLU B 296 -5.43 25.89 -16.95
CA GLU B 296 -5.60 24.46 -17.20
C GLU B 296 -6.18 23.75 -15.98
N GLU B 297 -5.57 24.00 -14.82
CA GLU B 297 -5.99 23.37 -13.58
C GLU B 297 -7.42 23.74 -13.22
N LEU B 298 -7.78 25.00 -13.44
CA LEU B 298 -9.14 25.46 -13.18
C LEU B 298 -10.13 24.80 -14.13
N ASP B 299 -9.74 24.70 -15.40
CA ASP B 299 -10.58 24.06 -16.41
C ASP B 299 -10.81 22.59 -16.07
N TYR B 300 -9.81 21.95 -15.50
CA TYR B 300 -9.96 20.57 -15.04
C TYR B 300 -10.82 20.51 -13.78
N LEU B 301 -10.71 21.55 -12.95
CA LEU B 301 -11.40 21.59 -11.67
C LEU B 301 -12.88 21.94 -11.81
N ARG B 302 -13.26 22.43 -12.98
CA ARG B 302 -14.65 22.76 -13.25
C ARG B 302 -15.56 21.54 -13.10
N ASP B 303 -15.05 20.38 -13.48
CA ASP B 303 -15.81 19.14 -13.44
C ASP B 303 -15.59 18.35 -12.14
N ASP B 304 -14.83 18.92 -11.22
CA ASP B 304 -14.63 18.25 -9.93
C ASP B 304 -15.90 18.42 -9.13
N LEU B 305 -16.51 17.30 -8.75
CA LEU B 305 -17.83 17.34 -8.11
C LEU B 305 -17.71 17.30 -6.59
N GLY B 306 -16.48 17.23 -6.10
CA GLY B 306 -16.22 17.35 -4.67
C GLY B 306 -15.60 18.67 -4.28
N LEU B 307 -15.35 19.53 -5.26
CA LEU B 307 -14.57 20.75 -5.04
C LEU B 307 -15.32 21.80 -4.23
N VAL B 308 -16.64 21.91 -4.47
CA VAL B 308 -17.47 22.90 -3.79
C VAL B 308 -17.28 22.92 -2.28
N ARG B 309 -17.19 21.72 -1.69
CA ARG B 309 -17.08 21.56 -0.25
C ARG B 309 -15.88 22.30 0.34
N ASP B 310 -14.92 22.62 -0.51
CA ASP B 310 -13.80 23.43 -0.06
C ASP B 310 -14.25 24.85 0.25
N TYR B 311 -14.91 25.50 -0.72
CA TYR B 311 -15.36 26.88 -0.51
C TYR B 311 -16.83 27.04 -0.10
N LEU B 312 -17.57 25.95 0.11
CA LEU B 312 -19.00 26.11 0.38
C LEU B 312 -19.25 26.42 1.85
N VAL B 313 -19.77 27.61 2.13
CA VAL B 313 -20.17 27.97 3.48
C VAL B 313 -21.47 27.32 3.90
N ALA B 314 -22.53 27.51 3.11
CA ALA B 314 -23.83 26.98 3.49
C ALA B 314 -24.81 26.85 2.32
N ARG B 315 -25.85 26.04 2.52
CA ARG B 315 -27.03 26.09 1.66
C ARG B 315 -28.27 26.24 2.53
N VAL B 316 -28.94 27.38 2.42
CA VAL B 316 -30.01 27.76 3.32
C VAL B 316 -31.40 27.59 2.70
N PRO B 317 -32.30 26.87 3.38
CA PRO B 317 -33.69 26.68 2.96
C PRO B 317 -34.41 28.00 2.67
N THR B 318 -35.18 28.02 1.59
CA THR B 318 -35.87 29.23 1.16
C THR B 318 -37.30 28.87 0.74
N GLY B 319 -38.07 29.87 0.33
CA GLY B 319 -39.37 29.62 -0.28
C GLY B 319 -39.18 29.12 -1.70
N LEU B 320 -40.29 28.93 -2.41
CA LEU B 320 -40.21 28.38 -3.76
C LEU B 320 -39.87 29.46 -4.78
N GLY B 321 -38.89 29.15 -5.63
CA GLY B 321 -38.42 30.07 -6.65
C GLY B 321 -37.70 31.35 -6.22
N PRO B 322 -36.60 31.22 -5.46
CA PRO B 322 -35.83 32.41 -5.06
C PRO B 322 -35.03 32.98 -6.21
N SER B 323 -35.69 33.73 -7.09
CA SER B 323 -35.08 34.25 -8.31
C SER B 323 -34.09 35.39 -8.08
N SER B 324 -34.16 36.04 -6.92
CA SER B 324 -33.30 37.18 -6.65
C SER B 324 -32.93 37.31 -5.17
N VAL B 325 -31.73 37.84 -4.93
CA VAL B 325 -31.25 38.07 -3.56
C VAL B 325 -30.61 39.44 -3.42
N CYS B 326 -30.61 39.97 -2.20
CA CYS B 326 -29.93 41.24 -1.93
C CYS B 326 -29.42 41.29 -0.49
N LEU B 327 -28.47 42.20 -0.24
CA LEU B 327 -27.86 42.31 1.08
C LEU B 327 -28.08 43.67 1.72
N SER B 328 -28.07 43.70 3.04
CA SER B 328 -28.04 44.95 3.79
C SER B 328 -26.63 45.52 3.69
N PRO B 329 -26.50 46.86 3.76
CA PRO B 329 -25.20 47.51 3.62
C PRO B 329 -24.16 47.04 4.64
N ASP B 330 -24.60 46.54 5.79
CA ASP B 330 -23.69 46.00 6.78
C ASP B 330 -23.36 44.53 6.51
N GLY B 331 -24.13 43.92 5.62
CA GLY B 331 -23.88 42.56 5.19
C GLY B 331 -24.27 41.47 6.18
N LYS B 332 -25.01 41.84 7.21
CA LYS B 332 -25.41 40.88 8.24
C LYS B 332 -26.75 40.21 7.93
N PHE B 333 -27.42 40.67 6.88
CA PHE B 333 -28.71 40.08 6.49
C PHE B 333 -28.85 39.93 4.98
N CYS B 334 -29.38 38.79 4.56
CA CYS B 334 -29.60 38.50 3.15
C CYS B 334 -31.07 38.19 2.88
N TYR B 335 -31.66 38.90 1.92
CA TYR B 335 -33.07 38.71 1.60
C TYR B 335 -33.23 38.01 0.26
N ALA B 336 -34.13 37.03 0.21
CA ALA B 336 -34.37 36.26 -1.01
C ALA B 336 -35.84 36.33 -1.43
N ALA B 337 -36.08 36.76 -2.66
CA ALA B 337 -37.43 36.91 -3.18
C ALA B 337 -37.96 35.63 -3.82
N ASN B 338 -39.05 35.13 -3.28
CA ASN B 338 -39.68 33.88 -3.72
C ASN B 338 -40.99 34.11 -4.46
N TYR B 339 -40.95 33.77 -5.75
CA TYR B 339 -42.04 33.99 -6.70
C TYR B 339 -43.29 33.17 -6.41
N PHE B 340 -43.13 31.85 -6.32
CA PHE B 340 -44.28 30.96 -6.15
C PHE B 340 -44.88 31.07 -4.76
N SER B 341 -44.03 31.20 -3.75
CA SER B 341 -44.49 31.33 -2.38
C SER B 341 -44.94 32.76 -2.08
N ASN B 342 -44.68 33.66 -3.03
CA ASN B 342 -45.06 35.06 -2.91
C ASN B 342 -44.54 35.71 -1.63
N ASN B 343 -43.26 35.51 -1.33
CA ASN B 343 -42.74 36.06 -0.07
C ASN B 343 -41.23 36.31 -0.09
N VAL B 344 -40.68 36.76 1.03
CA VAL B 344 -39.25 37.03 1.11
C VAL B 344 -38.64 36.34 2.33
N THR B 345 -37.58 35.57 2.08
CA THR B 345 -36.87 34.89 3.16
C THR B 345 -35.75 35.76 3.71
N VAL B 346 -35.74 35.93 5.01
CA VAL B 346 -34.73 36.73 5.70
C VAL B 346 -33.68 35.82 6.35
N ILE B 347 -32.43 36.02 5.97
CA ILE B 347 -31.34 35.17 6.43
C ILE B 347 -30.30 35.94 7.22
N ARG B 348 -29.94 35.42 8.40
CA ARG B 348 -28.84 35.98 9.17
C ARG B 348 -27.52 35.37 8.68
N THR B 349 -26.62 36.21 8.19
CA THR B 349 -25.40 35.72 7.57
C THR B 349 -24.33 35.39 8.61
N ALA B 350 -23.17 34.94 8.13
CA ALA B 350 -22.06 34.57 9.00
C ALA B 350 -21.40 35.81 9.61
N VAL B 351 -21.60 36.96 8.96
CA VAL B 351 -21.03 38.22 9.41
C VAL B 351 -21.58 38.61 10.78
N ASP B 352 -20.69 38.98 11.69
CA ASP B 352 -21.07 39.38 13.04
C ASP B 352 -20.31 40.62 13.49
N GLY C 1 -20.99 33.62 12.74
CA GLY C 1 -21.74 32.44 13.11
C GLY C 1 -22.20 31.65 11.91
N GLN C 2 -23.15 30.74 12.13
CA GLN C 2 -23.68 29.92 11.05
C GLN C 2 -24.94 30.55 10.45
N PRO C 3 -24.97 30.70 9.12
CA PRO C 3 -26.11 31.27 8.40
C PRO C 3 -27.41 30.51 8.64
N ARG C 4 -28.49 31.23 8.95
CA ARG C 4 -29.76 30.61 9.28
C ARG C 4 -30.94 31.51 8.93
N VAL C 5 -32.13 30.91 8.86
CA VAL C 5 -33.35 31.66 8.58
C VAL C 5 -34.04 32.09 9.88
N ILE C 6 -34.03 33.39 10.13
CA ILE C 6 -34.72 33.93 11.30
C ILE C 6 -36.22 34.17 11.06
N SER C 7 -36.57 34.66 9.87
CA SER C 7 -37.96 35.03 9.59
C SER C 7 -38.31 35.03 8.11
N THR C 8 -39.60 35.02 7.82
CA THR C 8 -40.10 35.13 6.45
C THR C 8 -41.16 36.21 6.34
N ILE C 9 -40.95 37.16 5.44
CA ILE C 9 -41.91 38.23 5.21
C ILE C 9 -42.90 37.82 4.13
N GLN C 10 -44.18 37.70 4.49
CA GLN C 10 -45.17 37.33 3.50
C GLN C 10 -45.77 38.60 2.91
N THR C 11 -45.37 38.92 1.68
CA THR C 11 -45.84 40.12 1.01
C THR C 11 -47.19 39.91 0.34
N GLY C 12 -47.31 38.79 -0.37
CA GLY C 12 -48.55 38.45 -1.06
C GLY C 12 -49.28 37.33 -0.34
N ALA C 13 -50.24 36.73 -1.01
CA ALA C 13 -50.99 35.63 -0.44
C ALA C 13 -50.21 34.32 -0.49
N THR C 14 -50.51 33.42 0.43
CA THR C 14 -49.84 32.12 0.51
C THR C 14 -50.22 31.24 -0.67
N TRP C 15 -49.24 30.56 -1.24
CA TRP C 15 -49.47 29.64 -2.36
C TRP C 15 -48.65 28.37 -2.23
N GLU C 16 -49.31 27.22 -2.32
CA GLU C 16 -48.62 25.93 -2.28
C GLU C 16 -48.89 25.15 -3.56
N PRO C 17 -47.88 24.38 -4.01
CA PRO C 17 -48.01 23.60 -5.25
C PRO C 17 -48.80 22.31 -5.07
N LEU C 18 -48.96 21.55 -6.16
CA LEU C 18 -49.68 20.28 -6.12
C LEU C 18 -48.84 19.21 -5.44
N GLY C 19 -49.49 18.27 -4.77
CA GLY C 19 -48.80 17.21 -4.07
C GLY C 19 -48.22 16.16 -5.00
N ARG C 20 -47.59 15.15 -4.41
CA ARG C 20 -46.99 14.06 -5.16
C ARG C 20 -48.04 13.13 -5.76
N GLU C 21 -48.94 12.66 -4.89
CA GLU C 21 -49.98 11.71 -5.24
C GLU C 21 -49.40 10.44 -5.88
N GLU C 22 -50.04 9.96 -6.94
CA GLU C 22 -49.60 8.73 -7.60
C GLU C 22 -49.08 9.00 -9.01
N PRO C 23 -47.79 8.73 -9.23
CA PRO C 23 -47.12 8.89 -10.53
C PRO C 23 -47.73 8.00 -11.62
N LEU C 24 -47.84 8.54 -12.82
CA LEU C 24 -48.36 7.79 -13.96
C LEU C 24 -47.36 6.76 -14.46
N THR C 25 -47.88 5.65 -14.98
CA THR C 25 -47.04 4.72 -15.73
C THR C 25 -46.87 5.27 -17.14
N VAL C 26 -45.80 4.86 -17.83
CA VAL C 26 -45.60 5.26 -19.21
C VAL C 26 -46.76 4.84 -20.14
N PRO C 27 -47.29 3.60 -19.97
CA PRO C 27 -48.49 3.30 -20.75
C PRO C 27 -49.66 4.24 -20.46
N GLU C 28 -49.79 4.67 -19.20
CA GLU C 28 -50.83 5.62 -18.83
C GLU C 28 -50.59 6.97 -19.50
N VAL C 29 -49.34 7.34 -19.69
CA VAL C 29 -48.99 8.57 -20.37
C VAL C 29 -49.35 8.48 -21.85
N HIS C 30 -49.00 7.34 -22.46
CA HIS C 30 -49.36 7.09 -23.85
C HIS C 30 -50.88 6.94 -23.99
N PHE C 31 -51.53 6.62 -22.89
CA PHE C 31 -52.98 6.44 -22.88
C PHE C 31 -53.72 7.76 -23.08
N ARG C 32 -53.04 8.87 -22.84
CA ARG C 32 -53.68 10.15 -23.11
C ARG C 32 -53.30 10.55 -24.53
N VAL C 33 -54.24 10.34 -25.44
CA VAL C 33 -54.04 10.61 -26.85
C VAL C 33 -54.34 12.05 -27.21
N LYS C 34 -55.40 12.58 -26.60
CA LYS C 34 -55.86 13.93 -26.90
C LYS C 34 -55.89 14.78 -25.63
N HIS C 35 -55.91 16.10 -25.82
CA HIS C 35 -55.89 17.03 -24.70
C HIS C 35 -57.12 16.91 -23.81
N SER C 36 -56.94 17.24 -22.53
CA SER C 36 -58.05 17.36 -21.60
C SER C 36 -58.60 18.78 -21.69
N PRO C 37 -59.87 18.98 -21.33
CA PRO C 37 -60.46 20.32 -21.34
C PRO C 37 -59.65 21.33 -20.54
N PHE C 38 -59.39 22.49 -21.15
CA PHE C 38 -58.52 23.51 -20.56
C PHE C 38 -59.03 24.01 -19.22
N LYS C 39 -58.13 24.11 -18.26
CA LYS C 39 -58.46 24.68 -16.95
C LYS C 39 -57.45 25.76 -16.59
N SER C 40 -57.93 26.99 -16.45
CA SER C 40 -57.06 28.13 -16.20
C SER C 40 -56.71 28.28 -14.73
N GLU C 41 -57.28 27.41 -13.90
CA GLU C 41 -56.96 27.43 -12.48
C GLU C 41 -55.74 26.58 -12.16
N LEU C 42 -55.34 25.75 -13.13
CA LEU C 42 -54.18 24.87 -12.96
C LEU C 42 -52.89 25.42 -13.58
N VAL C 43 -52.97 26.60 -14.20
CA VAL C 43 -51.87 27.13 -15.00
C VAL C 43 -50.63 27.47 -14.16
N ARG C 44 -50.84 28.00 -12.96
CA ARG C 44 -49.72 28.42 -12.12
C ARG C 44 -48.97 27.20 -11.57
N TYR C 45 -49.72 26.18 -11.17
CA TYR C 45 -49.15 24.92 -10.74
C TYR C 45 -48.27 24.35 -11.85
N GLY C 46 -48.78 24.45 -13.08
CA GLY C 46 -48.05 24.03 -14.26
C GLY C 46 -46.77 24.82 -14.44
N GLN C 47 -46.84 26.12 -14.15
CA GLN C 47 -45.65 26.97 -14.23
C GLN C 47 -44.60 26.51 -13.21
N PHE C 48 -45.07 26.13 -12.02
CA PHE C 48 -44.17 25.64 -10.99
C PHE C 48 -43.50 24.34 -11.42
N GLN C 49 -44.29 23.38 -11.87
CA GLN C 49 -43.77 22.10 -12.35
C GLN C 49 -42.81 22.32 -13.51
N PHE C 50 -43.05 23.39 -14.27
CA PHE C 50 -42.20 23.77 -15.39
C PHE C 50 -40.84 24.29 -14.91
N ASN C 51 -40.86 25.11 -13.86
CA ASN C 51 -39.63 25.74 -13.38
C ASN C 51 -38.91 24.99 -12.25
N ASP C 52 -39.55 23.95 -11.70
CA ASP C 52 -39.00 23.24 -10.54
C ASP C 52 -37.91 22.24 -10.93
N ALA C 53 -36.77 22.31 -10.27
CA ALA C 53 -35.71 21.31 -10.45
C ALA C 53 -35.69 20.26 -9.32
N ALA C 54 -36.52 20.45 -8.31
CA ALA C 54 -36.47 19.59 -7.13
C ALA C 54 -37.13 18.23 -7.38
N TRP C 55 -38.04 18.20 -8.34
CA TRP C 55 -38.74 16.98 -8.70
C TRP C 55 -37.83 16.01 -9.44
N SER C 56 -36.77 16.54 -10.03
CA SER C 56 -35.86 15.72 -10.82
C SER C 56 -35.03 14.82 -9.90
N LEU C 57 -34.19 13.98 -10.49
CA LEU C 57 -33.45 12.99 -9.72
C LEU C 57 -32.60 13.65 -8.63
N GLN C 58 -31.49 14.26 -9.04
CA GLN C 58 -30.62 14.97 -8.11
C GLN C 58 -30.75 16.50 -8.12
N GLY C 59 -31.65 17.02 -8.95
CA GLY C 59 -31.86 18.46 -9.02
C GLY C 59 -30.97 19.17 -10.02
N SER C 60 -30.58 18.46 -11.07
CA SER C 60 -29.65 18.98 -12.07
C SER C 60 -30.25 20.14 -12.88
N TYR C 61 -31.46 19.96 -13.40
CA TYR C 61 -32.09 20.99 -14.23
C TYR C 61 -33.61 20.87 -14.26
N SER C 62 -34.25 21.77 -14.98
CA SER C 62 -35.70 21.77 -15.12
C SER C 62 -36.09 21.95 -16.58
N CYS C 63 -37.39 22.05 -16.84
CA CYS C 63 -37.87 22.33 -18.19
C CYS C 63 -37.31 23.67 -18.65
N ALA C 64 -37.33 24.63 -17.74
CA ALA C 64 -36.91 25.99 -18.02
C ALA C 64 -35.42 26.10 -18.35
N SER C 65 -34.67 25.04 -18.11
CA SER C 65 -33.26 25.05 -18.46
C SER C 65 -33.11 24.97 -19.99
N CYS C 66 -34.14 24.44 -20.64
CA CYS C 66 -34.16 24.26 -22.10
C CYS C 66 -35.07 25.28 -22.79
N HIS C 67 -36.35 25.27 -22.44
CA HIS C 67 -37.38 26.11 -23.03
C HIS C 67 -37.37 27.50 -22.42
N TYR C 68 -36.36 27.69 -21.58
CA TYR C 68 -36.09 28.89 -20.80
C TYR C 68 -37.25 29.22 -19.83
N GLU C 69 -37.33 30.42 -19.24
CA GLU C 69 -38.40 30.65 -18.25
C GLU C 69 -39.49 31.68 -18.63
N ARG C 70 -39.30 32.37 -19.75
CA ARG C 70 -40.31 33.25 -20.32
C ARG C 70 -41.15 32.35 -21.22
N GLY C 71 -40.81 31.07 -21.17
CA GLY C 71 -41.44 30.03 -21.96
C GLY C 71 -41.22 30.21 -23.44
N GLN C 72 -39.96 30.34 -23.87
CA GLN C 72 -39.68 30.45 -25.29
C GLN C 72 -38.75 29.35 -25.78
N THR C 73 -37.45 29.54 -25.56
CA THR C 73 -36.42 28.54 -25.84
C THR C 73 -35.03 29.12 -25.56
N THR C 74 -34.06 28.25 -25.30
CA THR C 74 -32.66 28.68 -25.16
C THR C 74 -31.86 28.52 -26.44
N GLY C 75 -32.43 27.85 -27.43
CA GLY C 75 -31.73 27.56 -28.68
C GLY C 75 -30.75 26.42 -28.56
N LEU C 76 -30.74 25.73 -27.42
CA LEU C 76 -29.84 24.61 -27.21
C LEU C 76 -30.24 23.40 -28.05
N ILE C 77 -29.26 22.78 -28.69
CA ILE C 77 -29.51 21.64 -29.57
C ILE C 77 -29.08 20.34 -28.90
N TRP C 78 -30.01 19.39 -28.80
CA TRP C 78 -29.79 18.17 -28.03
C TRP C 78 -29.91 16.92 -28.88
N ASP C 79 -29.32 15.82 -28.41
CA ASP C 79 -29.54 14.53 -29.04
C ASP C 79 -30.38 13.65 -28.11
N LEU C 80 -31.66 13.52 -28.45
CA LEU C 80 -32.61 12.68 -27.71
C LEU C 80 -32.58 11.23 -28.20
N GLY C 81 -32.96 10.30 -27.32
CA GLY C 81 -32.80 8.89 -27.60
C GLY C 81 -33.96 8.12 -28.21
N ASP C 82 -35.10 8.76 -28.45
CA ASP C 82 -36.20 8.08 -29.10
C ASP C 82 -36.20 8.23 -30.63
N GLU C 83 -35.44 9.19 -31.14
CA GLU C 83 -35.36 9.45 -32.57
C GLU C 83 -34.11 8.88 -33.25
N GLY C 84 -33.26 8.21 -32.47
CA GLY C 84 -32.00 7.73 -33.00
C GLY C 84 -30.83 8.62 -32.62
N TRP C 85 -29.67 8.01 -32.44
CA TRP C 85 -28.47 8.73 -32.03
C TRP C 85 -27.79 9.36 -33.25
N GLY C 86 -27.26 10.56 -33.08
CA GLY C 86 -26.64 11.29 -34.17
C GLY C 86 -27.68 12.13 -34.91
N SER C 87 -28.93 12.02 -34.47
CA SER C 87 -30.02 12.82 -35.01
C SER C 87 -30.33 13.97 -34.05
N TRP C 88 -30.01 15.19 -34.46
CA TRP C 88 -30.07 16.35 -33.56
C TRP C 88 -31.39 17.09 -33.63
N LYS C 89 -31.84 17.60 -32.48
CA LYS C 89 -33.05 18.41 -32.43
C LYS C 89 -32.89 19.72 -31.67
N ASN C 90 -33.11 20.81 -32.40
CA ASN C 90 -33.22 22.16 -31.87
C ASN C 90 -34.35 22.23 -30.82
N THR C 91 -34.11 22.95 -29.73
CA THR C 91 -35.10 23.05 -28.66
C THR C 91 -36.31 23.86 -29.12
N LYS C 92 -37.49 23.25 -29.00
CA LYS C 92 -38.72 23.83 -29.54
C LYS C 92 -39.11 25.14 -28.86
N TYR C 93 -39.57 26.09 -29.67
CA TYR C 93 -40.12 27.35 -29.18
C TYR C 93 -41.57 27.11 -28.76
N ILE C 94 -41.87 27.30 -27.48
CA ILE C 94 -43.14 26.85 -26.93
C ILE C 94 -44.24 27.92 -26.82
N ARG C 95 -43.99 29.13 -27.29
CA ARG C 95 -45.05 30.13 -27.34
C ARG C 95 -46.08 29.75 -28.41
N GLY C 96 -47.35 29.86 -28.07
CA GLY C 96 -48.43 29.53 -29.01
C GLY C 96 -48.38 28.09 -29.49
N GLY C 97 -48.23 27.16 -28.55
CA GLY C 97 -48.07 25.76 -28.89
C GLY C 97 -49.35 25.04 -29.25
N ARG C 98 -50.46 25.44 -28.64
CA ARG C 98 -51.73 24.73 -28.82
C ARG C 98 -52.35 24.97 -30.19
N TYR C 99 -51.94 26.05 -30.85
CA TYR C 99 -52.56 26.46 -32.11
C TYR C 99 -52.14 25.60 -33.30
N LEU C 100 -51.04 24.86 -33.15
CA LEU C 100 -50.53 24.08 -34.28
C LEU C 100 -50.08 22.67 -33.91
N PRO C 101 -51.04 21.75 -33.74
CA PRO C 101 -50.78 20.30 -33.67
C PRO C 101 -50.59 19.73 -35.08
N PRO C 102 -49.91 18.57 -35.21
CA PRO C 102 -49.29 17.80 -34.12
C PRO C 102 -47.97 18.42 -33.67
N PHE C 103 -47.36 17.82 -32.65
CA PHE C 103 -46.25 18.45 -31.95
C PHE C 103 -44.88 17.84 -32.28
N ARG C 104 -43.86 18.30 -31.56
CA ARG C 104 -42.46 18.08 -31.88
C ARG C 104 -42.07 18.60 -33.26
N HIS C 105 -41.23 17.85 -33.96
CA HIS C 105 -40.67 18.29 -35.23
C HIS C 105 -41.05 17.32 -36.35
N GLU C 106 -40.57 16.09 -36.24
CA GLU C 106 -40.88 15.04 -37.19
C GLU C 106 -42.40 14.86 -37.32
N GLY C 107 -42.88 14.74 -38.55
CA GLY C 107 -44.30 14.68 -38.80
C GLY C 107 -44.86 13.27 -38.91
N PHE C 108 -45.97 13.15 -39.64
CA PHE C 108 -46.66 11.87 -39.78
C PHE C 108 -45.85 10.84 -40.55
N THR C 109 -45.02 11.31 -41.48
CA THR C 109 -44.21 10.40 -42.28
C THR C 109 -43.24 9.62 -41.41
N GLY C 110 -43.30 8.29 -41.49
CA GLY C 110 -42.44 7.43 -40.70
C GLY C 110 -42.83 7.34 -39.24
N HIS C 111 -43.99 7.90 -38.88
CA HIS C 111 -44.42 7.89 -37.48
C HIS C 111 -45.88 7.46 -37.29
N PRO C 112 -46.14 6.15 -37.39
CA PRO C 112 -47.47 5.61 -37.06
C PRO C 112 -47.77 5.69 -35.58
N ASP C 113 -46.72 5.86 -34.78
CA ASP C 113 -46.85 5.90 -33.31
C ASP C 113 -47.54 7.17 -32.82
N GLU C 114 -47.29 8.27 -33.51
CA GLU C 114 -47.81 9.59 -33.12
C GLU C 114 -47.43 9.94 -31.68
N ILE C 115 -46.24 9.51 -31.28
CA ILE C 115 -45.71 9.83 -29.96
C ILE C 115 -44.44 10.67 -30.09
N VAL C 116 -43.40 10.08 -30.66
CA VAL C 116 -42.16 10.80 -30.91
C VAL C 116 -42.33 11.82 -32.02
N GLY C 117 -42.74 11.35 -33.20
CA GLY C 117 -43.11 12.23 -34.29
C GLY C 117 -44.61 12.39 -34.38
N ALA C 118 -45.07 13.46 -35.01
CA ALA C 118 -46.50 13.74 -35.16
C ALA C 118 -47.26 13.54 -33.85
N THR C 119 -46.72 14.08 -32.78
CA THR C 119 -47.27 13.86 -31.44
C THR C 119 -48.71 14.38 -31.34
N SER C 120 -49.62 13.51 -30.93
CA SER C 120 -51.05 13.83 -30.94
C SER C 120 -51.43 14.81 -29.82
N SER C 121 -50.74 14.71 -28.69
CA SER C 121 -51.04 15.57 -27.55
C SER C 121 -49.77 16.12 -26.90
N LEU C 122 -49.91 17.25 -26.23
CA LEU C 122 -48.81 17.83 -25.47
C LEU C 122 -48.47 16.95 -24.27
N ASP C 123 -49.45 16.16 -23.84
CA ASP C 123 -49.26 15.25 -22.72
C ASP C 123 -48.18 14.20 -23.04
N ARG C 124 -48.16 13.77 -24.30
CA ARG C 124 -47.19 12.76 -24.73
C ARG C 124 -45.79 13.36 -24.91
N VAL C 125 -45.70 14.67 -24.82
CA VAL C 125 -44.41 15.35 -24.90
C VAL C 125 -43.77 15.47 -23.52
N CYS C 126 -44.44 16.22 -22.64
CA CYS C 126 -43.92 16.46 -21.29
C CYS C 126 -44.02 15.23 -20.39
N GLY C 127 -45.13 14.50 -20.51
CA GLY C 127 -45.34 13.32 -19.69
C GLY C 127 -44.28 12.25 -19.91
N ARG C 128 -43.66 12.29 -21.08
CA ARG C 128 -42.59 11.36 -21.42
C ARG C 128 -41.25 11.76 -20.81
N ASP C 129 -41.01 13.06 -20.72
CA ASP C 129 -39.72 13.61 -20.30
C ASP C 129 -39.16 13.09 -18.97
N PRO C 130 -40.01 12.82 -17.95
CA PRO C 130 -39.43 12.24 -16.74
C PRO C 130 -38.68 10.93 -16.97
N GLY C 131 -39.18 10.06 -17.85
CA GLY C 131 -38.49 8.82 -18.11
C GLY C 131 -37.53 8.82 -19.28
N PHE C 132 -37.78 9.67 -20.28
CA PHE C 132 -36.93 9.69 -21.47
C PHE C 132 -35.91 10.82 -21.52
N VAL C 133 -35.97 11.76 -20.56
CA VAL C 133 -35.03 12.88 -20.53
C VAL C 133 -34.46 13.12 -19.14
N PHE C 134 -35.33 13.52 -18.21
CA PHE C 134 -34.93 13.84 -16.85
C PHE C 134 -34.44 12.61 -16.09
N ARG C 135 -34.95 11.44 -16.49
CA ARG C 135 -34.66 10.17 -15.83
C ARG C 135 -35.04 10.23 -14.34
N SER C 136 -36.21 10.78 -14.08
CA SER C 136 -36.73 10.90 -12.72
C SER C 136 -38.14 10.31 -12.62
N GLU C 137 -38.77 10.49 -11.46
CA GLU C 137 -40.11 9.95 -11.23
C GLU C 137 -41.15 10.59 -12.14
N ASN C 138 -42.08 9.76 -12.65
CA ASN C 138 -43.13 10.24 -13.54
C ASN C 138 -44.10 11.19 -12.84
N PHE C 139 -44.76 12.02 -13.64
CA PHE C 139 -45.73 12.98 -13.12
C PHE C 139 -47.05 12.31 -12.73
N SER C 140 -47.72 12.88 -11.73
CA SER C 140 -49.09 12.48 -11.41
C SER C 140 -50.01 13.02 -12.49
N PRO C 141 -51.22 12.46 -12.63
CA PRO C 141 -52.16 12.96 -13.64
C PRO C 141 -52.42 14.46 -13.49
N MET C 142 -52.62 14.90 -12.26
CA MET C 142 -52.95 16.29 -11.97
C MET C 142 -51.83 17.24 -12.36
N ARG C 143 -50.61 16.93 -11.96
CA ARG C 143 -49.46 17.78 -12.25
C ARG C 143 -49.17 17.84 -13.75
N LEU C 144 -49.36 16.71 -14.43
CA LEU C 144 -49.19 16.67 -15.88
C LEU C 144 -50.23 17.56 -16.56
N GLU C 145 -51.49 17.41 -16.17
CA GLU C 145 -52.57 18.22 -16.74
C GLU C 145 -52.32 19.70 -16.51
N ALA C 146 -51.85 20.04 -15.31
CA ALA C 146 -51.54 21.42 -14.97
C ALA C 146 -50.41 21.96 -15.85
N LEU C 147 -49.38 21.13 -16.05
CA LEU C 147 -48.26 21.50 -16.90
C LEU C 147 -48.73 21.79 -18.33
N ILE C 148 -49.55 20.89 -18.87
CA ILE C 148 -50.09 21.05 -20.20
C ILE C 148 -50.95 22.31 -20.28
N CYS C 149 -51.69 22.60 -19.21
CA CYS C 149 -52.49 23.83 -19.15
C CYS C 149 -51.59 25.06 -19.22
N TYR C 150 -50.43 24.99 -18.56
CA TYR C 150 -49.48 26.08 -18.62
C TYR C 150 -48.92 26.27 -20.03
N ILE C 151 -48.63 25.16 -20.69
CA ILE C 151 -48.07 25.20 -22.04
C ILE C 151 -49.08 25.76 -23.05
N ARG C 152 -50.32 25.33 -22.93
CA ARG C 152 -51.38 25.78 -23.83
C ARG C 152 -51.71 27.26 -23.64
N ALA C 153 -51.43 27.76 -22.44
CA ALA C 153 -51.78 29.14 -22.10
C ALA C 153 -50.72 30.13 -22.56
N LEU C 154 -49.65 29.62 -23.17
CA LEU C 154 -48.58 30.48 -23.67
C LEU C 154 -48.94 31.11 -25.01
N GLU C 155 -48.83 32.43 -25.08
CA GLU C 155 -49.19 33.18 -26.28
C GLU C 155 -47.97 33.85 -26.90
N PHE C 156 -48.05 34.15 -28.19
CA PHE C 156 -46.96 34.80 -28.90
C PHE C 156 -46.65 36.18 -28.32
N THR C 157 -45.38 36.58 -28.38
CA THR C 157 -44.94 37.88 -27.89
C THR C 157 -45.24 39.00 -28.87
N GLY C 158 -45.11 38.70 -30.17
CA GLY C 158 -45.23 39.70 -31.20
C GLY C 158 -43.88 40.33 -31.50
N SER C 159 -43.70 40.79 -32.73
CA SER C 159 -42.40 41.30 -33.17
C SER C 159 -42.16 42.76 -32.77
N PRO C 160 -41.00 43.01 -32.14
CA PRO C 160 -40.50 44.33 -31.72
C PRO C 160 -40.05 45.23 -32.88
N PHE C 161 -39.87 44.64 -34.05
CA PHE C 161 -39.18 45.28 -35.16
C PHE C 161 -40.08 46.13 -36.06
N ARG C 162 -41.31 46.32 -35.62
CA ARG C 162 -42.29 47.09 -36.40
C ARG C 162 -42.57 48.43 -35.71
N ASN C 163 -43.03 49.41 -36.49
CA ASN C 163 -43.24 50.77 -36.02
C ASN C 163 -44.12 50.86 -34.77
N ALA C 164 -43.83 51.84 -33.93
CA ALA C 164 -44.65 52.11 -32.75
C ALA C 164 -46.07 52.49 -33.18
N ASP C 165 -46.20 52.95 -34.43
CA ASP C 165 -47.49 53.24 -35.04
C ASP C 165 -48.28 51.95 -35.23
N GLY C 166 -47.58 50.82 -35.11
CA GLY C 166 -48.20 49.51 -35.27
C GLY C 166 -48.04 49.00 -36.69
N SER C 167 -47.78 49.91 -37.61
CA SER C 167 -47.64 49.56 -39.02
C SER C 167 -46.30 48.88 -39.29
N LEU C 168 -46.09 48.48 -40.54
CA LEU C 168 -44.83 47.87 -40.92
C LEU C 168 -43.86 48.94 -41.39
N THR C 169 -42.64 48.55 -41.69
CA THR C 169 -41.69 49.47 -42.32
C THR C 169 -41.70 49.18 -43.83
N GLU C 170 -40.98 49.98 -44.62
CA GLU C 170 -40.97 49.81 -46.07
C GLU C 170 -39.99 48.73 -46.52
N ALA C 171 -39.09 48.35 -45.62
CA ALA C 171 -38.22 47.22 -45.85
C ALA C 171 -39.03 45.94 -45.66
N GLN C 172 -39.83 45.93 -44.60
CA GLN C 172 -40.72 44.82 -44.30
C GLN C 172 -41.83 44.71 -45.33
N LYS C 173 -42.37 45.86 -45.74
CA LYS C 173 -43.36 45.90 -46.81
C LYS C 173 -42.76 45.39 -48.11
N ARG C 174 -41.50 45.75 -48.33
CA ARG C 174 -40.76 45.29 -49.51
C ARG C 174 -40.60 43.78 -49.49
N GLY C 175 -40.33 43.23 -48.30
CA GLY C 175 -40.14 41.80 -48.15
C GLY C 175 -41.43 41.01 -48.24
N GLN C 176 -42.54 41.63 -47.87
CA GLN C 176 -43.84 40.97 -47.88
C GLN C 176 -44.24 40.56 -49.30
N LYS C 177 -43.83 41.36 -50.27
CA LYS C 177 -44.13 41.06 -51.67
C LYS C 177 -43.34 39.86 -52.16
N ILE C 178 -42.10 39.74 -51.71
CA ILE C 178 -41.27 38.59 -52.06
C ILE C 178 -41.81 37.33 -51.39
N PHE C 179 -42.22 37.47 -50.13
CA PHE C 179 -42.79 36.37 -49.37
C PHE C 179 -44.04 35.81 -50.04
N GLU C 180 -44.92 36.70 -50.48
CA GLU C 180 -46.21 36.30 -51.01
C GLU C 180 -46.19 36.11 -52.52
N ASP C 181 -45.02 36.26 -53.12
CA ASP C 181 -44.84 36.02 -54.55
C ASP C 181 -45.15 34.56 -54.86
N PRO C 182 -46.05 34.33 -55.83
CA PRO C 182 -46.47 32.97 -56.20
C PRO C 182 -45.33 32.13 -56.76
N LYS C 183 -44.28 32.78 -57.24
CA LYS C 183 -43.11 32.06 -57.75
C LYS C 183 -42.24 31.58 -56.59
N VAL C 184 -42.06 32.45 -55.60
CA VAL C 184 -41.33 32.08 -54.38
C VAL C 184 -42.13 31.03 -53.62
N GLY C 185 -43.40 31.34 -53.38
CA GLY C 185 -44.33 30.37 -52.83
C GLY C 185 -44.20 30.06 -51.35
N CYS C 186 -44.00 31.10 -50.54
CA CYS C 186 -43.93 30.90 -49.09
C CYS C 186 -45.31 30.68 -48.50
N LEU C 187 -46.32 31.28 -49.13
CA LEU C 187 -47.70 31.21 -48.64
C LEU C 187 -48.28 29.81 -48.70
N GLU C 188 -47.67 28.95 -49.52
CA GLU C 188 -48.16 27.58 -49.69
C GLU C 188 -48.14 26.81 -48.38
N CYS C 189 -46.96 26.69 -47.77
CA CYS C 189 -46.83 26.03 -46.48
C CYS C 189 -46.89 26.98 -45.28
N HIS C 190 -46.82 28.29 -45.54
CA HIS C 190 -46.85 29.27 -44.47
C HIS C 190 -47.92 30.34 -44.69
N PRO C 191 -49.21 29.94 -44.71
CA PRO C 191 -50.30 30.90 -44.96
C PRO C 191 -50.54 31.83 -43.78
N GLY C 192 -50.70 33.13 -44.05
CA GLY C 192 -50.96 34.09 -43.00
C GLY C 192 -50.86 35.53 -43.42
N ASP C 193 -51.38 36.42 -42.57
CA ASP C 193 -51.34 37.85 -42.84
C ASP C 193 -50.75 38.58 -41.63
N PRO C 194 -49.91 39.60 -41.88
CA PRO C 194 -49.17 40.31 -40.82
C PRO C 194 -50.06 41.00 -39.79
N MET C 195 -51.19 41.55 -40.24
CA MET C 195 -52.07 42.31 -39.36
C MET C 195 -53.14 41.43 -38.71
N ASP C 196 -53.17 40.16 -39.10
CA ASP C 196 -54.14 39.22 -38.55
C ASP C 196 -53.59 38.51 -37.32
N PRO C 197 -54.18 38.78 -36.15
CA PRO C 197 -53.72 38.19 -34.88
C PRO C 197 -53.88 36.67 -34.85
N ARG C 198 -54.78 36.15 -35.68
CA ARG C 198 -55.07 34.72 -35.71
C ARG C 198 -54.20 33.97 -36.74
N ALA C 199 -53.28 34.69 -37.37
CA ALA C 199 -52.43 34.08 -38.40
C ALA C 199 -51.33 33.21 -37.80
N LEU C 200 -51.31 31.94 -38.18
CA LEU C 200 -50.32 31.00 -37.65
C LEU C 200 -49.11 30.77 -38.56
N PHE C 201 -49.17 31.30 -39.79
CA PHE C 201 -48.13 31.12 -40.79
C PHE C 201 -47.60 29.69 -40.92
N SER C 202 -48.51 28.71 -40.78
CA SER C 202 -48.16 27.31 -40.96
C SER C 202 -49.36 26.50 -41.42
N ASP C 203 -49.14 25.50 -42.26
CA ASP C 203 -50.22 24.65 -42.75
C ASP C 203 -50.49 23.48 -41.80
N ALA C 204 -49.64 23.35 -40.80
CA ALA C 204 -49.70 22.26 -39.82
C ALA C 204 -49.65 20.90 -40.50
N GLN C 205 -48.87 20.82 -41.58
CA GLN C 205 -48.72 19.57 -42.32
C GLN C 205 -47.27 19.09 -42.33
N THR C 206 -47.04 17.95 -42.97
CA THR C 206 -45.71 17.37 -43.06
C THR C 206 -45.16 17.49 -44.48
N HIS C 207 -44.04 18.18 -44.62
CA HIS C 207 -43.47 18.44 -45.94
C HIS C 207 -42.02 18.00 -46.06
N ASP C 208 -41.58 17.75 -47.29
CA ASP C 208 -40.16 17.52 -47.55
C ASP C 208 -39.57 18.79 -48.16
N VAL C 209 -38.81 19.52 -47.34
CA VAL C 209 -38.17 20.75 -47.77
C VAL C 209 -36.69 20.56 -48.11
N GLY C 210 -36.23 19.31 -48.05
CA GLY C 210 -34.84 19.00 -48.35
C GLY C 210 -33.92 19.27 -47.19
N THR C 211 -34.48 19.32 -45.99
CA THR C 211 -33.69 19.55 -44.78
C THR C 211 -33.33 18.26 -44.07
N GLY C 212 -33.75 17.12 -44.64
CA GLY C 212 -33.45 15.83 -44.05
C GLY C 212 -31.96 15.55 -44.07
N ARG C 213 -31.39 15.26 -42.91
CA ARG C 213 -29.96 15.00 -42.80
C ARG C 213 -29.68 13.52 -43.04
N VAL C 214 -28.87 13.22 -44.04
CA VAL C 214 -28.58 11.85 -44.40
C VAL C 214 -27.08 11.52 -44.32
N GLY C 215 -26.74 10.28 -44.60
CA GLY C 215 -25.37 9.83 -44.54
C GLY C 215 -24.64 10.00 -45.87
N VAL C 216 -23.36 9.65 -45.87
CA VAL C 216 -22.54 9.78 -47.07
C VAL C 216 -22.99 8.79 -48.16
N ASN C 217 -23.57 7.68 -47.74
CA ASN C 217 -24.09 6.69 -48.68
C ASN C 217 -25.59 6.87 -48.91
N GLY C 218 -26.16 7.93 -48.35
CA GLY C 218 -27.58 8.20 -48.49
C GLY C 218 -28.38 7.89 -47.24
N PHE C 219 -29.70 7.88 -47.38
CA PHE C 219 -30.61 7.65 -46.26
C PHE C 219 -30.31 6.34 -45.54
N ARG C 220 -30.40 6.37 -44.21
CA ARG C 220 -30.14 5.21 -43.35
C ARG C 220 -28.72 4.67 -43.47
N SER C 221 -27.77 5.54 -43.79
CA SER C 221 -26.37 5.15 -43.85
C SER C 221 -25.54 5.93 -42.83
N THR C 222 -24.25 5.60 -42.75
CA THR C 222 -23.34 6.25 -41.80
C THR C 222 -21.94 6.33 -42.40
N PRO C 223 -21.17 7.37 -42.06
CA PRO C 223 -21.50 8.51 -41.20
C PRO C 223 -22.26 9.61 -41.92
N GLY C 224 -22.60 10.67 -41.20
CA GLY C 224 -23.31 11.80 -41.78
C GLY C 224 -22.45 12.63 -42.69
N LYS C 225 -23.08 13.38 -43.57
CA LYS C 225 -22.37 14.25 -44.50
C LYS C 225 -22.63 15.69 -44.12
N VAL C 226 -21.70 16.58 -44.47
CA VAL C 226 -21.87 17.97 -44.09
C VAL C 226 -22.96 18.60 -44.95
N PHE C 227 -24.02 19.07 -44.30
CA PHE C 227 -25.14 19.66 -45.02
C PHE C 227 -24.98 21.17 -45.13
N ASN C 228 -24.02 21.72 -44.41
CA ASN C 228 -23.77 23.15 -44.47
C ASN C 228 -22.69 23.44 -45.50
N ILE C 229 -23.09 24.05 -46.60
CA ILE C 229 -22.19 24.27 -47.72
C ILE C 229 -21.18 25.37 -47.40
N SER C 230 -21.67 26.45 -46.81
CA SER C 230 -20.80 27.56 -46.41
C SER C 230 -19.80 27.13 -45.35
N ALA C 231 -20.23 26.25 -44.44
CA ALA C 231 -19.34 25.74 -43.40
C ALA C 231 -18.34 24.74 -43.98
N LEU C 232 -18.75 24.03 -45.02
CA LEU C 232 -17.86 23.09 -45.70
C LEU C 232 -16.77 23.86 -46.45
N GLU C 233 -17.17 24.98 -47.05
CA GLU C 233 -16.23 25.86 -47.72
C GLU C 233 -15.30 26.53 -46.72
N ALA C 234 -15.84 26.82 -45.54
CA ALA C 234 -15.08 27.46 -44.47
C ALA C 234 -14.06 26.52 -43.85
N GLY C 235 -14.26 25.21 -44.05
CA GLY C 235 -13.34 24.22 -43.53
C GLY C 235 -13.59 23.92 -42.06
N GLU C 236 -14.84 24.03 -41.63
CA GLU C 236 -15.22 23.79 -40.25
C GLU C 236 -15.13 22.30 -39.93
N ASP C 237 -14.76 21.99 -38.68
CA ASP C 237 -14.64 20.60 -38.23
C ASP C 237 -16.02 19.98 -38.02
N PRO C 238 -16.33 18.91 -38.77
CA PRO C 238 -17.61 18.21 -38.66
C PRO C 238 -17.90 17.75 -37.23
N TYR C 239 -16.88 17.20 -36.59
CA TYR C 239 -16.99 16.68 -35.23
C TYR C 239 -16.53 17.70 -34.18
N GLY C 240 -16.25 18.92 -34.61
CA GLY C 240 -15.86 20.00 -33.71
C GLY C 240 -16.80 20.21 -32.53
N VAL C 241 -16.23 20.48 -31.36
CA VAL C 241 -17.00 20.65 -30.13
C VAL C 241 -17.31 22.11 -29.79
N GLU C 242 -16.73 23.04 -30.56
CA GLU C 242 -16.87 24.47 -30.26
C GLU C 242 -18.01 25.14 -31.02
N SER C 243 -18.60 24.43 -31.96
CA SER C 243 -19.65 24.99 -32.81
C SER C 243 -20.96 25.17 -32.04
N ASN C 244 -21.67 26.25 -32.32
CA ASN C 244 -22.98 26.50 -31.73
C ASN C 244 -24.00 25.49 -32.25
N THR C 245 -23.83 25.06 -33.49
CA THR C 245 -24.76 24.14 -34.14
C THR C 245 -24.00 23.05 -34.90
N PRO C 246 -24.59 21.86 -35.00
CA PRO C 246 -23.99 20.77 -35.79
C PRO C 246 -24.09 21.03 -37.29
N ILE C 247 -23.01 20.76 -38.01
CA ILE C 247 -23.03 20.82 -39.48
C ILE C 247 -23.22 19.44 -40.10
N ILE C 248 -23.40 18.43 -39.24
CA ILE C 248 -23.67 17.06 -39.70
C ILE C 248 -24.85 16.45 -38.94
N GLY C 249 -25.35 15.32 -39.42
CA GLY C 249 -26.40 14.60 -38.72
C GLY C 249 -26.95 13.41 -39.50
N LEU C 250 -27.63 12.51 -38.79
CA LEU C 250 -28.33 11.41 -39.43
C LEU C 250 -29.78 11.37 -38.97
N ASP C 251 -30.70 11.68 -39.88
CA ASP C 251 -32.12 11.72 -39.54
C ASP C 251 -32.82 10.41 -39.88
N LEU C 252 -33.78 10.03 -39.04
CA LEU C 252 -34.56 8.82 -39.30
C LEU C 252 -35.70 9.09 -40.27
N VAL C 253 -36.02 10.37 -40.50
CA VAL C 253 -37.06 10.75 -41.45
C VAL C 253 -36.62 11.92 -42.31
N LYS C 254 -37.18 12.01 -43.52
CA LYS C 254 -36.87 13.09 -44.44
C LYS C 254 -37.85 14.26 -44.36
N GLU C 255 -38.96 14.07 -43.67
CA GLU C 255 -40.03 15.07 -43.68
C GLU C 255 -40.40 15.55 -42.28
N PHE C 256 -40.83 16.81 -42.18
CA PHE C 256 -41.06 17.42 -40.88
C PHE C 256 -42.32 18.28 -40.81
N ASP C 257 -42.88 18.38 -39.61
CA ASP C 257 -44.02 19.24 -39.34
C ASP C 257 -43.61 20.71 -39.38
N THR C 258 -44.30 21.51 -40.18
CA THR C 258 -43.96 22.92 -40.36
C THR C 258 -44.27 23.76 -39.13
N PRO C 259 -43.26 24.48 -38.62
CA PRO C 259 -43.40 25.39 -37.47
C PRO C 259 -44.05 26.72 -37.86
N THR C 260 -44.60 27.41 -36.87
CA THR C 260 -45.12 28.76 -37.09
C THR C 260 -43.98 29.72 -37.41
N LEU C 261 -44.28 30.78 -38.14
CA LEU C 261 -43.29 31.82 -38.41
C LEU C 261 -43.46 32.98 -37.43
N ARG C 262 -44.47 32.87 -36.55
CA ARG C 262 -44.69 33.87 -35.51
C ARG C 262 -43.56 33.80 -34.49
N ASP C 263 -43.06 34.97 -34.08
CA ASP C 263 -41.95 35.08 -33.13
C ASP C 263 -40.71 34.36 -33.60
N ILE C 264 -40.54 34.25 -34.92
CA ILE C 264 -39.40 33.55 -35.49
C ILE C 264 -38.12 34.35 -35.24
N TYR C 265 -38.26 35.61 -34.85
CA TYR C 265 -37.13 36.44 -34.49
C TYR C 265 -36.46 35.90 -33.23
N ALA C 266 -37.26 35.27 -32.36
CA ALA C 266 -36.79 34.84 -31.05
C ALA C 266 -36.37 33.36 -30.99
N SER C 267 -36.52 32.63 -32.08
CA SER C 267 -36.02 31.25 -32.10
C SER C 267 -34.55 31.30 -32.43
N GLY C 268 -33.72 30.87 -31.49
CA GLY C 268 -32.31 30.74 -31.78
C GLY C 268 -32.17 29.58 -32.73
N THR C 269 -31.54 29.81 -33.89
CA THR C 269 -31.09 28.70 -34.73
C THR C 269 -32.23 27.78 -35.26
N TYR C 270 -32.76 28.15 -36.41
CA TYR C 270 -33.91 27.52 -37.07
C TYR C 270 -33.73 26.14 -37.74
N PHE C 271 -34.80 25.73 -38.42
CA PHE C 271 -35.18 24.36 -38.82
C PHE C 271 -35.28 23.37 -37.65
N HIS C 272 -35.09 22.08 -37.93
CA HIS C 272 -35.30 21.05 -36.90
C HIS C 272 -34.05 20.71 -36.08
N ASP C 273 -32.92 20.58 -36.76
CA ASP C 273 -31.67 20.22 -36.11
C ASP C 273 -30.91 21.47 -35.73
N GLY C 274 -31.47 22.61 -36.10
CA GLY C 274 -30.78 23.87 -35.89
C GLY C 274 -29.67 24.03 -36.91
N GLY C 275 -29.92 23.57 -38.13
CA GLY C 275 -28.94 23.67 -39.19
C GLY C 275 -28.76 25.11 -39.62
N ALA C 276 -29.83 25.89 -39.54
CA ALA C 276 -29.82 27.27 -39.99
C ALA C 276 -29.46 28.23 -38.85
N ARG C 277 -28.30 28.86 -38.95
CA ARG C 277 -27.79 29.72 -37.89
C ARG C 277 -28.43 31.11 -37.90
N THR C 278 -28.80 31.60 -39.07
CA THR C 278 -29.55 32.84 -39.18
C THR C 278 -30.76 32.65 -40.06
N LEU C 279 -31.70 33.59 -40.00
CA LEU C 279 -32.90 33.57 -40.84
C LEU C 279 -32.52 33.45 -42.31
N MET C 280 -31.48 34.19 -42.69
CA MET C 280 -30.96 34.20 -44.05
C MET C 280 -30.61 32.79 -44.55
N ASP C 281 -30.18 31.93 -43.62
CA ASP C 281 -29.77 30.58 -43.97
C ASP C 281 -30.95 29.67 -44.29
N THR C 282 -32.17 30.11 -43.95
CA THR C 282 -33.36 29.33 -44.23
C THR C 282 -33.83 29.56 -45.66
N ILE C 283 -33.08 30.39 -46.36
CA ILE C 283 -33.47 30.96 -47.65
C ILE C 283 -32.39 30.70 -48.69
N ASN C 284 -31.17 31.14 -48.38
CA ASN C 284 -30.04 31.18 -49.31
C ASN C 284 -29.62 29.84 -49.92
N ASN C 285 -30.29 28.75 -49.51
CA ASN C 285 -30.04 27.42 -50.05
C ASN C 285 -28.66 26.89 -49.69
N THR C 286 -28.30 27.08 -48.43
CA THR C 286 -27.04 26.60 -47.88
C THR C 286 -27.28 25.30 -47.12
N VAL C 287 -28.12 25.38 -46.08
CA VAL C 287 -28.39 24.24 -45.20
C VAL C 287 -29.54 23.35 -45.69
N ASN C 288 -30.08 23.65 -46.87
CA ASN C 288 -31.12 22.79 -47.46
C ASN C 288 -30.91 22.59 -48.97
N ASP C 289 -31.60 21.58 -49.52
CA ASP C 289 -31.51 21.28 -50.94
C ASP C 289 -32.03 22.44 -51.78
N LYS C 290 -31.53 22.55 -53.01
CA LYS C 290 -31.82 23.72 -53.86
C LYS C 290 -33.29 23.84 -54.20
N ASP C 291 -33.86 24.99 -53.85
CA ASP C 291 -35.25 25.34 -54.12
C ASP C 291 -36.25 24.34 -53.57
N MET C 292 -35.82 23.54 -52.59
CA MET C 292 -36.73 22.60 -51.94
C MET C 292 -37.50 23.29 -50.81
N HIS C 293 -36.93 24.37 -50.29
CA HIS C 293 -37.66 25.25 -49.38
C HIS C 293 -37.80 26.60 -50.06
N GLY C 294 -38.98 26.87 -50.61
CA GLY C 294 -39.22 28.04 -51.45
C GLY C 294 -38.42 27.94 -52.75
N ARG C 295 -38.69 28.79 -53.73
CA ARG C 295 -37.73 28.91 -54.82
C ARG C 295 -37.08 30.27 -54.72
N THR C 296 -35.89 30.29 -54.13
CA THR C 296 -35.16 31.52 -53.89
C THR C 296 -33.94 31.75 -54.79
N SER C 297 -33.65 30.79 -55.67
CA SER C 297 -32.40 30.81 -56.43
C SER C 297 -32.29 32.03 -57.34
N HIS C 298 -33.42 32.49 -57.86
CA HIS C 298 -33.45 33.62 -58.77
C HIS C 298 -33.37 34.96 -58.05
N LEU C 299 -33.73 34.97 -56.77
CA LEU C 299 -33.62 36.18 -55.95
C LEU C 299 -32.15 36.50 -55.71
N LYS C 300 -31.83 37.76 -55.39
CA LYS C 300 -30.47 38.08 -54.96
C LYS C 300 -30.55 39.13 -53.84
N GLN C 301 -29.40 39.47 -53.27
CA GLN C 301 -29.24 39.87 -51.88
C GLN C 301 -30.21 40.89 -51.28
N GLN C 302 -30.53 41.97 -51.99
CA GLN C 302 -31.42 42.98 -51.41
C GLN C 302 -32.80 42.39 -51.15
N GLU C 303 -33.28 41.59 -52.09
CA GLU C 303 -34.55 40.89 -51.95
C GLU C 303 -34.53 39.95 -50.75
N LEU C 304 -33.46 39.18 -50.63
CA LEU C 304 -33.30 38.20 -49.56
C LEU C 304 -33.27 38.89 -48.19
N GLN C 305 -32.57 40.01 -48.11
CA GLN C 305 -32.47 40.79 -46.89
C GLN C 305 -33.83 41.36 -46.51
N ASP C 306 -34.56 41.85 -47.50
CA ASP C 306 -35.92 42.35 -47.27
C ASP C 306 -36.81 41.23 -46.74
N LEU C 307 -36.69 40.05 -47.33
CA LEU C 307 -37.45 38.88 -46.90
C LEU C 307 -37.12 38.54 -45.45
N VAL C 308 -35.84 38.63 -45.10
CA VAL C 308 -35.40 38.41 -43.73
C VAL C 308 -36.04 39.43 -42.79
N GLU C 309 -36.07 40.69 -43.21
CA GLU C 309 -36.67 41.74 -42.41
C GLU C 309 -38.16 41.51 -42.21
N TYR C 310 -38.83 40.97 -43.22
CA TYR C 310 -40.25 40.66 -43.12
C TYR C 310 -40.46 39.49 -42.16
N LEU C 311 -39.55 38.52 -42.20
CA LEU C 311 -39.59 37.40 -41.27
C LEU C 311 -39.43 37.91 -39.83
N LYS C 312 -38.55 38.89 -39.66
CA LYS C 312 -38.34 39.51 -38.36
C LYS C 312 -39.60 40.24 -37.87
N ALA C 313 -40.48 40.58 -38.80
CA ALA C 313 -41.67 41.35 -38.49
C ALA C 313 -42.82 40.46 -38.03
N LEU C 314 -42.65 39.14 -38.17
CA LEU C 314 -43.70 38.20 -37.79
C LEU C 314 -43.59 37.82 -36.32
N GLU D 1 14.72 -34.32 24.16
CA GLU D 1 15.11 -34.58 22.78
C GLU D 1 16.02 -33.47 22.25
N PRO D 2 16.92 -33.82 21.30
CA PRO D 2 17.73 -32.82 20.62
C PRO D 2 16.91 -32.00 19.62
N VAL D 3 17.18 -30.71 19.53
CA VAL D 3 16.44 -29.85 18.61
C VAL D 3 17.37 -29.14 17.63
N MET D 4 18.13 -28.16 18.14
CA MET D 4 19.04 -27.39 17.31
C MET D 4 20.24 -28.22 16.89
N THR D 5 20.86 -28.88 17.86
CA THR D 5 22.03 -29.71 17.60
C THR D 5 21.76 -31.16 18.00
N GLY D 6 22.77 -32.01 17.85
CA GLY D 6 22.67 -33.39 18.28
C GLY D 6 23.15 -33.55 19.71
N GLY D 7 22.76 -34.65 20.35
CA GLY D 7 23.15 -34.90 21.72
C GLY D 7 24.21 -35.97 21.87
N PRO D 8 24.69 -36.19 23.11
CA PRO D 8 25.67 -37.23 23.43
C PRO D 8 25.10 -38.63 23.26
N VAL D 9 23.80 -38.76 23.53
CA VAL D 9 23.10 -40.03 23.36
C VAL D 9 21.89 -39.81 22.47
N GLN D 10 21.55 -40.80 21.65
CA GLN D 10 20.37 -40.71 20.81
C GLN D 10 19.13 -40.56 21.68
N GLY D 11 18.36 -39.50 21.43
CA GLY D 11 17.20 -39.21 22.23
C GLY D 11 17.44 -38.15 23.32
N LYS D 12 18.70 -37.78 23.52
CA LYS D 12 19.05 -36.78 24.54
C LYS D 12 19.70 -35.57 23.89
N ALA D 13 19.68 -34.44 24.59
CA ALA D 13 20.14 -33.18 24.01
C ALA D 13 21.38 -32.62 24.71
N LEU D 14 22.16 -31.83 23.97
CA LEU D 14 23.34 -31.18 24.51
C LEU D 14 22.93 -29.96 25.33
N TRP D 15 23.77 -29.59 26.30
CA TRP D 15 23.44 -28.47 27.20
C TRP D 15 23.50 -27.12 26.50
N THR D 16 24.06 -27.09 25.29
CA THR D 16 24.12 -25.86 24.50
C THR D 16 22.83 -25.63 23.73
N ASP D 17 22.02 -26.67 23.60
CA ASP D 17 20.77 -26.56 22.86
C ASP D 17 19.65 -26.21 23.84
N TYR D 18 19.17 -24.98 23.76
CA TYR D 18 18.22 -24.45 24.72
C TYR D 18 16.85 -25.10 24.58
N SER D 19 16.31 -25.08 23.37
CA SER D 19 15.00 -25.66 23.10
C SER D 19 15.03 -27.18 23.31
N GLY D 20 16.23 -27.76 23.19
CA GLY D 20 16.39 -29.18 23.43
C GLY D 20 16.38 -29.53 24.90
N MET D 21 17.10 -28.73 25.69
CA MET D 21 17.16 -28.94 27.14
C MET D 21 15.84 -28.64 27.80
N SER D 22 15.13 -27.63 27.30
CA SER D 22 13.87 -27.20 27.88
C SER D 22 12.81 -28.30 27.85
N LYS D 23 12.92 -29.22 26.90
CA LYS D 23 11.97 -30.31 26.77
C LYS D 23 12.15 -31.33 27.89
N GLU D 24 13.40 -31.56 28.28
CA GLU D 24 13.73 -32.48 29.36
C GLU D 24 13.59 -31.88 30.75
N VAL D 25 13.98 -30.62 30.89
CA VAL D 25 14.08 -29.97 32.20
C VAL D 25 12.72 -29.46 32.68
N GLN D 26 11.75 -29.46 31.78
CA GLN D 26 10.40 -28.95 32.08
C GLN D 26 9.75 -29.67 33.26
N GLY D 27 9.44 -30.94 33.08
CA GLY D 27 8.72 -31.70 34.09
C GLY D 27 7.22 -31.60 33.87
N PRO D 28 6.44 -32.44 34.58
CA PRO D 28 4.98 -32.43 34.47
C PRO D 28 4.36 -31.12 34.93
N VAL D 29 3.22 -30.74 34.35
CA VAL D 29 2.53 -29.52 34.75
C VAL D 29 1.18 -29.82 35.40
N SER D 30 1.11 -29.67 36.72
CA SER D 30 -0.15 -29.87 37.44
C SER D 30 -0.89 -28.57 37.80
N GLN D 31 -0.27 -27.42 37.54
CA GLN D 31 -0.83 -26.13 38.00
C GLN D 31 -0.48 -24.99 37.06
N ILE D 32 -1.36 -24.00 36.96
CA ILE D 32 -1.13 -22.85 36.10
C ILE D 32 -1.49 -21.53 36.78
N LEU D 33 -0.76 -20.47 36.42
CA LEU D 33 -1.07 -19.12 36.90
C LEU D 33 -1.69 -18.31 35.76
N PHE D 34 -2.72 -17.53 36.06
CA PHE D 34 -3.27 -16.64 35.04
C PHE D 34 -3.99 -15.43 35.60
N THR D 35 -4.19 -14.43 34.74
CA THR D 35 -4.82 -13.17 35.12
C THR D 35 -6.30 -13.16 34.79
N GLN D 36 -7.10 -12.71 35.76
CA GLN D 36 -8.53 -12.50 35.57
C GLN D 36 -8.84 -11.00 35.63
N SER D 37 -9.47 -10.49 34.58
CA SER D 37 -9.83 -9.08 34.52
C SER D 37 -11.33 -8.90 34.42
N PRO D 38 -11.87 -7.83 35.01
CA PRO D 38 -13.31 -7.56 34.87
C PRO D 38 -13.66 -7.34 33.40
N ARG D 39 -14.86 -7.70 32.96
CA ARG D 39 -15.16 -7.47 31.56
C ARG D 39 -15.77 -6.08 31.47
N THR D 40 -14.92 -5.14 31.07
CA THR D 40 -15.27 -3.73 30.97
C THR D 40 -14.19 -3.06 30.13
N ALA D 41 -14.48 -1.87 29.60
CA ALA D 41 -13.45 -1.11 28.90
C ALA D 41 -12.33 -0.69 29.86
N LYS D 42 -12.71 -0.37 31.10
CA LYS D 42 -11.72 0.03 32.10
C LYS D 42 -11.16 -1.16 32.88
N GLY D 43 -11.83 -2.31 32.78
CA GLY D 43 -11.37 -3.51 33.44
C GLY D 43 -10.41 -4.32 32.58
N ASP D 44 -10.56 -4.19 31.27
CA ASP D 44 -9.71 -4.88 30.31
C ASP D 44 -9.40 -3.96 29.13
N PRO D 45 -8.61 -2.92 29.36
CA PRO D 45 -8.34 -1.90 28.33
C PRO D 45 -7.29 -2.35 27.32
N TYR D 46 -7.56 -3.40 26.58
CA TYR D 46 -6.60 -3.91 25.60
C TYR D 46 -6.47 -3.00 24.38
N GLN D 47 -7.40 -2.05 24.25
CA GLN D 47 -7.38 -1.14 23.12
C GLN D 47 -6.30 -0.07 23.29
N ASN D 48 -5.83 0.11 24.52
CA ASN D 48 -4.78 1.06 24.83
C ASN D 48 -3.38 0.44 24.91
N TYR D 49 -3.28 -0.84 24.55
CA TYR D 49 -2.03 -1.61 24.54
C TYR D 49 -0.92 -0.84 23.82
N PRO D 50 0.33 -0.90 24.31
CA PRO D 50 0.91 -1.58 25.48
C PRO D 50 0.52 -0.98 26.82
N HIS D 51 -0.06 0.21 26.83
CA HIS D 51 -0.28 0.85 28.11
C HIS D 51 -1.58 0.26 28.60
N TYR D 52 -1.42 -0.70 29.50
CA TYR D 52 -2.48 -1.61 29.87
C TYR D 52 -2.46 -1.80 31.37
N ILE D 53 -3.50 -1.30 32.03
CA ILE D 53 -3.60 -1.42 33.48
C ILE D 53 -5.01 -1.88 33.78
N PRO D 54 -5.23 -3.20 33.71
CA PRO D 54 -6.56 -3.78 33.85
C PRO D 54 -7.07 -3.61 35.28
N GLU D 55 -7.53 -2.41 35.60
CA GLU D 55 -7.98 -2.07 36.94
C GLU D 55 -9.01 -3.06 37.47
N GLY D 56 -8.76 -3.56 38.68
CA GLY D 56 -9.66 -4.52 39.31
C GLY D 56 -9.38 -5.96 38.92
N SER D 57 -8.16 -6.23 38.46
CA SER D 57 -7.80 -7.56 38.02
C SER D 57 -6.95 -8.30 39.05
N ARG D 58 -7.13 -9.61 39.11
CA ARG D 58 -6.41 -10.43 40.08
C ARG D 58 -5.62 -11.55 39.40
N ILE D 59 -4.49 -11.92 40.01
CA ILE D 59 -3.70 -13.04 39.54
C ILE D 59 -4.02 -14.28 40.36
N VAL D 60 -4.33 -15.38 39.68
CA VAL D 60 -4.79 -16.58 40.38
C VAL D 60 -4.04 -17.84 39.99
N LEU D 61 -4.03 -18.80 40.90
CA LEU D 61 -3.41 -20.10 40.70
C LEU D 61 -4.48 -21.19 40.63
N PHE D 62 -4.37 -22.05 39.63
CA PHE D 62 -5.39 -23.07 39.38
C PHE D 62 -4.76 -24.45 39.18
N ASP D 63 -5.31 -25.43 39.89
CA ASP D 63 -4.83 -26.81 39.79
C ASP D 63 -5.63 -27.57 38.72
N LEU D 64 -4.92 -28.18 37.79
CA LEU D 64 -5.55 -28.83 36.64
C LEU D 64 -6.22 -30.16 37.01
N ASN D 65 -5.95 -30.65 38.22
CA ASN D 65 -6.50 -31.92 38.67
C ASN D 65 -7.60 -31.74 39.70
N THR D 66 -7.26 -31.15 40.84
CA THR D 66 -8.21 -30.92 41.91
C THR D 66 -9.24 -29.83 41.57
N LYS D 67 -9.01 -29.15 40.44
CA LYS D 67 -9.90 -28.10 39.94
C LYS D 67 -10.04 -26.94 40.92
N GLU D 68 -9.08 -26.79 41.81
CA GLU D 68 -9.11 -25.74 42.83
C GLU D 68 -8.56 -24.41 42.30
N LEU D 69 -9.10 -23.30 42.80
CA LEU D 69 -8.64 -21.97 42.41
C LEU D 69 -8.32 -21.12 43.64
N LYS D 70 -7.22 -20.38 43.57
CA LYS D 70 -6.80 -19.54 44.69
C LYS D 70 -6.30 -18.16 44.24
N VAL D 71 -6.71 -17.12 44.95
CA VAL D 71 -6.30 -15.74 44.65
C VAL D 71 -5.09 -15.33 45.50
N LEU D 72 -3.96 -15.13 44.83
CA LEU D 72 -2.72 -14.73 45.50
C LEU D 72 -2.62 -13.23 45.77
N THR D 73 -3.20 -12.44 44.88
CA THR D 73 -2.97 -10.99 44.82
C THR D 73 -3.97 -10.14 45.62
N ASN D 74 -4.77 -10.78 46.47
CA ASN D 74 -5.84 -10.13 47.21
C ASN D 74 -5.43 -8.82 47.90
N ASP D 75 -4.13 -8.66 48.17
CA ASP D 75 -3.62 -7.40 48.72
C ASP D 75 -3.51 -6.31 47.65
N PHE D 76 -3.66 -6.68 46.39
CA PHE D 76 -3.53 -5.72 45.28
C PHE D 76 -4.88 -5.38 44.66
N ALA D 77 -5.10 -4.09 44.43
CA ALA D 77 -6.29 -3.63 43.73
C ALA D 77 -6.23 -4.06 42.27
N THR D 78 -5.04 -3.94 41.67
CA THR D 78 -4.82 -4.33 40.30
C THR D 78 -3.55 -5.17 40.19
N ALA D 79 -3.67 -6.37 39.63
CA ALA D 79 -2.50 -7.24 39.45
C ALA D 79 -2.59 -8.03 38.15
N PHE D 80 -1.47 -8.11 37.43
CA PHE D 80 -1.44 -8.75 36.13
C PHE D 80 -0.01 -9.06 35.66
N ASP D 81 0.10 -9.58 34.45
CA ASP D 81 1.39 -9.94 33.84
C ASP D 81 2.23 -10.92 34.67
N PRO D 82 1.75 -12.17 34.81
CA PRO D 82 2.51 -13.19 35.55
C PRO D 82 3.73 -13.69 34.77
N CYS D 83 4.86 -13.85 35.45
CA CYS D 83 6.01 -14.54 34.86
C CYS D 83 6.68 -15.43 35.91
N THR D 84 6.75 -16.73 35.63
CA THR D 84 7.28 -17.68 36.60
C THR D 84 8.80 -17.68 36.64
N TYR D 85 9.36 -17.99 37.81
CA TYR D 85 10.80 -18.11 37.97
C TYR D 85 11.28 -19.41 37.35
N TRP D 86 12.59 -19.66 37.41
CA TRP D 86 13.17 -20.82 36.76
C TRP D 86 12.73 -22.14 37.39
N ASP D 87 12.67 -22.18 38.71
CA ASP D 87 12.29 -23.39 39.42
C ASP D 87 10.78 -23.58 39.50
N GLY D 88 10.03 -22.49 39.36
CA GLY D 88 8.59 -22.54 39.41
C GLY D 88 8.00 -22.43 40.81
N LYS D 89 8.81 -22.00 41.76
CA LYS D 89 8.35 -21.82 43.14
C LYS D 89 8.00 -20.35 43.44
N LYS D 90 8.23 -19.47 42.48
CA LYS D 90 7.92 -18.06 42.65
C LYS D 90 7.71 -17.38 41.29
N PHE D 91 7.10 -16.20 41.30
CA PHE D 91 6.86 -15.46 40.07
C PHE D 91 6.90 -13.95 40.28
N ALA D 92 7.08 -13.23 39.18
CA ALA D 92 7.08 -11.77 39.19
C ALA D 92 5.89 -11.25 38.39
N PHE D 93 5.43 -10.04 38.71
CA PHE D 93 4.26 -9.48 38.07
C PHE D 93 4.20 -7.97 38.16
N ALA D 94 3.18 -7.38 37.56
CA ALA D 94 2.91 -5.96 37.69
C ALA D 94 1.66 -5.77 38.54
N GLY D 95 1.71 -4.81 39.46
CA GLY D 95 0.59 -4.63 40.37
C GLY D 95 0.40 -3.24 40.95
N VAL D 96 -0.83 -2.96 41.36
CA VAL D 96 -1.14 -1.75 42.09
C VAL D 96 -1.60 -2.11 43.50
N HIS D 97 -0.78 -1.77 44.48
CA HIS D 97 -1.06 -2.09 45.87
C HIS D 97 -2.29 -1.33 46.36
N LYS D 98 -3.08 -1.95 47.23
CA LYS D 98 -4.27 -1.33 47.77
C LYS D 98 -3.94 -0.10 48.60
N LYS D 99 -2.68 -0.01 49.03
CA LYS D 99 -2.20 1.13 49.81
C LYS D 99 -1.55 2.18 48.92
N GLY D 100 -1.59 1.94 47.61
CA GLY D 100 -1.05 2.89 46.64
C GLY D 100 0.36 2.56 46.18
N GLY D 101 1.04 3.57 45.64
CA GLY D 101 2.39 3.40 45.15
C GLY D 101 2.46 3.39 43.63
N GLY D 102 1.30 3.25 43.00
CA GLY D 102 1.23 3.19 41.55
C GLY D 102 1.34 1.77 41.04
N CYS D 103 1.47 1.63 39.72
CA CYS D 103 1.62 0.31 39.12
C CYS D 103 3.10 -0.02 39.00
N GLN D 104 3.54 -1.01 39.77
CA GLN D 104 4.96 -1.30 39.89
C GLN D 104 5.25 -2.79 39.67
N ILE D 105 6.53 -3.14 39.75
CA ILE D 105 6.95 -4.53 39.62
C ILE D 105 7.06 -5.18 40.98
N TRP D 106 6.46 -6.36 41.13
CA TRP D 106 6.49 -7.10 42.38
C TRP D 106 6.88 -8.55 42.12
N GLU D 107 7.21 -9.28 43.17
CA GLU D 107 7.42 -10.73 43.06
C GLU D 107 7.00 -11.42 44.34
N MET D 108 6.52 -12.66 44.20
CA MET D 108 6.10 -13.44 45.36
C MET D 108 6.18 -14.94 45.08
N ASN D 109 6.19 -15.73 46.14
CA ASN D 109 6.23 -17.18 46.02
C ASN D 109 4.93 -17.74 45.45
N ILE D 110 4.99 -18.95 44.92
CA ILE D 110 3.83 -19.58 44.30
C ILE D 110 2.72 -19.86 45.34
N ASP D 111 3.11 -19.99 46.60
CA ASP D 111 2.15 -20.28 47.66
C ASP D 111 1.40 -19.02 48.11
N GLY D 112 1.93 -17.85 47.76
CA GLY D 112 1.33 -16.60 48.16
C GLY D 112 2.11 -15.82 49.20
N SER D 113 3.17 -16.43 49.73
CA SER D 113 4.02 -15.75 50.71
C SER D 113 5.18 -15.02 50.03
N GLY D 114 5.99 -14.33 50.83
CA GLY D 114 7.19 -13.67 50.33
C GLY D 114 6.95 -12.56 49.33
N LEU D 115 6.16 -11.56 49.72
CA LEU D 115 5.85 -10.44 48.83
C LEU D 115 6.93 -9.36 48.93
N ARG D 116 7.55 -9.04 47.78
CA ARG D 116 8.61 -8.04 47.73
C ARG D 116 8.37 -7.02 46.61
N GLN D 117 8.70 -5.75 46.88
CA GLN D 117 8.49 -4.68 45.91
C GLN D 117 9.76 -4.35 45.11
N MET D 118 9.71 -4.58 43.80
CA MET D 118 10.86 -4.38 42.94
C MET D 118 11.08 -2.93 42.47
N THR D 119 10.00 -2.24 42.09
CA THR D 119 10.13 -0.92 41.48
C THR D 119 9.35 0.18 42.21
N ASP D 120 10.05 1.27 42.51
CA ASP D 120 9.39 2.49 43.01
C ASP D 120 9.17 3.55 41.94
N LEU D 121 9.42 3.20 40.67
CA LEU D 121 9.51 4.17 39.57
C LEU D 121 8.33 5.15 39.51
N LYS D 122 8.63 6.38 39.11
CA LYS D 122 7.58 7.39 38.96
C LYS D 122 7.08 7.22 37.54
N GLY D 123 5.92 6.58 37.41
CA GLY D 123 5.48 6.10 36.12
C GLY D 123 4.76 4.77 36.22
N THR D 124 4.65 4.08 35.09
CA THR D 124 4.01 2.76 35.02
C THR D 124 5.00 1.66 34.66
N CYS D 125 4.82 0.47 35.22
CA CYS D 125 5.66 -0.68 34.93
C CYS D 125 4.84 -1.94 34.68
N ARG D 126 5.26 -2.76 33.73
CA ARG D 126 4.59 -4.02 33.45
C ARG D 126 5.44 -5.02 32.66
N SER D 127 4.89 -6.21 32.46
CA SER D 127 5.54 -7.32 31.77
C SER D 127 6.98 -7.60 32.20
N PRO D 128 7.18 -7.94 33.50
CA PRO D 128 8.53 -8.31 33.94
C PRO D 128 8.90 -9.74 33.55
N ILE D 129 10.18 -9.96 33.26
CA ILE D 129 10.68 -11.32 33.01
C ILE D 129 12.02 -11.51 33.70
N TYR D 130 12.37 -12.77 33.99
CA TYR D 130 13.65 -13.09 34.60
C TYR D 130 14.68 -13.41 33.53
N TYR D 131 15.84 -12.78 33.64
CA TYR D 131 16.97 -13.08 32.78
C TYR D 131 18.13 -13.46 33.66
N ALA D 132 18.63 -14.67 33.52
CA ALA D 132 19.63 -15.13 34.47
C ALA D 132 21.01 -14.76 33.97
N ALA D 133 21.60 -13.77 34.65
CA ALA D 133 22.88 -13.20 34.24
C ALA D 133 23.92 -13.45 35.31
N GLY D 134 24.88 -14.33 35.01
CA GLY D 134 25.83 -14.76 36.00
C GLY D 134 25.19 -15.71 37.00
N SER D 135 23.92 -16.05 36.75
CA SER D 135 23.23 -17.05 37.55
C SER D 135 22.74 -18.19 36.66
N ILE D 136 23.35 -19.36 36.82
CA ILE D 136 22.92 -20.53 36.07
C ILE D 136 22.53 -21.60 37.07
N GLU D 137 23.50 -22.00 37.89
CA GLU D 137 23.25 -22.90 39.01
C GLU D 137 23.03 -22.10 40.29
N GLU D 138 22.13 -22.61 41.13
CA GLU D 138 21.76 -21.94 42.38
C GLU D 138 22.94 -21.84 43.35
N GLY D 139 23.03 -20.72 44.05
CA GLY D 139 24.09 -20.52 45.01
C GLY D 139 24.45 -19.05 45.20
N GLU D 140 25.69 -18.82 45.61
CA GLU D 140 26.23 -17.49 45.74
C GLU D 140 27.40 -17.38 44.77
N GLY D 141 27.84 -16.16 44.48
CA GLY D 141 28.88 -15.97 43.49
C GLY D 141 29.79 -14.82 43.81
N ARG D 142 30.98 -14.88 43.23
CA ARG D 142 32.10 -14.03 43.62
C ARG D 142 32.04 -12.63 43.04
N ILE D 143 32.59 -11.67 43.78
CA ILE D 143 32.75 -10.32 43.29
C ILE D 143 34.23 -9.96 43.26
N ILE D 144 34.77 -9.76 42.07
CA ILE D 144 36.19 -9.50 41.89
C ILE D 144 36.42 -8.20 41.15
N TRP D 145 37.39 -7.41 41.61
CA TRP D 145 37.79 -6.24 40.82
C TRP D 145 39.26 -5.87 41.03
N ARG D 146 39.68 -4.81 40.35
CA ARG D 146 41.09 -4.43 40.31
C ARG D 146 41.34 -3.01 40.79
N ASP D 147 42.41 -2.83 41.55
CA ASP D 147 42.78 -1.52 42.08
C ASP D 147 43.52 -0.68 41.04
N GLU D 151 50.65 -1.25 37.94
CA GLU D 151 50.25 -1.42 39.33
C GLU D 151 48.75 -1.68 39.49
N GLY D 152 48.39 -2.95 39.59
CA GLY D 152 47.08 -3.37 40.05
C GLY D 152 46.95 -4.88 40.01
N ASP D 153 46.05 -5.41 40.84
CA ASP D 153 45.80 -6.84 40.84
C ASP D 153 44.30 -7.11 40.88
N TRP D 154 43.93 -8.38 40.77
CA TRP D 154 42.52 -8.76 40.75
C TRP D 154 42.15 -9.49 42.02
N LYS D 155 41.32 -8.87 42.84
CA LYS D 155 41.01 -9.40 44.16
C LYS D 155 39.52 -9.66 44.36
N GLU D 156 39.23 -10.68 45.16
CA GLU D 156 37.87 -11.05 45.54
C GLU D 156 37.40 -10.21 46.72
N HIS D 157 36.35 -9.43 46.52
CA HIS D 157 35.82 -8.59 47.58
C HIS D 157 34.54 -9.11 48.27
N GLY D 158 34.23 -10.39 48.04
CA GLY D 158 33.07 -11.01 48.67
C GLY D 158 31.95 -11.41 47.72
N MET D 159 30.84 -11.89 48.28
CA MET D 159 29.87 -12.63 47.48
C MET D 159 28.54 -11.90 47.27
N VAL D 160 27.69 -12.52 46.45
CA VAL D 160 26.33 -12.06 46.24
C VAL D 160 25.45 -13.24 45.85
N GLU D 161 24.22 -13.27 46.33
CA GLU D 161 23.27 -14.32 45.94
C GLU D 161 23.03 -14.28 44.44
N LYS D 162 23.12 -15.42 43.78
CA LYS D 162 22.86 -15.45 42.35
C LYS D 162 21.39 -15.77 42.14
N THR D 163 20.65 -14.75 41.70
CA THR D 163 19.23 -14.85 41.48
C THR D 163 18.95 -14.57 40.03
N GLY D 164 19.27 -13.34 39.63
CA GLY D 164 19.16 -12.95 38.24
C GLY D 164 18.87 -11.47 38.07
N MET D 165 18.42 -11.12 36.87
CA MET D 165 18.04 -9.77 36.54
C MET D 165 16.58 -9.77 36.12
N ILE D 166 15.93 -8.61 36.17
CA ILE D 166 14.55 -8.52 35.72
C ILE D 166 14.41 -7.50 34.60
N ILE D 167 14.03 -8.00 33.42
CA ILE D 167 13.80 -7.12 32.27
C ILE D 167 12.31 -6.79 32.19
N PHE D 168 11.97 -5.51 32.28
CA PHE D 168 10.55 -5.14 32.23
C PHE D 168 10.30 -3.93 31.34
N SER D 169 9.04 -3.70 31.02
CA SER D 169 8.67 -2.52 30.24
C SER D 169 8.15 -1.43 31.18
N GLY D 170 8.57 -0.19 30.95
CA GLY D 170 8.13 0.90 31.80
C GLY D 170 8.11 2.24 31.12
N SER D 171 7.27 3.13 31.62
CA SER D 171 7.11 4.46 31.04
C SER D 171 7.01 5.52 32.12
N PRO D 172 7.64 6.69 31.88
CA PRO D 172 7.49 7.83 32.79
C PRO D 172 6.13 8.48 32.65
N GLU D 173 5.90 9.56 33.40
CA GLU D 173 4.62 10.25 33.35
C GLU D 173 4.79 11.68 32.86
N GLY D 174 3.72 12.26 32.31
CA GLY D 174 3.79 13.57 31.71
C GLY D 174 4.54 13.50 30.39
N VAL D 175 4.43 12.36 29.72
CA VAL D 175 5.17 12.10 28.49
C VAL D 175 4.22 11.68 27.36
N MET D 176 4.55 12.09 26.15
CA MET D 176 3.77 11.74 24.97
C MET D 176 4.60 10.97 23.95
N ASP D 177 4.00 9.95 23.35
CA ASP D 177 4.68 9.23 22.26
C ASP D 177 4.47 9.98 20.95
N GLU D 178 4.83 9.34 19.85
CA GLU D 178 4.74 9.97 18.53
C GLU D 178 3.30 10.05 18.02
N PHE D 179 2.40 9.30 18.65
CA PHE D 179 0.98 9.37 18.35
C PHE D 179 0.24 10.31 19.30
N HIS D 180 1.02 10.97 20.17
CA HIS D 180 0.51 11.87 21.19
C HIS D 180 -0.36 11.15 22.23
N ASN D 181 -0.13 9.85 22.40
CA ASN D 181 -0.71 9.11 23.50
C ASN D 181 0.01 9.51 24.78
N PRO D 182 -0.70 9.50 25.93
CA PRO D 182 -0.01 9.96 27.14
C PRO D 182 0.84 8.87 27.79
N TYR D 183 1.63 8.17 27.00
CA TYR D 183 2.63 7.24 27.51
C TYR D 183 3.74 7.01 26.47
N ALA D 184 4.97 6.83 26.93
CA ALA D 184 6.00 6.27 26.07
C ALA D 184 6.80 5.20 26.82
N TYR D 185 6.62 3.95 26.42
CA TYR D 185 7.29 2.83 27.08
C TYR D 185 8.69 2.55 26.54
N ASN D 186 9.52 1.95 27.40
CA ASN D 186 10.83 1.46 27.02
C ASN D 186 11.20 0.26 27.86
N LEU D 187 12.37 -0.32 27.59
CA LEU D 187 12.80 -1.50 28.33
C LEU D 187 13.83 -1.15 29.41
N TYR D 188 13.67 -1.76 30.57
CA TYR D 188 14.58 -1.57 31.69
C TYR D 188 15.15 -2.89 32.16
N ARG D 189 16.44 -2.90 32.48
CA ARG D 189 17.05 -4.02 33.17
C ARG D 189 17.15 -3.68 34.66
N LEU D 190 16.91 -4.68 35.51
CA LEU D 190 16.81 -4.46 36.94
C LEU D 190 17.67 -5.43 37.73
N ASP D 191 18.62 -4.89 38.50
CA ASP D 191 19.39 -5.68 39.43
C ASP D 191 18.60 -5.85 40.72
N THR D 192 18.35 -7.11 41.07
CA THR D 192 17.53 -7.47 42.21
C THR D 192 18.29 -7.45 43.53
N GLN D 193 19.62 -7.47 43.45
CA GLN D 193 20.44 -7.52 44.65
C GLN D 193 20.93 -6.15 45.11
N GLY D 194 20.52 -5.11 44.39
CA GLY D 194 20.90 -3.75 44.75
C GLY D 194 22.10 -3.24 43.99
N GLY D 195 22.39 -3.88 42.86
CA GLY D 195 23.52 -3.51 42.04
C GLY D 195 24.67 -4.48 42.23
N LYS D 196 24.52 -5.44 43.12
CA LYS D 196 25.65 -6.31 43.41
C LYS D 196 25.84 -7.39 42.36
N ILE D 197 24.80 -7.69 41.58
CA ILE D 197 24.94 -8.66 40.49
C ILE D 197 25.68 -8.04 39.31
N ILE D 198 25.36 -6.79 39.02
CA ILE D 198 26.09 -6.02 38.04
C ILE D 198 27.53 -5.83 38.50
N GLN D 199 27.71 -5.69 39.81
CA GLN D 199 29.04 -5.57 40.40
C GLN D 199 29.79 -6.89 40.29
N ARG D 200 29.04 -7.98 40.30
CA ARG D 200 29.62 -9.31 40.15
C ARG D 200 30.12 -9.47 38.72
N ILE D 201 29.26 -9.11 37.75
CA ILE D 201 29.61 -9.22 36.35
C ILE D 201 30.63 -8.18 35.89
N THR D 202 30.30 -6.91 36.07
CA THR D 202 31.16 -5.81 35.59
C THR D 202 32.30 -5.44 36.55
N GLY D 203 32.02 -5.47 37.84
CA GLY D 203 32.98 -4.98 38.83
C GLY D 203 32.56 -3.65 39.43
N HIS D 204 31.35 -3.21 39.11
CA HIS D 204 30.79 -1.98 39.68
C HIS D 204 29.27 -2.11 39.76
N VAL D 205 28.67 -1.49 40.77
CA VAL D 205 27.22 -1.52 40.92
C VAL D 205 26.55 -0.82 39.74
N LEU D 206 25.31 -1.20 39.46
CA LEU D 206 24.57 -0.66 38.32
C LEU D 206 24.32 0.84 38.47
N SER D 207 24.61 1.58 37.41
CA SER D 207 24.29 3.01 37.37
C SER D 207 23.00 3.20 36.59
N GLY D 208 22.18 4.14 37.05
CA GLY D 208 20.79 4.23 36.62
C GLY D 208 20.02 4.90 37.73
N ILE D 209 18.74 4.57 37.86
CA ILE D 209 17.97 5.02 39.01
C ILE D 209 18.05 3.96 40.11
N GLU D 210 18.44 4.38 41.31
CA GLU D 210 18.58 3.46 42.44
C GLU D 210 17.35 3.44 43.34
N PHE D 211 16.98 2.24 43.78
CA PHE D 211 15.90 2.05 44.74
C PHE D 211 16.45 1.38 46.00
N PRO D 212 17.03 2.19 46.90
CA PRO D 212 17.71 1.71 48.12
C PRO D 212 16.79 0.99 49.09
N HIS D 213 15.60 1.53 49.32
CA HIS D 213 14.68 0.96 50.30
C HIS D 213 14.13 -0.40 49.84
N LEU D 214 14.14 -0.61 48.52
CA LEU D 214 13.72 -1.90 47.96
C LEU D 214 14.92 -2.81 47.64
N ASN D 215 16.13 -2.28 47.86
CA ASN D 215 17.36 -2.98 47.50
C ASN D 215 17.38 -3.42 46.05
N THR D 216 17.01 -2.52 45.14
CA THR D 216 16.99 -2.82 43.72
C THR D 216 17.57 -1.66 42.91
N THR D 217 17.97 -1.92 41.67
CA THR D 217 18.49 -0.85 40.81
C THR D 217 17.99 -1.01 39.37
N ILE D 218 17.65 0.10 38.72
CA ILE D 218 17.17 0.02 37.33
C ILE D 218 18.03 0.82 36.35
N ASP D 219 18.15 0.29 35.15
CA ASP D 219 18.87 0.94 34.05
C ASP D 219 18.04 0.85 32.77
N GLN D 220 18.03 1.93 31.99
CA GLN D 220 17.22 1.97 30.77
C GLN D 220 18.01 1.53 29.54
N ILE D 221 17.65 0.37 29.00
CA ILE D 221 18.38 -0.20 27.88
C ILE D 221 17.85 0.15 26.49
N THR D 222 16.64 0.72 26.41
CA THR D 222 16.04 1.07 25.12
C THR D 222 15.50 2.50 25.13
N TYR D 223 15.95 3.30 24.18
CA TYR D 223 15.62 4.73 24.13
C TYR D 223 14.55 5.18 23.11
N ASN D 224 13.88 4.22 22.47
CA ASN D 224 12.84 4.53 21.46
C ASN D 224 11.81 5.56 21.93
N LEU D 225 11.49 6.50 21.04
CA LEU D 225 10.55 7.57 21.35
C LEU D 225 9.10 7.08 21.36
N SER D 226 8.88 5.89 20.82
CA SER D 226 7.59 5.22 20.95
C SER D 226 7.75 3.99 21.82
N SER D 227 6.66 3.28 22.06
CA SER D 227 6.64 2.23 23.07
C SER D 227 7.35 0.94 22.64
N ASN D 228 8.29 0.50 23.49
CA ASN D 228 8.84 -0.85 23.41
C ASN D 228 8.23 -1.69 24.53
N PHE D 229 7.74 -2.88 24.19
CA PHE D 229 6.99 -3.66 25.17
C PHE D 229 7.04 -5.17 24.93
N ASP D 230 6.39 -5.88 25.84
CA ASP D 230 6.32 -7.35 25.82
C ASP D 230 7.67 -8.04 25.61
N PRO D 231 8.60 -7.88 26.57
CA PRO D 231 9.91 -8.53 26.44
C PRO D 231 9.85 -10.04 26.74
N TRP D 232 10.68 -10.82 26.05
CA TRP D 232 10.72 -12.26 26.25
C TRP D 232 12.14 -12.77 25.98
N LEU D 233 12.30 -14.09 25.91
CA LEU D 233 13.63 -14.68 25.77
C LEU D 233 13.84 -15.36 24.42
N THR D 234 14.99 -15.10 23.81
CA THR D 234 15.40 -15.79 22.61
C THR D 234 16.17 -17.06 22.99
N PRO D 235 16.14 -18.09 22.12
CA PRO D 235 16.85 -19.34 22.41
C PRO D 235 18.36 -19.16 22.53
N ASP D 236 18.90 -18.10 21.93
CA ASP D 236 20.33 -17.82 22.03
C ASP D 236 20.67 -16.83 23.15
N GLY D 237 19.68 -16.46 23.95
CA GLY D 237 19.92 -15.63 25.12
C GLY D 237 19.81 -14.11 24.96
N ASN D 238 18.97 -13.66 24.04
CA ASN D 238 18.69 -12.23 23.91
C ASN D 238 17.24 -11.91 24.27
N ILE D 239 16.88 -10.63 24.21
CA ILE D 239 15.54 -10.18 24.56
C ILE D 239 14.66 -9.93 23.34
N LEU D 240 13.59 -10.71 23.24
CA LEU D 240 12.63 -10.59 22.14
C LEU D 240 11.45 -9.70 22.55
N PHE D 241 11.12 -8.70 21.73
CA PHE D 241 10.04 -7.79 22.08
C PHE D 241 9.42 -7.09 20.88
N SER D 242 8.42 -6.27 21.17
CA SER D 242 7.72 -5.50 20.14
C SER D 242 8.14 -4.04 20.19
N SER D 243 8.33 -3.45 19.01
CA SER D 243 8.78 -2.07 18.90
C SER D 243 7.89 -1.27 17.97
N VAL D 244 7.47 -0.10 18.41
CA VAL D 244 6.65 0.76 17.57
C VAL D 244 7.55 1.72 16.81
N GLN D 245 7.66 1.54 15.49
CA GLN D 245 8.41 2.49 14.71
C GLN D 245 7.42 3.41 14.01
N ALA D 246 7.25 4.59 14.61
CA ALA D 246 6.35 5.62 14.12
C ALA D 246 7.06 6.84 13.49
N ASN D 247 8.39 6.84 13.45
CA ASN D 247 9.14 8.09 13.24
C ASN D 247 8.70 8.86 12.01
N GLY D 248 8.28 10.10 12.22
CA GLY D 248 7.77 10.95 11.16
C GLY D 248 6.65 10.36 10.32
N SER D 249 6.81 10.49 9.01
CA SER D 249 5.81 10.08 8.02
C SER D 249 6.01 8.63 7.59
N ARG D 250 6.91 7.93 8.29
CA ARG D 250 7.29 6.57 7.97
C ARG D 250 6.12 5.61 7.76
N ALA D 251 6.26 4.75 6.76
CA ALA D 251 5.29 3.69 6.46
C ALA D 251 3.89 4.24 6.24
N GLY D 252 3.71 5.02 5.18
CA GLY D 252 2.43 5.60 4.86
C GLY D 252 1.92 6.54 5.93
N GLY D 253 2.84 7.03 6.76
CA GLY D 253 2.48 7.97 7.81
C GLY D 253 1.93 7.31 9.07
N GLU D 254 1.61 6.03 8.99
CA GLU D 254 1.06 5.31 10.14
C GLU D 254 2.07 4.45 10.91
N GLY D 255 3.30 4.35 10.42
CA GLY D 255 4.31 3.53 11.08
C GLY D 255 3.97 2.06 11.14
N ARG D 256 4.79 1.28 11.84
CA ARG D 256 4.53 -0.16 12.00
C ARG D 256 4.98 -0.69 13.35
N VAL D 257 4.36 -1.77 13.82
CA VAL D 257 4.80 -2.44 15.04
C VAL D 257 5.53 -3.73 14.70
N MET D 258 6.84 -3.75 14.95
CA MET D 258 7.69 -4.85 14.53
C MET D 258 8.13 -5.76 15.68
N ILE D 259 8.33 -7.02 15.36
CA ILE D 259 8.97 -7.94 16.30
C ILE D 259 10.48 -7.86 16.10
N CYS D 260 11.20 -7.63 17.19
CA CYS D 260 12.66 -7.50 17.11
C CYS D 260 13.35 -8.06 18.35
N VAL D 261 14.69 -8.02 18.34
CA VAL D 261 15.47 -8.49 19.48
C VAL D 261 16.55 -7.47 19.86
N ASP D 262 16.99 -7.53 21.11
CA ASP D 262 18.09 -6.70 21.58
C ASP D 262 18.81 -7.38 22.73
N ASN D 263 20.08 -7.05 22.91
CA ASN D 263 20.84 -7.55 24.06
C ASN D 263 20.26 -6.97 25.34
N TRP D 264 20.43 -7.69 26.45
CA TRP D 264 19.78 -7.30 27.70
C TRP D 264 20.31 -5.99 28.26
N ASP D 265 21.45 -5.52 27.73
CA ASP D 265 21.94 -4.18 28.05
C ASP D 265 21.56 -3.17 26.98
N GLY D 266 20.92 -3.65 25.91
CA GLY D 266 20.52 -2.78 24.82
C GLY D 266 21.67 -2.37 23.92
N ALA D 267 22.63 -3.26 23.76
CA ALA D 267 23.83 -2.98 22.97
C ALA D 267 23.61 -3.13 21.47
N TYR D 268 22.76 -4.08 21.07
CA TYR D 268 22.61 -4.43 19.67
C TYR D 268 21.17 -4.74 19.25
N PRO D 269 20.31 -3.72 19.20
CA PRO D 269 18.94 -3.94 18.70
C PRO D 269 18.91 -4.21 17.19
N ARG D 270 18.15 -5.22 16.78
CA ARG D 270 18.00 -5.55 15.36
C ARG D 270 16.60 -6.07 15.09
N PRO D 271 16.07 -5.79 13.89
CA PRO D 271 14.72 -6.22 13.52
C PRO D 271 14.62 -7.72 13.24
N ILE D 272 13.46 -8.29 13.51
CA ILE D 272 13.22 -9.70 13.19
C ILE D 272 12.16 -9.80 12.09
N TYR D 273 10.95 -9.34 12.37
CA TYR D 273 9.91 -9.35 11.34
C TYR D 273 8.88 -8.24 11.48
N GLY D 274 8.42 -7.70 10.36
CA GLY D 274 7.29 -6.79 10.34
C GLY D 274 7.55 -5.31 10.11
N ASN D 275 8.81 -4.90 10.06
CA ASN D 275 9.12 -3.47 9.90
C ASN D 275 9.43 -3.01 8.48
N CYS D 276 9.52 -3.94 7.53
CA CYS D 276 10.04 -3.59 6.21
C CYS D 276 9.04 -3.80 5.08
N ASP D 277 9.24 -3.05 3.99
CA ASP D 277 8.38 -3.15 2.82
C ASP D 277 8.38 -4.55 2.23
N GLY D 278 7.20 -5.05 1.88
CA GLY D 278 7.07 -6.36 1.28
C GLY D 278 6.63 -7.41 2.29
N GLU D 279 6.84 -7.13 3.57
CA GLU D 279 6.49 -8.06 4.64
C GLU D 279 5.01 -8.02 4.97
N ILE D 280 4.49 -9.13 5.49
CA ILE D 280 3.06 -9.33 5.70
C ILE D 280 2.55 -8.70 7.00
N GLY D 281 1.31 -8.23 6.98
CA GLY D 281 0.65 -7.71 8.17
C GLY D 281 0.40 -6.22 8.21
N GLY D 282 1.14 -5.45 7.41
CA GLY D 282 0.88 -4.03 7.28
C GLY D 282 0.90 -3.26 8.59
N THR D 283 -0.23 -2.62 8.90
CA THR D 283 -0.36 -1.80 10.11
C THR D 283 -0.86 -2.59 11.31
N SER D 284 -1.02 -3.90 11.14
CA SER D 284 -1.47 -4.76 12.24
C SER D 284 -0.53 -4.67 13.43
N GLY D 285 -1.09 -4.73 14.64
CA GLY D 285 -0.26 -4.74 15.83
C GLY D 285 0.34 -6.11 16.05
N ARG D 286 1.59 -6.16 16.49
CA ARG D 286 2.22 -7.44 16.81
C ARG D 286 2.67 -7.44 18.27
N SER D 287 2.01 -8.25 19.10
CA SER D 287 2.32 -8.22 20.53
C SER D 287 2.33 -9.61 21.16
N GLN D 288 2.86 -9.68 22.39
CA GLN D 288 2.86 -10.91 23.18
C GLN D 288 3.55 -12.05 22.45
N ALA D 289 4.70 -11.75 21.85
CA ALA D 289 5.44 -12.71 21.06
C ALA D 289 6.22 -13.71 21.93
N LYS D 290 6.05 -14.99 21.64
CA LYS D 290 6.80 -16.04 22.30
C LYS D 290 7.30 -17.05 21.26
N ILE D 291 8.22 -17.92 21.65
CA ILE D 291 8.85 -18.85 20.71
C ILE D 291 8.62 -20.30 21.09
N THR D 292 8.22 -21.12 20.12
CA THR D 292 8.00 -22.55 20.35
C THR D 292 9.32 -23.31 20.43
N PHE D 293 9.32 -24.36 21.24
CA PHE D 293 10.53 -25.17 21.44
C PHE D 293 10.74 -26.23 20.36
N GLY D 294 9.68 -26.91 19.95
CA GLY D 294 9.80 -27.99 18.98
C GLY D 294 10.20 -27.60 17.57
N ASP D 295 9.40 -26.76 16.92
CA ASP D 295 9.70 -26.33 15.55
C ASP D 295 10.35 -24.96 15.51
N ARG D 296 10.57 -24.37 16.68
CA ARG D 296 11.19 -23.05 16.80
C ARG D 296 10.46 -21.98 15.99
N LYS D 297 9.21 -21.71 16.38
CA LYS D 297 8.42 -20.70 15.71
C LYS D 297 8.11 -19.53 16.63
N ILE D 298 8.29 -18.32 16.13
CA ILE D 298 7.84 -17.14 16.85
C ILE D 298 6.34 -17.04 16.65
N VAL D 299 5.60 -17.14 17.75
CA VAL D 299 4.15 -17.09 17.71
C VAL D 299 3.70 -15.83 18.42
N TYR D 300 2.93 -15.01 17.72
CA TYR D 300 2.55 -13.71 18.25
C TYR D 300 1.10 -13.35 17.97
N VAL D 301 0.59 -12.40 18.74
CA VAL D 301 -0.75 -11.88 18.55
C VAL D 301 -0.72 -10.81 17.49
N GLU D 302 -1.46 -11.05 16.41
CA GLU D 302 -1.61 -10.09 15.33
C GLU D 302 -2.97 -9.43 15.46
N SER D 303 -2.97 -8.18 15.89
CA SER D 303 -4.20 -7.43 16.11
C SER D 303 -4.57 -6.61 14.88
N PRO D 304 -5.86 -6.60 14.55
CA PRO D 304 -6.42 -5.83 13.43
C PRO D 304 -6.05 -4.37 13.52
N TYR D 305 -6.04 -3.85 14.75
CA TYR D 305 -5.68 -2.46 14.98
C TYR D 305 -4.33 -2.38 15.69
N MET D 306 -3.60 -1.31 15.41
CA MET D 306 -2.23 -1.15 15.91
C MET D 306 -2.17 -1.07 17.44
N ASN D 307 -3.21 -0.54 18.05
CA ASN D 307 -3.23 -0.31 19.49
C ASN D 307 -3.90 -1.44 20.29
N TRP D 308 -4.32 -2.49 19.62
CA TRP D 308 -5.06 -3.58 20.27
C TRP D 308 -4.16 -4.71 20.76
N GLY D 309 -4.51 -5.26 21.92
CA GLY D 309 -3.76 -6.36 22.50
C GLY D 309 -4.42 -7.70 22.26
N VAL D 310 -5.55 -7.69 21.57
CA VAL D 310 -6.23 -8.92 21.18
C VAL D 310 -6.35 -8.97 19.66
N GLY D 311 -6.55 -10.17 19.12
CA GLY D 311 -6.50 -10.37 17.68
C GLY D 311 -6.40 -11.83 17.30
N GLN D 312 -5.81 -12.09 16.14
CA GLN D 312 -5.55 -13.47 15.71
C GLN D 312 -4.15 -13.92 16.10
N LEU D 313 -3.80 -15.14 15.71
CA LEU D 313 -2.48 -15.69 16.01
C LEU D 313 -1.67 -15.90 14.73
N ALA D 314 -0.48 -15.31 14.69
CA ALA D 314 0.40 -15.47 13.53
C ALA D 314 1.74 -16.07 13.95
N ALA D 315 2.47 -16.64 12.99
CA ALA D 315 3.74 -17.27 13.32
C ALA D 315 4.77 -17.14 12.20
N VAL D 316 6.02 -16.91 12.59
CA VAL D 316 7.15 -16.92 11.66
C VAL D 316 8.33 -17.62 12.31
N SER D 317 8.99 -18.52 11.57
CA SER D 317 10.10 -19.30 12.12
C SER D 317 11.21 -18.40 12.67
N TRP D 318 11.68 -18.72 13.86
CA TRP D 318 12.73 -17.93 14.51
C TRP D 318 14.05 -18.04 13.74
N ASP D 319 14.33 -19.23 13.22
CA ASP D 319 15.57 -19.49 12.50
C ASP D 319 15.64 -18.67 11.22
N ALA D 320 14.54 -18.64 10.48
CA ALA D 320 14.48 -17.86 9.24
C ALA D 320 13.20 -17.03 9.19
N PRO D 321 13.20 -15.88 9.87
CA PRO D 321 12.02 -15.01 9.93
C PRO D 321 11.79 -14.23 8.63
N PHE D 322 11.18 -14.89 7.66
CA PHE D 322 10.85 -14.25 6.39
C PHE D 322 9.43 -14.59 5.97
N ASN D 323 9.01 -14.06 4.83
CA ASN D 323 7.64 -14.25 4.35
C ASN D 323 7.34 -15.70 3.99
N LYS D 324 8.37 -16.43 3.57
CA LYS D 324 8.21 -17.81 3.14
C LYS D 324 7.82 -18.73 4.30
N THR D 325 8.19 -18.33 5.52
CA THR D 325 7.85 -19.11 6.71
C THR D 325 6.60 -18.59 7.42
N TYR D 326 6.01 -17.51 6.92
CA TYR D 326 4.84 -16.90 7.55
C TYR D 326 3.62 -17.79 7.43
N GLU D 327 2.77 -17.78 8.44
CA GLU D 327 1.52 -18.56 8.42
C GLU D 327 0.45 -17.97 9.34
N LYS D 328 -0.81 -18.30 9.05
CA LYS D 328 -1.93 -17.88 9.86
C LYS D 328 -2.44 -19.05 10.71
N LEU D 329 -2.33 -18.91 12.04
CA LEU D 329 -2.69 -19.99 12.95
C LEU D 329 -4.18 -20.06 13.27
N THR D 330 -4.89 -18.95 13.08
CA THR D 330 -6.29 -18.85 13.52
C THR D 330 -7.17 -18.05 12.56
N GLY D 331 -8.39 -17.76 13.00
CA GLY D 331 -9.25 -16.84 12.29
C GLY D 331 -10.47 -17.41 11.60
N LYS D 332 -10.56 -18.73 11.51
CA LYS D 332 -11.65 -19.36 10.79
C LYS D 332 -12.90 -19.57 11.65
N ASP D 333 -12.76 -19.36 12.96
CA ASP D 333 -13.92 -19.40 13.86
C ASP D 333 -14.48 -18.03 14.20
N GLY D 334 -13.80 -16.97 13.74
CA GLY D 334 -14.22 -15.62 14.03
C GLY D 334 -13.98 -15.15 15.47
N GLY D 335 -13.32 -15.99 16.26
CA GLY D 335 -13.05 -15.66 17.65
C GLY D 335 -11.82 -14.80 17.84
N LEU D 336 -11.62 -14.29 19.05
CA LEU D 336 -10.46 -13.46 19.35
C LEU D 336 -9.47 -14.17 20.27
N TYR D 337 -8.19 -14.11 19.89
CA TYR D 337 -7.13 -14.77 20.64
C TYR D 337 -6.18 -13.77 21.29
N ARG D 338 -5.63 -14.16 22.43
CA ARG D 338 -4.63 -13.34 23.11
C ARG D 338 -3.77 -14.21 24.04
N SER D 339 -2.58 -13.70 24.37
CA SER D 339 -1.67 -14.33 25.32
C SER D 339 -1.38 -15.81 25.07
N PRO D 340 -0.73 -16.13 23.94
CA PRO D 340 -0.36 -17.52 23.68
C PRO D 340 0.84 -17.97 24.52
N TYR D 341 0.85 -19.21 24.98
CA TYR D 341 1.97 -19.71 25.77
C TYR D 341 2.43 -21.10 25.34
N PRO D 342 3.42 -21.17 24.43
CA PRO D 342 3.97 -22.45 23.97
C PRO D 342 4.62 -23.25 25.09
N LEU D 343 4.50 -24.58 25.01
CA LEU D 343 5.13 -25.46 25.98
C LEU D 343 6.22 -26.31 25.32
N PRO D 344 7.25 -26.70 26.09
CA PRO D 344 8.31 -27.61 25.63
C PRO D 344 7.78 -28.98 25.18
N ASP D 345 6.53 -29.27 25.54
CA ASP D 345 5.88 -30.52 25.16
C ASP D 345 5.23 -30.39 23.79
N ASP D 346 5.49 -29.25 23.14
CA ASP D 346 4.88 -28.88 21.86
C ASP D 346 3.38 -28.66 22.02
N ARG D 347 2.97 -28.30 23.24
CA ARG D 347 1.60 -27.85 23.46
C ARG D 347 1.59 -26.33 23.61
N MET D 348 0.40 -25.76 23.72
CA MET D 348 0.29 -24.32 23.92
C MET D 348 -0.98 -23.96 24.67
N LEU D 349 -0.89 -22.96 25.56
CA LEU D 349 -2.06 -22.44 26.26
C LEU D 349 -2.43 -21.08 25.67
N VAL D 350 -3.69 -20.93 25.28
CA VAL D 350 -4.13 -19.69 24.68
C VAL D 350 -5.33 -19.10 25.42
N SER D 351 -5.43 -17.77 25.41
CA SER D 351 -6.64 -17.12 25.91
C SER D 351 -7.55 -16.84 24.73
N TYR D 352 -8.78 -17.31 24.82
CA TYR D 352 -9.67 -17.33 23.67
C TYR D 352 -11.08 -16.89 24.05
N ALA D 353 -11.62 -15.97 23.26
CA ALA D 353 -13.04 -15.65 23.36
C ALA D 353 -13.71 -15.94 22.02
N GLU D 354 -14.48 -17.02 21.98
CA GLU D 354 -15.23 -17.37 20.78
C GLU D 354 -16.19 -16.26 20.41
N ARG D 355 -17.25 -16.17 21.21
CA ARG D 355 -18.23 -15.11 21.09
C ARG D 355 -18.01 -13.98 22.10
N GLY D 356 -16.83 -13.92 22.69
CA GLY D 356 -16.46 -12.78 23.52
C GLY D 356 -16.22 -12.91 25.00
N ASP D 357 -16.44 -14.10 25.57
CA ASP D 357 -15.95 -14.36 26.92
C ASP D 357 -14.58 -15.02 26.85
N PHE D 358 -13.55 -14.30 27.28
CA PHE D 358 -12.18 -14.82 27.24
C PHE D 358 -11.95 -15.88 28.31
N GLY D 359 -11.31 -16.99 27.91
CA GLY D 359 -11.01 -18.07 28.83
C GLY D 359 -9.72 -18.77 28.46
N ILE D 360 -9.26 -19.68 29.32
CA ILE D 360 -8.03 -20.41 29.06
C ILE D 360 -8.32 -21.73 28.36
N TYR D 361 -7.63 -21.97 27.24
CA TYR D 361 -7.87 -23.17 26.43
C TYR D 361 -6.56 -23.80 25.96
N TRP D 362 -6.57 -25.13 25.83
CA TRP D 362 -5.49 -25.85 25.18
C TRP D 362 -5.60 -25.64 23.67
N PHE D 363 -4.52 -25.22 23.02
CA PHE D 363 -4.58 -24.96 21.60
C PHE D 363 -4.48 -26.24 20.78
N ASN D 364 -5.15 -26.25 19.63
CA ASN D 364 -5.09 -27.39 18.71
C ASN D 364 -4.49 -26.96 17.38
N PHE D 365 -3.32 -27.52 17.04
CA PHE D 365 -2.62 -27.16 15.82
C PHE D 365 -3.21 -27.83 14.59
N SER D 366 -3.89 -28.95 14.79
CA SER D 366 -4.48 -29.68 13.66
C SER D 366 -5.78 -29.01 13.20
N LYS D 367 -6.44 -28.30 14.12
CA LYS D 367 -7.67 -27.60 13.79
C LYS D 367 -7.47 -26.12 13.49
N CYS D 368 -6.23 -25.65 13.64
CA CYS D 368 -5.91 -24.22 13.50
C CYS D 368 -6.83 -23.34 14.35
N ALA D 369 -7.19 -23.82 15.54
CA ALA D 369 -8.09 -23.09 16.42
C ALA D 369 -7.98 -23.58 17.86
N ALA D 370 -8.80 -23.02 18.73
CA ALA D 370 -8.78 -23.36 20.16
C ALA D 370 -9.37 -24.75 20.42
N GLY D 371 -8.75 -25.47 21.36
CA GLY D 371 -9.20 -26.80 21.73
C GLY D 371 -10.01 -26.84 23.01
N ASP D 372 -9.83 -27.93 23.77
CA ASP D 372 -10.54 -28.18 25.01
C ASP D 372 -10.37 -27.06 26.04
N LYS D 373 -11.42 -26.84 26.84
CA LYS D 373 -11.42 -25.80 27.85
C LYS D 373 -10.57 -26.15 29.07
N VAL D 374 -9.83 -25.18 29.58
CA VAL D 374 -9.11 -25.34 30.84
C VAL D 374 -9.95 -24.75 31.97
N TYR D 375 -10.01 -23.43 32.03
CA TYR D 375 -10.88 -22.74 32.97
C TYR D 375 -11.51 -21.50 32.31
N ASP D 376 -12.83 -21.46 32.28
CA ASP D 376 -13.53 -20.27 31.79
C ASP D 376 -14.62 -19.82 32.76
N ASP D 377 -14.40 -18.66 33.37
CA ASP D 377 -15.38 -18.06 34.25
C ASP D 377 -16.18 -17.04 33.43
N PRO D 378 -17.51 -17.15 33.44
CA PRO D 378 -18.36 -16.19 32.73
C PRO D 378 -18.24 -14.77 33.27
N ASN D 379 -17.74 -14.62 34.49
CA ASN D 379 -17.64 -13.30 35.11
C ASN D 379 -16.28 -12.63 34.95
N TRP D 380 -15.35 -13.33 34.30
CA TRP D 380 -13.99 -12.80 34.15
C TRP D 380 -13.40 -13.03 32.76
N ASN D 381 -12.64 -12.05 32.28
CA ASN D 381 -11.77 -12.30 31.15
C ASN D 381 -10.56 -13.04 31.67
N ASP D 382 -10.39 -14.26 31.19
CA ASP D 382 -9.33 -15.13 31.69
C ASP D 382 -8.21 -15.18 30.66
N HIS D 383 -7.09 -14.54 30.98
CA HIS D 383 -6.01 -14.43 30.01
C HIS D 383 -4.64 -14.46 30.67
N GLN D 384 -3.60 -14.34 29.85
CA GLN D 384 -2.21 -14.44 30.29
C GLN D 384 -1.92 -15.74 31.06
N PRO D 385 -2.19 -16.91 30.45
CA PRO D 385 -1.88 -18.15 31.16
C PRO D 385 -0.36 -18.37 31.28
N ALA D 386 0.09 -18.69 32.49
CA ALA D 386 1.50 -18.96 32.72
C ALA D 386 1.67 -20.22 33.56
N PRO D 387 1.74 -21.38 32.90
CA PRO D 387 1.83 -22.68 33.59
C PRO D 387 3.10 -22.81 34.42
N VAL D 388 3.04 -23.55 35.52
CA VAL D 388 4.21 -23.73 36.36
C VAL D 388 5.02 -24.95 35.89
N TYR D 389 6.33 -24.77 35.80
CA TYR D 389 7.27 -25.81 35.42
C TYR D 389 8.68 -25.26 35.48
N VAL D 390 9.66 -26.15 35.47
CA VAL D 390 11.05 -25.73 35.55
C VAL D 390 11.55 -25.28 34.17
N LYS D 391 11.98 -24.02 34.09
CA LYS D 391 12.44 -23.46 32.83
C LYS D 391 13.96 -23.50 32.71
N TYR D 392 14.45 -23.95 31.57
CA TYR D 392 15.88 -23.94 31.30
C TYR D 392 16.34 -22.49 31.15
N LYS D 393 17.59 -22.22 31.54
CA LYS D 393 18.11 -20.86 31.50
C LYS D 393 18.87 -20.59 30.21
N PRO D 394 18.52 -19.48 29.54
CA PRO D 394 19.23 -19.04 28.33
C PRO D 394 20.61 -18.49 28.66
N ARG D 395 21.49 -18.44 27.66
CA ARG D 395 22.83 -17.92 27.84
C ARG D 395 22.80 -16.44 28.23
N TRP D 396 23.73 -16.03 29.08
CA TRP D 396 23.83 -14.63 29.44
C TRP D 396 25.04 -14.00 28.73
N ILE D 397 24.77 -12.92 28.01
CA ILE D 397 25.77 -12.27 27.18
C ILE D 397 26.55 -11.21 27.98
N ASN D 398 27.85 -11.11 27.71
CA ASN D 398 28.70 -10.15 28.39
C ASN D 398 28.33 -8.70 28.08
N THR D 399 28.15 -7.90 29.13
CA THR D 399 27.83 -6.49 28.98
C THR D 399 29.04 -5.60 29.19
N PHE D 400 29.23 -4.67 28.26
CA PHE D 400 30.33 -3.71 28.35
C PHE D 400 29.91 -2.37 28.94
N THR D 401 28.68 -2.29 29.42
CA THR D 401 28.22 -1.10 30.12
C THR D 401 27.69 -1.41 31.53
N ALA D 402 28.03 -0.55 32.48
CA ALA D 402 27.58 -0.65 33.85
C ALA D 402 26.28 0.16 34.05
N GLY D 403 25.71 0.60 32.94
CA GLY D 403 24.55 1.47 32.95
C GLY D 403 24.87 2.93 32.75
N LYS D 404 24.02 3.81 33.26
CA LYS D 404 24.06 5.24 32.94
C LYS D 404 25.45 5.85 33.16
N ASN D 405 25.96 6.49 32.11
CA ASN D 405 27.25 7.17 32.12
C ASN D 405 28.44 6.23 32.28
N PHE D 406 28.16 4.94 32.46
CA PHE D 406 29.20 3.96 32.78
C PHE D 406 29.55 3.03 31.63
N GLY D 407 30.80 3.11 31.18
CA GLY D 407 31.32 2.18 30.20
C GLY D 407 32.23 1.15 30.84
N VAL D 408 32.64 0.13 30.09
CA VAL D 408 33.61 -0.85 30.58
C VAL D 408 34.69 -1.05 29.53
N THR D 409 35.95 -0.79 29.92
CA THR D 409 37.08 -0.84 29.01
C THR D 409 37.20 -2.19 28.32
N VAL D 410 37.63 -2.19 27.06
CA VAL D 410 37.78 -3.41 26.30
C VAL D 410 39.17 -4.03 26.53
N VAL D 411 40.06 -3.24 27.13
CA VAL D 411 41.42 -3.70 27.39
C VAL D 411 41.54 -4.43 28.72
N THR D 412 41.35 -3.71 29.81
CA THR D 412 41.47 -4.29 31.15
C THR D 412 40.14 -4.69 31.77
N TYR D 413 39.04 -4.40 31.06
CA TYR D 413 37.68 -4.61 31.56
C TYR D 413 37.48 -3.95 32.93
N GLN D 414 37.64 -2.63 32.97
CA GLN D 414 37.40 -1.86 34.18
C GLN D 414 36.31 -0.81 33.98
N PRO D 415 35.21 -0.91 34.75
CA PRO D 415 34.13 0.07 34.70
C PRO D 415 34.61 1.51 34.91
N PHE D 416 34.02 2.45 34.19
CA PHE D 416 34.39 3.86 34.33
C PHE D 416 33.20 4.79 34.08
N ASP D 417 33.14 5.87 34.84
CA ASP D 417 32.10 6.89 34.69
C ASP D 417 32.62 8.02 33.81
N GLN D 418 31.99 8.21 32.66
CA GLN D 418 32.46 9.18 31.68
C GLN D 418 32.20 10.62 32.12
N VAL D 419 31.18 10.81 32.95
CA VAL D 419 30.75 12.16 33.34
C VAL D 419 31.37 12.61 34.67
N LYS D 420 30.99 11.95 35.75
CA LYS D 420 31.41 12.35 37.08
C LYS D 420 32.92 12.26 37.28
N VAL D 421 33.53 11.25 36.68
CA VAL D 421 34.96 11.02 36.85
C VAL D 421 35.79 11.68 35.75
N GLU D 422 35.61 11.23 34.52
CA GLU D 422 36.44 11.67 33.40
C GLU D 422 36.17 13.13 33.00
N GLY D 423 34.99 13.63 33.33
CA GLY D 423 34.69 15.04 33.12
C GLY D 423 33.98 15.37 31.83
N TYR D 424 33.38 14.37 31.19
CA TYR D 424 32.61 14.61 29.98
C TYR D 424 31.22 15.16 30.32
N PRO D 425 30.73 16.11 29.51
CA PRO D 425 29.41 16.71 29.69
C PRO D 425 28.28 15.67 29.62
N HIS D 426 28.49 14.65 28.80
CA HIS D 426 27.49 13.60 28.62
C HIS D 426 28.18 12.30 28.21
N SER D 427 27.54 11.17 28.51
CA SER D 427 28.03 9.88 28.07
C SER D 427 28.04 9.82 26.55
N TRP D 428 29.02 9.14 25.97
CA TRP D 428 29.13 9.10 24.52
C TRP D 428 29.56 7.73 23.99
N GLY D 429 29.39 7.54 22.68
CA GLY D 429 29.66 6.28 22.02
C GLY D 429 29.95 6.51 20.54
N THR D 430 30.07 5.44 19.76
CA THR D 430 30.42 5.57 18.35
C THR D 430 29.56 4.76 17.39
N TRP D 431 29.58 5.13 16.12
CA TRP D 431 28.99 4.27 15.11
C TRP D 431 29.68 4.43 13.75
N ILE D 432 29.66 3.36 12.98
CA ILE D 432 30.36 3.32 11.70
C ILE D 432 29.58 2.53 10.64
N CYS D 433 29.50 3.12 9.44
CA CYS D 433 28.93 2.46 8.28
C CYS D 433 30.02 2.27 7.23
N PHE D 434 30.14 1.04 6.74
CA PHE D 434 31.20 0.71 5.80
C PHE D 434 30.94 1.28 4.40
N ASP D 435 29.70 1.22 3.95
CA ASP D 435 29.31 1.87 2.70
C ASP D 435 27.98 2.58 2.85
N THR D 436 27.98 3.91 2.69
CA THR D 436 26.75 4.68 2.88
C THR D 436 25.90 4.72 1.61
N THR D 437 26.50 4.31 0.49
CA THR D 437 25.80 4.30 -0.79
C THR D 437 25.19 2.93 -1.08
N LEU D 438 25.40 1.99 -0.16
CA LEU D 438 24.94 0.63 -0.33
C LEU D 438 23.55 0.43 0.27
N SER D 439 22.58 0.11 -0.58
CA SER D 439 21.19 -0.03 -0.13
C SER D 439 20.39 -1.02 -0.97
N ASP D 440 19.33 -1.56 -0.39
CA ASP D 440 18.39 -2.40 -1.12
C ASP D 440 17.20 -1.56 -1.58
N GLN D 441 17.23 -0.28 -1.24
CA GLN D 441 16.15 0.64 -1.58
C GLN D 441 16.35 1.25 -2.95
N PRO D 442 15.26 1.42 -3.72
CA PRO D 442 15.31 2.00 -5.05
C PRO D 442 15.25 3.53 -5.01
N VAL D 443 15.30 4.15 -6.18
CA VAL D 443 15.10 5.60 -6.27
C VAL D 443 13.60 5.89 -6.26
N GLY D 444 13.16 6.74 -5.34
CA GLY D 444 11.75 7.05 -5.21
C GLY D 444 11.46 8.34 -4.49
N PRO D 445 10.18 8.77 -4.52
CA PRO D 445 9.71 10.01 -3.88
C PRO D 445 9.68 9.94 -2.35
N TYR D 446 9.52 8.76 -1.78
CA TYR D 446 9.42 8.61 -0.34
C TYR D 446 10.78 8.80 0.34
N PRO D 447 10.79 9.44 1.52
CA PRO D 447 12.01 9.88 2.19
C PRO D 447 12.95 8.74 2.62
N HIS D 448 12.41 7.53 2.78
CA HIS D 448 13.24 6.41 3.19
C HIS D 448 13.90 5.74 1.98
N GLN D 449 13.67 6.33 0.80
CA GLN D 449 14.27 5.84 -0.42
C GLN D 449 15.30 6.84 -0.95
N LYS D 450 15.92 6.50 -2.08
CA LYS D 450 16.91 7.38 -2.68
C LYS D 450 16.25 8.42 -3.57
N ALA D 451 16.73 9.66 -3.48
CA ALA D 451 16.21 10.74 -4.30
C ALA D 451 16.89 10.74 -5.66
N LYS D 452 17.95 9.94 -5.77
CA LYS D 452 18.76 9.83 -6.98
C LYS D 452 19.83 8.77 -6.79
N ASN D 453 20.42 8.33 -7.89
CA ASN D 453 21.52 7.37 -7.82
C ASN D 453 22.76 8.00 -7.21
N VAL D 454 23.38 7.28 -6.28
CA VAL D 454 24.61 7.76 -5.66
C VAL D 454 25.69 6.68 -5.66
N SER D 455 26.89 7.07 -6.09
CA SER D 455 28.03 6.18 -6.07
C SER D 455 29.05 6.70 -5.07
N HIS D 456 30.18 6.01 -4.95
CA HIS D 456 31.23 6.42 -4.04
C HIS D 456 31.74 7.80 -4.41
N GLY D 457 31.75 8.70 -3.43
CA GLY D 457 32.19 10.07 -3.65
C GLY D 457 31.02 11.03 -3.79
N ASP D 458 29.86 10.50 -4.15
CA ASP D 458 28.66 11.32 -4.29
C ASP D 458 28.12 11.72 -2.92
N ILE D 459 28.35 10.87 -1.93
CA ILE D 459 27.93 11.18 -0.57
C ILE D 459 29.10 11.83 0.17
N LYS D 460 28.97 13.12 0.42
CA LYS D 460 30.03 13.90 1.05
C LYS D 460 30.02 13.78 2.57
N ALA D 461 28.83 13.83 3.16
CA ALA D 461 28.70 13.82 4.60
C ALA D 461 27.40 13.17 5.07
N VAL D 462 27.18 13.19 6.38
CA VAL D 462 25.96 12.69 6.98
C VAL D 462 25.47 13.64 8.07
N ARG D 463 24.15 13.81 8.12
CA ARG D 463 23.52 14.59 9.17
C ARG D 463 22.97 13.67 10.25
N ILE D 464 23.29 13.98 11.50
CA ILE D 464 22.85 13.20 12.64
C ILE D 464 21.87 14.03 13.48
N ILE D 465 20.68 13.46 13.66
CA ILE D 465 19.54 14.15 14.26
C ILE D 465 19.08 13.45 15.53
N GLN D 466 18.81 14.23 16.59
CA GLN D 466 18.28 13.68 17.83
C GLN D 466 16.81 14.02 18.03
N GLY D 467 15.99 12.99 18.20
CA GLY D 467 14.58 13.17 18.46
C GLY D 467 14.30 13.71 19.86
N TYR D 468 13.52 14.78 19.93
CA TYR D 468 13.11 15.34 21.21
C TYR D 468 11.74 14.79 21.59
N GLN D 469 11.64 14.27 22.82
CA GLN D 469 10.37 13.77 23.32
C GLN D 469 9.39 14.93 23.44
N CYS D 470 8.10 14.66 23.21
CA CYS D 470 7.11 15.71 23.27
C CYS D 470 6.53 15.79 24.67
N VAL D 471 6.85 16.86 25.37
CA VAL D 471 6.36 17.08 26.73
C VAL D 471 5.66 18.43 26.82
N GLU D 472 4.36 18.38 27.08
CA GLU D 472 3.55 19.59 27.14
C GLU D 472 2.66 19.58 28.36
N PRO D 473 3.21 19.99 29.52
CA PRO D 473 2.50 19.97 30.80
C PRO D 473 1.32 20.94 30.83
N ASP D 474 1.47 22.09 30.18
CA ASP D 474 0.41 23.09 30.13
C ASP D 474 -0.47 22.86 28.91
N SER D 475 -1.74 22.51 29.15
CA SER D 475 -2.65 22.14 28.08
C SER D 475 -3.19 23.34 27.31
N THR D 476 -2.92 24.54 27.82
CA THR D 476 -3.35 25.75 27.14
C THR D 476 -2.34 26.18 26.07
N ARG D 477 -1.14 25.63 26.14
CA ARG D 477 -0.09 25.93 25.17
C ARG D 477 0.07 24.87 24.07
N PHE D 478 -0.69 23.78 24.15
CA PHE D 478 -0.50 22.68 23.20
C PHE D 478 -1.82 22.08 22.70
N ARG D 479 -1.89 21.85 21.39
CA ARG D 479 -3.09 21.32 20.77
C ARG D 479 -2.74 20.27 19.71
N VAL D 480 -3.46 19.14 19.74
CA VAL D 480 -3.25 18.07 18.76
C VAL D 480 -4.20 18.24 17.57
N GLY D 481 -3.66 18.12 16.37
CA GLY D 481 -4.45 18.21 15.16
C GLY D 481 -4.63 19.63 14.66
N ALA D 482 -3.70 20.51 15.05
CA ALA D 482 -3.76 21.91 14.63
C ALA D 482 -3.44 22.04 13.14
N GLY D 483 -2.69 21.07 12.62
CA GLY D 483 -2.28 21.08 11.22
C GLY D 483 -3.01 20.09 10.33
N ALA D 484 -4.19 19.65 10.75
CA ALA D 484 -4.94 18.62 10.01
C ALA D 484 -5.19 18.99 8.55
N HIS D 485 -5.21 20.29 8.26
CA HIS D 485 -5.38 20.76 6.89
C HIS D 485 -4.06 20.68 6.11
N LEU D 486 -2.97 20.47 6.84
CA LEU D 486 -1.64 20.35 6.25
C LEU D 486 -1.23 18.90 6.05
N LEU D 487 0.04 18.69 5.71
CA LEU D 487 0.57 17.37 5.38
C LEU D 487 0.46 16.36 6.52
N GLY D 488 0.55 16.84 7.76
CA GLY D 488 0.59 15.97 8.93
C GLY D 488 -0.68 15.18 9.18
N GLY D 489 -1.83 15.80 8.95
CA GLY D 489 -3.10 15.16 9.22
C GLY D 489 -3.42 15.16 10.70
N GLU D 490 -4.02 14.08 11.18
CA GLU D 490 -4.39 13.96 12.58
C GLU D 490 -3.17 13.75 13.48
N ARG D 491 -2.03 13.45 12.86
CA ARG D 491 -0.79 13.25 13.61
C ARG D 491 0.00 14.55 13.76
N SER D 492 -0.56 15.64 13.26
CA SER D 492 0.07 16.94 13.44
C SER D 492 -0.30 17.50 14.80
N SER D 493 0.25 18.67 15.13
CA SER D 493 0.01 19.28 16.44
C SER D 493 0.42 20.75 16.40
N SER D 494 0.34 21.42 17.54
CA SER D 494 0.73 22.82 17.65
C SER D 494 2.22 23.01 17.35
N ASN D 495 2.99 21.93 17.46
CA ASN D 495 4.43 21.97 17.22
C ASN D 495 4.83 21.91 15.74
N SER D 496 4.12 21.11 14.95
CA SER D 496 4.47 20.97 13.54
C SER D 496 3.25 20.66 12.67
N GLY D 497 3.30 21.10 11.42
CA GLY D 497 2.25 20.82 10.46
C GLY D 497 2.43 19.46 9.82
N THR D 498 3.51 18.77 10.18
CA THR D 498 3.79 17.44 9.64
C THR D 498 3.70 16.39 10.73
N ALA D 499 3.91 15.14 10.36
CA ALA D 499 3.86 14.03 11.30
C ALA D 499 5.16 13.93 12.11
N PHE D 500 6.14 14.73 11.71
CA PHE D 500 7.43 14.76 12.40
C PHE D 500 7.35 15.59 13.67
N GLN D 501 7.67 14.97 14.80
CA GLN D 501 7.70 15.69 16.06
C GLN D 501 9.02 16.44 16.22
N GLN D 502 9.16 17.14 17.35
CA GLN D 502 10.32 18.01 17.57
C GLN D 502 11.63 17.23 17.61
N ARG D 503 12.65 17.80 16.96
CA ARG D 503 13.97 17.18 16.88
C ARG D 503 15.03 18.24 16.62
N GLY D 504 16.29 17.86 16.77
CA GLY D 504 17.38 18.79 16.58
C GLY D 504 18.61 18.10 16.02
N ILE D 505 19.64 18.88 15.72
CA ILE D 505 20.83 18.36 15.06
C ILE D 505 21.90 17.92 16.04
N ILE D 506 22.16 16.62 16.10
CA ILE D 506 23.30 16.11 16.85
C ILE D 506 24.57 16.66 16.22
N GLY D 507 24.65 16.56 14.90
CA GLY D 507 25.78 17.15 14.19
C GLY D 507 26.10 16.47 12.89
N TYR D 508 27.08 16.99 12.17
CA TYR D 508 27.43 16.45 10.86
C TYR D 508 28.77 15.72 10.90
N GLN D 509 28.91 14.70 10.06
CA GLN D 509 30.19 13.99 9.96
C GLN D 509 30.54 13.68 8.51
N TYR D 510 31.78 13.91 8.12
CA TYR D 510 32.19 13.69 6.74
C TYR D 510 32.18 12.21 6.36
N VAL D 511 32.10 11.96 5.06
CA VAL D 511 32.11 10.58 4.54
C VAL D 511 33.31 10.37 3.63
N GLU D 512 33.99 9.24 3.81
CA GLU D 512 35.17 8.91 3.01
C GLU D 512 34.80 8.67 1.55
N SER D 513 35.80 8.76 0.68
CA SER D 513 35.60 8.62 -0.76
C SER D 513 35.02 7.26 -1.16
N ASP D 514 35.19 6.26 -0.30
CA ASP D 514 34.68 4.92 -0.59
C ASP D 514 33.30 4.70 0.01
N GLY D 515 32.75 5.75 0.63
CA GLY D 515 31.41 5.69 1.18
C GLY D 515 31.35 5.28 2.64
N SER D 516 32.53 5.15 3.25
CA SER D 516 32.61 4.75 4.66
C SER D 516 32.62 5.97 5.58
N THR D 517 31.94 5.86 6.71
CA THR D 517 31.93 6.94 7.69
C THR D 517 31.90 6.40 9.11
N VAL D 518 32.48 7.14 10.04
CA VAL D 518 32.50 6.76 11.44
C VAL D 518 32.49 8.01 12.31
N THR D 519 31.80 7.96 13.44
CA THR D 519 31.75 9.12 14.32
C THR D 519 31.52 8.78 15.78
N SER D 520 31.89 9.74 16.64
CA SER D 520 31.57 9.70 18.06
C SER D 520 30.46 10.69 18.35
N GLN D 521 29.54 10.33 19.23
CA GLN D 521 28.37 11.15 19.49
C GLN D 521 27.73 10.82 20.83
N LEU D 522 26.61 11.49 21.13
CA LEU D 522 25.88 11.28 22.36
C LEU D 522 25.37 9.84 22.48
N SER D 523 25.21 9.38 23.72
CA SER D 523 24.70 8.04 23.96
C SER D 523 23.49 8.11 24.91
N ASP D 524 22.74 7.02 24.97
CA ASP D 524 21.51 6.94 25.76
C ASP D 524 20.47 7.97 25.29
N VAL D 525 20.56 8.37 24.03
CA VAL D 525 19.59 9.29 23.43
C VAL D 525 19.16 8.78 22.06
N PRO D 526 17.87 8.96 21.71
CA PRO D 526 17.37 8.52 20.41
C PRO D 526 17.90 9.37 19.26
N TYR D 527 18.28 8.74 18.16
CA TYR D 527 18.84 9.45 17.02
C TYR D 527 18.71 8.68 15.71
N TYR D 528 18.88 9.38 14.60
CA TYR D 528 18.99 8.73 13.29
C TYR D 528 19.88 9.54 12.36
N MET D 529 20.08 9.06 11.13
CA MET D 529 21.06 9.63 10.23
C MET D 529 20.52 9.92 8.83
N GLN D 530 21.20 10.82 8.12
CA GLN D 530 20.86 11.15 6.74
C GLN D 530 22.12 11.29 5.89
N ILE D 531 22.20 10.52 4.79
CA ILE D 531 23.32 10.65 3.88
C ILE D 531 23.13 11.90 3.00
N LEU D 532 24.21 12.64 2.78
CA LEU D 532 24.11 13.95 2.13
C LEU D 532 24.93 14.04 0.83
N ASP D 533 24.42 14.80 -0.13
CA ASP D 533 25.14 15.03 -1.38
C ASP D 533 26.07 16.23 -1.26
N ASP D 534 26.65 16.66 -2.37
CA ASP D 534 27.65 17.73 -2.34
C ASP D 534 27.04 19.10 -2.12
N LYS D 535 25.71 19.21 -2.14
CA LYS D 535 25.05 20.45 -1.78
C LYS D 535 24.55 20.46 -0.33
N GLY D 536 24.73 19.33 0.36
CA GLY D 536 24.37 19.23 1.76
C GLY D 536 22.93 18.84 2.03
N MET D 537 22.31 18.16 1.06
CA MET D 537 20.91 17.77 1.19
C MET D 537 20.76 16.26 1.34
N SER D 538 19.72 15.82 2.04
CA SER D 538 19.53 14.40 2.31
C SER D 538 19.01 13.65 1.09
N VAL D 539 19.79 12.67 0.64
CA VAL D 539 19.38 11.79 -0.44
C VAL D 539 18.48 10.68 0.08
N GLN D 540 18.84 10.15 1.25
CA GLN D 540 18.06 9.10 1.88
C GLN D 540 18.07 9.27 3.40
N THR D 541 16.92 9.05 4.02
CA THR D 541 16.78 9.22 5.46
C THR D 541 16.51 7.87 6.12
N ALA D 542 17.18 7.60 7.22
CA ALA D 542 16.91 6.38 7.97
C ALA D 542 15.85 6.70 8.99
N LEU D 543 14.65 6.16 8.79
CA LEU D 543 13.53 6.50 9.65
C LEU D 543 13.31 5.38 10.65
N THR D 544 13.73 5.67 11.88
CA THR D 544 13.78 4.70 12.97
C THR D 544 14.42 5.42 14.14
N TRP D 545 14.52 4.75 15.29
CA TRP D 545 15.22 5.35 16.41
C TRP D 545 16.34 4.44 16.90
N ALA D 546 17.57 4.95 16.75
CA ALA D 546 18.76 4.22 17.14
C ALA D 546 19.32 4.79 18.43
N TYR D 547 19.96 3.96 19.23
CA TYR D 547 20.53 4.39 20.50
C TYR D 547 21.82 3.65 20.82
N LEU D 548 22.78 4.36 21.38
CA LEU D 548 24.04 3.76 21.78
C LEU D 548 24.17 3.77 23.30
N ARG D 549 24.60 2.65 23.86
CA ARG D 549 24.96 2.62 25.27
C ARG D 549 26.32 3.31 25.42
N PRO D 550 26.62 3.80 26.64
CA PRO D 550 27.91 4.47 26.88
C PRO D 550 29.11 3.65 26.45
N TYR D 551 30.06 4.30 25.76
CA TYR D 551 31.32 3.69 25.32
C TYR D 551 31.12 2.63 24.23
N HIS D 552 29.88 2.24 24.00
CA HIS D 552 29.56 1.27 22.95
C HIS D 552 29.75 1.88 21.58
N GLY D 553 29.84 1.02 20.58
CA GLY D 553 29.91 1.48 19.20
C GLY D 553 29.25 0.45 18.31
N ARG D 554 28.72 0.89 17.18
CA ARG D 554 27.94 -0.02 16.34
C ARG D 554 28.28 0.06 14.87
N ILE D 555 28.38 -1.11 14.24
CA ILE D 555 28.77 -1.20 12.84
C ILE D 555 27.59 -1.59 11.96
N CYS D 556 27.62 -1.12 10.72
CA CYS D 556 26.65 -1.60 9.72
C CYS D 556 27.31 -1.63 8.35
N SER D 557 27.00 -2.65 7.56
CA SER D 557 27.58 -2.81 6.23
C SER D 557 27.24 -1.65 5.32
N GLY D 558 25.98 -1.24 5.37
CA GLY D 558 25.45 -0.31 4.39
C GLY D 558 24.27 0.48 4.90
N CYS D 559 23.59 1.17 3.99
CA CYS D 559 22.43 1.96 4.37
C CYS D 559 21.19 1.14 4.04
N HIS D 560 20.58 0.59 5.09
CA HIS D 560 19.53 -0.42 4.97
C HIS D 560 19.85 -1.48 3.91
N TYR D 561 21.07 -2.01 3.95
CA TYR D 561 21.48 -3.02 2.97
C TYR D 561 20.97 -4.41 3.36
N GLY D 562 20.61 -4.59 4.63
CA GLY D 562 20.14 -5.88 5.10
C GLY D 562 21.12 -6.62 5.97
N SER D 563 22.26 -5.99 6.28
CA SER D 563 23.23 -6.60 7.17
C SER D 563 22.65 -6.81 8.56
N TYR D 564 21.76 -5.91 8.97
CA TYR D 564 21.05 -6.10 10.23
C TYR D 564 19.67 -6.73 10.07
N ARG D 565 19.29 -7.12 8.85
CA ARG D 565 17.99 -7.76 8.68
C ARG D 565 18.02 -9.19 8.14
N GLY D 566 18.14 -9.34 6.82
CA GLY D 566 18.10 -10.68 6.22
C GLY D 566 19.36 -11.15 5.52
N ARG D 567 20.42 -10.35 5.57
CA ARG D 567 21.59 -10.64 4.74
C ARG D 567 22.86 -10.70 5.57
N ALA D 568 23.82 -11.49 5.10
CA ALA D 568 25.10 -11.60 5.76
C ALA D 568 25.94 -10.36 5.48
N PHE D 569 26.80 -10.01 6.44
CA PHE D 569 27.70 -8.88 6.28
C PHE D 569 28.56 -9.03 5.04
N LYS D 570 28.61 -7.98 4.22
CA LYS D 570 29.48 -7.99 3.06
C LYS D 570 30.91 -7.71 3.50
N ASN D 571 31.87 -8.39 2.89
CA ASN D 571 33.26 -8.19 3.26
C ASN D 571 33.73 -6.89 2.61
N ILE D 572 34.07 -5.93 3.45
CA ILE D 572 34.39 -4.58 3.00
C ILE D 572 35.59 -4.04 3.77
N HIS D 573 36.59 -3.57 3.04
CA HIS D 573 37.75 -2.96 3.65
C HIS D 573 37.57 -1.45 3.55
N ALA D 574 37.29 -0.82 4.69
CA ALA D 574 36.84 0.57 4.69
C ALA D 574 37.89 1.52 5.24
N LYS D 575 37.89 2.74 4.70
CA LYS D 575 38.81 3.78 5.16
C LYS D 575 38.47 4.23 6.57
N ALA D 576 37.20 4.18 6.93
CA ALA D 576 36.73 4.65 8.22
C ALA D 576 37.25 3.78 9.36
N LEU D 577 37.53 2.52 9.06
CA LEU D 577 38.04 1.57 10.05
C LEU D 577 39.33 2.05 10.70
N TYR D 578 40.10 2.83 9.95
CA TYR D 578 41.38 3.33 10.44
C TYR D 578 41.26 4.69 11.10
N ASN D 579 40.06 5.29 11.03
CA ASN D 579 39.81 6.55 11.71
C ASN D 579 39.11 6.34 13.06
N TRP D 580 38.91 5.08 13.44
CA TRP D 580 38.07 4.76 14.59
C TRP D 580 38.83 4.78 15.93
N TRP D 581 39.63 3.75 16.20
CA TRP D 581 40.51 3.78 17.36
C TRP D 581 41.93 3.36 16.97
N TYR D 582 42.84 4.33 16.84
CA TYR D 582 44.25 4.02 16.59
C TYR D 582 45.20 4.27 17.78
N ASP D 583 44.68 4.71 18.92
CA ASP D 583 45.55 5.10 20.03
C ASP D 583 45.28 4.31 21.31
N ASP D 584 46.34 3.81 21.95
CA ASP D 584 46.20 2.95 23.11
C ASP D 584 45.82 3.71 24.38
N ARG D 585 46.05 5.02 24.39
CA ARG D 585 45.70 5.85 25.53
C ARG D 585 44.30 6.43 25.39
N SER D 586 43.57 6.01 24.36
CA SER D 586 42.23 6.52 24.12
C SER D 586 41.16 5.42 24.09
N HIS D 587 39.92 5.80 24.43
CA HIS D 587 38.78 4.92 24.24
C HIS D 587 38.39 4.86 22.77
N TYR D 588 38.26 6.04 22.17
CA TYR D 588 37.97 6.16 20.74
C TYR D 588 38.69 7.36 20.14
N ASP D 589 39.31 7.16 18.98
CA ASP D 589 39.97 8.24 18.26
C ASP D 589 39.12 8.84 17.14
N SER D 590 37.88 8.37 17.02
CA SER D 590 36.98 8.88 15.98
C SER D 590 36.49 10.28 16.32
N PRO D 591 36.35 11.14 15.29
CA PRO D 591 35.90 12.53 15.48
C PRO D 591 34.45 12.63 15.95
N PHE D 592 34.17 13.64 16.77
CA PHE D 592 32.81 13.91 17.22
C PHE D 592 32.03 14.67 16.15
N ALA D 593 30.70 14.55 16.20
CA ALA D 593 29.83 15.21 15.21
C ALA D 593 30.04 16.72 15.21
N PHE D 594 30.33 17.27 14.04
CA PHE D 594 30.58 18.70 13.90
C PHE D 594 29.26 19.48 13.86
N ARG D 595 29.31 20.72 14.34
CA ARG D 595 28.10 21.53 14.43
C ARG D 595 27.67 22.14 13.09
N TYR D 596 28.64 22.66 12.33
CA TYR D 596 28.32 23.38 11.10
C TYR D 596 28.93 22.78 9.84
N LEU D 597 28.64 23.39 8.70
CA LEU D 597 29.24 23.02 7.43
C LEU D 597 30.01 24.17 6.81
N LYS D 598 30.94 23.82 5.92
CA LYS D 598 31.63 24.81 5.10
C LYS D 598 31.33 24.54 3.64
N PHE D 599 30.94 25.60 2.92
CA PHE D 599 30.67 25.51 1.49
C PHE D 599 31.62 26.40 0.71
N ASP D 600 31.81 26.09 -0.57
CA ASP D 600 32.61 26.94 -1.44
C ASP D 600 31.75 28.09 -2.00
N ASN D 601 32.29 28.82 -2.96
CA ASN D 601 31.57 29.93 -3.57
C ASN D 601 30.41 29.44 -4.44
N ASP D 602 30.48 28.19 -4.85
CA ASP D 602 29.42 27.59 -5.69
C ASP D 602 28.26 27.07 -4.85
N GLY D 603 28.48 26.96 -3.55
CA GLY D 603 27.47 26.43 -2.65
C GLY D 603 27.63 24.94 -2.43
N ASN D 604 28.68 24.38 -3.05
CA ASN D 604 28.99 22.97 -2.89
C ASN D 604 29.73 22.68 -1.59
N TYR D 605 29.64 21.45 -1.11
CA TYR D 605 30.25 21.08 0.17
C TYR D 605 31.77 21.27 0.16
N LYS D 606 32.26 22.15 1.02
CA LYS D 606 33.70 22.27 1.28
C LYS D 606 34.15 21.31 2.38
N GLY D 607 33.37 21.22 3.45
CA GLY D 607 33.75 20.41 4.59
C GLY D 607 32.89 20.58 5.83
N VAL D 608 33.44 20.18 6.98
CA VAL D 608 32.73 20.25 8.26
C VAL D 608 33.36 21.31 9.16
N LYS D 609 32.55 21.89 10.04
CA LYS D 609 33.02 23.00 10.87
C LYS D 609 32.67 22.86 12.35
N HIS D 610 33.64 23.13 13.21
CA HIS D 610 33.45 23.09 14.66
C HIS D 610 32.52 24.19 15.16
N GLY D 611 31.80 23.90 16.23
CA GLY D 611 30.91 24.88 16.85
C GLY D 611 31.49 25.43 18.13
N GLU D 612 30.65 26.08 18.93
CA GLU D 612 31.11 26.67 20.19
C GLU D 612 31.20 25.63 21.29
N ASP D 613 30.49 24.50 21.16
CA ASP D 613 30.50 23.57 22.26
C ASP D 613 31.68 22.65 22.05
N VAL D 614 32.75 22.96 22.79
CA VAL D 614 34.01 22.23 22.74
C VAL D 614 34.59 22.21 24.15
N VAL D 615 34.93 21.02 24.64
CA VAL D 615 35.44 20.90 26.01
C VAL D 615 36.80 20.24 26.03
N GLY D 624 39.28 17.29 34.46
CA GLY D 624 38.22 17.21 33.48
C GLY D 624 38.23 18.37 32.51
N PRO D 625 38.21 18.07 31.19
CA PRO D 625 38.18 16.72 30.63
C PRO D 625 39.56 16.05 30.62
N SER D 626 39.56 14.73 30.54
CA SER D 626 40.80 13.97 30.53
C SER D 626 41.39 13.79 29.13
N GLY D 627 42.40 12.94 29.03
CA GLY D 627 43.09 12.69 27.77
C GLY D 627 42.68 11.39 27.09
N THR D 628 41.47 10.92 27.37
CA THR D 628 41.04 9.60 26.92
C THR D 628 40.54 9.58 25.48
N THR D 629 40.63 10.72 24.79
CA THR D 629 40.41 10.73 23.34
C THR D 629 41.31 11.77 22.66
N SER D 630 41.66 11.50 21.41
CA SER D 630 42.55 12.37 20.65
C SER D 630 41.82 13.59 20.09
N GLN D 631 40.55 13.42 19.76
CA GLN D 631 39.79 14.45 19.07
C GLN D 631 39.11 15.42 20.02
N PRO D 632 38.91 16.67 19.56
CA PRO D 632 38.16 17.68 20.33
C PRO D 632 36.77 17.19 20.69
N VAL D 633 36.30 17.56 21.88
CA VAL D 633 35.01 17.09 22.36
C VAL D 633 33.91 18.05 21.99
N GLU D 634 33.01 17.63 21.10
CA GLU D 634 31.97 18.52 20.59
C GLU D 634 30.58 17.88 20.61
N GLY D 635 29.59 18.68 21.01
CA GLY D 635 28.20 18.27 20.92
C GLY D 635 27.71 17.39 22.05
N LEU D 636 28.37 17.45 23.20
CA LEU D 636 27.94 16.66 24.36
C LEU D 636 27.08 17.47 25.34
N THR D 637 26.89 18.76 25.08
CA THR D 637 26.08 19.57 25.97
C THR D 637 24.64 19.66 25.46
N LEU D 638 23.72 19.05 26.19
CA LEU D 638 22.32 19.00 25.78
C LEU D 638 21.69 20.39 25.78
N ASP D 639 22.18 21.24 26.67
CA ASP D 639 21.71 22.62 26.77
C ASP D 639 21.94 23.37 25.46
N LYS D 640 23.10 23.13 24.85
CA LYS D 640 23.53 23.91 23.69
C LYS D 640 23.27 23.25 22.34
N GLN D 641 22.62 22.09 22.33
CA GLN D 641 22.35 21.38 21.08
C GLN D 641 21.45 22.20 20.15
N ARG D 642 21.89 22.37 18.91
CA ARG D 642 21.23 23.27 17.96
C ARG D 642 20.10 22.62 17.18
N THR D 643 19.03 23.37 16.97
CA THR D 643 17.92 22.97 16.12
C THR D 643 17.46 24.15 15.27
N VAL D 644 16.62 23.87 14.27
CA VAL D 644 16.07 24.92 13.44
C VAL D 644 14.59 25.14 13.76
N ASP D 645 14.27 26.33 14.29
CA ASP D 645 12.90 26.67 14.63
C ASP D 645 12.35 27.67 13.63
N PHE D 646 11.15 27.41 13.12
CA PHE D 646 10.56 28.23 12.06
C PHE D 646 10.34 29.68 12.48
N ARG D 647 9.93 29.88 13.73
CA ARG D 647 9.62 31.21 14.23
C ARG D 647 10.89 32.03 14.47
N ARG D 648 11.90 31.39 15.04
CA ARG D 648 13.14 32.06 15.39
C ARG D 648 14.09 32.23 14.21
N ASP D 649 14.10 31.25 13.32
CA ASP D 649 15.11 31.18 12.27
C ASP D 649 14.58 31.52 10.87
N ILE D 650 13.64 30.73 10.37
CA ILE D 650 13.16 30.85 9.00
C ILE D 650 12.28 32.08 8.75
N GLN D 651 11.29 32.29 9.60
CA GLN D 651 10.32 33.37 9.43
C GLN D 651 10.95 34.77 9.26
N PRO D 652 11.97 35.12 10.07
CA PRO D 652 12.58 36.43 9.81
C PRO D 652 13.24 36.53 8.44
N ILE D 653 13.83 35.44 7.98
CA ILE D 653 14.40 35.40 6.63
C ILE D 653 13.31 35.63 5.60
N LEU D 654 12.16 34.99 5.81
CA LEU D 654 11.02 35.16 4.91
C LEU D 654 10.51 36.59 4.90
N ASP D 655 10.46 37.22 6.07
CA ASP D 655 10.00 38.59 6.18
C ASP D 655 10.96 39.54 5.47
N ALA D 656 12.25 39.28 5.63
CA ALA D 656 13.27 40.16 5.05
C ALA D 656 13.40 40.03 3.53
N LYS D 657 13.57 38.81 3.04
CA LYS D 657 13.90 38.59 1.63
C LYS D 657 12.73 38.18 0.71
N CYS D 658 11.55 37.98 1.27
CA CYS D 658 10.48 37.32 0.52
C CYS D 658 9.16 38.09 0.49
N ALA D 659 8.60 38.35 1.67
CA ALA D 659 7.23 38.84 1.82
C ALA D 659 6.89 40.07 0.97
N MET D 660 7.90 40.81 0.55
CA MET D 660 7.69 41.99 -0.27
C MET D 660 6.94 41.68 -1.57
N CYS D 661 7.37 40.64 -2.29
CA CYS D 661 6.71 40.27 -3.54
C CYS D 661 5.67 39.17 -3.37
N HIS D 662 5.59 38.58 -2.19
CA HIS D 662 4.60 37.54 -1.97
C HIS D 662 3.52 37.97 -0.98
N ASP D 663 2.34 38.24 -1.53
CA ASP D 663 1.16 38.58 -0.78
C ASP D 663 0.04 37.69 -1.29
N SER D 664 -1.19 37.96 -0.88
CA SER D 664 -2.34 37.17 -1.31
C SER D 664 -2.43 37.03 -2.84
N ASN D 665 -1.94 38.02 -3.56
CA ASN D 665 -2.04 38.03 -5.02
C ASN D 665 -0.90 37.31 -5.74
N ASN D 666 0.10 36.86 -4.99
CA ASN D 666 1.23 36.14 -5.58
C ASN D 666 1.67 34.96 -4.72
N PRO D 667 1.01 33.80 -4.90
CA PRO D 667 1.30 32.58 -4.12
C PRO D 667 2.75 32.10 -4.29
N PRO D 668 3.33 31.53 -3.23
CA PRO D 668 2.70 31.34 -1.91
C PRO D 668 2.66 32.65 -1.11
N ASN D 669 1.76 32.76 -0.15
CA ASN D 669 1.63 34.01 0.59
C ASN D 669 2.51 33.98 1.82
N LEU D 670 3.60 34.75 1.77
CA LEU D 670 4.62 34.74 2.81
C LEU D 670 4.51 35.92 3.77
N GLY D 671 3.53 36.79 3.53
CA GLY D 671 3.38 37.98 4.34
C GLY D 671 2.62 37.73 5.63
N GLY D 672 2.43 38.79 6.43
CA GLY D 672 1.65 38.69 7.65
C GLY D 672 2.49 38.52 8.90
N GLY D 673 3.78 38.28 8.72
CA GLY D 673 4.68 38.09 9.85
C GLY D 673 4.38 36.83 10.65
N LEU D 674 4.56 36.91 11.96
CA LEU D 674 4.36 35.77 12.85
C LEU D 674 2.93 35.68 13.37
N GLU D 675 2.05 36.57 12.90
CA GLU D 675 0.66 36.57 13.33
C GLU D 675 -0.02 35.25 13.01
N LEU D 676 -0.67 34.67 14.01
CA LEU D 676 -1.30 33.36 13.87
C LEU D 676 -2.53 33.42 12.96
N VAL D 677 -2.72 32.37 12.18
CA VAL D 677 -3.88 32.27 11.30
C VAL D 677 -4.83 31.18 11.78
N SER D 678 -6.08 31.57 12.02
CA SER D 678 -7.08 30.62 12.49
C SER D 678 -7.59 29.75 11.35
N VAL D 679 -7.46 28.43 11.52
CA VAL D 679 -7.94 27.48 10.52
C VAL D 679 -8.85 26.45 11.18
N ASP D 680 -10.11 26.44 10.77
CA ASP D 680 -11.14 25.57 11.35
C ASP D 680 -11.25 25.77 12.87
N GLY D 681 -11.14 27.01 13.30
CA GLY D 681 -11.29 27.35 14.71
C GLY D 681 -10.04 27.09 15.54
N ILE D 682 -8.90 26.94 14.87
CA ILE D 682 -7.63 26.71 15.56
C ILE D 682 -6.52 27.58 14.97
N ALA D 683 -5.94 28.43 15.81
CA ALA D 683 -4.83 29.28 15.39
C ALA D 683 -3.52 28.77 15.97
N ALA D 684 -2.66 28.24 15.09
CA ALA D 684 -1.42 27.61 15.51
C ALA D 684 -0.23 28.35 14.91
N TYR D 685 -0.16 28.35 13.59
CA TYR D 685 0.98 28.87 12.84
C TYR D 685 0.68 30.15 12.10
N SER D 686 1.69 30.71 11.45
CA SER D 686 1.54 31.96 10.71
C SER D 686 1.08 31.70 9.27
N ARG D 687 1.01 32.76 8.49
CA ARG D 687 0.58 32.67 7.10
C ARG D 687 1.60 31.94 6.24
N ALA D 688 2.87 32.27 6.42
CA ALA D 688 3.94 31.67 5.63
C ALA D 688 4.03 30.16 5.85
N TYR D 689 3.91 29.74 7.10
CA TYR D 689 3.98 28.32 7.43
C TYR D 689 2.80 27.56 6.83
N ASN D 690 1.60 28.13 6.97
CA ASN D 690 0.41 27.53 6.39
C ASN D 690 0.50 27.42 4.88
N SER D 691 1.10 28.43 4.26
CA SER D 691 1.28 28.44 2.81
C SER D 691 2.26 27.36 2.36
N LEU D 692 3.43 27.34 2.99
CA LEU D 692 4.51 26.44 2.58
C LEU D 692 4.20 24.97 2.84
N LEU D 693 3.36 24.69 3.83
CA LEU D 693 3.03 23.32 4.20
C LEU D 693 1.76 22.82 3.53
N GLU D 694 1.18 23.64 2.66
CA GLU D 694 -0.06 23.30 1.96
C GLU D 694 0.09 22.05 1.09
N PRO D 695 -0.90 21.14 1.16
CA PRO D 695 -0.93 19.92 0.34
C PRO D 695 -1.13 20.22 -1.15
N GLN D 696 -0.83 19.23 -2.00
CA GLN D 696 -1.02 19.36 -3.44
C GLN D 696 -1.89 18.23 -3.97
N ARG D 697 -2.81 18.57 -4.87
CA ARG D 697 -3.72 17.58 -5.44
C ARG D 697 -2.96 16.51 -6.22
N GLY D 698 -3.28 15.25 -5.93
CA GLY D 698 -2.66 14.13 -6.63
C GLY D 698 -1.31 13.74 -6.06
N LYS D 699 -0.93 14.33 -4.94
CA LYS D 699 0.33 13.99 -4.30
C LYS D 699 0.12 13.50 -2.86
N ASP D 700 0.71 12.36 -2.54
CA ASP D 700 0.71 11.82 -1.19
C ASP D 700 1.34 12.83 -0.24
N PRO D 701 0.58 13.30 0.77
CA PRO D 701 1.11 14.24 1.76
C PRO D 701 2.23 13.63 2.60
N ASN D 702 2.30 12.31 2.63
CA ASN D 702 3.41 11.62 3.30
C ASN D 702 4.71 11.89 2.56
N ILE D 703 4.61 12.14 1.26
CA ILE D 703 5.75 12.56 0.46
C ILE D 703 6.01 14.04 0.65
N GLY D 704 5.06 14.87 0.24
CA GLY D 704 5.18 16.31 0.41
C GLY D 704 3.94 17.09 0.01
N GLY D 705 4.06 18.42 0.07
CA GLY D 705 2.99 19.30 -0.36
C GLY D 705 3.34 20.00 -1.66
N LYS D 706 2.76 21.18 -1.86
CA LYS D 706 3.09 22.00 -3.02
C LYS D 706 4.56 22.40 -2.99
N TYR D 707 4.95 23.14 -1.96
CA TYR D 707 6.31 23.65 -1.86
C TYR D 707 7.28 22.89 -0.93
N VAL D 708 6.79 21.91 -0.19
CA VAL D 708 7.63 21.29 0.84
C VAL D 708 7.47 19.78 0.95
N ASN D 709 8.59 19.07 0.90
CA ASN D 709 8.62 17.64 1.19
C ASN D 709 9.38 17.38 2.47
N PRO D 710 8.66 17.03 3.55
CA PRO D 710 9.31 16.79 4.85
C PRO D 710 10.34 15.67 4.82
N SER D 711 11.52 15.98 5.38
CA SER D 711 12.68 15.10 5.42
C SER D 711 13.20 14.73 4.04
N ALA D 712 12.80 15.48 3.01
CA ALA D 712 13.59 15.57 1.79
C ALA D 712 13.56 17.02 1.29
N ALA D 713 14.68 17.72 1.38
CA ALA D 713 14.74 19.08 0.88
C ALA D 713 14.97 19.04 -0.62
N ILE D 714 15.69 18.00 -1.04
CA ILE D 714 16.07 17.82 -2.43
C ILE D 714 14.85 17.54 -3.32
N ASN D 715 13.76 17.08 -2.70
CA ASN D 715 12.52 16.82 -3.43
C ASN D 715 11.53 17.97 -3.37
N SER D 716 11.89 19.02 -2.65
CA SER D 716 10.98 20.13 -2.40
C SER D 716 11.05 21.20 -3.49
N LEU D 717 9.89 21.57 -4.01
CA LEU D 717 9.77 22.57 -5.08
C LEU D 717 10.39 23.90 -4.64
N LEU D 718 10.20 24.24 -3.37
CA LEU D 718 10.77 25.46 -2.81
C LEU D 718 12.28 25.49 -2.98
N VAL D 719 12.92 24.37 -2.64
CA VAL D 719 14.36 24.25 -2.74
C VAL D 719 14.79 24.19 -4.20
N TRP D 720 13.98 23.53 -5.03
CA TRP D 720 14.20 23.48 -6.47
C TRP D 720 14.29 24.90 -7.04
N ARG D 721 13.43 25.78 -6.56
CA ARG D 721 13.39 27.16 -7.03
C ARG D 721 14.50 28.00 -6.42
N LEU D 722 14.79 27.77 -5.14
CA LEU D 722 15.84 28.52 -4.46
C LEU D 722 17.21 28.22 -5.04
N TYR D 723 17.39 27.01 -5.58
CA TYR D 723 18.61 26.67 -6.28
C TYR D 723 18.48 26.79 -7.80
N GLU D 724 17.27 27.05 -8.27
CA GLU D 724 16.95 27.17 -9.70
C GLU D 724 17.53 26.02 -10.55
N ALA D 725 17.30 24.79 -10.12
CA ALA D 725 17.78 23.61 -10.84
C ALA D 725 16.94 22.39 -10.49
N GLU D 726 17.04 21.33 -11.28
CA GLU D 726 16.35 20.10 -10.91
C GLU D 726 17.31 19.23 -10.09
N LEU D 727 17.00 19.13 -8.81
CA LEU D 727 17.91 18.53 -7.83
C LEU D 727 17.83 17.01 -7.76
N SER D 728 16.61 16.47 -7.86
CA SER D 728 16.43 15.03 -7.71
C SER D 728 15.74 14.40 -8.91
N ALA D 729 15.53 13.09 -8.84
CA ALA D 729 14.87 12.36 -9.90
C ALA D 729 13.37 12.27 -9.67
N ASN D 730 12.91 12.90 -8.60
CA ASN D 730 11.48 12.97 -8.32
C ASN D 730 10.98 14.41 -8.47
N ALA D 731 10.22 14.65 -9.52
CA ALA D 731 9.69 15.98 -9.79
C ALA D 731 8.46 16.24 -8.94
N PRO D 732 8.44 17.38 -8.24
CA PRO D 732 7.29 17.73 -7.38
C PRO D 732 6.00 17.89 -8.18
N ARG D 733 6.08 18.39 -9.40
CA ARG D 733 4.90 18.50 -10.25
C ARG D 733 5.28 18.59 -11.73
N GLU D 734 4.27 18.65 -12.59
CA GLU D 734 4.49 18.67 -14.03
C GLU D 734 5.00 20.02 -14.53
N LYS D 735 4.36 21.10 -14.09
CA LYS D 735 4.82 22.43 -14.45
C LYS D 735 5.59 23.04 -13.29
N ILE D 736 6.90 23.14 -13.44
CA ILE D 736 7.75 23.62 -12.36
C ILE D 736 8.27 25.02 -12.66
N PHE D 737 9.07 25.12 -13.72
CA PHE D 737 9.64 26.41 -14.12
C PHE D 737 8.82 27.06 -15.23
N PRO D 738 8.20 28.21 -14.92
CA PRO D 738 7.40 28.97 -15.88
C PRO D 738 8.22 29.42 -17.08
N ILE D 739 7.65 29.29 -18.28
CA ILE D 739 8.33 29.76 -19.48
C ILE D 739 8.08 31.25 -19.71
N GLU D 740 7.10 31.79 -19.01
CA GLU D 740 6.74 33.20 -19.16
C GLU D 740 6.71 33.92 -17.83
N GLY D 741 7.39 35.07 -17.77
CA GLY D 741 7.41 35.90 -16.58
C GLY D 741 8.18 35.27 -15.43
N ARG D 742 9.12 34.38 -15.76
CA ARG D 742 9.92 33.71 -14.75
C ARG D 742 10.86 34.69 -14.06
N LEU D 743 11.16 34.44 -12.80
CA LEU D 743 12.11 35.25 -12.04
C LEU D 743 13.09 34.36 -11.29
N LEU D 744 14.38 34.58 -11.49
CA LEU D 744 15.40 33.74 -10.87
C LEU D 744 15.47 34.00 -9.37
N HIS D 745 15.25 32.96 -8.59
CA HIS D 745 15.22 33.06 -7.13
C HIS D 745 16.50 32.65 -6.42
N ASN D 746 17.52 32.27 -7.17
CA ASN D 746 18.72 31.68 -6.56
C ASN D 746 19.62 32.69 -5.86
N LYS D 747 19.55 33.95 -6.27
CA LYS D 747 20.39 34.99 -5.69
C LYS D 747 19.73 35.84 -4.60
N PHE D 748 18.48 35.51 -4.25
CA PHE D 748 17.75 36.26 -3.23
C PHE D 748 18.31 36.03 -1.82
N LEU D 749 18.83 34.83 -1.58
CA LEU D 749 19.32 34.46 -0.25
C LEU D 749 20.82 34.23 -0.23
N THR D 750 21.42 34.39 0.94
CA THR D 750 22.81 33.98 1.13
C THR D 750 22.83 32.47 1.30
N GLN D 751 24.02 31.90 1.44
CA GLN D 751 24.13 30.45 1.57
C GLN D 751 23.61 29.97 2.92
N ASP D 752 23.84 30.79 3.95
CA ASP D 752 23.43 30.45 5.31
C ASP D 752 21.91 30.40 5.45
N GLU D 753 21.23 31.37 4.86
CA GLU D 753 19.77 31.44 4.91
C GLU D 753 19.13 30.29 4.14
N ARG D 754 19.57 30.11 2.90
CA ARG D 754 19.07 29.05 2.04
C ARG D 754 19.27 27.68 2.66
N TYR D 755 20.48 27.44 3.18
CA TYR D 755 20.78 26.16 3.81
C TYR D 755 20.08 26.03 5.15
N ALA D 756 19.68 27.16 5.74
CA ALA D 756 18.87 27.12 6.95
C ALA D 756 17.50 26.57 6.58
N ILE D 757 16.96 27.02 5.45
CA ILE D 757 15.70 26.49 4.95
C ILE D 757 15.84 25.00 4.62
N VAL D 758 16.94 24.64 3.96
CA VAL D 758 17.23 23.24 3.64
C VAL D 758 17.23 22.36 4.89
N GLU D 759 17.95 22.80 5.91
CA GLU D 759 18.01 22.10 7.19
C GLU D 759 16.63 21.97 7.81
N TRP D 760 15.87 23.07 7.78
CA TRP D 760 14.52 23.09 8.33
C TRP D 760 13.65 22.02 7.68
N ILE D 761 13.69 21.94 6.35
CA ILE D 761 12.90 20.96 5.63
C ILE D 761 13.37 19.52 5.90
N ASP D 762 14.68 19.32 5.89
CA ASP D 762 15.24 18.00 6.15
C ASP D 762 14.94 17.51 7.55
N LEU D 763 14.76 18.44 8.49
CA LEU D 763 14.43 18.10 9.86
C LEU D 763 12.97 17.68 10.03
N GLY D 764 12.18 17.80 8.96
CA GLY D 764 10.77 17.49 9.02
C GLY D 764 9.88 18.72 8.95
N ALA D 765 10.49 19.89 8.78
CA ALA D 765 9.76 21.14 8.55
C ALA D 765 8.78 21.46 9.69
N GLN D 766 9.27 21.41 10.91
CA GLN D 766 8.43 21.72 12.07
C GLN D 766 8.19 23.22 12.20
N TRP D 767 7.44 23.59 13.23
CA TRP D 767 7.14 24.98 13.54
C TRP D 767 7.74 25.29 14.90
N ASP D 768 7.27 24.58 15.91
CA ASP D 768 7.80 24.72 17.25
C ASP D 768 8.75 23.56 17.49
N ASN D 769 10.05 23.86 17.44
CA ASN D 769 11.07 22.84 17.65
C ASN D 769 11.67 22.90 19.06
N ILE D 770 11.16 23.82 19.88
CA ILE D 770 11.59 23.93 21.25
C ILE D 770 10.58 23.27 22.18
N PRO D 771 10.95 22.10 22.75
CA PRO D 771 10.06 21.30 23.60
C PRO D 771 9.48 22.09 24.77
N GLY D 772 8.19 21.94 25.00
CA GLY D 772 7.51 22.65 26.07
C GLY D 772 7.11 24.05 25.67
N PRO D 773 6.31 24.72 26.52
CA PRO D 773 5.89 26.10 26.25
C PRO D 773 7.05 27.09 26.30
N ASP D 774 7.15 27.96 25.30
CA ASP D 774 8.20 28.97 25.25
C ASP D 774 7.63 30.35 24.94
N PHE D 775 8.53 31.32 24.77
CA PHE D 775 8.13 32.71 24.58
C PHE D 775 7.79 33.03 23.13
N TYR D 776 8.10 32.11 22.21
CA TYR D 776 7.83 32.33 20.80
C TYR D 776 6.35 32.06 20.48
N PRO D 777 5.81 32.80 19.49
CA PRO D 777 4.38 32.74 19.12
C PRO D 777 3.86 31.33 18.86
N GLY D 778 2.64 31.06 19.33
CA GLY D 778 2.04 29.74 19.17
C GLY D 778 0.65 29.64 19.77
N TYR D 779 0.11 28.43 19.75
CA TYR D 779 -1.25 28.15 20.24
C TYR D 779 -1.44 28.56 21.70
N LEU D 780 -2.49 29.34 21.96
CA LEU D 780 -2.81 29.75 23.33
C LEU D 780 -4.33 29.83 23.55
N VAL D 781 -4.78 29.29 24.67
CA VAL D 781 -6.17 29.43 25.09
C VAL D 781 -6.24 29.70 26.59
N GLY E 1 45.62 -45.31 21.26
CA GLY E 1 46.58 -44.49 20.54
C GLY E 1 46.64 -43.07 21.06
N TYR E 2 47.46 -42.25 20.42
CA TYR E 2 47.60 -40.85 20.79
C TYR E 2 46.46 -39.98 20.25
N ILE E 3 46.18 -38.88 20.94
CA ILE E 3 45.30 -37.87 20.41
C ILE E 3 46.07 -37.05 19.38
N GLN E 4 45.42 -36.68 18.28
CA GLN E 4 46.08 -35.95 17.19
C GLN E 4 46.73 -34.67 17.68
N GLY E 5 48.02 -34.52 17.38
CA GLY E 5 48.75 -33.32 17.73
C GLY E 5 49.28 -33.31 19.15
N THR E 6 49.03 -34.37 19.91
CA THR E 6 49.54 -34.43 21.27
C THR E 6 50.43 -35.64 21.50
N HIS E 7 51.03 -35.70 22.68
CA HIS E 7 51.67 -36.92 23.16
C HIS E 7 50.77 -37.66 24.15
N VAL E 8 49.59 -37.11 24.40
CA VAL E 8 48.66 -37.71 25.36
C VAL E 8 47.90 -38.87 24.71
N LYS E 9 47.68 -39.92 25.48
CA LYS E 9 47.11 -41.17 24.99
C LYS E 9 45.68 -41.38 25.46
N THR E 10 44.85 -42.00 24.64
CA THR E 10 43.57 -42.51 25.12
C THR E 10 43.32 -43.95 24.66
N ASP E 11 42.22 -44.51 25.14
CA ASP E 11 41.74 -45.82 24.71
C ASP E 11 40.71 -45.69 23.60
N LEU E 12 40.30 -44.45 23.34
CA LEU E 12 39.17 -44.20 22.44
C LEU E 12 39.58 -44.15 20.98
N PRO E 13 38.83 -44.83 20.11
CA PRO E 13 39.10 -44.91 18.66
C PRO E 13 39.08 -43.55 17.96
N GLY E 14 38.07 -42.72 18.24
CA GLY E 14 38.02 -41.39 17.64
C GLY E 14 37.82 -41.37 16.13
N PRO E 15 36.72 -41.95 15.62
CA PRO E 15 36.59 -42.11 14.17
C PRO E 15 36.68 -40.79 13.37
N PHE E 16 37.59 -40.74 12.41
CA PHE E 16 37.70 -39.58 11.51
C PHE E 16 37.09 -39.73 10.11
N HIS E 17 36.63 -40.92 9.74
CA HIS E 17 36.19 -41.16 8.37
C HIS E 17 35.31 -42.41 8.26
N ILE E 18 34.52 -42.51 7.19
CA ILE E 18 33.78 -43.74 6.93
C ILE E 18 33.54 -43.98 5.42
N THR E 19 33.58 -45.24 5.01
CA THR E 19 33.29 -45.63 3.63
C THR E 19 32.64 -47.02 3.63
N MET E 20 31.99 -47.37 2.52
CA MET E 20 31.34 -48.67 2.39
C MET E 20 31.78 -49.39 1.12
N SER E 21 31.77 -50.72 1.17
CA SER E 21 32.06 -51.53 -0.02
C SER E 21 31.01 -51.28 -1.09
N PRO E 22 31.43 -51.27 -2.37
CA PRO E 22 30.55 -50.99 -3.51
C PRO E 22 29.34 -51.92 -3.60
N ASP E 23 29.46 -53.11 -3.01
CA ASP E 23 28.38 -54.08 -3.02
C ASP E 23 27.37 -53.83 -1.89
N GLY E 24 27.70 -52.88 -1.02
CA GLY E 24 26.81 -52.50 0.07
C GLY E 24 26.70 -53.52 1.19
N SER E 25 27.85 -53.98 1.68
CA SER E 25 27.88 -54.95 2.78
C SER E 25 28.66 -54.40 3.98
N THR E 26 29.95 -54.14 3.80
CA THR E 26 30.83 -53.80 4.91
C THR E 26 31.14 -52.30 5.02
N LEU E 27 31.05 -51.78 6.24
CA LEU E 27 31.45 -50.41 6.57
C LEU E 27 32.85 -50.39 7.18
N PHE E 28 33.61 -49.34 6.83
CA PHE E 28 34.98 -49.21 7.32
C PHE E 28 35.20 -47.87 8.00
N ILE E 29 35.61 -47.91 9.26
CA ILE E 29 35.75 -46.70 10.06
C ILE E 29 37.20 -46.43 10.45
N SER E 30 37.78 -45.36 9.90
CA SER E 30 39.13 -44.95 10.27
C SER E 30 39.13 -44.36 11.67
N ASN E 31 40.00 -44.85 12.55
CA ASN E 31 40.10 -44.32 13.90
C ASN E 31 41.39 -43.54 14.08
N GLN E 32 41.27 -42.22 14.20
CA GLN E 32 42.43 -41.34 14.22
C GLN E 32 43.26 -41.51 15.47
N SER E 33 42.59 -41.62 16.61
CA SER E 33 43.27 -41.78 17.89
C SER E 33 43.40 -43.25 18.27
N GLY E 34 42.86 -44.13 17.44
CA GLY E 34 42.92 -45.55 17.70
C GLY E 34 43.97 -46.28 16.87
N HIS E 35 44.54 -45.58 15.90
CA HIS E 35 45.48 -46.16 14.95
C HIS E 35 44.94 -47.43 14.33
N SER E 36 43.67 -47.39 13.91
CA SER E 36 43.01 -48.60 13.43
C SER E 36 41.91 -48.32 12.40
N VAL E 37 41.31 -49.40 11.91
CA VAL E 37 40.14 -49.35 11.05
C VAL E 37 39.13 -50.41 11.51
N THR E 38 37.93 -49.96 11.85
CA THR E 38 36.89 -50.85 12.37
C THR E 38 35.99 -51.36 11.25
N PHE E 39 35.72 -52.67 11.27
CA PHE E 39 34.84 -53.28 10.28
C PHE E 39 33.44 -53.48 10.85
N VAL E 40 32.42 -53.11 10.08
CA VAL E 40 31.03 -53.33 10.49
C VAL E 40 30.26 -54.01 9.36
N ASP E 41 29.27 -54.82 9.69
CA ASP E 41 28.41 -55.42 8.67
C ASP E 41 27.11 -54.63 8.57
N ALA E 42 26.68 -54.27 7.36
CA ALA E 42 25.50 -53.44 7.19
C ALA E 42 24.22 -54.11 7.68
N ARG E 43 24.13 -55.43 7.45
CA ARG E 43 22.93 -56.17 7.80
C ARG E 43 22.76 -56.31 9.31
N THR E 44 23.80 -56.79 9.96
CA THR E 44 23.76 -56.99 11.41
C THR E 44 24.12 -55.75 12.22
N GLN E 45 24.73 -54.76 11.56
CA GLN E 45 25.32 -53.58 12.23
C GLN E 45 26.07 -53.97 13.49
N LYS E 46 26.82 -55.07 13.43
CA LYS E 46 27.68 -55.48 14.53
C LYS E 46 29.12 -55.53 14.03
N VAL E 47 30.07 -55.29 14.93
CA VAL E 47 31.47 -55.24 14.51
C VAL E 47 31.98 -56.64 14.17
N THR E 48 32.48 -56.80 12.95
CA THR E 48 33.01 -58.08 12.50
C THR E 48 34.50 -58.22 12.83
N GLY E 49 35.13 -57.11 13.20
CA GLY E 49 36.54 -57.12 13.53
C GLY E 49 37.20 -55.76 13.49
N GLU E 50 38.44 -55.69 13.95
CA GLU E 50 39.20 -54.45 13.99
C GLU E 50 40.62 -54.65 13.47
N VAL E 51 41.00 -53.91 12.42
CA VAL E 51 42.31 -54.06 11.80
C VAL E 51 43.25 -52.92 12.20
N ALA E 52 44.54 -53.23 12.33
CA ALA E 52 45.51 -52.24 12.78
C ALA E 52 46.26 -51.56 11.63
N VAL E 53 46.52 -50.27 11.80
CA VAL E 53 47.26 -49.48 10.81
C VAL E 53 48.27 -48.56 11.51
N ARG E 54 48.92 -47.70 10.74
CA ARG E 54 49.91 -46.76 11.28
C ARG E 54 49.24 -45.56 11.97
N VAL E 55 50.07 -44.59 12.34
CA VAL E 55 49.63 -43.44 13.13
C VAL E 55 48.62 -42.52 12.42
N GLN E 56 47.53 -42.21 13.12
CA GLN E 56 46.53 -41.23 12.68
C GLN E 56 45.88 -41.53 11.34
N PRO E 57 45.21 -42.68 11.17
CA PRO E 57 44.55 -42.81 9.88
C PRO E 57 43.42 -41.78 9.70
N GLU E 58 43.47 -40.98 8.64
CA GLU E 58 42.36 -40.09 8.32
C GLU E 58 41.43 -40.45 7.15
N ALA E 59 41.72 -41.53 6.42
CA ALA E 59 40.94 -41.82 5.22
C ALA E 59 40.94 -43.29 4.80
N SER E 60 39.87 -43.69 4.09
CA SER E 60 39.78 -45.06 3.55
C SER E 60 38.94 -45.12 2.26
N ALA E 61 39.31 -46.04 1.37
CA ALA E 61 38.56 -46.28 0.14
C ALA E 61 38.66 -47.75 -0.29
N VAL E 62 37.63 -48.25 -0.97
CA VAL E 62 37.54 -49.67 -1.29
C VAL E 62 37.68 -49.93 -2.80
N THR E 63 38.32 -51.05 -3.14
CA THR E 63 38.43 -51.48 -4.54
C THR E 63 37.07 -51.94 -5.07
N PRO E 64 36.85 -51.79 -6.39
CA PRO E 64 35.55 -52.12 -7.00
C PRO E 64 35.12 -53.57 -6.77
N ASP E 65 36.10 -54.47 -6.69
CA ASP E 65 35.82 -55.88 -6.50
C ASP E 65 35.46 -56.22 -5.06
N GLY E 66 35.75 -55.30 -4.13
CA GLY E 66 35.62 -55.61 -2.72
C GLY E 66 36.71 -56.57 -2.30
N ALA E 67 37.95 -56.22 -2.63
CA ALA E 67 39.11 -57.04 -2.28
C ALA E 67 40.00 -56.31 -1.27
N PHE E 68 40.53 -55.16 -1.67
CA PHE E 68 41.54 -54.46 -0.87
C PHE E 68 41.07 -53.07 -0.40
N LEU E 69 41.72 -52.58 0.65
CA LEU E 69 41.42 -51.29 1.25
C LEU E 69 42.70 -50.48 1.39
N TYR E 70 42.62 -49.18 1.12
CA TYR E 70 43.75 -48.28 1.26
C TYR E 70 43.51 -47.22 2.34
N VAL E 71 44.38 -47.20 3.33
CA VAL E 71 44.25 -46.27 4.46
C VAL E 71 45.27 -45.14 4.38
N CYS E 72 44.86 -43.94 4.73
CA CYS E 72 45.77 -42.81 4.80
C CYS E 72 46.33 -42.64 6.21
N ASN E 73 47.62 -42.89 6.37
CA ASN E 73 48.27 -42.64 7.65
C ASN E 73 48.92 -41.26 7.62
N ALA E 74 48.33 -40.35 8.39
CA ALA E 74 48.66 -38.93 8.33
C ALA E 74 50.03 -38.58 8.91
N GLU E 75 50.26 -39.01 10.15
CA GLU E 75 51.52 -38.70 10.82
C GLU E 75 52.64 -39.59 10.32
N SER E 76 52.27 -40.80 9.90
CA SER E 76 53.24 -41.74 9.36
C SER E 76 53.61 -41.36 7.92
N ASP E 77 52.87 -40.41 7.36
CA ASP E 77 53.07 -39.96 5.98
C ASP E 77 53.04 -41.14 5.02
N SER E 78 52.10 -42.06 5.23
CA SER E 78 52.11 -43.30 4.45
C SER E 78 50.71 -43.78 4.09
N VAL E 79 50.65 -44.91 3.39
CA VAL E 79 49.39 -45.52 2.99
C VAL E 79 49.39 -47.01 3.30
N SER E 80 48.44 -47.44 4.14
CA SER E 80 48.37 -48.83 4.56
C SER E 80 47.46 -49.66 3.66
N VAL E 81 48.03 -50.67 3.01
CA VAL E 81 47.26 -51.57 2.17
C VAL E 81 46.80 -52.80 2.94
N VAL E 82 45.48 -52.94 3.05
CA VAL E 82 44.81 -53.97 3.83
C VAL E 82 43.94 -54.83 2.88
N ASP E 83 43.62 -56.07 3.25
CA ASP E 83 42.62 -56.84 2.51
C ASP E 83 41.49 -57.09 3.49
N ILE E 84 40.26 -56.97 3.01
CA ILE E 84 39.05 -57.18 3.78
C ILE E 84 38.86 -58.62 4.28
N GLN E 85 39.26 -59.59 3.45
CA GLN E 85 38.89 -60.98 3.70
C GLN E 85 39.72 -61.62 4.81
N ARG E 86 41.02 -61.34 4.83
CA ARG E 86 41.88 -61.84 5.91
C ARG E 86 42.09 -60.81 7.02
N LYS E 87 41.51 -59.62 6.83
CA LYS E 87 41.43 -58.59 7.87
C LYS E 87 42.76 -58.15 8.48
N GLN E 88 43.78 -57.95 7.65
CA GLN E 88 45.09 -57.53 8.17
C GLN E 88 45.87 -56.73 7.12
N GLU E 89 46.68 -55.77 7.57
CA GLU E 89 47.39 -54.88 6.65
C GLU E 89 48.50 -55.61 5.91
N ILE E 90 48.43 -55.65 4.59
CA ILE E 90 49.43 -56.40 3.82
C ILE E 90 50.60 -55.59 3.31
N LYS E 91 50.51 -54.26 3.36
CA LYS E 91 51.61 -53.43 2.85
C LYS E 91 51.60 -52.00 3.38
N GLU E 92 52.72 -51.30 3.24
CA GLU E 92 52.74 -49.85 3.49
C GLU E 92 53.51 -49.12 2.38
N ILE E 93 52.97 -47.99 1.93
CA ILE E 93 53.60 -47.18 0.89
C ILE E 93 53.88 -45.77 1.40
N LYS E 94 55.16 -45.42 1.52
CA LYS E 94 55.53 -44.08 2.00
C LYS E 94 55.22 -43.01 0.96
N VAL E 95 54.50 -41.98 1.39
CA VAL E 95 54.06 -40.90 0.50
C VAL E 95 54.45 -39.54 1.08
N GLY E 96 53.98 -38.48 0.43
CA GLY E 96 54.26 -37.12 0.88
C GLY E 96 53.57 -36.82 2.20
N ASP E 97 53.72 -35.59 2.70
CA ASP E 97 53.29 -35.26 4.05
C ASP E 97 51.77 -35.24 4.22
N TRP E 98 51.33 -35.84 5.31
CA TRP E 98 49.93 -35.83 5.75
C TRP E 98 48.93 -36.16 4.66
N PRO E 99 48.93 -37.39 4.14
CA PRO E 99 47.78 -37.62 3.25
C PRO E 99 46.47 -37.55 4.03
N SER E 100 45.54 -36.70 3.60
CA SER E 100 44.23 -36.63 4.24
C SER E 100 43.13 -37.37 3.49
N GLY E 101 43.45 -37.91 2.32
CA GLY E 101 42.44 -38.53 1.50
C GLY E 101 42.94 -39.29 0.29
N ILE E 102 42.12 -40.23 -0.16
CA ILE E 102 42.47 -41.12 -1.26
C ILE E 102 41.24 -41.55 -2.05
N LYS E 103 41.41 -41.73 -3.35
CA LYS E 103 40.37 -42.36 -4.16
C LYS E 103 40.96 -43.10 -5.33
N ILE E 104 40.34 -44.19 -5.73
CA ILE E 104 40.93 -45.04 -6.76
C ILE E 104 40.14 -44.99 -8.06
N SER E 105 40.86 -45.20 -9.16
CA SER E 105 40.29 -45.13 -10.51
C SER E 105 39.12 -46.09 -10.70
N PRO E 106 38.19 -45.74 -11.61
CA PRO E 106 37.03 -46.59 -11.89
C PRO E 106 37.42 -47.97 -12.41
N ASP E 107 38.51 -48.06 -13.15
CA ASP E 107 38.98 -49.36 -13.64
C ASP E 107 39.68 -50.14 -12.53
N GLY E 108 40.01 -49.45 -11.45
CA GLY E 108 40.62 -50.07 -10.29
C GLY E 108 42.11 -50.30 -10.40
N LYS E 109 42.73 -49.70 -11.41
CA LYS E 109 44.16 -49.89 -11.64
C LYS E 109 45.05 -48.84 -10.97
N THR E 110 44.45 -47.79 -10.41
CA THR E 110 45.23 -46.69 -9.86
C THR E 110 44.55 -46.02 -8.67
N ALA E 111 45.36 -45.60 -7.70
CA ALA E 111 44.86 -44.87 -6.53
C ALA E 111 45.55 -43.51 -6.43
N TYR E 112 44.79 -42.49 -6.06
CA TYR E 112 45.30 -41.14 -5.93
C TYR E 112 45.25 -40.66 -4.49
N VAL E 113 46.37 -40.08 -4.05
CA VAL E 113 46.59 -39.69 -2.66
C VAL E 113 46.82 -38.19 -2.53
N ALA E 114 45.92 -37.48 -1.86
CA ALA E 114 46.11 -36.05 -1.69
C ALA E 114 46.97 -35.75 -0.47
N CYS E 115 48.12 -35.09 -0.68
CA CYS E 115 49.02 -34.79 0.42
C CYS E 115 48.74 -33.40 0.99
N SER E 116 48.26 -33.36 2.24
CA SER E 116 47.68 -32.16 2.82
C SER E 116 48.63 -31.24 3.59
N GLY E 117 49.92 -31.56 3.57
CA GLY E 117 50.91 -30.72 4.24
C GLY E 117 50.78 -29.26 3.85
N CYS E 118 50.94 -28.37 4.83
CA CYS E 118 50.71 -26.94 4.62
C CYS E 118 51.64 -26.35 3.56
N MET E 119 52.90 -26.77 3.56
CA MET E 119 53.83 -26.37 2.52
C MET E 119 53.93 -27.43 1.41
N TRP E 120 53.14 -28.48 1.52
CA TRP E 120 53.20 -29.58 0.55
C TRP E 120 52.12 -29.47 -0.54
N ASN E 121 52.54 -29.42 -1.80
CA ASN E 121 51.58 -29.63 -2.87
C ASN E 121 51.89 -30.91 -3.63
N ALA E 122 51.08 -31.94 -3.40
CA ALA E 122 51.21 -33.17 -4.17
C ALA E 122 49.93 -34.01 -4.22
N ILE E 123 49.73 -34.68 -5.35
CA ILE E 123 48.84 -35.84 -5.39
C ILE E 123 49.66 -37.03 -5.86
N ASP E 124 49.91 -37.98 -4.97
CA ASP E 124 50.75 -39.13 -5.31
C ASP E 124 49.92 -40.23 -5.94
N VAL E 125 50.37 -40.70 -7.10
CA VAL E 125 49.67 -41.77 -7.80
C VAL E 125 50.29 -43.13 -7.43
N ILE E 126 49.44 -44.14 -7.32
CA ILE E 126 49.87 -45.46 -6.88
C ILE E 126 49.27 -46.55 -7.75
N ASP E 127 50.12 -47.42 -8.29
CA ASP E 127 49.65 -48.59 -9.03
C ASP E 127 49.13 -49.62 -8.03
N THR E 128 47.93 -50.14 -8.29
CA THR E 128 47.30 -51.08 -7.37
C THR E 128 47.90 -52.48 -7.52
N GLY E 129 48.39 -52.80 -8.70
CA GLY E 129 48.99 -54.11 -8.94
C GLY E 129 50.36 -54.24 -8.30
N ARG E 130 51.21 -53.24 -8.50
CA ARG E 130 52.55 -53.23 -7.93
C ARG E 130 52.53 -52.77 -6.48
N MET E 131 51.46 -52.06 -6.10
CA MET E 131 51.29 -51.52 -4.75
C MET E 131 52.48 -50.65 -4.33
N GLU E 132 52.83 -49.68 -5.17
CA GLU E 132 53.92 -48.76 -4.89
C GLU E 132 53.72 -47.40 -5.54
N LYS E 133 54.31 -46.37 -4.96
CA LYS E 133 54.22 -45.02 -5.50
C LYS E 133 54.92 -44.91 -6.85
N VAL E 134 54.24 -44.29 -7.81
CA VAL E 134 54.77 -44.18 -9.16
C VAL E 134 55.20 -42.75 -9.49
N ARG E 135 54.24 -41.85 -9.56
CA ARG E 135 54.51 -40.44 -9.87
C ARG E 135 53.90 -39.50 -8.84
N SER E 136 54.12 -38.22 -9.03
CA SER E 136 53.50 -37.20 -8.17
C SER E 136 53.03 -36.01 -9.00
N ILE E 137 51.76 -35.66 -8.83
CA ILE E 137 51.16 -34.54 -9.56
C ILE E 137 51.21 -33.27 -8.71
N TYR E 138 51.98 -32.29 -9.16
CA TYR E 138 52.15 -31.05 -8.42
C TYR E 138 50.96 -30.12 -8.67
N THR E 139 50.27 -29.74 -7.60
CA THR E 139 49.08 -28.90 -7.73
C THR E 139 49.44 -27.43 -7.89
N SER E 140 48.42 -26.58 -8.03
CA SER E 140 48.64 -25.16 -8.30
C SER E 140 49.16 -24.44 -7.07
N ASP E 141 48.64 -24.78 -5.90
CA ASP E 141 49.09 -24.19 -4.65
C ASP E 141 49.12 -25.25 -3.55
N TYR E 142 49.43 -24.82 -2.34
CA TYR E 142 49.68 -25.74 -1.23
C TYR E 142 48.42 -26.37 -0.62
N GLY E 143 48.62 -27.53 0.00
CA GLY E 143 47.60 -28.18 0.81
C GLY E 143 46.36 -28.75 0.13
N PRO E 144 46.55 -29.62 -0.88
CA PRO E 144 45.31 -30.27 -1.33
C PRO E 144 44.72 -31.14 -0.21
N ARG E 145 43.46 -30.91 0.12
CA ARG E 145 42.80 -31.68 1.17
C ARG E 145 42.24 -33.02 0.71
N MET E 146 41.59 -33.00 -0.46
CA MET E 146 40.82 -34.14 -0.93
C MET E 146 40.77 -34.17 -2.46
N VAL E 147 40.65 -35.38 -3.02
CA VAL E 147 40.51 -35.54 -4.46
C VAL E 147 39.20 -36.25 -4.79
N GLU E 148 38.74 -36.12 -6.03
CA GLU E 148 37.56 -36.85 -6.49
C GLU E 148 37.67 -37.19 -7.97
N ILE E 149 37.26 -38.40 -8.34
CA ILE E 149 37.37 -38.87 -9.71
C ILE E 149 36.06 -38.69 -10.48
N SER E 150 36.18 -38.35 -11.77
CA SER E 150 35.03 -38.21 -12.65
C SER E 150 34.39 -39.57 -12.92
N PRO E 151 33.07 -39.58 -13.14
CA PRO E 151 32.32 -40.81 -13.47
C PRO E 151 32.90 -41.55 -14.68
N ASP E 152 33.31 -40.80 -15.70
CA ASP E 152 33.95 -41.41 -16.86
C ASP E 152 35.37 -41.82 -16.52
N GLY E 153 36.02 -41.04 -15.66
CA GLY E 153 37.36 -41.35 -15.19
C GLY E 153 38.47 -40.72 -16.01
N LYS E 154 38.14 -39.69 -16.78
CA LYS E 154 39.15 -38.97 -17.55
C LYS E 154 39.65 -37.70 -16.87
N THR E 155 39.08 -37.36 -15.72
CA THR E 155 39.49 -36.16 -14.98
C THR E 155 39.45 -36.35 -13.47
N LEU E 156 40.33 -35.63 -12.77
CA LEU E 156 40.48 -35.75 -11.32
C LEU E 156 40.50 -34.38 -10.66
N VAL E 157 39.51 -34.09 -9.82
CA VAL E 157 39.46 -32.78 -9.16
C VAL E 157 40.08 -32.84 -7.76
N ALA E 158 40.78 -31.78 -7.38
CA ALA E 158 41.38 -31.72 -6.05
C ALA E 158 41.21 -30.34 -5.41
N ILE E 159 40.65 -30.30 -4.20
CA ILE E 159 40.47 -29.04 -3.52
C ILE E 159 41.77 -28.58 -2.85
N LEU E 160 42.17 -27.35 -3.16
CA LEU E 160 43.34 -26.78 -2.52
C LEU E 160 42.89 -25.84 -1.42
N ASP E 161 43.13 -26.27 -0.18
CA ASP E 161 42.88 -25.47 0.99
C ASP E 161 44.23 -24.92 1.38
N THR E 162 44.41 -23.62 1.17
CA THR E 162 45.74 -23.03 1.24
C THR E 162 45.86 -22.13 2.44
N VAL E 163 46.90 -22.37 3.24
CA VAL E 163 47.09 -21.62 4.46
C VAL E 163 47.55 -20.20 4.15
N GLY E 164 46.82 -19.22 4.68
CA GLY E 164 47.18 -17.82 4.52
C GLY E 164 46.52 -17.12 3.35
N SER E 165 45.51 -17.75 2.77
CA SER E 165 44.82 -17.16 1.63
C SER E 165 43.29 -17.23 1.80
N ILE E 166 42.62 -16.10 1.52
CA ILE E 166 41.17 -16.08 1.54
C ILE E 166 40.60 -16.57 0.22
N ASN E 167 41.44 -16.62 -0.81
CA ASN E 167 41.05 -17.23 -2.07
C ASN E 167 41.66 -18.61 -2.16
N ARG E 168 40.82 -19.63 -2.04
CA ARG E 168 41.30 -21.00 -2.00
C ARG E 168 40.69 -21.76 -3.17
N SER E 169 41.40 -22.77 -3.67
CA SER E 169 41.19 -23.17 -5.04
C SER E 169 40.66 -24.58 -5.26
N VAL E 170 40.41 -24.88 -6.54
CA VAL E 170 40.04 -26.20 -7.00
C VAL E 170 40.81 -26.51 -8.28
N ASP E 171 41.55 -27.61 -8.27
CA ASP E 171 42.38 -28.01 -9.40
C ASP E 171 41.73 -29.10 -10.25
N PHE E 172 41.83 -28.94 -11.57
CA PHE E 172 41.34 -29.94 -12.50
C PHE E 172 42.51 -30.65 -13.18
N ILE E 173 42.61 -31.96 -12.92
CA ILE E 173 43.69 -32.78 -13.44
C ILE E 173 43.19 -33.65 -14.59
N ASP E 174 44.01 -33.81 -15.61
CA ASP E 174 43.70 -34.76 -16.68
C ASP E 174 44.40 -36.08 -16.39
N ILE E 175 43.63 -37.12 -16.11
CA ILE E 175 44.17 -38.42 -15.71
C ILE E 175 45.09 -39.00 -16.78
N ALA E 176 44.73 -38.80 -18.04
CA ALA E 176 45.53 -39.30 -19.16
C ALA E 176 46.95 -38.73 -19.14
N SER E 177 47.05 -37.40 -19.11
CA SER E 177 48.36 -36.75 -19.15
C SER E 177 48.92 -36.37 -17.77
N GLY E 178 48.13 -36.59 -16.72
CA GLY E 178 48.55 -36.25 -15.36
C GLY E 178 49.01 -34.81 -15.17
N ARG E 179 48.31 -33.86 -15.78
CA ARG E 179 48.68 -32.46 -15.68
C ARG E 179 47.52 -31.60 -15.15
N VAL E 180 47.84 -30.40 -14.68
CA VAL E 180 46.80 -29.45 -14.30
C VAL E 180 46.27 -28.74 -15.55
N VAL E 181 44.99 -28.94 -15.86
CA VAL E 181 44.37 -28.24 -16.99
C VAL E 181 43.89 -26.83 -16.63
N GLU E 182 43.23 -26.72 -15.48
CA GLU E 182 42.62 -25.47 -15.05
C GLU E 182 42.54 -25.39 -13.53
N ASN E 183 42.63 -24.18 -13.00
CA ASN E 183 42.42 -23.95 -11.57
C ASN E 183 41.40 -22.86 -11.31
N ARG E 184 40.30 -23.22 -10.67
CA ARG E 184 39.24 -22.25 -10.39
C ARG E 184 39.25 -21.82 -8.94
N VAL E 185 39.20 -20.51 -8.72
CA VAL E 185 39.30 -19.93 -7.39
C VAL E 185 37.93 -19.71 -6.77
N ILE E 186 37.76 -20.18 -5.53
CA ILE E 186 36.56 -19.85 -4.77
C ILE E 186 36.89 -18.63 -3.91
N HIS E 187 36.26 -17.50 -4.23
CA HIS E 187 36.61 -16.24 -3.58
C HIS E 187 36.05 -16.13 -2.18
N GLU E 188 36.85 -15.59 -1.28
CA GLU E 188 36.49 -15.42 0.13
C GLU E 188 36.10 -16.75 0.77
N SER E 189 36.97 -17.74 0.66
CA SER E 189 36.70 -19.06 1.22
C SER E 189 37.84 -19.54 2.10
N SER E 190 37.52 -20.45 3.02
CA SER E 190 38.52 -21.08 3.88
C SER E 190 38.01 -22.42 4.37
N ASN E 191 38.92 -23.25 4.86
CA ASN E 191 38.57 -24.55 5.43
C ASN E 191 37.78 -25.48 4.51
N LEU E 192 38.29 -25.76 3.32
CA LEU E 192 37.55 -26.65 2.43
C LEU E 192 37.79 -28.08 2.90
N ARG E 193 36.74 -28.76 3.39
CA ARG E 193 36.90 -30.14 3.84
C ARG E 193 36.55 -31.26 2.87
N ASP E 194 35.82 -30.96 1.80
CA ASP E 194 35.46 -32.02 0.86
C ASP E 194 35.02 -31.52 -0.52
N VAL E 195 35.14 -32.41 -1.49
CA VAL E 195 34.63 -32.21 -2.85
C VAL E 195 34.07 -33.51 -3.42
N VAL E 196 32.86 -33.47 -3.97
CA VAL E 196 32.23 -34.67 -4.54
C VAL E 196 31.54 -34.40 -5.88
N TYR E 197 31.78 -35.29 -6.84
CA TYR E 197 31.16 -35.21 -8.17
C TYR E 197 29.68 -35.59 -8.17
N THR E 198 28.97 -35.13 -9.19
CA THR E 198 27.61 -35.58 -9.47
C THR E 198 27.67 -36.80 -10.39
N PRO E 199 26.66 -37.69 -10.32
CA PRO E 199 26.62 -38.90 -11.16
C PRO E 199 26.80 -38.63 -12.65
N ASP E 200 26.24 -37.53 -13.14
CA ASP E 200 26.36 -37.18 -14.54
C ASP E 200 27.70 -36.51 -14.83
N GLY E 201 28.36 -36.06 -13.77
CA GLY E 201 29.70 -35.50 -13.87
C GLY E 201 29.79 -34.09 -14.40
N LYS E 202 28.65 -33.39 -14.44
CA LYS E 202 28.64 -32.00 -14.89
C LYS E 202 28.80 -30.98 -13.76
N TYR E 203 28.77 -31.44 -12.51
CA TYR E 203 28.92 -30.54 -11.37
C TYR E 203 29.76 -31.15 -10.25
N ILE E 204 30.43 -30.30 -9.49
CA ILE E 204 31.12 -30.73 -8.28
C ILE E 204 30.68 -29.89 -7.08
N ALA E 205 30.58 -30.51 -5.91
CA ALA E 205 30.18 -29.81 -4.70
C ALA E 205 31.32 -29.75 -3.70
N VAL E 206 31.59 -28.55 -3.19
CA VAL E 206 32.70 -28.34 -2.26
C VAL E 206 32.24 -27.70 -0.96
N THR E 207 32.52 -28.34 0.17
CA THR E 207 32.10 -27.76 1.46
C THR E 207 33.17 -26.85 2.05
N HIS E 208 32.76 -25.67 2.51
CA HIS E 208 33.72 -24.73 3.08
C HIS E 208 33.06 -23.64 3.93
N GLN E 209 33.87 -22.69 4.38
CA GLN E 209 33.40 -21.55 5.15
C GLN E 209 33.75 -20.23 4.44
N THR E 210 32.97 -19.19 4.70
CA THR E 210 33.27 -17.86 4.22
C THR E 210 33.59 -16.92 5.37
N PRO E 211 34.87 -16.58 5.52
CA PRO E 211 35.26 -15.55 6.50
C PRO E 211 34.97 -14.15 5.99
N LYS E 212 34.62 -13.22 6.86
CA LYS E 212 34.82 -11.84 6.50
C LYS E 212 36.02 -11.40 7.31
N ASN E 213 37.17 -11.29 6.63
CA ASN E 213 38.43 -10.96 7.30
C ASN E 213 38.64 -9.47 7.50
N TRP E 214 38.15 -8.68 6.55
CA TRP E 214 38.39 -7.23 6.56
C TRP E 214 37.44 -6.51 7.51
N LEU E 215 36.49 -7.25 8.07
CA LEU E 215 35.54 -6.68 9.01
C LEU E 215 36.02 -6.85 10.44
N PRO E 216 35.96 -5.76 11.23
CA PRO E 216 36.29 -5.79 12.65
C PRO E 216 35.42 -6.81 13.37
N VAL E 217 35.91 -7.49 14.40
CA VAL E 217 35.03 -8.46 15.01
C VAL E 217 34.32 -7.76 16.15
N CYS E 218 33.05 -7.42 15.90
CA CYS E 218 32.21 -6.77 16.90
C CYS E 218 31.09 -7.64 17.48
N GLU E 219 30.31 -8.27 16.59
N GLU E 219 30.61 -8.60 16.69
CA GLU E 219 29.19 -9.14 16.99
CA GLU E 219 29.39 -9.30 17.07
C GLU E 219 29.31 -10.60 16.47
C GLU E 219 29.38 -10.69 16.47
N ALA E 220 28.38 -11.46 16.85
CA ALA E 220 28.19 -12.77 16.23
C ALA E 220 27.12 -12.80 15.12
N GLU E 221 26.32 -11.74 15.01
CA GLU E 221 25.08 -11.79 14.23
C GLU E 221 25.23 -11.63 12.72
N ASN E 222 24.29 -12.22 11.99
CA ASN E 222 24.23 -12.16 10.54
C ASN E 222 25.53 -12.60 9.86
N GLY E 223 26.22 -13.55 10.49
CA GLY E 223 27.46 -14.08 9.96
C GLY E 223 28.52 -13.02 9.70
N GLN E 224 28.60 -12.04 10.59
CA GLN E 224 29.52 -10.91 10.43
C GLN E 224 30.98 -11.38 10.40
N VAL E 225 31.24 -12.51 11.06
CA VAL E 225 32.59 -13.06 11.09
C VAL E 225 32.69 -14.25 10.13
N PHE E 226 31.93 -15.30 10.42
CA PHE E 226 31.91 -16.49 9.58
C PHE E 226 30.51 -16.81 9.06
N THR E 227 30.46 -17.30 7.83
CA THR E 227 29.27 -17.97 7.32
C THR E 227 29.71 -19.35 6.84
N ASN E 228 28.76 -20.26 6.64
CA ASN E 228 29.10 -21.60 6.22
C ASN E 228 28.43 -21.95 4.90
N ASN E 229 29.24 -22.37 3.93
CA ASN E 229 28.75 -22.48 2.56
C ASN E 229 29.10 -23.77 1.84
N VAL E 230 28.19 -24.20 0.97
CA VAL E 230 28.48 -25.25 0.01
C VAL E 230 28.61 -24.58 -1.36
N THR E 231 29.49 -25.10 -2.21
CA THR E 231 29.72 -24.48 -3.50
C THR E 231 29.57 -25.46 -4.65
N ILE E 232 28.67 -25.13 -5.58
CA ILE E 232 28.45 -25.93 -6.77
C ILE E 232 29.19 -25.35 -7.96
N ILE E 233 30.12 -26.11 -8.53
CA ILE E 233 30.90 -25.66 -9.68
C ILE E 233 30.60 -26.49 -10.91
N GLU E 234 30.32 -25.81 -12.02
CA GLU E 234 30.06 -26.48 -13.29
C GLU E 234 31.37 -26.97 -13.90
N THR E 235 31.45 -28.26 -14.17
CA THR E 235 32.68 -28.86 -14.66
C THR E 235 32.96 -28.51 -16.12
N LYS E 236 31.95 -28.00 -16.80
CA LYS E 236 32.11 -27.59 -18.19
C LYS E 236 33.01 -26.36 -18.30
N ALA E 237 33.57 -26.14 -19.49
CA ALA E 237 34.47 -25.02 -19.73
C ALA E 237 33.79 -23.68 -19.47
N GLY E 238 34.47 -22.82 -18.72
CA GLY E 238 33.96 -21.50 -18.39
C GLY E 238 32.70 -21.54 -17.53
N GLY E 239 32.54 -22.62 -16.79
CA GLY E 239 31.37 -22.82 -15.96
C GLY E 239 31.24 -21.85 -14.82
N LYS E 240 30.06 -21.84 -14.19
CA LYS E 240 29.80 -20.97 -13.05
C LYS E 240 30.39 -21.51 -11.77
N VAL E 241 30.74 -20.61 -10.85
CA VAL E 241 31.05 -21.00 -9.49
C VAL E 241 29.96 -20.44 -8.59
N ALA E 242 29.12 -21.34 -8.06
CA ALA E 242 27.97 -20.91 -7.29
C ALA E 242 28.20 -21.14 -5.79
N ARG E 243 28.35 -20.06 -5.06
CA ARG E 243 28.55 -20.12 -3.62
C ARG E 243 27.22 -19.96 -2.91
N LEU E 244 26.77 -21.02 -2.24
CA LEU E 244 25.45 -21.01 -1.61
C LEU E 244 25.57 -21.20 -0.10
N PRO E 245 24.69 -20.51 0.65
CA PRO E 245 24.70 -20.54 2.12
C PRO E 245 24.12 -21.84 2.68
N LEU E 246 24.68 -22.32 3.79
CA LEU E 246 24.07 -23.40 4.56
C LEU E 246 23.30 -22.92 5.78
N ASP E 247 23.32 -21.61 6.03
CA ASP E 247 22.85 -21.07 7.30
C ASP E 247 21.48 -20.39 7.25
N ASP E 248 20.71 -20.55 8.31
CA ASP E 248 19.54 -19.71 8.55
C ASP E 248 20.03 -18.40 9.15
N LEU E 249 19.10 -17.49 9.44
CA LEU E 249 19.47 -16.22 10.04
C LEU E 249 20.04 -16.44 11.44
N ASN E 250 19.25 -17.09 12.28
CA ASN E 250 19.67 -17.40 13.65
C ASN E 250 20.19 -18.84 13.86
N ASN E 251 20.25 -19.63 12.79
CA ASN E 251 20.76 -20.99 12.89
C ASN E 251 21.80 -21.29 11.82
N TYR E 252 23.01 -21.63 12.26
CA TYR E 252 24.14 -21.82 11.34
C TYR E 252 24.61 -23.26 11.40
N ASP E 253 25.26 -23.74 10.33
CA ASP E 253 25.89 -25.04 10.38
C ASP E 253 27.38 -24.84 10.58
N GLY E 254 27.87 -25.10 11.78
CA GLY E 254 29.26 -24.86 12.11
C GLY E 254 30.22 -25.82 11.44
N ASN E 255 31.20 -25.27 10.72
CA ASN E 255 32.30 -26.07 10.16
C ASN E 255 31.82 -27.31 9.39
N PRO E 256 31.27 -27.11 8.19
CA PRO E 256 30.89 -28.26 7.38
C PRO E 256 32.11 -29.08 6.97
N TYR E 257 31.88 -30.37 6.73
CA TYR E 257 32.95 -31.35 6.54
C TYR E 257 32.48 -32.35 5.49
N GLY E 258 33.20 -33.46 5.38
CA GLY E 258 33.00 -34.39 4.26
C GLY E 258 31.56 -34.77 3.99
N MET E 259 31.24 -34.88 2.70
CA MET E 259 29.86 -35.04 2.26
C MET E 259 29.69 -36.26 1.36
N ALA E 260 28.45 -36.68 1.16
CA ALA E 260 28.14 -37.83 0.31
C ALA E 260 27.06 -37.47 -0.72
N MET E 261 27.22 -38.02 -1.92
CA MET E 261 26.33 -37.74 -3.03
C MET E 261 25.42 -38.93 -3.35
N ASP E 262 24.14 -38.64 -3.56
CA ASP E 262 23.17 -39.66 -3.92
C ASP E 262 23.52 -40.25 -5.29
N PRO E 263 23.42 -41.58 -5.43
CA PRO E 263 23.76 -42.27 -6.68
C PRO E 263 22.89 -41.82 -7.86
N LYS E 264 21.66 -41.41 -7.58
CA LYS E 264 20.79 -40.87 -8.61
C LYS E 264 20.88 -39.35 -8.66
N GLY E 265 21.69 -38.78 -7.77
CA GLY E 265 21.92 -37.34 -7.74
C GLY E 265 20.74 -36.56 -7.19
N LYS E 266 19.90 -37.22 -6.42
CA LYS E 266 18.70 -36.58 -5.87
C LYS E 266 18.99 -35.70 -4.66
N TYR E 267 19.88 -36.15 -3.79
CA TYR E 267 20.15 -35.43 -2.55
C TYR E 267 21.64 -35.27 -2.27
N LEU E 268 21.98 -34.26 -1.46
CA LEU E 268 23.34 -34.06 -1.01
C LEU E 268 23.40 -34.13 0.52
N TYR E 269 24.28 -34.99 1.05
CA TYR E 269 24.35 -35.18 2.50
C TYR E 269 25.63 -34.59 3.07
N ILE E 270 25.48 -33.55 3.89
CA ILE E 270 26.64 -32.83 4.43
C ILE E 270 26.80 -33.01 5.94
N GLY E 271 27.90 -33.63 6.34
CA GLY E 271 28.25 -33.70 7.74
C GLY E 271 28.61 -32.32 8.29
N VAL E 272 27.92 -31.92 9.36
CA VAL E 272 28.21 -30.68 10.05
C VAL E 272 28.77 -30.99 11.41
N ARG E 273 30.07 -30.72 11.56
CA ARG E 273 30.87 -31.15 12.70
C ARG E 273 30.65 -30.32 13.95
N GLY E 274 30.66 -28.99 13.78
CA GLY E 274 30.52 -28.08 14.91
C GLY E 274 29.14 -28.15 15.53
N MET E 275 28.13 -28.33 14.70
CA MET E 275 26.74 -28.39 15.18
C MET E 275 26.26 -29.81 15.38
N HIS E 276 27.13 -30.78 15.09
CA HIS E 276 26.83 -32.19 15.30
C HIS E 276 25.55 -32.65 14.62
N ARG E 277 25.43 -32.41 13.31
CA ARG E 277 24.21 -32.78 12.61
C ARG E 277 24.45 -33.01 11.12
N VAL E 278 23.51 -33.69 10.46
CA VAL E 278 23.64 -33.93 9.03
C VAL E 278 22.64 -33.10 8.23
N THR E 279 23.16 -32.17 7.43
CA THR E 279 22.32 -31.31 6.59
C THR E 279 22.04 -31.97 5.25
N ILE E 280 20.77 -32.19 4.95
CA ILE E 280 20.37 -32.81 3.69
C ILE E 280 19.80 -31.77 2.73
N LEU E 281 20.38 -31.69 1.54
CA LEU E 281 19.94 -30.71 0.55
C LEU E 281 19.32 -31.39 -0.66
N ASP E 282 18.39 -30.67 -1.30
CA ASP E 282 17.74 -31.16 -2.50
C ASP E 282 18.52 -30.66 -3.70
N MET E 283 19.16 -31.58 -4.41
CA MET E 283 20.05 -31.21 -5.51
C MET E 283 19.27 -30.76 -6.74
N ASP E 284 18.01 -31.17 -6.83
CA ASP E 284 17.15 -30.73 -7.92
C ASP E 284 16.89 -29.23 -7.80
N LYS E 285 16.59 -28.80 -6.58
CA LYS E 285 16.33 -27.39 -6.30
C LYS E 285 17.61 -26.56 -6.39
N VAL E 286 18.72 -27.14 -5.91
CA VAL E 286 20.02 -26.45 -5.95
C VAL E 286 20.48 -26.22 -7.38
N LEU E 287 20.54 -27.30 -8.15
CA LEU E 287 20.97 -27.21 -9.55
C LEU E 287 19.98 -26.40 -10.37
N GLY E 288 18.70 -26.48 -10.00
CA GLY E 288 17.66 -25.69 -10.64
C GLY E 288 17.90 -24.21 -10.40
N LEU E 289 18.38 -23.89 -9.21
CA LEU E 289 18.71 -22.51 -8.86
C LEU E 289 19.96 -22.04 -9.58
N VAL E 290 20.95 -22.93 -9.70
CA VAL E 290 22.20 -22.62 -10.37
C VAL E 290 21.98 -22.33 -11.85
N ARG E 291 21.20 -23.18 -12.50
CA ARG E 291 20.95 -23.05 -13.93
C ARG E 291 20.09 -21.84 -14.28
N SER E 292 19.23 -21.44 -13.34
CA SER E 292 18.28 -20.35 -13.60
C SER E 292 18.78 -18.98 -13.17
N SER E 293 20.00 -18.92 -12.63
CA SER E 293 20.55 -17.66 -12.14
C SER E 293 21.90 -17.34 -12.78
N THR E 294 22.14 -16.06 -13.03
CA THR E 294 23.42 -15.62 -13.57
C THR E 294 24.48 -15.67 -12.47
N GLN E 295 25.72 -15.34 -12.82
CA GLN E 295 26.81 -15.37 -11.86
C GLN E 295 26.65 -14.23 -10.84
N GLU E 296 26.22 -13.08 -11.33
CA GLU E 296 25.98 -11.91 -10.50
C GLU E 296 24.90 -12.19 -9.46
N GLU E 297 23.80 -12.78 -9.92
CA GLU E 297 22.67 -13.10 -9.06
C GLU E 297 23.05 -14.12 -8.00
N LEU E 298 23.90 -15.07 -8.36
CA LEU E 298 24.38 -16.06 -7.39
C LEU E 298 25.30 -15.40 -6.37
N ASP E 299 26.14 -14.49 -6.86
CA ASP E 299 27.03 -13.72 -6.00
C ASP E 299 26.23 -12.90 -4.98
N TYR E 300 25.05 -12.43 -5.40
CA TYR E 300 24.18 -11.71 -4.48
C TYR E 300 23.48 -12.67 -3.52
N LEU E 301 23.05 -13.81 -4.04
CA LEU E 301 22.28 -14.79 -3.26
C LEU E 301 23.16 -15.55 -2.26
N ARG E 302 24.47 -15.39 -2.39
CA ARG E 302 25.40 -16.02 -1.45
C ARG E 302 25.14 -15.55 -0.02
N ASP E 303 24.79 -14.28 0.12
CA ASP E 303 24.56 -13.68 1.44
C ASP E 303 23.11 -13.71 1.90
N ASP E 304 22.23 -14.32 1.12
CA ASP E 304 20.82 -14.38 1.52
C ASP E 304 20.68 -15.48 2.56
N LEU E 305 20.22 -15.09 3.75
CA LEU E 305 20.22 -15.98 4.90
C LEU E 305 18.90 -16.72 5.04
N GLY E 306 17.97 -16.44 4.12
CA GLY E 306 16.72 -17.16 4.05
C GLY E 306 16.68 -18.16 2.91
N LEU E 307 17.69 -18.13 2.05
CA LEU E 307 17.69 -18.90 0.81
C LEU E 307 17.67 -20.42 1.04
N VAL E 308 18.35 -20.86 2.10
CA VAL E 308 18.49 -22.28 2.39
C VAL E 308 17.18 -23.05 2.39
N ARG E 309 16.12 -22.39 2.87
CA ARG E 309 14.82 -23.04 3.01
C ARG E 309 14.22 -23.45 1.68
N ASP E 310 14.76 -22.92 0.59
CA ASP E 310 14.31 -23.33 -0.73
C ASP E 310 14.75 -24.77 -1.02
N TYR E 311 16.04 -25.05 -0.88
CA TYR E 311 16.54 -26.40 -1.11
C TYR E 311 16.74 -27.28 0.15
N LEU E 312 16.49 -26.75 1.34
CA LEU E 312 16.75 -27.53 2.55
C LEU E 312 15.70 -28.60 2.79
N VAL E 313 16.15 -29.85 2.91
CA VAL E 313 15.26 -30.97 3.20
C VAL E 313 15.10 -31.14 4.71
N ALA E 314 16.18 -31.50 5.39
CA ALA E 314 16.16 -31.63 6.84
C ALA E 314 17.56 -31.49 7.44
N ARG E 315 17.62 -31.16 8.73
CA ARG E 315 18.86 -31.27 9.49
C ARG E 315 18.68 -32.34 10.55
N VAL E 316 19.37 -33.46 10.37
CA VAL E 316 19.17 -34.64 11.20
C VAL E 316 20.14 -34.68 12.39
N PRO E 317 19.60 -34.90 13.60
CA PRO E 317 20.42 -35.00 14.82
C PRO E 317 21.46 -36.10 14.74
N THR E 318 22.65 -35.85 15.29
CA THR E 318 23.77 -36.75 15.14
C THR E 318 24.66 -36.67 16.39
N GLY E 319 25.33 -37.77 16.72
CA GLY E 319 26.27 -37.78 17.83
C GLY E 319 27.39 -36.78 17.62
N LEU E 320 28.13 -36.50 18.68
CA LEU E 320 29.08 -35.40 18.68
C LEU E 320 30.22 -35.55 17.66
N GLY E 321 30.47 -34.46 16.93
CA GLY E 321 31.58 -34.36 16.00
C GLY E 321 31.60 -35.27 14.79
N PRO E 322 30.48 -35.32 14.02
CA PRO E 322 30.65 -36.08 12.78
C PRO E 322 31.64 -35.40 11.84
N SER E 323 32.68 -36.11 11.39
CA SER E 323 33.56 -35.57 10.36
C SER E 323 33.30 -36.10 8.95
N SER E 324 32.41 -37.09 8.81
CA SER E 324 32.25 -37.76 7.52
C SER E 324 30.92 -38.49 7.39
N VAL E 325 30.53 -38.76 6.15
CA VAL E 325 29.31 -39.49 5.85
C VAL E 325 29.47 -40.40 4.63
N CYS E 326 28.62 -41.42 4.53
CA CYS E 326 28.63 -42.33 3.38
C CYS E 326 27.23 -42.89 3.12
N LEU E 327 27.01 -43.41 1.92
CA LEU E 327 25.68 -43.87 1.53
C LEU E 327 25.65 -45.33 1.07
N SER E 328 24.46 -45.92 1.14
CA SER E 328 24.20 -47.26 0.62
C SER E 328 24.19 -47.18 -0.91
N PRO E 329 24.37 -48.34 -1.59
CA PRO E 329 24.39 -48.24 -3.06
C PRO E 329 23.03 -47.86 -3.66
N ASP E 330 21.95 -48.14 -2.91
CA ASP E 330 20.62 -47.74 -3.34
C ASP E 330 20.26 -46.37 -2.78
N GLY E 331 21.15 -45.82 -1.95
CA GLY E 331 20.98 -44.50 -1.39
C GLY E 331 19.88 -44.44 -0.33
N LYS E 332 19.51 -45.59 0.22
CA LYS E 332 18.46 -45.65 1.22
C LYS E 332 18.93 -45.22 2.61
N PHE E 333 20.21 -45.43 2.90
CA PHE E 333 20.73 -45.15 4.23
C PHE E 333 21.98 -44.27 4.21
N CYS E 334 22.04 -43.34 5.16
CA CYS E 334 23.19 -42.46 5.31
C CYS E 334 23.87 -42.68 6.65
N TYR E 335 25.15 -43.04 6.61
CA TYR E 335 25.91 -43.29 7.84
C TYR E 335 26.85 -42.13 8.13
N ALA E 336 26.84 -41.65 9.37
CA ALA E 336 27.69 -40.55 9.78
C ALA E 336 28.68 -40.98 10.84
N ALA E 337 29.96 -40.63 10.66
CA ALA E 337 30.99 -41.03 11.60
C ALA E 337 31.24 -39.96 12.66
N ASN E 338 30.89 -40.29 13.90
CA ASN E 338 31.00 -39.35 15.01
C ASN E 338 32.24 -39.62 15.86
N TYR E 339 33.10 -38.61 15.93
CA TYR E 339 34.43 -38.69 16.52
C TYR E 339 34.39 -38.73 18.04
N PHE E 340 33.96 -37.63 18.65
CA PHE E 340 33.95 -37.52 20.10
C PHE E 340 33.02 -38.56 20.73
N SER E 341 31.86 -38.77 20.11
CA SER E 341 30.91 -39.76 20.59
C SER E 341 31.41 -41.17 20.32
N ASN E 342 32.42 -41.27 19.47
CA ASN E 342 33.04 -42.55 19.09
C ASN E 342 32.04 -43.56 18.57
N ASN E 343 31.19 -43.16 17.62
CA ASN E 343 30.20 -44.07 17.09
C ASN E 343 29.75 -43.71 15.68
N VAL E 344 28.71 -44.39 15.19
CA VAL E 344 28.19 -44.12 13.86
C VAL E 344 26.67 -43.98 13.88
N THR E 345 26.17 -42.86 13.37
CA THR E 345 24.74 -42.62 13.31
C THR E 345 24.14 -43.10 12.00
N VAL E 346 23.07 -43.90 12.09
CA VAL E 346 22.39 -44.42 10.92
C VAL E 346 21.12 -43.64 10.64
N ILE E 347 20.99 -43.15 9.41
CA ILE E 347 19.86 -42.30 9.04
C ILE E 347 19.09 -42.84 7.84
N ARG E 348 17.77 -42.98 7.98
CA ARG E 348 16.93 -43.37 6.86
C ARG E 348 16.63 -42.15 5.99
N THR E 349 16.99 -42.22 4.72
CA THR E 349 16.90 -41.06 3.83
C THR E 349 15.48 -40.86 3.28
N ALA E 350 15.35 -39.90 2.36
CA ALA E 350 14.06 -39.57 1.77
C ALA E 350 13.71 -40.48 0.60
N VAL E 351 14.69 -41.27 0.16
CA VAL E 351 14.49 -42.19 -0.96
C VAL E 351 13.59 -43.34 -0.54
N ASP E 352 12.79 -43.84 -1.48
CA ASP E 352 11.86 -44.93 -1.20
C ASP E 352 12.54 -46.29 -1.37
N GLY F 1 9.65 -40.54 2.17
CA GLY F 1 9.44 -40.21 3.57
C GLY F 1 10.41 -39.16 4.06
N GLN F 2 10.20 -38.71 5.30
CA GLN F 2 11.08 -37.71 5.91
C GLN F 2 12.29 -38.38 6.54
N PRO F 3 13.48 -37.78 6.35
CA PRO F 3 14.72 -38.25 6.97
C PRO F 3 14.58 -38.44 8.49
N ARG F 4 15.07 -39.58 8.98
CA ARG F 4 14.86 -39.95 10.38
C ARG F 4 16.02 -40.78 10.93
N VAL F 5 16.28 -40.62 12.23
CA VAL F 5 17.26 -41.46 12.92
C VAL F 5 16.63 -42.79 13.29
N ILE F 6 17.22 -43.88 12.79
CA ILE F 6 16.70 -45.21 13.09
C ILE F 6 17.48 -45.86 14.24
N SER F 7 18.78 -46.08 14.05
CA SER F 7 19.61 -46.70 15.07
C SER F 7 20.99 -46.05 15.16
N THR F 8 21.69 -46.33 16.25
CA THR F 8 23.06 -45.86 16.43
C THR F 8 23.98 -47.04 16.74
N ILE F 9 25.07 -47.15 15.99
CA ILE F 9 26.06 -48.19 16.21
C ILE F 9 27.22 -47.66 17.03
N GLN F 10 27.42 -48.24 18.22
CA GLN F 10 28.54 -47.79 19.05
C GLN F 10 29.75 -48.67 18.75
N THR F 11 30.72 -48.10 18.05
CA THR F 11 31.92 -48.83 17.67
C THR F 11 32.95 -48.86 18.80
N GLY F 12 33.18 -47.70 19.40
CA GLY F 12 34.14 -47.57 20.48
C GLY F 12 33.45 -47.45 21.82
N ALA F 13 34.14 -46.88 22.79
CA ALA F 13 33.59 -46.70 24.13
C ALA F 13 32.82 -45.39 24.23
N THR F 14 31.72 -45.41 24.98
CA THR F 14 30.89 -44.22 25.17
C THR F 14 31.66 -43.12 25.89
N TRP F 15 31.51 -41.89 25.40
CA TRP F 15 32.19 -40.74 26.00
C TRP F 15 31.30 -39.50 25.93
N GLU F 16 31.23 -38.76 27.03
CA GLU F 16 30.43 -37.53 27.07
C GLU F 16 31.28 -36.37 27.59
N PRO F 17 31.07 -35.17 27.03
CA PRO F 17 31.88 -33.99 27.35
C PRO F 17 31.50 -33.35 28.68
N LEU F 18 32.19 -32.28 29.03
CA LEU F 18 31.91 -31.55 30.26
C LEU F 18 30.56 -30.85 30.20
N GLY F 19 29.96 -30.66 31.37
CA GLY F 19 28.66 -30.01 31.45
C GLY F 19 28.75 -28.50 31.37
N ARG F 20 27.63 -27.83 31.61
CA ARG F 20 27.57 -26.37 31.55
C ARG F 20 28.16 -25.71 32.78
N GLU F 21 27.76 -26.20 33.95
CA GLU F 21 28.17 -25.64 35.24
C GLU F 21 27.87 -24.14 35.35
N GLU F 22 28.81 -23.40 35.93
CA GLU F 22 28.63 -21.96 36.15
C GLU F 22 29.66 -21.16 35.35
N PRO F 23 29.18 -20.38 34.37
CA PRO F 23 30.03 -19.52 33.53
C PRO F 23 30.80 -18.50 34.34
N LEU F 24 32.07 -18.32 34.01
CA LEU F 24 32.93 -17.36 34.69
C LEU F 24 32.64 -15.93 34.25
N THR F 25 32.71 -15.00 35.20
CA THR F 25 32.65 -13.58 34.86
C THR F 25 33.99 -13.16 34.26
N VAL F 26 33.99 -12.05 33.52
CA VAL F 26 35.23 -11.54 32.93
C VAL F 26 36.30 -11.20 33.99
N PRO F 27 35.91 -10.60 35.12
CA PRO F 27 36.93 -10.46 36.16
C PRO F 27 37.43 -11.80 36.71
N GLU F 28 36.56 -12.80 36.72
CA GLU F 28 36.96 -14.14 37.15
C GLU F 28 37.90 -14.77 36.14
N VAL F 29 37.77 -14.36 34.87
CA VAL F 29 38.67 -14.83 33.82
C VAL F 29 40.03 -14.15 33.97
N HIS F 30 40.01 -12.84 34.18
CA HIS F 30 41.24 -12.08 34.40
C HIS F 30 41.89 -12.49 35.73
N PHE F 31 41.13 -13.16 36.57
CA PHE F 31 41.63 -13.59 37.88
C PHE F 31 42.60 -14.74 37.76
N ARG F 32 42.57 -15.45 36.64
CA ARG F 32 43.55 -16.52 36.47
C ARG F 32 44.74 -15.90 35.74
N VAL F 33 45.78 -15.60 36.52
CA VAL F 33 46.98 -14.97 36.02
C VAL F 33 47.96 -16.01 35.50
N LYS F 34 47.92 -17.19 36.12
CA LYS F 34 48.86 -18.25 35.83
C LYS F 34 48.13 -19.55 35.55
N HIS F 35 48.86 -20.51 34.98
CA HIS F 35 48.27 -21.79 34.60
C HIS F 35 48.05 -22.68 35.81
N SER F 36 46.96 -23.44 35.77
CA SER F 36 46.72 -24.48 36.76
C SER F 36 47.56 -25.70 36.40
N PRO F 37 47.85 -26.57 37.39
CA PRO F 37 48.62 -27.79 37.12
C PRO F 37 48.01 -28.64 36.01
N PHE F 38 48.86 -29.20 35.16
CA PHE F 38 48.42 -29.96 34.00
C PHE F 38 47.60 -31.19 34.38
N LYS F 39 46.56 -31.45 33.59
CA LYS F 39 45.77 -32.67 33.75
C LYS F 39 45.49 -33.29 32.39
N SER F 40 45.97 -34.51 32.19
CA SER F 40 45.82 -35.20 30.91
C SER F 40 44.37 -35.59 30.68
N GLU F 41 43.68 -35.96 31.76
CA GLU F 41 42.30 -36.40 31.69
C GLU F 41 41.38 -35.36 31.05
N LEU F 42 41.77 -34.09 31.13
CA LEU F 42 40.96 -33.02 30.57
C LEU F 42 41.26 -32.73 29.11
N VAL F 43 42.38 -33.25 28.60
CA VAL F 43 42.86 -32.89 27.27
C VAL F 43 41.79 -33.07 26.19
N ARG F 44 41.26 -34.30 26.10
CA ARG F 44 40.21 -34.60 25.13
C ARG F 44 39.02 -33.67 25.30
N TYR F 45 38.65 -33.41 26.56
CA TYR F 45 37.56 -32.48 26.85
C TYR F 45 37.84 -31.15 26.19
N GLY F 46 39.07 -30.67 26.38
CA GLY F 46 39.51 -29.43 25.77
C GLY F 46 39.33 -29.46 24.28
N GLN F 47 39.70 -30.59 23.67
CA GLN F 47 39.58 -30.74 22.23
C GLN F 47 38.13 -30.53 21.81
N PHE F 48 37.20 -31.06 22.60
CA PHE F 48 35.79 -30.90 22.28
C PHE F 48 35.39 -29.44 22.34
N GLN F 49 35.93 -28.71 23.31
CA GLN F 49 35.63 -27.29 23.43
C GLN F 49 36.32 -26.51 22.33
N PHE F 50 37.32 -27.14 21.70
CA PHE F 50 38.06 -26.52 20.62
C PHE F 50 37.28 -26.62 19.31
N ASN F 51 36.70 -27.79 19.07
CA ASN F 51 36.02 -28.07 17.80
C ASN F 51 34.50 -27.92 17.81
N ASP F 52 33.92 -27.48 18.92
CA ASP F 52 32.47 -27.35 19.03
C ASP F 52 31.98 -25.95 18.66
N ALA F 53 31.03 -25.88 17.74
CA ALA F 53 30.40 -24.61 17.39
C ALA F 53 29.05 -24.41 18.10
N ALA F 54 28.62 -25.41 18.85
CA ALA F 54 27.30 -25.37 19.47
C ALA F 54 27.26 -24.43 20.67
N TRP F 55 28.41 -24.24 21.29
CA TRP F 55 28.51 -23.32 22.43
C TRP F 55 28.47 -21.87 21.96
N SER F 56 28.72 -21.67 20.67
CA SER F 56 28.65 -20.35 20.08
C SER F 56 27.21 -19.86 20.08
N LEU F 57 27.03 -18.55 19.94
CA LEU F 57 25.70 -17.93 20.00
C LEU F 57 24.69 -18.65 19.12
N GLN F 58 24.83 -18.48 17.81
CA GLN F 58 23.96 -19.15 16.85
C GLN F 58 24.60 -20.39 16.20
N GLY F 59 25.81 -20.74 16.62
CA GLY F 59 26.50 -21.86 16.03
C GLY F 59 27.32 -21.53 14.80
N SER F 60 27.88 -20.32 14.78
CA SER F 60 28.60 -19.83 13.61
C SER F 60 29.95 -20.52 13.42
N TYR F 61 30.88 -20.31 14.35
CA TYR F 61 32.21 -20.87 14.22
C TYR F 61 32.80 -21.31 15.56
N SER F 62 33.84 -22.13 15.49
CA SER F 62 34.54 -22.60 16.69
C SER F 62 35.97 -22.09 16.71
N CYS F 63 36.74 -22.50 17.72
CA CYS F 63 38.15 -22.16 17.80
C CYS F 63 38.90 -22.74 16.60
N ALA F 64 38.41 -23.89 16.15
CA ALA F 64 39.01 -24.61 15.05
C ALA F 64 38.86 -23.86 13.73
N SER F 65 37.85 -23.02 13.62
CA SER F 65 37.66 -22.28 12.37
C SER F 65 38.86 -21.39 12.06
N CYS F 66 39.35 -20.69 13.08
CA CYS F 66 40.57 -19.88 12.93
C CYS F 66 41.87 -20.67 13.09
N HIS F 67 41.95 -21.53 14.10
CA HIS F 67 43.21 -22.20 14.49
C HIS F 67 43.41 -23.56 13.84
N TYR F 68 42.53 -23.85 12.89
CA TYR F 68 42.29 -25.15 12.25
C TYR F 68 41.84 -26.21 13.24
N GLU F 69 41.83 -27.48 12.85
CA GLU F 69 41.54 -28.53 13.80
C GLU F 69 42.78 -29.31 14.07
N ARG F 70 43.86 -28.97 13.37
CA ARG F 70 45.07 -29.73 13.57
C ARG F 70 45.78 -29.03 14.72
N GLY F 71 45.15 -27.95 15.19
CA GLY F 71 45.72 -27.09 16.20
C GLY F 71 46.92 -26.41 15.60
N GLN F 72 46.79 -25.87 14.39
CA GLN F 72 47.91 -25.14 13.82
C GLN F 72 47.60 -23.67 13.53
N THR F 73 46.95 -23.42 12.39
CA THR F 73 46.48 -22.09 12.00
C THR F 73 45.89 -22.13 10.58
N THR F 74 45.03 -21.17 10.26
CA THR F 74 44.55 -21.01 8.90
C THR F 74 45.25 -19.90 8.12
N GLY F 75 46.03 -19.09 8.83
CA GLY F 75 46.65 -17.93 8.20
C GLY F 75 45.72 -16.73 8.08
N LEU F 76 44.46 -16.91 8.47
CA LEU F 76 43.46 -15.84 8.39
C LEU F 76 43.84 -14.66 9.29
N ILE F 77 43.85 -13.46 8.72
CA ILE F 77 44.25 -12.26 9.44
C ILE F 77 43.04 -11.45 9.89
N TRP F 78 42.94 -11.19 11.19
CA TRP F 78 41.75 -10.55 11.74
C TRP F 78 42.02 -9.21 12.43
N ASP F 79 40.96 -8.42 12.56
CA ASP F 79 41.00 -7.18 13.34
C ASP F 79 40.17 -7.40 14.60
N LEU F 80 40.85 -7.46 15.75
CA LEU F 80 40.17 -7.71 17.01
C LEU F 80 39.78 -6.40 17.69
N GLY F 81 39.13 -6.50 18.85
CA GLY F 81 38.61 -5.30 19.49
C GLY F 81 39.37 -4.71 20.66
N ASP F 82 40.25 -5.47 21.29
CA ASP F 82 40.95 -4.96 22.47
C ASP F 82 42.27 -4.29 22.13
N GLU F 83 42.75 -4.50 20.91
CA GLU F 83 44.03 -3.92 20.51
C GLU F 83 43.93 -2.65 19.61
N GLY F 84 42.70 -2.19 19.33
CA GLY F 84 42.50 -0.99 18.54
C GLY F 84 42.17 -1.23 17.07
N TRP F 85 41.35 -0.37 16.48
CA TRP F 85 40.86 -0.63 15.12
C TRP F 85 41.83 -0.18 14.04
N GLY F 86 42.07 -1.05 13.06
CA GLY F 86 43.07 -0.81 12.03
C GLY F 86 44.29 -1.66 12.34
N SER F 87 44.21 -2.39 13.45
CA SER F 87 45.33 -3.19 13.93
C SER F 87 45.16 -4.67 13.61
N TRP F 88 45.92 -5.14 12.64
CA TRP F 88 45.73 -6.49 12.10
C TRP F 88 46.60 -7.53 12.78
N LYS F 89 46.04 -8.72 12.96
CA LYS F 89 46.76 -9.82 13.61
C LYS F 89 46.61 -11.15 12.88
N ASN F 90 47.75 -11.75 12.57
CA ASN F 90 47.90 -13.13 12.10
C ASN F 90 47.28 -14.10 13.10
N THR F 91 46.60 -15.13 12.61
CA THR F 91 46.09 -16.17 13.50
C THR F 91 47.28 -16.98 14.02
N LYS F 92 47.40 -17.06 15.34
CA LYS F 92 48.58 -17.67 15.96
C LYS F 92 48.70 -19.15 15.68
N TYR F 93 49.95 -19.63 15.67
CA TYR F 93 50.24 -21.05 15.52
C TYR F 93 50.33 -21.68 16.91
N ILE F 94 49.38 -22.55 17.23
CA ILE F 94 49.21 -23.01 18.60
C ILE F 94 49.91 -24.33 18.93
N ARG F 95 50.65 -24.90 17.98
CA ARG F 95 51.49 -26.05 18.28
C ARG F 95 52.68 -25.61 19.11
N GLY F 96 52.90 -26.27 20.25
CA GLY F 96 54.02 -25.95 21.11
C GLY F 96 53.96 -24.55 21.68
N GLY F 97 52.84 -24.23 22.33
CA GLY F 97 52.66 -22.93 22.94
C GLY F 97 53.08 -22.89 24.40
N ARG F 98 53.14 -24.05 25.02
CA ARG F 98 53.46 -24.14 26.45
C ARG F 98 54.91 -23.76 26.72
N TYR F 99 55.75 -23.82 25.70
CA TYR F 99 57.19 -23.67 25.87
C TYR F 99 57.65 -22.22 25.87
N LEU F 100 56.79 -21.30 25.46
CA LEU F 100 57.22 -19.92 25.29
C LEU F 100 56.22 -18.85 25.78
N PRO F 101 56.19 -18.61 27.09
CA PRO F 101 55.48 -17.45 27.63
C PRO F 101 56.31 -16.18 27.40
N PRO F 102 55.65 -15.00 27.32
CA PRO F 102 54.21 -14.74 27.38
C PRO F 102 53.51 -15.06 26.06
N PHE F 103 52.25 -14.65 25.93
CA PHE F 103 51.41 -15.12 24.83
C PHE F 103 50.85 -14.03 23.92
N ARG F 104 50.32 -14.49 22.80
CA ARG F 104 49.99 -13.75 21.58
C ARG F 104 51.18 -13.00 20.97
N HIS F 105 50.90 -11.92 20.25
CA HIS F 105 51.94 -11.22 19.50
C HIS F 105 52.63 -10.07 20.23
N GLU F 106 51.84 -9.25 20.91
CA GLU F 106 52.36 -8.01 21.50
C GLU F 106 53.11 -8.32 22.79
N GLY F 107 54.12 -7.49 23.07
CA GLY F 107 54.99 -7.74 24.20
C GLY F 107 54.69 -6.92 25.43
N PHE F 108 55.69 -6.76 26.28
CA PHE F 108 55.53 -6.05 27.55
C PHE F 108 55.49 -4.54 27.38
N THR F 109 56.11 -4.04 26.32
CA THR F 109 56.19 -2.61 26.09
C THR F 109 54.80 -2.00 25.92
N GLY F 110 54.50 -0.99 26.74
CA GLY F 110 53.19 -0.37 26.73
C GLY F 110 52.08 -1.31 27.13
N HIS F 111 52.39 -2.28 28.01
CA HIS F 111 51.39 -3.24 28.45
C HIS F 111 51.51 -3.63 29.92
N PRO F 112 51.04 -2.75 30.82
CA PRO F 112 50.84 -3.15 32.23
C PRO F 112 49.74 -4.20 32.31
N ASP F 113 48.98 -4.29 31.23
CA ASP F 113 47.89 -5.24 31.07
C ASP F 113 48.30 -6.68 31.36
N GLU F 114 49.21 -7.21 30.54
CA GLU F 114 49.57 -8.63 30.54
C GLU F 114 48.31 -9.47 30.33
N ILE F 115 47.40 -8.93 29.54
CA ILE F 115 46.16 -9.60 29.16
C ILE F 115 46.06 -9.66 27.63
N VAL F 116 46.03 -8.49 27.01
CA VAL F 116 46.00 -8.41 25.55
C VAL F 116 47.37 -8.76 24.98
N GLY F 117 48.37 -7.92 25.23
CA GLY F 117 49.74 -8.23 24.89
C GLY F 117 50.50 -8.73 26.10
N ALA F 118 51.61 -9.43 25.86
CA ALA F 118 52.40 -10.06 26.92
C ALA F 118 51.51 -10.85 27.88
N THR F 119 50.60 -11.62 27.31
CA THR F 119 49.62 -12.37 28.09
C THR F 119 50.31 -13.35 29.02
N SER F 120 50.00 -13.25 30.30
CA SER F 120 50.68 -14.06 31.33
C SER F 120 50.10 -15.46 31.42
N SER F 121 48.91 -15.65 30.86
CA SER F 121 48.22 -16.93 30.94
C SER F 121 47.55 -17.31 29.63
N LEU F 122 47.40 -18.61 29.40
CA LEU F 122 46.64 -19.10 28.27
C LEU F 122 45.15 -18.97 28.55
N ASP F 123 44.81 -18.94 29.83
CA ASP F 123 43.42 -18.77 30.27
C ASP F 123 42.90 -17.39 29.90
N ARG F 124 43.81 -16.43 29.81
CA ARG F 124 43.45 -15.03 29.57
C ARG F 124 43.23 -14.76 28.08
N VAL F 125 43.36 -15.80 27.27
CA VAL F 125 43.06 -15.71 25.84
C VAL F 125 41.76 -16.43 25.53
N CYS F 126 41.77 -17.76 25.69
CA CYS F 126 40.60 -18.58 25.42
C CYS F 126 39.45 -18.26 26.37
N GLY F 127 39.76 -17.71 27.53
CA GLY F 127 38.74 -17.28 28.46
C GLY F 127 38.12 -15.97 28.01
N ARG F 128 38.90 -15.17 27.29
CA ARG F 128 38.45 -13.89 26.78
C ARG F 128 37.63 -14.02 25.50
N ASP F 129 37.99 -14.98 24.66
CA ASP F 129 37.34 -15.17 23.36
C ASP F 129 35.81 -15.27 23.36
N PRO F 130 35.19 -15.95 24.35
CA PRO F 130 33.73 -16.00 24.33
C PRO F 130 33.05 -14.63 24.38
N GLY F 131 33.60 -13.70 25.15
CA GLY F 131 33.02 -12.36 25.20
C GLY F 131 33.62 -11.34 24.25
N PHE F 132 34.89 -11.52 23.87
CA PHE F 132 35.55 -10.54 23.01
C PHE F 132 35.64 -10.93 21.53
N VAL F 133 35.26 -12.16 21.21
CA VAL F 133 35.29 -12.62 19.81
C VAL F 133 34.01 -13.33 19.41
N PHE F 134 33.77 -14.48 20.03
CA PHE F 134 32.59 -15.29 19.75
C PHE F 134 31.31 -14.58 20.13
N ARG F 135 31.40 -13.69 21.12
CA ARG F 135 30.25 -12.96 21.65
C ARG F 135 29.16 -13.92 22.12
N SER F 136 29.54 -14.84 23.01
CA SER F 136 28.62 -15.85 23.53
C SER F 136 28.83 -16.06 25.02
N GLU F 137 28.16 -17.05 25.58
CA GLU F 137 28.26 -17.34 27.01
C GLU F 137 29.66 -17.79 27.40
N ASN F 138 30.17 -17.25 28.50
CA ASN F 138 31.52 -17.56 28.97
C ASN F 138 31.68 -19.01 29.40
N PHE F 139 32.93 -19.47 29.39
CA PHE F 139 33.24 -20.85 29.77
C PHE F 139 33.14 -21.06 31.28
N SER F 140 32.86 -22.30 31.66
CA SER F 140 32.95 -22.71 33.05
C SER F 140 34.42 -22.84 33.41
N PRO F 141 34.76 -22.84 34.72
CA PRO F 141 36.18 -23.01 35.07
C PRO F 141 36.73 -24.35 34.59
N MET F 142 35.91 -25.40 34.66
CA MET F 142 36.34 -26.73 34.25
C MET F 142 36.56 -26.83 32.74
N ARG F 143 35.64 -26.28 31.97
CA ARG F 143 35.74 -26.35 30.51
C ARG F 143 36.91 -25.50 30.00
N LEU F 144 37.09 -24.33 30.60
CA LEU F 144 38.22 -23.48 30.26
C LEU F 144 39.53 -24.17 30.62
N GLU F 145 39.58 -24.76 31.80
CA GLU F 145 40.76 -25.48 32.26
C GLU F 145 41.12 -26.63 31.31
N ALA F 146 40.09 -27.36 30.89
CA ALA F 146 40.27 -28.47 29.95
C ALA F 146 40.80 -27.95 28.62
N LEU F 147 40.25 -26.82 28.17
CA LEU F 147 40.68 -26.21 26.92
C LEU F 147 42.17 -25.82 26.98
N ILE F 148 42.56 -25.17 28.07
CA ILE F 148 43.96 -24.78 28.26
C ILE F 148 44.85 -26.01 28.32
N CYS F 149 44.36 -27.06 28.97
CA CYS F 149 45.09 -28.33 29.04
C CYS F 149 45.31 -28.91 27.64
N TYR F 150 44.32 -28.74 26.77
CA TYR F 150 44.45 -29.18 25.39
C TYR F 150 45.47 -28.33 24.64
N ILE F 151 45.46 -27.03 24.91
CA ILE F 151 46.37 -26.10 24.24
C ILE F 151 47.83 -26.37 24.60
N ARG F 152 48.09 -26.55 25.90
CA ARG F 152 49.45 -26.78 26.38
C ARG F 152 50.03 -28.09 25.86
N ALA F 153 49.16 -29.06 25.60
CA ALA F 153 49.60 -30.40 25.22
C ALA F 153 49.92 -30.53 23.73
N LEU F 154 49.76 -29.45 22.99
CA LEU F 154 50.02 -29.48 21.55
C LEU F 154 51.51 -29.43 21.24
N GLU F 155 51.96 -30.39 20.44
CA GLU F 155 53.39 -30.53 20.12
C GLU F 155 53.67 -30.26 18.64
N PHE F 156 54.89 -29.83 18.35
CA PHE F 156 55.32 -29.59 16.97
C PHE F 156 55.33 -30.87 16.14
N THR F 157 55.14 -30.74 14.84
CA THR F 157 55.18 -31.89 13.94
C THR F 157 56.57 -32.14 13.34
N GLY F 158 57.47 -31.17 13.50
CA GLY F 158 58.78 -31.25 12.88
C GLY F 158 58.72 -30.92 11.40
N SER F 159 59.90 -30.82 10.78
CA SER F 159 59.98 -30.42 9.37
C SER F 159 60.06 -31.60 8.41
N PRO F 160 59.17 -31.61 7.40
CA PRO F 160 59.13 -32.62 6.33
C PRO F 160 60.26 -32.47 5.31
N PHE F 161 60.90 -31.29 5.28
CA PHE F 161 61.87 -30.99 4.24
C PHE F 161 63.27 -31.56 4.52
N ARG F 162 63.43 -32.19 5.67
CA ARG F 162 64.68 -32.88 5.98
C ARG F 162 64.73 -34.25 5.34
N ASN F 163 65.95 -34.74 5.11
CA ASN F 163 66.16 -36.06 4.53
C ASN F 163 65.75 -37.16 5.50
N ALA F 164 65.53 -38.37 4.98
CA ALA F 164 65.27 -39.53 5.81
C ALA F 164 66.44 -39.77 6.77
N ASP F 165 67.59 -39.20 6.44
CA ASP F 165 68.73 -39.13 7.34
C ASP F 165 68.35 -38.58 8.69
N GLY F 166 67.53 -37.52 8.67
CA GLY F 166 67.31 -36.69 9.84
C GLY F 166 68.25 -35.51 9.74
N SER F 167 69.31 -35.68 8.95
CA SER F 167 70.30 -34.64 8.72
C SER F 167 69.82 -33.62 7.69
N LEU F 168 70.39 -32.42 7.77
CA LEU F 168 70.06 -31.35 6.85
C LEU F 168 70.60 -31.61 5.44
N THR F 169 70.01 -30.95 4.45
CA THR F 169 70.53 -31.03 3.09
C THR F 169 71.66 -30.02 2.94
N GLU F 170 72.27 -29.96 1.76
CA GLU F 170 73.40 -29.06 1.52
C GLU F 170 72.96 -27.60 1.61
N ALA F 171 71.83 -27.29 0.98
CA ALA F 171 71.29 -25.93 1.01
C ALA F 171 70.88 -25.55 2.42
N GLN F 172 70.41 -26.53 3.19
CA GLN F 172 70.00 -26.30 4.57
C GLN F 172 71.21 -26.08 5.47
N LYS F 173 72.30 -26.76 5.17
CA LYS F 173 73.54 -26.59 5.92
C LYS F 173 74.17 -25.22 5.63
N ARG F 174 74.14 -24.83 4.36
CA ARG F 174 74.55 -23.48 3.97
C ARG F 174 73.68 -22.46 4.69
N GLY F 175 72.39 -22.77 4.77
CA GLY F 175 71.43 -21.92 5.45
C GLY F 175 71.69 -21.79 6.93
N GLN F 176 72.18 -22.87 7.55
CA GLN F 176 72.55 -22.81 8.97
C GLN F 176 73.82 -22.00 9.13
N LYS F 177 74.73 -22.15 8.17
CA LYS F 177 75.98 -21.41 8.18
C LYS F 177 75.72 -19.91 8.12
N ILE F 178 74.74 -19.51 7.31
CA ILE F 178 74.41 -18.09 7.19
C ILE F 178 73.44 -17.64 8.30
N PHE F 179 72.80 -18.61 8.95
CA PHE F 179 71.87 -18.30 10.04
C PHE F 179 72.60 -18.01 11.34
N GLU F 180 73.59 -18.85 11.66
CA GLU F 180 74.31 -18.74 12.92
C GLU F 180 75.41 -17.69 12.83
N ASP F 181 75.52 -17.07 11.65
CA ASP F 181 76.48 -16.01 11.42
C ASP F 181 76.25 -14.85 12.39
N PRO F 182 77.27 -14.51 13.19
CA PRO F 182 77.22 -13.38 14.13
C PRO F 182 77.03 -12.03 13.42
N LYS F 183 77.30 -11.99 12.12
CA LYS F 183 77.14 -10.76 11.35
C LYS F 183 75.67 -10.40 11.17
N VAL F 184 74.84 -11.41 10.88
CA VAL F 184 73.41 -11.20 10.73
C VAL F 184 72.66 -11.29 12.05
N GLY F 185 73.30 -11.89 13.05
CA GLY F 185 72.72 -12.04 14.37
C GLY F 185 71.33 -12.64 14.45
N CYS F 186 71.14 -13.80 13.84
CA CYS F 186 69.84 -14.48 13.92
C CYS F 186 69.69 -15.22 15.23
N LEU F 187 70.81 -15.59 15.84
CA LEU F 187 70.81 -16.37 17.08
C LEU F 187 70.47 -15.53 18.30
N GLU F 188 70.67 -14.22 18.20
CA GLU F 188 70.42 -13.32 19.32
C GLU F 188 68.98 -13.47 19.82
N CYS F 189 68.02 -13.31 18.92
CA CYS F 189 66.62 -13.45 19.29
C CYS F 189 66.04 -14.84 18.96
N HIS F 190 66.82 -15.69 18.31
CA HIS F 190 66.35 -17.03 17.97
C HIS F 190 67.38 -18.12 18.25
N PRO F 191 67.75 -18.30 19.52
CA PRO F 191 68.78 -19.30 19.86
C PRO F 191 68.26 -20.73 19.74
N GLY F 192 69.06 -21.62 19.18
CA GLY F 192 68.69 -23.02 19.13
C GLY F 192 69.57 -23.90 18.25
N ASP F 193 69.48 -25.20 18.47
CA ASP F 193 70.19 -26.18 17.66
C ASP F 193 69.18 -26.98 16.82
N PRO F 194 69.37 -26.98 15.49
CA PRO F 194 68.47 -27.69 14.58
C PRO F 194 68.36 -29.19 14.87
N MET F 195 69.38 -29.75 15.52
CA MET F 195 69.38 -31.16 15.89
C MET F 195 68.91 -31.37 17.32
N ASP F 196 68.56 -30.28 18.00
CA ASP F 196 68.09 -30.35 19.38
C ASP F 196 66.56 -30.41 19.42
N PRO F 197 66.01 -31.55 19.84
CA PRO F 197 64.56 -31.76 19.92
C PRO F 197 63.86 -30.78 20.87
N ARG F 198 64.62 -30.18 21.78
CA ARG F 198 64.07 -29.25 22.74
C ARG F 198 64.23 -27.77 22.35
N ALA F 199 64.84 -27.53 21.18
CA ALA F 199 65.16 -26.16 20.77
C ALA F 199 63.93 -25.35 20.37
N LEU F 200 63.75 -24.19 21.01
CA LEU F 200 62.59 -23.34 20.74
C LEU F 200 62.82 -22.23 19.71
N PHE F 201 64.09 -21.98 19.37
CA PHE F 201 64.46 -20.88 18.45
C PHE F 201 63.77 -19.55 18.73
N SER F 202 63.64 -19.19 20.01
CA SER F 202 62.98 -17.94 20.37
C SER F 202 63.58 -17.30 21.61
N ASP F 203 63.66 -15.96 21.60
CA ASP F 203 64.19 -15.21 22.72
C ASP F 203 63.17 -15.10 23.85
N ALA F 204 61.90 -15.25 23.49
CA ALA F 204 60.79 -15.10 24.44
C ALA F 204 60.81 -13.72 25.10
N GLN F 205 61.29 -12.73 24.35
CA GLN F 205 61.36 -11.36 24.84
C GLN F 205 60.72 -10.41 23.84
N THR F 206 60.84 -9.11 24.11
CA THR F 206 60.20 -8.10 23.26
C THR F 206 61.23 -7.15 22.66
N HIS F 207 61.28 -7.08 21.33
CA HIS F 207 62.25 -6.25 20.63
C HIS F 207 61.58 -5.33 19.61
N ASP F 208 62.33 -4.34 19.15
CA ASP F 208 61.85 -3.51 18.05
C ASP F 208 62.57 -3.96 16.77
N VAL F 209 61.84 -4.68 15.93
CA VAL F 209 62.37 -5.19 14.68
C VAL F 209 61.96 -4.33 13.49
N GLY F 210 61.25 -3.24 13.77
CA GLY F 210 60.80 -2.32 12.74
C GLY F 210 59.58 -2.83 12.00
N THR F 211 58.86 -3.76 12.61
CA THR F 211 57.65 -4.29 12.01
C THR F 211 56.42 -3.56 12.51
N GLY F 212 56.63 -2.53 13.34
CA GLY F 212 55.54 -1.73 13.86
C GLY F 212 54.84 -0.94 12.76
N ARG F 213 53.53 -1.10 12.67
CA ARG F 213 52.74 -0.41 11.65
C ARG F 213 52.26 0.94 12.18
N VAL F 214 52.66 2.01 11.50
CA VAL F 214 52.30 3.36 11.93
C VAL F 214 51.46 4.09 10.88
N GLY F 215 51.11 5.33 11.18
CA GLY F 215 50.33 6.15 10.27
C GLY F 215 51.20 6.94 9.33
N VAL F 216 50.57 7.72 8.46
CA VAL F 216 51.31 8.52 7.48
C VAL F 216 52.10 9.64 8.14
N ASN F 217 51.63 10.09 9.30
CA ASN F 217 52.32 11.13 10.06
C ASN F 217 53.20 10.54 11.16
N GLY F 218 53.32 9.23 11.20
CA GLY F 218 54.08 8.55 12.24
C GLY F 218 53.22 7.87 13.27
N PHE F 219 53.84 7.45 14.37
CA PHE F 219 53.17 6.69 15.44
C PHE F 219 51.93 7.40 15.98
N ARG F 220 50.88 6.62 16.22
CA ARG F 220 49.61 7.12 16.75
C ARG F 220 48.98 8.19 15.85
N SER F 221 49.04 7.97 14.54
CA SER F 221 48.39 8.88 13.60
C SER F 221 47.51 8.08 12.62
N THR F 222 46.83 8.80 11.73
CA THR F 222 45.93 8.16 10.77
C THR F 222 45.95 8.94 9.45
N PRO F 223 45.77 8.25 8.31
CA PRO F 223 45.59 6.80 8.15
C PRO F 223 46.92 6.04 8.10
N GLY F 224 46.83 4.71 7.98
CA GLY F 224 48.01 3.87 7.98
C GLY F 224 48.85 3.93 6.72
N LYS F 225 50.16 4.02 6.90
CA LYS F 225 51.10 4.02 5.78
C LYS F 225 51.27 2.62 5.20
N VAL F 226 51.79 2.54 3.98
CA VAL F 226 52.01 1.25 3.32
C VAL F 226 53.40 0.72 3.63
N PHE F 227 53.47 -0.36 4.40
CA PHE F 227 54.76 -0.96 4.78
C PHE F 227 55.34 -1.88 3.73
N ASN F 228 54.50 -2.49 2.90
CA ASN F 228 54.98 -3.46 1.93
C ASN F 228 55.36 -2.78 0.64
N ILE F 229 56.66 -2.75 0.38
CA ILE F 229 57.22 -1.98 -0.73
C ILE F 229 57.03 -2.73 -2.05
N SER F 230 57.07 -4.06 -1.97
CA SER F 230 56.84 -4.91 -3.13
C SER F 230 55.44 -4.67 -3.68
N ALA F 231 54.49 -4.47 -2.77
CA ALA F 231 53.10 -4.22 -3.14
C ALA F 231 52.87 -2.78 -3.57
N LEU F 232 53.62 -1.86 -2.96
CA LEU F 232 53.51 -0.44 -3.29
C LEU F 232 54.02 -0.17 -4.69
N GLU F 233 55.11 -0.85 -5.05
CA GLU F 233 55.71 -0.70 -6.37
C GLU F 233 54.85 -1.39 -7.42
N ALA F 234 54.12 -2.42 -6.99
CA ALA F 234 53.27 -3.20 -7.91
C ALA F 234 51.92 -2.53 -8.13
N GLY F 235 51.70 -1.39 -7.47
CA GLY F 235 50.46 -0.66 -7.62
C GLY F 235 49.27 -1.41 -7.05
N GLU F 236 49.44 -1.97 -5.85
CA GLU F 236 48.39 -2.73 -5.20
C GLU F 236 47.47 -1.81 -4.39
N ASP F 237 46.18 -2.11 -4.40
CA ASP F 237 45.20 -1.31 -3.67
C ASP F 237 45.35 -1.45 -2.17
N PRO F 238 45.63 -0.32 -1.48
CA PRO F 238 45.76 -0.30 -0.01
C PRO F 238 44.52 -0.86 0.69
N TYR F 239 43.35 -0.47 0.20
CA TYR F 239 42.09 -0.87 0.79
C TYR F 239 41.42 -2.07 0.09
N GLY F 240 42.14 -2.69 -0.85
CA GLY F 240 41.62 -3.83 -1.60
C GLY F 240 41.08 -4.99 -0.80
N VAL F 241 40.03 -5.63 -1.31
CA VAL F 241 39.38 -6.75 -0.63
C VAL F 241 39.86 -8.13 -1.11
N GLU F 242 40.67 -8.17 -2.16
CA GLU F 242 41.07 -9.45 -2.74
C GLU F 242 42.43 -9.93 -2.27
N SER F 243 43.10 -9.11 -1.45
CA SER F 243 44.43 -9.43 -0.96
C SER F 243 44.36 -10.45 0.16
N ASN F 244 45.32 -11.37 0.20
CA ASN F 244 45.41 -12.33 1.28
C ASN F 244 45.90 -11.68 2.57
N THR F 245 46.75 -10.67 2.41
CA THR F 245 47.32 -9.96 3.55
C THR F 245 47.24 -8.44 3.36
N PRO F 246 47.06 -7.70 4.47
CA PRO F 246 47.03 -6.24 4.42
C PRO F 246 48.40 -5.63 4.13
N ILE F 247 48.43 -4.59 3.31
CA ILE F 247 49.67 -3.85 3.04
C ILE F 247 49.75 -2.57 3.88
N ILE F 248 48.73 -2.32 4.68
CA ILE F 248 48.71 -1.17 5.60
C ILE F 248 48.22 -1.60 6.98
N GLY F 249 48.39 -0.72 7.97
CA GLY F 249 47.90 -0.98 9.30
C GLY F 249 48.25 0.09 10.32
N LEU F 250 47.56 0.05 11.46
CA LEU F 250 47.88 0.94 12.57
C LEU F 250 48.07 0.14 13.85
N ASP F 251 49.30 0.12 14.36
CA ASP F 251 49.62 -0.63 15.56
C ASP F 251 49.66 0.28 16.78
N LEU F 252 49.21 -0.24 17.91
CA LEU F 252 49.22 0.52 19.16
C LEU F 252 50.59 0.45 19.83
N VAL F 253 51.41 -0.50 19.42
CA VAL F 253 52.77 -0.65 19.96
C VAL F 253 53.80 -0.90 18.86
N LYS F 254 55.04 -0.51 19.11
CA LYS F 254 56.11 -0.69 18.15
C LYS F 254 56.89 -1.99 18.32
N GLU F 255 56.66 -2.69 19.43
CA GLU F 255 57.45 -3.86 19.76
C GLU F 255 56.58 -5.10 20.00
N PHE F 256 57.13 -6.27 19.72
CA PHE F 256 56.35 -7.52 19.79
C PHE F 256 57.14 -8.67 20.41
N ASP F 257 56.42 -9.68 20.87
CA ASP F 257 57.02 -10.87 21.45
C ASP F 257 57.61 -11.77 20.36
N THR F 258 58.79 -12.31 20.62
CA THR F 258 59.47 -13.16 19.64
C THR F 258 58.84 -14.54 19.54
N PRO F 259 58.28 -14.87 18.37
CA PRO F 259 57.65 -16.17 18.08
C PRO F 259 58.68 -17.26 17.79
N THR F 260 58.27 -18.51 17.95
CA THR F 260 59.14 -19.64 17.65
C THR F 260 59.34 -19.82 16.16
N LEU F 261 60.51 -20.33 15.78
CA LEU F 261 60.78 -20.65 14.38
C LEU F 261 60.51 -22.13 14.12
N ARG F 262 60.15 -22.86 15.17
CA ARG F 262 59.80 -24.28 15.04
C ARG F 262 58.48 -24.43 14.29
N ASP F 263 58.46 -25.34 13.32
CA ASP F 263 57.29 -25.58 12.48
C ASP F 263 56.80 -24.31 11.80
N ILE F 264 57.73 -23.42 11.47
CA ILE F 264 57.38 -22.16 10.84
C ILE F 264 57.06 -22.35 9.37
N TYR F 265 57.34 -23.55 8.86
CA TYR F 265 57.01 -23.89 7.49
C TYR F 265 55.49 -23.94 7.33
N ALA F 266 54.81 -24.29 8.42
CA ALA F 266 53.36 -24.48 8.39
C ALA F 266 52.57 -23.22 8.75
N SER F 267 53.25 -22.18 9.24
CA SER F 267 52.55 -20.93 9.54
C SER F 267 52.23 -20.24 8.22
N GLY F 268 50.95 -19.94 8.02
CA GLY F 268 50.47 -19.44 6.74
C GLY F 268 51.14 -18.17 6.26
N THR F 269 51.08 -17.13 7.08
CA THR F 269 51.69 -15.85 6.75
C THR F 269 52.42 -15.35 8.01
N TYR F 270 53.49 -14.59 7.81
CA TYR F 270 54.41 -14.31 8.91
C TYR F 270 54.36 -12.91 9.52
N PHE F 271 55.21 -12.73 10.52
CA PHE F 271 55.14 -11.67 11.55
C PHE F 271 53.81 -11.62 12.30
N HIS F 272 53.43 -10.44 12.79
CA HIS F 272 52.21 -10.31 13.59
C HIS F 272 50.95 -10.02 12.78
N ASP F 273 51.08 -9.09 11.83
CA ASP F 273 49.95 -8.70 11.00
C ASP F 273 49.78 -9.62 9.80
N GLY F 274 50.84 -10.35 9.46
CA GLY F 274 50.83 -11.13 8.24
C GLY F 274 51.40 -10.33 7.08
N GLY F 275 52.24 -9.34 7.40
CA GLY F 275 52.84 -8.50 6.39
C GLY F 275 53.70 -9.25 5.39
N ALA F 276 54.47 -10.22 5.88
CA ALA F 276 55.36 -10.99 5.02
C ALA F 276 54.68 -12.26 4.51
N ARG F 277 54.43 -12.31 3.22
CA ARG F 277 53.68 -13.40 2.61
C ARG F 277 54.52 -14.68 2.54
N THR F 278 55.84 -14.52 2.44
CA THR F 278 56.75 -15.65 2.45
C THR F 278 57.91 -15.39 3.40
N LEU F 279 58.67 -16.44 3.72
CA LEU F 279 59.85 -16.32 4.58
C LEU F 279 60.87 -15.37 3.95
N MET F 280 61.00 -15.46 2.64
CA MET F 280 61.85 -14.57 1.88
C MET F 280 61.52 -13.12 2.18
N ASP F 281 60.23 -12.84 2.34
CA ASP F 281 59.77 -11.49 2.66
C ASP F 281 60.12 -11.11 4.09
N THR F 282 60.23 -12.09 4.98
CA THR F 282 60.69 -11.82 6.34
C THR F 282 62.15 -11.41 6.30
N ILE F 283 62.91 -12.03 5.40
CA ILE F 283 64.34 -11.76 5.29
C ILE F 283 64.72 -10.51 4.47
N ASN F 284 63.99 -10.24 3.40
CA ASN F 284 64.46 -9.34 2.34
C ASN F 284 64.27 -7.84 2.60
N ASN F 285 63.78 -7.49 3.79
CA ASN F 285 63.59 -6.09 4.20
C ASN F 285 62.53 -5.35 3.40
N THR F 286 61.58 -6.08 2.84
CA THR F 286 60.45 -5.46 2.15
C THR F 286 59.37 -4.96 3.10
N VAL F 287 58.98 -5.80 4.06
CA VAL F 287 57.88 -5.48 4.97
C VAL F 287 58.33 -4.92 6.31
N ASN F 288 59.64 -4.78 6.48
CA ASN F 288 60.17 -4.17 7.70
C ASN F 288 61.31 -3.21 7.40
N ASP F 289 61.65 -2.36 8.37
CA ASP F 289 62.74 -1.42 8.22
C ASP F 289 64.05 -2.16 8.03
N LYS F 290 64.97 -1.55 7.28
CA LYS F 290 66.17 -2.25 6.84
C LYS F 290 67.12 -2.62 7.99
N ASP F 291 67.48 -3.89 8.02
CA ASP F 291 68.43 -4.45 9.00
C ASP F 291 68.00 -4.25 10.44
N MET F 292 66.71 -4.04 10.66
CA MET F 292 66.13 -4.01 12.00
C MET F 292 65.83 -5.42 12.49
N HIS F 293 65.55 -6.31 11.53
CA HIS F 293 65.28 -7.71 11.82
C HIS F 293 66.59 -8.51 11.78
N GLY F 294 67.70 -7.78 11.73
CA GLY F 294 69.03 -8.36 11.59
C GLY F 294 69.56 -7.97 10.23
N ARG F 295 70.88 -7.95 10.06
CA ARG F 295 71.39 -7.33 8.85
C ARG F 295 71.56 -8.38 7.75
N THR F 296 70.59 -8.36 6.84
CA THR F 296 70.61 -9.17 5.63
C THR F 296 70.96 -8.36 4.40
N SER F 297 71.20 -7.07 4.59
CA SER F 297 71.40 -6.13 3.48
C SER F 297 72.52 -6.54 2.53
N HIS F 298 73.61 -7.04 3.11
CA HIS F 298 74.81 -7.35 2.34
C HIS F 298 74.79 -8.75 1.72
N LEU F 299 73.77 -9.53 2.04
CA LEU F 299 73.66 -10.89 1.51
C LEU F 299 73.28 -10.90 0.03
N LYS F 300 73.65 -11.98 -0.66
CA LYS F 300 73.21 -12.17 -2.04
C LYS F 300 71.98 -13.06 -2.05
N GLN F 301 71.41 -13.29 -3.23
CA GLN F 301 70.13 -13.98 -3.34
C GLN F 301 70.27 -15.47 -3.05
N GLN F 302 71.40 -16.06 -3.42
CA GLN F 302 71.66 -17.47 -3.18
C GLN F 302 71.68 -17.76 -1.67
N GLU F 303 72.38 -16.91 -0.93
CA GLU F 303 72.47 -17.04 0.52
C GLU F 303 71.11 -16.84 1.18
N LEU F 304 70.31 -15.94 0.64
CA LEU F 304 68.98 -15.68 1.17
C LEU F 304 68.05 -16.87 0.95
N GLN F 305 68.09 -17.43 -0.26
CA GLN F 305 67.29 -18.60 -0.59
C GLN F 305 67.71 -19.80 0.24
N ASP F 306 69.02 -19.93 0.49
CA ASP F 306 69.54 -20.99 1.35
C ASP F 306 69.04 -20.79 2.78
N LEU F 307 69.01 -19.54 3.22
CA LEU F 307 68.51 -19.19 4.55
C LEU F 307 67.05 -19.59 4.68
N VAL F 308 66.28 -19.34 3.63
CA VAL F 308 64.89 -19.77 3.58
C VAL F 308 64.80 -21.29 3.69
N GLU F 309 65.66 -21.97 2.93
CA GLU F 309 65.71 -23.43 2.95
C GLU F 309 66.02 -23.98 4.34
N TYR F 310 66.81 -23.22 5.11
CA TYR F 310 67.13 -23.61 6.47
C TYR F 310 65.95 -23.35 7.42
N LEU F 311 65.30 -22.22 7.23
CA LEU F 311 64.12 -21.88 8.03
C LEU F 311 63.01 -22.89 7.81
N LYS F 312 63.00 -23.50 6.62
CA LYS F 312 62.03 -24.55 6.30
C LYS F 312 62.34 -25.84 7.07
N ALA F 313 63.57 -25.98 7.54
CA ALA F 313 64.00 -27.20 8.22
C ALA F 313 63.76 -27.15 9.73
N LEU F 314 63.38 -25.99 10.24
CA LEU F 314 63.16 -25.82 11.66
C LEU F 314 61.77 -26.28 12.07
#